data_1N4C
#
_entry.id   1N4C
#
_entity_poly.entity_id   1
_entity_poly.type   'polypeptide(L)'
_entity_poly.pdbx_seq_one_letter_code
;GPLGSPEFSMPHSSPQNRPNYNVSFSSMPGGQNERGKAAANLEGKQKAADFEDLLSGQGFNAHKDKKGPRTIAEMRKEEM
AKEMDPEKLKILEWIEGKERNIRALLSTMHTVLWAGETKWKPVGMADLVTPEQVKKVYRKAVLVVHPDKATGQPYEQYAK
MIFMELNDAWSEFENQGQKPLY
;
_entity_poly.pdbx_strand_id   A
#
# COMPACT_ATOMS: atom_id res chain seq x y z
N GLY A 1 -48.27 30.80 23.53
CA GLY A 1 -47.51 32.04 23.83
C GLY A 1 -48.36 32.95 24.72
N PRO A 2 -49.50 33.36 24.23
CA PRO A 2 -50.42 34.26 24.97
C PRO A 2 -50.61 33.82 26.44
N LEU A 3 -50.12 32.65 26.78
CA LEU A 3 -50.27 32.17 28.18
C LEU A 3 -49.25 31.06 28.44
N GLY A 4 -48.89 30.32 27.43
CA GLY A 4 -47.90 29.22 27.62
C GLY A 4 -46.52 29.82 27.91
N SER A 5 -45.48 29.18 27.45
CA SER A 5 -44.12 29.71 27.71
C SER A 5 -43.11 28.96 26.84
N PRO A 6 -43.16 29.18 25.55
CA PRO A 6 -42.24 28.52 24.57
C PRO A 6 -40.78 28.57 25.04
N GLU A 7 -39.98 27.63 24.60
CA GLU A 7 -38.55 27.62 25.02
C GLU A 7 -37.78 28.66 24.21
N PHE A 8 -37.64 28.46 22.93
CA PHE A 8 -36.90 29.43 22.09
C PHE A 8 -37.73 30.71 21.94
N SER A 9 -37.46 31.70 22.76
CA SER A 9 -38.24 32.96 22.65
C SER A 9 -37.91 33.66 21.33
N MET A 10 -36.66 33.87 21.05
CA MET A 10 -36.28 34.54 19.78
C MET A 10 -36.97 33.83 18.61
N PRO A 11 -37.25 34.53 17.53
CA PRO A 11 -37.92 33.93 16.33
C PRO A 11 -36.98 33.00 15.56
N HIS A 12 -35.84 33.51 15.15
CA HIS A 12 -34.89 32.65 14.38
C HIS A 12 -33.55 33.39 14.24
N SER A 13 -32.88 33.64 15.34
CA SER A 13 -31.57 34.34 15.27
C SER A 13 -30.81 34.12 16.58
N SER A 14 -29.62 33.58 16.50
CA SER A 14 -28.83 33.35 17.73
C SER A 14 -27.39 32.96 17.36
N PRO A 15 -26.66 33.88 16.79
CA PRO A 15 -25.25 33.64 16.37
C PRO A 15 -24.44 32.92 17.45
N GLN A 16 -24.05 31.70 17.21
CA GLN A 16 -23.25 30.94 18.21
C GLN A 16 -21.77 31.32 18.07
N ASN A 17 -21.00 31.10 19.10
CA ASN A 17 -19.54 31.45 19.02
C ASN A 17 -18.80 30.35 18.25
N ARG A 18 -18.09 29.51 18.95
CA ARG A 18 -17.34 28.41 18.28
C ARG A 18 -17.17 27.24 19.23
N PRO A 19 -18.25 26.58 19.57
CA PRO A 19 -18.23 25.40 20.50
C PRO A 19 -17.11 24.42 20.16
N ASN A 20 -16.32 24.05 21.14
CA ASN A 20 -15.21 23.09 20.87
C ASN A 20 -15.78 21.67 20.78
N TYR A 21 -14.94 20.71 20.49
CA TYR A 21 -15.43 19.31 20.39
C TYR A 21 -15.66 18.73 21.79
N ASN A 22 -14.63 18.68 22.59
CA ASN A 22 -14.79 18.13 23.97
C ASN A 22 -13.56 18.49 24.80
N VAL A 23 -13.46 17.95 25.98
CA VAL A 23 -12.28 18.25 26.84
C VAL A 23 -11.07 17.45 26.36
N SER A 24 -9.96 17.57 27.03
CA SER A 24 -8.75 16.81 26.61
C SER A 24 -8.91 15.34 26.98
N PHE A 25 -9.82 14.64 26.35
CA PHE A 25 -10.01 13.21 26.68
C PHE A 25 -8.85 12.39 26.11
N SER A 26 -8.64 12.44 24.82
CA SER A 26 -7.53 11.66 24.22
C SER A 26 -7.23 12.22 22.82
N SER A 27 -6.71 13.41 22.75
CA SER A 27 -6.39 14.01 21.42
C SER A 27 -5.40 15.16 21.60
N MET A 28 -4.34 15.18 20.83
CA MET A 28 -3.35 16.28 20.96
C MET A 28 -3.88 17.53 20.25
N PRO A 29 -3.41 18.70 20.63
CA PRO A 29 -3.86 19.98 20.01
C PRO A 29 -3.29 20.15 18.59
N GLY A 30 -2.01 20.02 18.44
CA GLY A 30 -1.40 20.18 17.08
C GLY A 30 0.08 19.80 17.15
N GLY A 31 0.42 18.62 16.68
CA GLY A 31 1.84 18.19 16.71
C GLY A 31 2.28 17.99 18.16
N GLN A 32 3.36 17.29 18.37
CA GLN A 32 3.84 17.06 19.76
C GLN A 32 4.38 18.37 20.34
N ASN A 33 4.25 18.58 21.62
CA ASN A 33 4.75 19.84 22.23
C ASN A 33 6.27 19.79 22.33
N GLU A 34 6.80 18.91 23.13
CA GLU A 34 8.28 18.81 23.27
C GLU A 34 8.89 18.38 21.93
N ARG A 35 8.94 19.27 20.98
CA ARG A 35 9.51 18.92 19.65
C ARG A 35 11.04 18.82 19.76
N GLY A 36 11.68 19.90 20.14
CA GLY A 36 13.17 19.86 20.26
C GLY A 36 13.63 21.03 21.14
N LYS A 37 14.91 21.28 21.18
CA LYS A 37 15.41 22.41 22.01
C LYS A 37 15.08 23.74 21.34
N ALA A 38 15.28 23.82 20.05
CA ALA A 38 14.97 25.10 19.32
C ALA A 38 13.47 25.36 19.39
N ALA A 39 13.02 26.01 20.43
CA ALA A 39 11.56 26.31 20.55
C ALA A 39 11.19 27.48 19.63
N ALA A 40 12.16 27.98 18.89
CA ALA A 40 11.87 29.12 17.99
C ALA A 40 11.03 28.65 16.81
N ASN A 41 9.75 28.45 17.02
CA ASN A 41 8.87 27.98 15.90
C ASN A 41 8.63 29.13 14.93
N LEU A 42 8.40 28.82 13.68
CA LEU A 42 8.15 29.90 12.69
C LEU A 42 7.60 29.29 11.39
N GLU A 43 8.34 28.39 10.80
CA GLU A 43 7.86 27.74 9.53
C GLU A 43 6.47 27.14 9.76
N GLY A 44 5.92 26.51 8.77
CA GLY A 44 4.57 25.90 8.93
C GLY A 44 4.27 24.99 7.74
N LYS A 45 3.51 23.95 7.95
CA LYS A 45 3.19 23.01 6.84
C LYS A 45 2.45 23.78 5.73
N GLN A 46 3.08 23.98 4.62
CA GLN A 46 2.42 24.73 3.51
C GLN A 46 1.46 23.79 2.77
N LYS A 47 0.91 24.23 1.68
CA LYS A 47 -0.04 23.36 0.91
C LYS A 47 0.76 22.35 0.09
N ALA A 48 0.91 21.15 0.58
CA ALA A 48 1.67 20.12 -0.18
C ALA A 48 0.79 19.54 -1.29
N ALA A 49 0.01 20.37 -1.94
CA ALA A 49 -0.87 19.86 -3.02
C ALA A 49 -0.02 19.46 -4.22
N ASP A 50 1.28 19.41 -4.06
CA ASP A 50 2.17 19.03 -5.20
C ASP A 50 2.46 17.52 -5.13
N PHE A 51 1.55 16.75 -4.58
CA PHE A 51 1.77 15.28 -4.49
C PHE A 51 0.41 14.57 -4.44
N GLU A 52 -0.38 14.72 -5.46
CA GLU A 52 -1.70 14.04 -5.47
C GLU A 52 -2.23 13.98 -6.91
N ASP A 53 -1.67 14.75 -7.79
CA ASP A 53 -2.13 14.73 -9.21
C ASP A 53 -1.65 13.45 -9.89
N LEU A 54 -0.79 12.71 -9.23
CA LEU A 54 -0.27 11.46 -9.84
C LEU A 54 -1.42 10.46 -10.00
N LEU A 55 -2.42 10.55 -9.16
CA LEU A 55 -3.57 9.60 -9.26
C LEU A 55 -4.53 10.10 -10.34
N SER A 56 -4.04 10.82 -11.31
CA SER A 56 -4.92 11.34 -12.40
C SER A 56 -5.01 10.29 -13.51
N GLY A 57 -5.65 9.19 -13.25
CA GLY A 57 -5.77 8.13 -14.30
C GLY A 57 -4.47 7.33 -14.37
N GLN A 58 -4.15 6.60 -13.33
CA GLN A 58 -2.90 5.80 -13.34
C GLN A 58 -2.87 4.91 -14.59
N GLY A 59 -3.94 4.87 -15.34
CA GLY A 59 -3.97 4.02 -16.56
C GLY A 59 -5.19 4.40 -17.41
N PHE A 60 -5.16 4.09 -18.67
CA PHE A 60 -6.31 4.44 -19.56
C PHE A 60 -7.39 3.36 -19.41
N ASN A 61 -7.30 2.54 -18.40
CA ASN A 61 -8.32 1.48 -18.21
C ASN A 61 -9.56 2.08 -17.55
N ALA A 62 -9.97 1.56 -16.43
CA ALA A 62 -11.18 2.11 -15.74
C ALA A 62 -11.16 1.68 -14.28
N HIS A 63 -10.73 2.54 -13.40
CA HIS A 63 -10.69 2.20 -11.95
C HIS A 63 -10.59 3.47 -11.12
N LYS A 64 -11.47 3.64 -10.16
CA LYS A 64 -11.44 4.86 -9.30
C LYS A 64 -11.80 4.49 -7.86
N ASP A 65 -10.98 4.86 -6.92
CA ASP A 65 -11.28 4.51 -5.50
C ASP A 65 -12.37 5.45 -4.97
N LYS A 66 -13.42 4.89 -4.41
CA LYS A 66 -14.52 5.74 -3.87
C LYS A 66 -15.22 5.01 -2.73
N LYS A 67 -16.52 4.84 -2.83
CA LYS A 67 -17.25 4.12 -1.75
C LYS A 67 -16.79 2.66 -1.69
N GLY A 68 -16.13 2.28 -0.64
CA GLY A 68 -15.65 0.86 -0.53
C GLY A 68 -15.29 0.57 0.92
N PRO A 69 -14.82 -0.63 1.18
CA PRO A 69 -14.41 -1.07 2.55
C PRO A 69 -13.55 -0.01 3.26
N ARG A 70 -13.11 -0.31 4.46
CA ARG A 70 -12.27 0.67 5.21
C ARG A 70 -11.34 -0.10 6.15
N THR A 71 -10.41 -0.86 5.60
CA THR A 71 -9.46 -1.63 6.46
C THR A 71 -8.18 -0.82 6.65
N ILE A 72 -7.44 -1.09 7.69
CA ILE A 72 -6.18 -0.33 7.92
C ILE A 72 -5.18 -0.67 6.80
N ALA A 73 -5.53 -1.59 5.94
CA ALA A 73 -4.61 -1.96 4.82
C ALA A 73 -4.66 -0.91 3.70
N GLU A 74 -5.69 -0.11 3.62
CA GLU A 74 -5.76 0.91 2.55
C GLU A 74 -4.61 1.90 2.72
N MET A 75 -4.04 1.99 3.89
CA MET A 75 -2.91 2.93 4.11
C MET A 75 -1.62 2.29 3.59
N ARG A 76 -1.25 1.17 4.12
CA ARG A 76 0.01 0.51 3.64
C ARG A 76 -0.04 0.38 2.11
N LYS A 77 -1.17 0.67 1.51
CA LYS A 77 -1.28 0.55 0.04
C LYS A 77 -0.12 1.32 -0.62
N GLU A 78 0.48 2.23 0.09
CA GLU A 78 1.61 3.01 -0.48
C GLU A 78 2.90 2.19 -0.37
N GLU A 79 3.11 1.54 0.74
CA GLU A 79 4.34 0.73 0.91
C GLU A 79 4.50 -0.22 -0.29
N MET A 80 3.43 -0.83 -0.72
CA MET A 80 3.51 -1.77 -1.87
C MET A 80 3.96 -1.00 -3.11
N ALA A 81 3.54 0.24 -3.24
CA ALA A 81 3.93 1.05 -4.43
C ALA A 81 5.25 1.77 -4.13
N LYS A 82 5.83 1.55 -2.99
CA LYS A 82 7.10 2.23 -2.64
C LYS A 82 8.25 1.61 -3.46
N GLU A 83 8.07 0.42 -3.95
CA GLU A 83 9.14 -0.22 -4.75
C GLU A 83 8.60 -1.49 -5.41
N MET A 84 7.98 -1.35 -6.54
CA MET A 84 7.42 -2.56 -7.23
C MET A 84 8.56 -3.33 -7.91
N ASP A 85 9.68 -3.42 -7.25
CA ASP A 85 10.82 -4.18 -7.84
C ASP A 85 10.29 -5.55 -8.32
N PRO A 86 10.74 -6.04 -9.45
CA PRO A 86 10.24 -7.36 -9.98
C PRO A 86 10.49 -8.52 -9.01
N GLU A 87 11.17 -8.28 -7.92
CA GLU A 87 11.43 -9.36 -6.95
C GLU A 87 10.36 -9.30 -5.85
N LYS A 88 9.91 -8.11 -5.54
CA LYS A 88 8.86 -7.94 -4.50
C LYS A 88 7.52 -8.34 -5.11
N LEU A 89 7.37 -8.19 -6.38
CA LEU A 89 6.08 -8.55 -7.03
C LEU A 89 5.75 -10.00 -6.66
N LYS A 90 6.76 -10.83 -6.55
CA LYS A 90 6.50 -12.26 -6.19
C LYS A 90 5.78 -12.32 -4.84
N ILE A 91 6.09 -11.42 -3.94
CA ILE A 91 5.42 -11.44 -2.62
C ILE A 91 3.93 -11.15 -2.80
N LEU A 92 3.59 -10.11 -3.52
CA LEU A 92 2.16 -9.78 -3.73
C LEU A 92 1.39 -11.02 -4.19
N GLU A 93 2.03 -11.88 -4.94
CA GLU A 93 1.33 -13.11 -5.42
C GLU A 93 1.27 -14.14 -4.30
N TRP A 94 2.21 -14.11 -3.43
CA TRP A 94 2.27 -15.08 -2.31
C TRP A 94 1.20 -14.76 -1.26
N ILE A 95 1.06 -13.52 -0.90
CA ILE A 95 0.03 -13.15 0.12
C ILE A 95 -1.38 -13.35 -0.45
N GLU A 96 -1.62 -12.94 -1.66
CA GLU A 96 -2.99 -13.09 -2.23
C GLU A 96 -3.33 -14.56 -2.42
N GLY A 97 -2.38 -15.41 -2.23
CA GLY A 97 -2.63 -16.86 -2.38
C GLY A 97 -3.45 -17.37 -1.20
N LYS A 98 -3.11 -16.97 -0.01
CA LYS A 98 -3.88 -17.44 1.18
C LYS A 98 -3.43 -16.67 2.42
N GLU A 99 -3.78 -15.40 2.51
CA GLU A 99 -3.37 -14.60 3.70
C GLU A 99 -4.23 -14.99 4.90
N ARG A 100 -4.69 -16.21 4.93
CA ARG A 100 -5.55 -16.67 6.06
C ARG A 100 -5.16 -18.12 6.42
N ASN A 101 -3.94 -18.49 6.17
CA ASN A 101 -3.48 -19.86 6.48
C ASN A 101 -2.04 -19.78 7.00
N ILE A 102 -1.89 -19.17 8.13
CA ILE A 102 -0.53 -18.98 8.72
C ILE A 102 0.30 -20.28 8.59
N ARG A 103 -0.30 -21.42 8.77
CA ARG A 103 0.50 -22.68 8.66
C ARG A 103 1.27 -22.68 7.34
N ALA A 104 0.64 -22.27 6.27
CA ALA A 104 1.33 -22.28 4.95
C ALA A 104 2.21 -21.03 4.76
N LEU A 105 1.76 -19.88 5.21
CA LEU A 105 2.59 -18.65 5.02
C LEU A 105 4.01 -18.88 5.55
N LEU A 106 4.15 -19.39 6.74
CA LEU A 106 5.51 -19.62 7.30
C LEU A 106 6.15 -20.86 6.67
N SER A 107 5.35 -21.74 6.11
CA SER A 107 5.93 -22.97 5.48
C SER A 107 6.11 -22.74 3.97
N THR A 108 5.72 -21.59 3.48
CA THR A 108 5.86 -21.29 2.02
C THR A 108 6.62 -19.98 1.84
N MET A 109 7.01 -19.36 2.90
CA MET A 109 7.74 -18.07 2.80
C MET A 109 9.09 -18.26 2.11
N HIS A 110 9.65 -19.44 2.15
CA HIS A 110 10.97 -19.67 1.50
C HIS A 110 10.90 -19.38 0.00
N THR A 111 9.75 -19.51 -0.59
CA THR A 111 9.63 -19.25 -2.06
C THR A 111 9.63 -17.73 -2.32
N VAL A 112 9.84 -16.92 -1.31
CA VAL A 112 9.83 -15.43 -1.55
C VAL A 112 10.83 -14.71 -0.64
N LEU A 113 11.90 -15.35 -0.25
CA LEU A 113 12.90 -14.64 0.60
C LEU A 113 13.94 -14.00 -0.31
N TRP A 114 14.88 -13.32 0.28
CA TRP A 114 15.95 -12.66 -0.55
C TRP A 114 17.07 -13.66 -0.82
N ALA A 115 17.69 -13.55 -1.96
CA ALA A 115 18.79 -14.48 -2.31
C ALA A 115 19.96 -14.27 -1.35
N GLY A 116 20.25 -15.23 -0.52
CA GLY A 116 21.37 -15.08 0.45
C GLY A 116 21.05 -15.86 1.73
N GLU A 117 19.85 -15.74 2.22
CA GLU A 117 19.48 -16.47 3.46
C GLU A 117 19.52 -17.97 3.19
N THR A 118 20.46 -18.65 3.79
CA THR A 118 20.60 -20.13 3.59
C THR A 118 20.37 -20.87 4.92
N LYS A 119 20.05 -20.16 5.98
CA LYS A 119 19.82 -20.83 7.29
C LYS A 119 18.36 -21.32 7.37
N TRP A 120 17.47 -20.73 6.62
CA TRP A 120 16.06 -21.16 6.69
C TRP A 120 15.92 -22.62 6.28
N LYS A 121 15.27 -23.39 7.10
CA LYS A 121 15.04 -24.84 6.80
C LYS A 121 13.57 -25.02 6.46
N PRO A 122 13.18 -25.00 5.19
CA PRO A 122 11.76 -25.15 4.78
C PRO A 122 10.98 -26.12 5.67
N VAL A 123 9.78 -25.75 6.01
CA VAL A 123 8.94 -26.63 6.87
C VAL A 123 8.14 -27.59 6.01
N GLY A 124 8.30 -28.87 6.23
CA GLY A 124 7.53 -29.85 5.42
C GLY A 124 6.03 -29.63 5.69
N MET A 125 5.25 -29.35 4.68
CA MET A 125 3.79 -29.12 4.90
C MET A 125 3.21 -30.17 5.85
N ALA A 126 3.87 -31.30 6.00
CA ALA A 126 3.35 -32.34 6.93
C ALA A 126 3.81 -32.04 8.36
N ASP A 127 4.74 -31.14 8.50
CA ASP A 127 5.26 -30.80 9.87
C ASP A 127 4.52 -29.59 10.44
N LEU A 128 3.26 -29.42 10.12
CA LEU A 128 2.48 -28.26 10.68
C LEU A 128 1.05 -28.72 10.98
N VAL A 129 0.88 -29.94 11.38
CA VAL A 129 -0.49 -30.45 11.69
C VAL A 129 -0.90 -30.09 13.14
N THR A 130 -0.03 -29.46 13.88
CA THR A 130 -0.38 -29.07 15.30
C THR A 130 0.19 -27.68 15.60
N PRO A 131 -0.42 -26.95 16.50
CA PRO A 131 0.03 -25.58 16.87
C PRO A 131 1.46 -25.57 17.44
N GLU A 132 1.82 -26.57 18.20
CA GLU A 132 3.20 -26.61 18.75
C GLU A 132 4.18 -26.55 17.58
N GLN A 133 3.79 -27.08 16.46
CA GLN A 133 4.68 -27.05 15.27
C GLN A 133 4.69 -25.64 14.67
N VAL A 134 3.55 -25.00 14.69
CA VAL A 134 3.47 -23.62 14.11
C VAL A 134 4.05 -22.60 15.10
N LYS A 135 3.49 -22.52 16.27
CA LYS A 135 4.00 -21.54 17.28
C LYS A 135 5.50 -21.73 17.48
N LYS A 136 5.97 -22.94 17.48
CA LYS A 136 7.44 -23.18 17.67
C LYS A 136 8.22 -22.59 16.50
N VAL A 137 7.76 -22.79 15.29
CA VAL A 137 8.51 -22.24 14.12
C VAL A 137 8.18 -20.76 13.93
N TYR A 138 6.98 -20.34 14.24
CA TYR A 138 6.64 -18.90 14.05
C TYR A 138 7.71 -18.05 14.75
N ARG A 139 8.31 -18.58 15.79
CA ARG A 139 9.36 -17.81 16.52
C ARG A 139 10.60 -17.69 15.62
N LYS A 140 11.04 -18.77 15.03
CA LYS A 140 12.25 -18.69 14.15
C LYS A 140 11.91 -17.92 12.88
N ALA A 141 10.76 -18.17 12.31
CA ALA A 141 10.38 -17.44 11.06
C ALA A 141 10.54 -15.94 11.31
N VAL A 142 10.28 -15.50 12.50
CA VAL A 142 10.42 -14.04 12.83
C VAL A 142 11.90 -13.71 12.91
N LEU A 143 12.72 -14.64 13.29
CA LEU A 143 14.19 -14.38 13.38
C LEU A 143 14.74 -14.17 11.97
N VAL A 144 14.13 -14.80 11.00
CA VAL A 144 14.62 -14.66 9.60
C VAL A 144 14.50 -13.20 9.15
N VAL A 145 13.52 -12.49 9.66
CA VAL A 145 13.32 -11.06 9.25
C VAL A 145 13.52 -10.12 10.45
N HIS A 146 14.36 -10.47 11.37
CA HIS A 146 14.58 -9.56 12.53
C HIS A 146 15.24 -8.27 12.00
N PRO A 147 14.72 -7.10 12.31
CA PRO A 147 15.29 -5.82 11.82
C PRO A 147 16.81 -5.84 11.69
N ASP A 148 17.51 -6.17 12.73
CA ASP A 148 18.99 -6.18 12.66
C ASP A 148 19.50 -6.80 11.35
N LYS A 149 18.89 -7.86 10.86
CA LYS A 149 19.36 -8.48 9.60
C LYS A 149 18.74 -7.77 8.39
N ALA A 150 17.85 -6.85 8.62
CA ALA A 150 17.18 -6.12 7.50
C ALA A 150 17.37 -4.62 7.71
N THR A 151 18.50 -4.21 8.24
CA THR A 151 18.72 -2.77 8.48
C THR A 151 19.43 -2.15 7.28
N GLY A 152 18.78 -1.28 6.58
CA GLY A 152 19.41 -0.63 5.40
C GLY A 152 20.00 -1.67 4.45
N GLN A 153 19.47 -2.87 4.45
CA GLN A 153 20.00 -3.92 3.54
C GLN A 153 19.13 -3.97 2.27
N PRO A 154 19.71 -4.24 1.12
CA PRO A 154 18.95 -4.31 -0.15
C PRO A 154 17.55 -4.92 0.02
N TYR A 155 17.40 -5.87 0.93
CA TYR A 155 16.06 -6.50 1.14
C TYR A 155 15.42 -5.92 2.40
N GLU A 156 15.74 -4.70 2.73
CA GLU A 156 15.16 -4.06 3.94
C GLU A 156 13.64 -3.92 3.78
N GLN A 157 13.18 -3.67 2.59
CA GLN A 157 11.71 -3.51 2.37
C GLN A 157 11.01 -4.87 2.48
N TYR A 158 11.72 -5.94 2.21
CA TYR A 158 11.09 -7.29 2.29
C TYR A 158 10.68 -7.58 3.73
N ALA A 159 11.56 -7.35 4.67
CA ALA A 159 11.23 -7.64 6.09
C ALA A 159 9.89 -7.01 6.47
N LYS A 160 9.75 -5.73 6.30
CA LYS A 160 8.47 -5.07 6.69
C LYS A 160 7.28 -5.74 6.01
N MET A 161 7.47 -6.26 4.83
CA MET A 161 6.33 -6.92 4.13
C MET A 161 6.02 -8.27 4.78
N ILE A 162 7.01 -9.11 4.90
CA ILE A 162 6.78 -10.48 5.50
C ILE A 162 6.75 -10.38 7.04
N PHE A 163 7.41 -9.42 7.63
CA PHE A 163 7.39 -9.32 9.12
C PHE A 163 5.96 -9.06 9.61
N MET A 164 5.27 -8.14 9.01
CA MET A 164 3.88 -7.84 9.47
C MET A 164 2.92 -8.94 9.01
N GLU A 165 3.03 -9.40 7.80
CA GLU A 165 2.12 -10.47 7.33
C GLU A 165 2.18 -11.66 8.29
N LEU A 166 3.36 -12.10 8.60
CA LEU A 166 3.50 -13.25 9.55
C LEU A 166 2.73 -12.91 10.82
N ASN A 167 2.77 -11.67 11.24
CA ASN A 167 2.05 -11.27 12.49
C ASN A 167 0.59 -10.93 12.18
N ASP A 168 0.23 -10.83 10.93
CA ASP A 168 -1.17 -10.50 10.58
C ASP A 168 -2.05 -11.75 10.66
N ALA A 169 -1.71 -12.77 9.92
CA ALA A 169 -2.53 -14.02 9.97
C ALA A 169 -2.39 -14.65 11.36
N TRP A 170 -1.28 -14.45 12.01
CA TRP A 170 -1.10 -15.01 13.37
C TRP A 170 -2.25 -14.56 14.27
N SER A 171 -2.67 -13.33 14.14
CA SER A 171 -3.81 -12.86 14.98
C SER A 171 -5.04 -13.70 14.65
N GLU A 172 -5.20 -14.04 13.39
CA GLU A 172 -6.36 -14.87 12.98
C GLU A 172 -6.10 -16.34 13.32
N PHE A 173 -4.86 -16.76 13.24
CA PHE A 173 -4.55 -18.17 13.57
C PHE A 173 -5.08 -18.51 14.96
N GLU A 174 -5.09 -17.55 15.85
CA GLU A 174 -5.61 -17.83 17.22
C GLU A 174 -7.10 -18.15 17.14
N ASN A 175 -7.82 -17.45 16.30
CA ASN A 175 -9.28 -17.71 16.16
C ASN A 175 -9.50 -18.78 15.08
N GLN A 176 -8.79 -18.68 13.99
CA GLN A 176 -8.95 -19.66 12.88
C GLN A 176 -8.11 -20.93 13.12
N GLY A 177 -7.05 -20.86 13.88
CA GLY A 177 -6.20 -22.07 14.11
C GLY A 177 -6.77 -22.94 15.24
N GLN A 178 -7.22 -22.33 16.30
CA GLN A 178 -7.76 -23.13 17.44
C GLN A 178 -9.04 -23.84 16.99
N LYS A 179 -8.99 -24.52 15.88
CA LYS A 179 -10.20 -25.25 15.38
C LYS A 179 -9.73 -26.38 14.45
N PRO A 180 -10.50 -27.44 14.31
CA PRO A 180 -10.12 -28.57 13.41
C PRO A 180 -9.56 -28.08 12.05
N LEU A 181 -8.25 -28.04 11.87
CA LEU A 181 -7.67 -27.54 10.56
C LEU A 181 -7.00 -28.72 9.82
N TYR A 182 -7.76 -29.66 9.33
CA TYR A 182 -7.15 -30.79 8.59
C TYR A 182 -8.24 -31.65 7.96
N GLY A 1 -44.95 -20.13 -18.39
CA GLY A 1 -45.79 -19.04 -17.85
C GLY A 1 -46.53 -19.53 -16.61
N PRO A 2 -47.31 -18.68 -15.99
CA PRO A 2 -48.09 -19.02 -14.77
C PRO A 2 -49.33 -19.87 -15.11
N LEU A 3 -49.12 -21.10 -15.50
CA LEU A 3 -50.28 -21.98 -15.84
C LEU A 3 -50.91 -22.51 -14.55
N GLY A 4 -50.11 -23.07 -13.67
CA GLY A 4 -50.67 -23.61 -12.39
C GLY A 4 -51.22 -25.02 -12.62
N SER A 5 -51.69 -25.66 -11.59
CA SER A 5 -52.25 -27.03 -11.74
C SER A 5 -53.11 -27.37 -10.53
N PRO A 6 -54.14 -26.61 -10.29
CA PRO A 6 -55.07 -26.84 -9.14
C PRO A 6 -56.01 -28.02 -9.38
N GLU A 7 -56.65 -28.50 -8.35
CA GLU A 7 -57.57 -29.66 -8.53
C GLU A 7 -58.72 -29.26 -9.46
N PHE A 8 -59.94 -29.44 -9.04
CA PHE A 8 -61.09 -29.07 -9.90
C PHE A 8 -61.30 -27.55 -9.85
N SER A 9 -61.87 -26.99 -10.88
CA SER A 9 -62.10 -25.52 -10.89
C SER A 9 -63.01 -25.15 -12.07
N MET A 10 -63.46 -23.93 -12.13
CA MET A 10 -64.34 -23.51 -13.25
C MET A 10 -63.69 -23.93 -14.58
N PRO A 11 -64.48 -24.17 -15.61
CA PRO A 11 -63.95 -24.58 -16.94
C PRO A 11 -62.64 -23.86 -17.29
N HIS A 12 -62.61 -22.56 -17.16
CA HIS A 12 -61.37 -21.81 -17.49
C HIS A 12 -61.40 -20.45 -16.79
N SER A 13 -60.28 -20.00 -16.30
CA SER A 13 -60.25 -18.68 -15.61
C SER A 13 -58.81 -18.16 -15.57
N SER A 14 -58.61 -16.94 -15.16
CA SER A 14 -57.23 -16.38 -15.10
C SER A 14 -57.26 -15.07 -14.31
N PRO A 15 -57.50 -15.15 -13.03
CA PRO A 15 -57.54 -13.96 -12.14
C PRO A 15 -56.36 -13.00 -12.38
N GLN A 16 -56.38 -11.85 -11.77
CA GLN A 16 -55.26 -10.88 -11.96
C GLN A 16 -53.93 -11.59 -11.74
N ASN A 17 -53.29 -12.03 -12.79
CA ASN A 17 -51.99 -12.73 -12.65
C ASN A 17 -50.89 -11.71 -12.35
N ARG A 18 -51.04 -10.94 -11.30
CA ARG A 18 -50.01 -9.93 -10.96
C ARG A 18 -48.78 -10.60 -10.33
N PRO A 19 -48.96 -11.65 -9.55
CA PRO A 19 -47.83 -12.34 -8.88
C PRO A 19 -47.27 -13.48 -9.74
N ASN A 20 -46.57 -14.41 -9.14
CA ASN A 20 -45.99 -15.55 -9.92
C ASN A 20 -45.67 -16.70 -8.97
N TYR A 21 -46.53 -16.97 -8.03
CA TYR A 21 -46.26 -18.08 -7.06
C TYR A 21 -46.13 -19.39 -7.84
N ASN A 22 -44.96 -19.97 -7.86
CA ASN A 22 -44.78 -21.26 -8.59
C ASN A 22 -43.45 -21.90 -8.18
N VAL A 23 -42.40 -21.12 -8.13
CA VAL A 23 -41.09 -21.69 -7.73
C VAL A 23 -41.13 -22.11 -6.27
N SER A 24 -41.35 -23.36 -6.00
CA SER A 24 -41.41 -23.84 -4.59
C SER A 24 -41.43 -25.36 -4.57
N PHE A 25 -40.28 -25.99 -4.51
CA PHE A 25 -40.23 -27.48 -4.48
C PHE A 25 -40.88 -27.99 -3.18
N SER A 26 -41.17 -29.25 -3.11
CA SER A 26 -41.80 -29.80 -1.88
C SER A 26 -41.71 -31.33 -1.90
N SER A 27 -41.22 -31.89 -2.98
CA SER A 27 -41.12 -33.37 -3.06
C SER A 27 -39.97 -33.85 -2.17
N MET A 28 -38.95 -34.44 -2.76
CA MET A 28 -37.79 -34.93 -1.96
C MET A 28 -36.54 -34.95 -2.83
N PRO A 29 -36.07 -33.79 -3.23
CA PRO A 29 -34.86 -33.66 -4.08
C PRO A 29 -33.71 -34.54 -3.59
N GLY A 30 -32.66 -34.66 -4.37
CA GLY A 30 -31.51 -35.50 -3.94
C GLY A 30 -30.30 -35.20 -4.83
N GLY A 31 -29.42 -34.35 -4.38
CA GLY A 31 -28.21 -34.02 -5.20
C GLY A 31 -28.66 -33.36 -6.50
N GLN A 32 -29.19 -32.16 -6.43
CA GLN A 32 -29.65 -31.45 -7.66
C GLN A 32 -29.34 -29.95 -7.53
N ASN A 33 -28.28 -29.61 -6.84
CA ASN A 33 -27.94 -28.17 -6.68
C ASN A 33 -26.48 -28.05 -6.25
N GLU A 34 -25.66 -27.45 -7.07
CA GLU A 34 -24.22 -27.28 -6.71
C GLU A 34 -24.11 -26.62 -5.33
N ARG A 35 -23.14 -27.00 -4.56
CA ARG A 35 -22.97 -26.38 -3.21
C ARG A 35 -22.71 -24.89 -3.37
N GLY A 36 -21.56 -24.51 -3.84
CA GLY A 36 -21.25 -23.07 -4.01
C GLY A 36 -21.09 -22.42 -2.64
N LYS A 37 -20.08 -21.60 -2.47
CA LYS A 37 -19.87 -20.94 -1.15
C LYS A 37 -18.93 -19.75 -1.33
N ALA A 38 -19.45 -18.62 -1.73
CA ALA A 38 -18.58 -17.43 -1.92
C ALA A 38 -19.45 -16.16 -1.93
N ALA A 39 -20.74 -16.31 -2.11
CA ALA A 39 -21.63 -15.12 -2.14
C ALA A 39 -21.36 -14.26 -0.90
N ALA A 40 -21.95 -13.10 -0.84
CA ALA A 40 -21.72 -12.20 0.33
C ALA A 40 -22.81 -11.13 0.37
N ASN A 41 -22.65 -10.14 1.20
CA ASN A 41 -23.67 -9.06 1.29
C ASN A 41 -23.05 -7.81 1.92
N LEU A 42 -21.95 -7.97 2.61
CA LEU A 42 -21.29 -6.80 3.25
C LEU A 42 -20.51 -6.02 2.19
N GLU A 43 -21.19 -5.25 1.38
CA GLU A 43 -20.50 -4.47 0.33
C GLU A 43 -19.64 -3.38 0.98
N GLY A 44 -19.98 -2.98 2.17
CA GLY A 44 -19.19 -1.93 2.87
C GLY A 44 -20.02 -1.30 3.99
N LYS A 45 -19.40 -0.53 4.84
CA LYS A 45 -20.16 0.10 5.95
C LYS A 45 -21.31 0.93 5.38
N GLN A 46 -21.02 2.14 4.94
CA GLN A 46 -22.11 2.99 4.37
C GLN A 46 -22.38 2.57 2.93
N LYS A 47 -23.56 2.83 2.45
CA LYS A 47 -23.89 2.44 1.04
C LYS A 47 -23.07 3.30 0.07
N ALA A 48 -21.78 3.31 0.23
CA ALA A 48 -20.93 4.12 -0.69
C ALA A 48 -20.72 3.36 -2.00
N ALA A 49 -21.52 2.36 -2.25
CA ALA A 49 -21.37 1.60 -3.52
C ALA A 49 -21.26 2.57 -4.68
N ASP A 50 -20.06 2.91 -5.09
CA ASP A 50 -19.88 3.85 -6.22
C ASP A 50 -20.83 3.48 -7.35
N PHE A 51 -21.84 4.29 -7.58
CA PHE A 51 -22.82 3.98 -8.67
C PHE A 51 -22.10 3.98 -10.02
N GLU A 52 -21.25 3.01 -10.26
CA GLU A 52 -20.51 2.96 -11.55
C GLU A 52 -19.99 1.54 -11.79
N ASP A 53 -19.85 0.77 -10.75
CA ASP A 53 -19.35 -0.62 -10.92
C ASP A 53 -20.43 -1.47 -11.60
N LEU A 54 -20.90 -1.04 -12.74
CA LEU A 54 -21.94 -1.83 -13.45
C LEU A 54 -21.96 -1.41 -14.93
N LEU A 55 -21.91 -0.15 -15.21
CA LEU A 55 -21.91 0.31 -16.62
C LEU A 55 -20.47 0.36 -17.14
N SER A 56 -19.61 -0.41 -16.57
CA SER A 56 -18.19 -0.42 -17.02
C SER A 56 -17.51 -1.72 -16.59
N GLY A 57 -18.03 -2.84 -17.00
CA GLY A 57 -17.42 -4.13 -16.61
C GLY A 57 -18.23 -5.28 -17.24
N GLN A 58 -17.79 -6.50 -17.05
CA GLN A 58 -18.53 -7.65 -17.63
C GLN A 58 -17.96 -8.97 -17.08
N GLY A 59 -18.15 -9.22 -15.81
CA GLY A 59 -17.63 -10.48 -15.22
C GLY A 59 -16.17 -10.26 -14.78
N PHE A 60 -15.94 -9.37 -13.85
CA PHE A 60 -14.56 -9.11 -13.39
C PHE A 60 -14.60 -8.44 -12.02
N ASN A 61 -13.62 -8.66 -11.20
CA ASN A 61 -13.61 -8.02 -9.85
C ASN A 61 -13.55 -6.51 -10.01
N ALA A 62 -12.72 -5.84 -9.25
CA ALA A 62 -12.63 -4.35 -9.38
C ALA A 62 -11.45 -3.85 -8.56
N HIS A 63 -10.33 -3.60 -9.19
CA HIS A 63 -9.13 -3.11 -8.44
C HIS A 63 -9.27 -1.60 -8.20
N LYS A 64 -10.13 -1.22 -7.30
CA LYS A 64 -10.32 0.24 -7.02
C LYS A 64 -10.81 0.41 -5.58
N ASP A 65 -10.16 1.25 -4.82
CA ASP A 65 -10.59 1.46 -3.41
C ASP A 65 -10.00 2.78 -2.90
N LYS A 66 -10.81 3.59 -2.25
CA LYS A 66 -10.30 4.89 -1.73
C LYS A 66 -9.62 4.66 -0.38
N LYS A 67 -9.82 5.54 0.57
CA LYS A 67 -9.19 5.37 1.90
C LYS A 67 -9.50 3.98 2.46
N GLY A 68 -10.49 3.31 1.91
CA GLY A 68 -10.83 1.95 2.42
C GLY A 68 -11.08 2.01 3.92
N PRO A 69 -11.20 0.87 4.56
CA PRO A 69 -11.44 0.80 6.03
C PRO A 69 -10.52 1.73 6.82
N ARG A 70 -10.77 1.88 8.10
CA ARG A 70 -9.92 2.78 8.94
C ARG A 70 -8.80 1.95 9.59
N THR A 71 -8.17 1.09 8.84
CA THR A 71 -7.07 0.25 9.41
C THR A 71 -5.72 0.86 9.02
N ILE A 72 -4.87 1.10 9.97
CA ILE A 72 -3.54 1.70 9.65
C ILE A 72 -2.82 0.82 8.60
N ALA A 73 -3.41 -0.29 8.24
CA ALA A 73 -2.77 -1.18 7.21
C ALA A 73 -3.05 -0.68 5.78
N GLU A 74 -4.07 0.14 5.59
CA GLU A 74 -4.37 0.64 4.22
C GLU A 74 -3.44 1.82 3.90
N MET A 75 -3.30 2.74 4.81
CA MET A 75 -2.42 3.91 4.55
C MET A 75 -0.99 3.41 4.30
N ARG A 76 -0.46 2.63 5.20
CA ARG A 76 0.94 2.12 5.02
C ARG A 76 1.03 1.32 3.71
N LYS A 77 -0.01 0.60 3.34
CA LYS A 77 0.05 -0.18 2.09
C LYS A 77 0.49 0.72 0.93
N GLU A 78 0.39 2.01 1.10
CA GLU A 78 0.80 2.94 0.02
C GLU A 78 2.32 2.90 -0.14
N GLU A 79 3.04 3.26 0.89
CA GLU A 79 4.54 3.24 0.79
C GLU A 79 5.00 1.85 0.34
N MET A 80 4.28 0.83 0.71
CA MET A 80 4.68 -0.55 0.30
C MET A 80 4.41 -0.72 -1.20
N ALA A 81 3.37 -0.12 -1.70
CA ALA A 81 3.04 -0.24 -3.15
C ALA A 81 3.72 0.90 -3.93
N LYS A 82 4.47 1.72 -3.25
CA LYS A 82 5.16 2.84 -3.95
C LYS A 82 6.47 2.33 -4.56
N GLU A 83 6.77 1.07 -4.37
CA GLU A 83 8.03 0.50 -4.94
C GLU A 83 7.79 -0.96 -5.35
N MET A 84 6.84 -1.19 -6.20
CA MET A 84 6.56 -2.60 -6.64
C MET A 84 7.72 -3.10 -7.48
N ASP A 85 8.90 -3.02 -6.96
CA ASP A 85 10.07 -3.52 -7.71
C ASP A 85 9.78 -4.97 -8.16
N PRO A 86 10.13 -5.33 -9.39
CA PRO A 86 9.86 -6.70 -9.91
C PRO A 86 10.01 -7.78 -8.85
N GLU A 87 10.81 -7.55 -7.85
CA GLU A 87 11.00 -8.57 -6.79
C GLU A 87 9.87 -8.48 -5.77
N LYS A 88 9.31 -7.32 -5.59
CA LYS A 88 8.20 -7.17 -4.62
C LYS A 88 6.94 -7.75 -5.24
N LEU A 89 6.83 -7.67 -6.54
CA LEU A 89 5.62 -8.20 -7.21
C LEU A 89 5.44 -9.67 -6.83
N LYS A 90 6.52 -10.39 -6.69
CA LYS A 90 6.42 -11.83 -6.33
C LYS A 90 5.69 -11.98 -4.99
N ILE A 91 5.96 -11.13 -4.04
CA ILE A 91 5.30 -11.24 -2.71
C ILE A 91 3.79 -10.99 -2.88
N LEU A 92 3.41 -9.96 -3.58
CA LEU A 92 1.96 -9.67 -3.76
C LEU A 92 1.22 -10.93 -4.22
N GLU A 93 1.89 -11.79 -4.94
CA GLU A 93 1.22 -13.04 -5.43
C GLU A 93 1.21 -14.08 -4.31
N TRP A 94 2.19 -14.02 -3.46
CA TRP A 94 2.30 -15.00 -2.35
C TRP A 94 1.23 -14.73 -1.29
N ILE A 95 0.97 -13.49 -1.00
CA ILE A 95 -0.04 -13.15 0.03
C ILE A 95 -1.46 -13.37 -0.53
N GLU A 96 -1.70 -12.93 -1.74
CA GLU A 96 -3.08 -13.08 -2.32
C GLU A 96 -3.42 -14.56 -2.49
N GLY A 97 -2.47 -15.40 -2.29
CA GLY A 97 -2.72 -16.86 -2.44
C GLY A 97 -3.44 -17.40 -1.20
N LYS A 98 -3.07 -16.93 -0.04
CA LYS A 98 -3.74 -17.43 1.20
C LYS A 98 -3.31 -16.56 2.39
N GLU A 99 -3.73 -15.33 2.43
CA GLU A 99 -3.35 -14.44 3.57
C GLU A 99 -4.14 -14.83 4.82
N ARG A 100 -4.59 -16.05 4.88
CA ARG A 100 -5.36 -16.53 6.06
C ARG A 100 -4.90 -17.95 6.43
N ASN A 101 -3.66 -18.25 6.15
CA ASN A 101 -3.11 -19.60 6.46
C ASN A 101 -1.71 -19.43 7.03
N ILE A 102 -1.62 -18.79 8.14
CA ILE A 102 -0.29 -18.53 8.76
C ILE A 102 0.54 -19.82 8.76
N ARG A 103 -0.06 -20.96 8.99
CA ARG A 103 0.76 -22.22 9.00
C ARG A 103 1.38 -22.42 7.62
N ALA A 104 0.66 -22.13 6.57
CA ALA A 104 1.24 -22.30 5.21
C ALA A 104 2.15 -21.12 4.85
N LEU A 105 1.77 -19.91 5.19
CA LEU A 105 2.62 -18.73 4.85
C LEU A 105 4.05 -18.96 5.35
N LEU A 106 4.20 -19.38 6.58
CA LEU A 106 5.57 -19.61 7.12
C LEU A 106 6.17 -20.87 6.49
N SER A 107 5.36 -21.75 5.98
CA SER A 107 5.88 -23.00 5.35
C SER A 107 6.02 -22.79 3.84
N THR A 108 5.73 -21.60 3.36
CA THR A 108 5.84 -21.32 1.89
C THR A 108 6.59 -20.00 1.69
N MET A 109 7.16 -19.48 2.73
CA MET A 109 7.89 -18.18 2.62
C MET A 109 9.23 -18.38 1.89
N HIS A 110 9.82 -19.54 1.98
CA HIS A 110 11.14 -19.74 1.31
C HIS A 110 11.04 -19.44 -0.19
N THR A 111 9.88 -19.58 -0.77
CA THR A 111 9.75 -19.31 -2.23
C THR A 111 9.73 -17.80 -2.49
N VAL A 112 9.93 -16.97 -1.48
CA VAL A 112 9.92 -15.50 -1.71
C VAL A 112 10.90 -14.78 -0.78
N LEU A 113 11.97 -15.42 -0.38
CA LEU A 113 12.96 -14.73 0.50
C LEU A 113 13.99 -14.04 -0.39
N TRP A 114 14.92 -13.38 0.22
CA TRP A 114 15.99 -12.70 -0.60
C TRP A 114 17.14 -13.67 -0.86
N ALA A 115 17.77 -13.52 -1.99
CA ALA A 115 18.91 -14.43 -2.32
C ALA A 115 20.05 -14.20 -1.34
N GLY A 116 20.34 -15.18 -0.52
CA GLY A 116 21.44 -15.02 0.47
C GLY A 116 21.12 -15.84 1.72
N GLU A 117 19.90 -15.76 2.19
CA GLU A 117 19.52 -16.53 3.41
C GLU A 117 19.83 -18.02 3.18
N THR A 118 20.77 -18.55 3.92
CA THR A 118 21.14 -19.99 3.77
C THR A 118 20.86 -20.73 5.09
N LYS A 119 20.19 -20.09 6.01
CA LYS A 119 19.88 -20.74 7.32
C LYS A 119 18.45 -21.28 7.30
N TRP A 120 17.58 -20.63 6.59
CA TRP A 120 16.17 -21.10 6.56
C TRP A 120 16.09 -22.50 5.97
N LYS A 121 15.36 -23.36 6.61
CA LYS A 121 15.16 -24.76 6.12
C LYS A 121 13.65 -24.97 5.93
N PRO A 122 13.13 -24.86 4.71
CA PRO A 122 11.67 -25.02 4.46
C PRO A 122 10.98 -26.00 5.42
N VAL A 123 9.82 -25.64 5.87
CA VAL A 123 9.08 -26.50 6.83
C VAL A 123 8.25 -27.54 6.08
N GLY A 124 8.40 -28.78 6.42
CA GLY A 124 7.61 -29.83 5.74
C GLY A 124 6.14 -29.66 6.13
N MET A 125 5.27 -29.47 5.17
CA MET A 125 3.82 -29.28 5.49
C MET A 125 3.37 -30.25 6.59
N ALA A 126 4.03 -31.36 6.74
CA ALA A 126 3.62 -32.33 7.79
C ALA A 126 4.13 -31.85 9.16
N ASP A 127 5.00 -30.87 9.17
CA ASP A 127 5.55 -30.36 10.46
C ASP A 127 4.69 -29.21 10.99
N LEU A 128 3.41 -29.21 10.72
CA LEU A 128 2.54 -28.12 11.23
C LEU A 128 1.12 -28.64 11.44
N VAL A 129 0.97 -29.86 11.89
CA VAL A 129 -0.39 -30.42 12.09
C VAL A 129 -0.98 -29.98 13.45
N THR A 130 -0.21 -29.32 14.28
CA THR A 130 -0.76 -28.83 15.60
C THR A 130 -0.18 -27.44 15.91
N PRO A 131 -0.89 -26.60 16.63
CA PRO A 131 -0.39 -25.24 16.99
C PRO A 131 1.06 -25.29 17.53
N GLU A 132 1.35 -26.24 18.37
CA GLU A 132 2.72 -26.34 18.94
C GLU A 132 3.72 -26.47 17.79
N GLN A 133 3.46 -27.34 16.86
CA GLN A 133 4.39 -27.50 15.70
C GLN A 133 4.50 -26.15 14.97
N VAL A 134 3.42 -25.44 14.85
CA VAL A 134 3.44 -24.13 14.14
C VAL A 134 4.01 -23.05 15.06
N LYS A 135 3.48 -22.91 16.24
CA LYS A 135 3.97 -21.86 17.17
C LYS A 135 5.49 -21.96 17.34
N LYS A 136 6.01 -23.14 17.42
CA LYS A 136 7.49 -23.29 17.60
C LYS A 136 8.24 -22.67 16.41
N VAL A 137 7.72 -22.82 15.22
CA VAL A 137 8.44 -22.25 14.04
C VAL A 137 8.12 -20.75 13.91
N TYR A 138 6.93 -20.32 14.27
CA TYR A 138 6.62 -18.87 14.15
C TYR A 138 7.74 -18.06 14.82
N ARG A 139 8.41 -18.64 15.78
CA ARG A 139 9.51 -17.92 16.47
C ARG A 139 10.70 -17.77 15.52
N LYS A 140 11.24 -18.86 15.04
CA LYS A 140 12.42 -18.77 14.13
C LYS A 140 12.04 -17.98 12.87
N ALA A 141 10.90 -18.24 12.30
CA ALA A 141 10.49 -17.48 11.08
C ALA A 141 10.63 -15.98 11.35
N VAL A 142 10.35 -15.56 12.55
CA VAL A 142 10.47 -14.11 12.88
C VAL A 142 11.96 -13.75 12.96
N LEU A 143 12.78 -14.69 13.33
CA LEU A 143 14.25 -14.39 13.42
C LEU A 143 14.81 -14.21 12.01
N VAL A 144 14.21 -14.83 11.03
CA VAL A 144 14.71 -14.70 9.63
C VAL A 144 14.58 -13.25 9.16
N VAL A 145 13.61 -12.54 9.66
CA VAL A 145 13.40 -11.12 9.23
C VAL A 145 13.59 -10.15 10.40
N HIS A 146 14.31 -10.55 11.41
CA HIS A 146 14.53 -9.61 12.54
C HIS A 146 15.20 -8.33 11.98
N PRO A 147 14.66 -7.16 12.24
CA PRO A 147 15.24 -5.89 11.72
C PRO A 147 16.76 -5.91 11.67
N ASP A 148 17.41 -6.30 12.73
CA ASP A 148 18.89 -6.32 12.74
C ASP A 148 19.45 -6.91 11.44
N LYS A 149 18.86 -7.95 10.91
CA LYS A 149 19.41 -8.55 9.64
C LYS A 149 18.80 -7.86 8.43
N ALA A 150 17.93 -6.90 8.63
CA ALA A 150 17.29 -6.18 7.50
C ALA A 150 17.51 -4.68 7.70
N THR A 151 18.66 -4.30 8.21
CA THR A 151 18.92 -2.87 8.43
C THR A 151 19.65 -2.27 7.23
N GLY A 152 19.02 -1.38 6.52
CA GLY A 152 19.67 -0.74 5.34
C GLY A 152 20.15 -1.80 4.35
N GLN A 153 19.59 -2.98 4.38
CA GLN A 153 20.03 -4.05 3.43
C GLN A 153 19.06 -4.06 2.22
N PRO A 154 19.57 -4.24 1.01
CA PRO A 154 18.71 -4.28 -0.20
C PRO A 154 17.35 -4.93 0.05
N TYR A 155 17.29 -5.91 0.92
CA TYR A 155 15.98 -6.58 1.21
C TYR A 155 15.39 -5.98 2.49
N GLU A 156 15.62 -4.71 2.72
CA GLU A 156 15.08 -4.06 3.95
C GLU A 156 13.55 -4.06 3.90
N GLN A 157 12.97 -3.46 2.91
CA GLN A 157 11.48 -3.42 2.81
C GLN A 157 10.94 -4.85 2.88
N TYR A 158 11.59 -5.78 2.24
CA TYR A 158 11.10 -7.20 2.28
C TYR A 158 10.76 -7.59 3.72
N ALA A 159 11.61 -7.26 4.65
CA ALA A 159 11.34 -7.64 6.07
C ALA A 159 9.97 -7.10 6.49
N LYS A 160 9.75 -5.83 6.38
CA LYS A 160 8.44 -5.25 6.80
C LYS A 160 7.29 -5.93 6.06
N MET A 161 7.52 -6.37 4.86
CA MET A 161 6.41 -7.03 4.10
C MET A 161 6.09 -8.39 4.72
N ILE A 162 7.07 -9.26 4.81
CA ILE A 162 6.82 -10.62 5.37
C ILE A 162 6.77 -10.57 6.92
N PHE A 163 7.42 -9.62 7.53
CA PHE A 163 7.41 -9.55 9.02
C PHE A 163 5.97 -9.35 9.53
N MET A 164 5.22 -8.50 8.88
CA MET A 164 3.82 -8.26 9.35
C MET A 164 2.89 -9.37 8.88
N GLU A 165 3.00 -9.78 7.64
CA GLU A 165 2.12 -10.87 7.13
C GLU A 165 2.25 -12.10 8.02
N LEU A 166 3.43 -12.36 8.52
CA LEU A 166 3.62 -13.54 9.41
C LEU A 166 2.85 -13.29 10.72
N ASN A 167 2.96 -12.11 11.27
CA ASN A 167 2.27 -11.80 12.55
C ASN A 167 0.84 -11.30 12.29
N ASP A 168 0.48 -11.06 11.06
CA ASP A 168 -0.90 -10.56 10.77
C ASP A 168 -1.90 -11.72 10.83
N ALA A 169 -1.70 -12.73 10.03
CA ALA A 169 -2.63 -13.88 10.05
C ALA A 169 -2.50 -14.62 11.40
N TRP A 170 -1.37 -14.53 12.04
CA TRP A 170 -1.20 -15.21 13.34
C TRP A 170 -2.34 -14.81 14.27
N SER A 171 -2.72 -13.56 14.26
CA SER A 171 -3.84 -13.13 15.14
C SER A 171 -5.11 -13.86 14.73
N GLU A 172 -5.28 -14.06 13.44
CA GLU A 172 -6.50 -14.77 12.95
C GLU A 172 -6.28 -16.29 13.09
N PHE A 173 -5.05 -16.73 12.99
CA PHE A 173 -4.78 -18.19 13.10
C PHE A 173 -5.38 -18.71 14.41
N GLU A 174 -5.46 -17.88 15.41
CA GLU A 174 -6.04 -18.33 16.71
C GLU A 174 -7.57 -18.42 16.57
N ASN A 175 -8.20 -17.35 16.19
CA ASN A 175 -9.69 -17.38 16.05
C ASN A 175 -10.08 -18.15 14.79
N GLN A 176 -9.34 -18.00 13.73
CA GLN A 176 -9.68 -18.73 12.48
C GLN A 176 -9.59 -20.23 12.72
N GLY A 177 -8.78 -20.65 13.65
CA GLY A 177 -8.67 -22.11 13.93
C GLY A 177 -7.65 -22.36 15.05
N GLN A 178 -8.07 -22.26 16.29
CA GLN A 178 -7.13 -22.50 17.41
C GLN A 178 -6.86 -24.00 17.55
N LYS A 179 -6.81 -24.73 16.45
CA LYS A 179 -6.55 -26.19 16.54
C LYS A 179 -6.33 -26.74 15.12
N PRO A 180 -5.89 -27.99 14.99
CA PRO A 180 -5.65 -28.61 13.65
C PRO A 180 -6.85 -28.39 12.67
N LEU A 181 -6.73 -27.47 11.72
CA LEU A 181 -7.87 -27.21 10.75
C LEU A 181 -7.47 -27.71 9.34
N TYR A 182 -7.39 -29.00 9.14
CA TYR A 182 -7.03 -29.51 7.79
C TYR A 182 -7.21 -31.03 7.74
N GLY A 1 16.64 30.42 29.75
CA GLY A 1 17.73 29.40 29.83
C GLY A 1 17.10 28.01 29.98
N PRO A 2 16.48 27.74 31.09
CA PRO A 2 15.83 26.43 31.36
C PRO A 2 14.50 26.28 30.60
N LEU A 3 13.67 25.37 31.02
CA LEU A 3 12.36 25.17 30.31
C LEU A 3 11.61 26.50 30.28
N GLY A 4 11.33 27.07 31.42
CA GLY A 4 10.60 28.36 31.45
C GLY A 4 9.14 28.13 31.01
N SER A 5 8.53 29.13 30.41
CA SER A 5 7.13 28.95 29.95
C SER A 5 7.09 28.03 28.73
N PRO A 6 5.98 27.39 28.47
CA PRO A 6 5.83 26.47 27.30
C PRO A 6 5.77 27.23 25.98
N GLU A 7 6.87 27.80 25.55
CA GLU A 7 6.88 28.55 24.27
C GLU A 7 6.98 27.56 23.09
N PHE A 8 6.51 26.36 23.29
CA PHE A 8 6.57 25.36 22.19
C PHE A 8 5.77 25.86 20.98
N SER A 9 5.61 25.04 19.99
CA SER A 9 4.83 25.48 18.79
C SER A 9 3.34 25.40 19.09
N MET A 10 2.59 24.78 18.21
CA MET A 10 1.11 24.67 18.45
C MET A 10 0.59 23.40 17.76
N PRO A 11 0.87 22.26 18.33
CA PRO A 11 0.42 20.94 17.78
C PRO A 11 -1.06 20.92 17.43
N HIS A 12 -1.77 21.98 17.70
CA HIS A 12 -3.23 22.01 17.37
C HIS A 12 -3.68 23.46 17.14
N SER A 13 -3.36 24.34 18.05
CA SER A 13 -3.77 25.76 17.88
C SER A 13 -3.05 26.36 16.67
N SER A 14 -3.41 25.94 15.48
CA SER A 14 -2.74 26.49 14.27
C SER A 14 -3.60 26.21 13.04
N PRO A 15 -4.80 26.73 13.03
CA PRO A 15 -5.76 26.56 11.90
C PRO A 15 -5.39 27.42 10.69
N GLN A 16 -5.96 28.59 10.59
CA GLN A 16 -5.64 29.47 9.44
C GLN A 16 -4.30 30.19 9.70
N ASN A 17 -4.27 31.06 10.66
CA ASN A 17 -3.00 31.78 10.96
C ASN A 17 -3.15 32.55 12.29
N ARG A 18 -3.98 33.55 12.30
CA ARG A 18 -4.17 34.33 13.56
C ARG A 18 -5.09 33.55 14.51
N PRO A 19 -4.95 33.73 15.80
CA PRO A 19 -5.79 33.02 16.81
C PRO A 19 -7.23 33.55 16.84
N ASN A 20 -7.45 34.71 16.28
CA ASN A 20 -8.83 35.28 16.28
C ASN A 20 -8.87 36.50 15.35
N TYR A 21 -10.04 37.04 15.12
CA TYR A 21 -10.14 38.23 14.22
C TYR A 21 -9.72 39.49 14.99
N ASN A 22 -10.15 39.60 16.22
CA ASN A 22 -9.77 40.80 17.03
C ASN A 22 -9.95 40.50 18.52
N VAL A 23 -9.97 41.51 19.34
CA VAL A 23 -10.14 41.27 20.80
C VAL A 23 -11.43 40.49 21.05
N SER A 24 -11.37 39.19 20.95
CA SER A 24 -12.60 38.38 21.18
C SER A 24 -12.20 36.95 21.58
N PHE A 25 -13.13 36.04 21.59
CA PHE A 25 -12.81 34.64 21.98
C PHE A 25 -13.90 33.70 21.46
N SER A 26 -14.95 34.25 20.91
CA SER A 26 -16.05 33.39 20.38
C SER A 26 -15.46 32.29 19.49
N SER A 27 -15.49 31.06 19.93
CA SER A 27 -14.93 29.96 19.11
C SER A 27 -15.52 28.63 19.59
N MET A 28 -16.57 28.16 18.96
CA MET A 28 -17.19 26.86 19.38
C MET A 28 -17.68 26.13 18.13
N PRO A 29 -16.79 25.81 17.23
CA PRO A 29 -17.14 25.08 15.97
C PRO A 29 -17.40 23.60 16.21
N GLY A 30 -17.41 22.81 15.18
CA GLY A 30 -17.67 21.34 15.35
C GLY A 30 -17.22 20.60 14.10
N GLY A 31 -16.76 21.31 13.10
CA GLY A 31 -16.32 20.64 11.85
C GLY A 31 -15.18 19.66 12.17
N GLN A 32 -15.14 18.53 11.50
CA GLN A 32 -14.05 17.55 11.78
C GLN A 32 -12.74 18.08 11.22
N ASN A 33 -12.61 18.12 9.92
CA ASN A 33 -11.33 18.64 9.32
C ASN A 33 -11.09 20.07 9.77
N GLU A 34 -10.15 20.74 9.18
CA GLU A 34 -9.87 22.14 9.58
C GLU A 34 -8.95 22.80 8.54
N ARG A 35 -8.58 22.08 7.52
CA ARG A 35 -7.68 22.65 6.48
C ARG A 35 -8.32 23.92 5.91
N GLY A 36 -7.52 24.86 5.48
CA GLY A 36 -8.09 26.12 4.90
C GLY A 36 -7.02 26.84 4.10
N LYS A 37 -5.96 26.16 3.74
CA LYS A 37 -4.88 26.80 2.95
C LYS A 37 -5.47 27.39 1.67
N ALA A 38 -6.25 26.62 0.95
CA ALA A 38 -6.86 27.15 -0.31
C ALA A 38 -8.04 28.06 0.03
N ALA A 39 -7.81 29.35 0.03
CA ALA A 39 -8.93 30.28 0.35
C ALA A 39 -8.49 31.72 0.03
N ALA A 40 -8.15 31.98 -1.21
CA ALA A 40 -7.72 33.36 -1.58
C ALA A 40 -7.72 33.50 -3.10
N ASN A 41 -8.21 34.60 -3.61
CA ASN A 41 -8.23 34.78 -5.09
C ASN A 41 -8.40 36.27 -5.41
N LEU A 42 -7.36 36.91 -5.88
CA LEU A 42 -7.47 38.36 -6.22
C LEU A 42 -8.21 38.51 -7.55
N GLU A 43 -7.48 38.74 -8.61
CA GLU A 43 -8.14 38.90 -9.94
C GLU A 43 -9.12 37.75 -10.17
N GLY A 44 -8.65 36.67 -10.71
CA GLY A 44 -9.55 35.50 -10.96
C GLY A 44 -8.71 34.30 -11.39
N LYS A 45 -8.52 33.36 -10.50
CA LYS A 45 -7.71 32.16 -10.85
C LYS A 45 -8.47 31.34 -11.91
N GLN A 46 -7.78 30.46 -12.59
CA GLN A 46 -8.45 29.63 -13.63
C GLN A 46 -7.69 28.31 -13.79
N LYS A 47 -7.95 27.59 -14.85
CA LYS A 47 -7.24 26.29 -15.07
C LYS A 47 -7.12 26.01 -16.57
N ALA A 48 -6.39 26.84 -17.27
CA ALA A 48 -6.24 26.63 -18.74
C ALA A 48 -5.46 25.33 -18.98
N ALA A 49 -5.18 24.59 -17.95
CA ALA A 49 -4.43 23.32 -18.13
C ALA A 49 -5.16 22.43 -19.14
N ASP A 50 -6.32 22.83 -19.59
CA ASP A 50 -7.07 22.01 -20.57
C ASP A 50 -6.53 22.26 -21.97
N PHE A 51 -5.26 22.03 -22.19
CA PHE A 51 -4.68 22.26 -23.54
C PHE A 51 -3.26 21.69 -23.59
N GLU A 52 -3.13 20.40 -23.47
CA GLU A 52 -1.78 19.78 -23.50
C GLU A 52 -1.92 18.25 -23.59
N ASP A 53 -3.07 17.73 -23.27
CA ASP A 53 -3.26 16.25 -23.35
C ASP A 53 -2.77 15.74 -24.71
N LEU A 54 -2.64 16.61 -25.67
CA LEU A 54 -2.16 16.17 -27.01
C LEU A 54 -0.88 15.35 -26.84
N LEU A 55 -0.05 15.71 -25.91
CA LEU A 55 1.21 14.95 -25.67
C LEU A 55 0.95 13.79 -24.71
N SER A 56 -0.30 13.42 -24.55
CA SER A 56 -0.62 12.29 -23.63
C SER A 56 -1.97 11.68 -24.04
N GLY A 57 -1.99 10.92 -25.11
CA GLY A 57 -3.26 10.29 -25.56
C GLY A 57 -3.44 8.94 -24.87
N GLN A 58 -2.57 8.00 -25.12
CA GLN A 58 -2.69 6.67 -24.46
C GLN A 58 -1.99 6.70 -23.10
N GLY A 59 -2.74 6.65 -22.04
CA GLY A 59 -2.11 6.68 -20.68
C GLY A 59 -3.21 6.82 -19.63
N PHE A 60 -3.95 7.89 -19.67
CA PHE A 60 -5.04 8.07 -18.66
C PHE A 60 -6.26 7.23 -19.08
N ASN A 61 -6.13 5.93 -19.01
CA ASN A 61 -7.27 5.05 -19.39
C ASN A 61 -8.47 5.35 -18.48
N ALA A 62 -8.92 4.37 -17.74
CA ALA A 62 -10.08 4.59 -16.84
C ALA A 62 -10.15 3.46 -15.81
N HIS A 63 -9.61 3.67 -14.64
CA HIS A 63 -9.64 2.61 -13.60
C HIS A 63 -9.41 3.24 -12.22
N LYS A 64 -10.40 3.20 -11.36
CA LYS A 64 -10.24 3.79 -10.00
C LYS A 64 -11.17 3.08 -9.02
N ASP A 65 -10.64 2.61 -7.93
CA ASP A 65 -11.50 1.91 -6.93
C ASP A 65 -12.74 2.76 -6.63
N LYS A 66 -13.79 2.56 -7.35
CA LYS A 66 -15.03 3.36 -7.10
C LYS A 66 -15.75 2.81 -5.86
N LYS A 67 -17.01 2.47 -5.99
CA LYS A 67 -17.75 1.94 -4.81
C LYS A 67 -16.95 0.79 -4.18
N GLY A 68 -16.81 0.79 -2.89
CA GLY A 68 -16.05 -0.30 -2.23
C GLY A 68 -16.03 -0.06 -0.71
N PRO A 69 -15.52 -1.01 0.03
CA PRO A 69 -15.44 -0.91 1.52
C PRO A 69 -14.32 0.04 1.97
N ARG A 70 -14.32 0.42 3.23
CA ARG A 70 -13.26 1.35 3.74
C ARG A 70 -12.12 0.52 4.34
N THR A 71 -11.53 -0.36 3.55
CA THR A 71 -10.40 -1.19 4.07
C THR A 71 -9.08 -0.55 3.67
N ILE A 72 -8.14 -0.48 4.57
CA ILE A 72 -6.83 0.15 4.24
C ILE A 72 -6.23 -0.55 3.00
N ALA A 73 -6.88 -1.58 2.51
CA ALA A 73 -6.34 -2.30 1.31
C ALA A 73 -6.74 -1.56 0.01
N GLU A 74 -7.75 -0.72 0.04
CA GLU A 74 -8.16 0.00 -1.19
C GLU A 74 -7.25 1.21 -1.40
N MET A 75 -7.07 2.01 -0.39
CA MET A 75 -6.21 3.21 -0.53
C MET A 75 -4.80 2.78 -0.96
N ARG A 76 -4.18 1.90 -0.22
CA ARG A 76 -2.81 1.44 -0.59
C ARG A 76 -2.83 0.89 -2.02
N LYS A 77 -3.91 0.29 -2.43
CA LYS A 77 -3.97 -0.27 -3.82
C LYS A 77 -3.52 0.80 -4.81
N GLU A 78 -3.58 2.04 -4.43
CA GLU A 78 -3.16 3.13 -5.35
C GLU A 78 -1.63 3.28 -5.31
N GLU A 79 -1.04 3.08 -4.15
CA GLU A 79 0.43 3.21 -4.04
C GLU A 79 1.10 1.95 -4.60
N MET A 80 0.33 0.92 -4.85
CA MET A 80 0.93 -0.33 -5.39
C MET A 80 1.28 -0.12 -6.88
N ALA A 81 0.47 0.58 -7.60
CA ALA A 81 0.77 0.82 -9.04
C ALA A 81 1.92 1.82 -9.17
N LYS A 82 2.34 2.40 -8.08
CA LYS A 82 3.46 3.39 -8.12
C LYS A 82 4.76 2.75 -7.63
N GLU A 83 4.78 1.46 -7.42
CA GLU A 83 6.03 0.82 -6.93
C GLU A 83 5.91 -0.71 -7.00
N MET A 84 5.49 -1.24 -8.12
CA MET A 84 5.38 -2.73 -8.24
C MET A 84 6.73 -3.29 -8.74
N ASP A 85 7.79 -2.92 -8.08
CA ASP A 85 9.14 -3.42 -8.50
C ASP A 85 9.06 -4.94 -8.70
N PRO A 86 9.71 -5.49 -9.72
CA PRO A 86 9.65 -6.96 -9.98
C PRO A 86 10.20 -7.77 -8.81
N GLU A 87 10.62 -7.12 -7.75
CA GLU A 87 11.14 -7.86 -6.57
C GLU A 87 10.01 -8.09 -5.59
N LYS A 88 9.26 -7.06 -5.28
CA LYS A 88 8.12 -7.20 -4.34
C LYS A 88 6.93 -7.81 -5.10
N LEU A 89 6.88 -7.60 -6.38
CA LEU A 89 5.75 -8.14 -7.18
C LEU A 89 5.61 -9.65 -6.91
N LYS A 90 6.67 -10.28 -6.49
CA LYS A 90 6.59 -11.74 -6.20
C LYS A 90 5.84 -11.97 -4.90
N ILE A 91 5.94 -11.06 -3.97
CA ILE A 91 5.23 -11.21 -2.68
C ILE A 91 3.72 -11.02 -2.86
N LEU A 92 3.33 -10.04 -3.64
CA LEU A 92 1.88 -9.81 -3.86
C LEU A 92 1.17 -11.11 -4.25
N GLU A 93 1.80 -11.94 -5.04
CA GLU A 93 1.17 -13.22 -5.45
C GLU A 93 1.19 -14.23 -4.30
N TRP A 94 2.15 -14.10 -3.44
CA TRP A 94 2.28 -15.03 -2.30
C TRP A 94 1.20 -14.77 -1.24
N ILE A 95 0.89 -13.52 -1.01
CA ILE A 95 -0.15 -13.19 0.01
C ILE A 95 -1.55 -13.46 -0.56
N GLU A 96 -1.78 -13.09 -1.79
CA GLU A 96 -3.14 -13.31 -2.38
C GLU A 96 -3.44 -14.80 -2.51
N GLY A 97 -2.47 -15.61 -2.26
CA GLY A 97 -2.68 -17.08 -2.37
C GLY A 97 -3.38 -17.60 -1.12
N LYS A 98 -3.01 -17.10 0.03
CA LYS A 98 -3.66 -17.57 1.29
C LYS A 98 -3.24 -16.67 2.46
N GLU A 99 -3.61 -15.42 2.42
CA GLU A 99 -3.22 -14.49 3.52
C GLU A 99 -4.01 -14.83 4.80
N ARG A 100 -4.47 -16.04 4.92
CA ARG A 100 -5.24 -16.44 6.14
C ARG A 100 -4.85 -17.88 6.53
N ASN A 101 -3.65 -18.28 6.24
CA ASN A 101 -3.20 -19.66 6.58
C ASN A 101 -1.78 -19.56 7.12
N ILE A 102 -1.62 -18.83 8.17
CA ILE A 102 -0.27 -18.62 8.78
C ILE A 102 0.56 -19.91 8.76
N ARG A 103 -0.04 -21.04 8.97
CA ARG A 103 0.78 -22.30 8.95
C ARG A 103 1.46 -22.44 7.59
N ALA A 104 0.76 -22.09 6.54
CA ALA A 104 1.35 -22.20 5.18
C ALA A 104 2.25 -20.99 4.88
N LEU A 105 1.86 -19.80 5.26
CA LEU A 105 2.70 -18.61 4.96
C LEU A 105 4.13 -18.85 5.48
N LEU A 106 4.27 -19.29 6.70
CA LEU A 106 5.64 -19.52 7.24
C LEU A 106 6.24 -20.77 6.60
N SER A 107 5.43 -21.64 6.07
CA SER A 107 5.97 -22.88 5.44
C SER A 107 6.13 -22.65 3.93
N THR A 108 5.67 -21.52 3.44
CA THR A 108 5.77 -21.22 1.98
C THR A 108 6.56 -19.92 1.78
N MET A 109 6.98 -19.31 2.84
CA MET A 109 7.73 -18.03 2.73
C MET A 109 9.09 -18.26 2.04
N HIS A 110 9.64 -19.44 2.14
CA HIS A 110 10.96 -19.69 1.51
C HIS A 110 10.90 -19.43 0.00
N THR A 111 9.75 -19.56 -0.60
CA THR A 111 9.64 -19.31 -2.07
C THR A 111 9.67 -17.80 -2.37
N VAL A 112 9.87 -16.97 -1.37
CA VAL A 112 9.89 -15.50 -1.65
C VAL A 112 10.89 -14.78 -0.73
N LEU A 113 11.93 -15.44 -0.30
CA LEU A 113 12.93 -14.75 0.56
C LEU A 113 13.99 -14.12 -0.33
N TRP A 114 14.93 -13.46 0.25
CA TRP A 114 16.01 -12.82 -0.57
C TRP A 114 17.14 -13.82 -0.80
N ALA A 115 17.79 -13.73 -1.91
CA ALA A 115 18.92 -14.66 -2.20
C ALA A 115 20.07 -14.37 -1.24
N GLY A 116 20.31 -15.25 -0.32
CA GLY A 116 21.42 -15.04 0.65
C GLY A 116 21.13 -15.83 1.93
N GLU A 117 19.92 -15.80 2.41
CA GLU A 117 19.60 -16.56 3.65
C GLU A 117 19.56 -18.05 3.31
N THR A 118 20.54 -18.77 3.79
CA THR A 118 20.61 -20.25 3.53
C THR A 118 20.37 -21.02 4.83
N LYS A 119 20.12 -20.33 5.91
CA LYS A 119 19.90 -21.04 7.21
C LYS A 119 18.44 -21.50 7.30
N TRP A 120 17.55 -20.86 6.60
CA TRP A 120 16.12 -21.27 6.67
C TRP A 120 15.96 -22.72 6.21
N LYS A 121 15.30 -23.51 7.02
CA LYS A 121 15.05 -24.94 6.67
C LYS A 121 13.55 -25.08 6.38
N PRO A 122 13.14 -25.01 5.13
CA PRO A 122 11.70 -25.11 4.76
C PRO A 122 10.95 -26.13 5.62
N VAL A 123 9.79 -25.77 6.07
CA VAL A 123 8.99 -26.69 6.92
C VAL A 123 8.14 -27.59 6.05
N GLY A 124 8.28 -28.88 6.21
CA GLY A 124 7.46 -29.81 5.40
C GLY A 124 5.99 -29.59 5.74
N MET A 125 5.16 -29.27 4.77
CA MET A 125 3.71 -29.04 5.05
C MET A 125 3.17 -30.11 6.00
N ALA A 126 3.82 -31.24 6.06
CA ALA A 126 3.33 -32.33 6.96
C ALA A 126 3.84 -32.10 8.38
N ASP A 127 4.78 -31.20 8.54
CA ASP A 127 5.34 -30.91 9.90
C ASP A 127 4.61 -29.74 10.56
N LEU A 128 3.35 -29.56 10.27
CA LEU A 128 2.59 -28.43 10.90
C LEU A 128 1.16 -28.89 11.20
N VAL A 129 1.00 -30.15 11.55
CA VAL A 129 -0.37 -30.67 11.85
C VAL A 129 -0.77 -30.34 13.30
N THR A 130 0.10 -29.68 14.04
CA THR A 130 -0.24 -29.31 15.45
C THR A 130 0.26 -27.88 15.74
N PRO A 131 -0.38 -27.16 16.63
CA PRO A 131 0.03 -25.77 16.96
C PRO A 131 1.46 -25.71 17.52
N GLU A 132 1.84 -26.66 18.32
CA GLU A 132 3.22 -26.65 18.88
C GLU A 132 4.22 -26.64 17.72
N GLN A 133 3.86 -27.24 16.62
CA GLN A 133 4.77 -27.26 15.45
C GLN A 133 4.77 -25.88 14.80
N VAL A 134 3.63 -25.27 14.72
CA VAL A 134 3.54 -23.91 14.09
C VAL A 134 4.02 -22.85 15.08
N LYS A 135 3.40 -22.78 16.23
CA LYS A 135 3.81 -21.76 17.23
C LYS A 135 5.32 -21.83 17.49
N LYS A 136 5.87 -23.02 17.54
CA LYS A 136 7.32 -23.15 17.80
C LYS A 136 8.12 -22.53 16.65
N VAL A 137 7.69 -22.70 15.43
CA VAL A 137 8.45 -22.11 14.29
C VAL A 137 8.12 -20.62 14.15
N TYR A 138 6.90 -20.21 14.44
CA TYR A 138 6.57 -18.77 14.29
C TYR A 138 7.64 -17.94 15.02
N ARG A 139 8.26 -18.49 16.03
CA ARG A 139 9.30 -17.74 16.79
C ARG A 139 10.57 -17.63 15.94
N LYS A 140 10.98 -18.70 15.30
CA LYS A 140 12.23 -18.65 14.48
C LYS A 140 11.94 -17.94 13.15
N ALA A 141 10.84 -18.24 12.52
CA ALA A 141 10.52 -17.57 11.23
C ALA A 141 10.62 -16.06 11.41
N VAL A 142 10.23 -15.59 12.56
CA VAL A 142 10.30 -14.13 12.85
C VAL A 142 11.78 -13.70 12.91
N LEU A 143 12.64 -14.60 13.28
CA LEU A 143 14.09 -14.26 13.37
C LEU A 143 14.64 -14.03 11.96
N VAL A 144 14.14 -14.76 11.00
CA VAL A 144 14.65 -14.62 9.62
C VAL A 144 14.47 -13.18 9.13
N VAL A 145 13.53 -12.45 9.69
CA VAL A 145 13.29 -11.04 9.23
C VAL A 145 13.46 -10.06 10.40
N HIS A 146 14.24 -10.41 11.39
CA HIS A 146 14.42 -9.46 12.52
C HIS A 146 15.13 -8.21 11.97
N PRO A 147 14.61 -7.02 12.20
CA PRO A 147 15.24 -5.76 11.69
C PRO A 147 16.77 -5.81 11.73
N ASP A 148 17.33 -6.25 12.81
CA ASP A 148 18.81 -6.31 12.91
C ASP A 148 19.45 -6.83 11.61
N LYS A 149 18.89 -7.85 10.99
CA LYS A 149 19.51 -8.41 9.74
C LYS A 149 18.91 -7.73 8.51
N ALA A 150 18.03 -6.77 8.69
CA ALA A 150 17.40 -6.06 7.54
C ALA A 150 17.63 -4.56 7.70
N THR A 151 18.79 -4.19 8.17
CA THR A 151 19.09 -2.74 8.36
C THR A 151 19.77 -2.19 7.11
N GLY A 152 19.11 -1.31 6.42
CA GLY A 152 19.71 -0.71 5.19
C GLY A 152 20.18 -1.80 4.24
N GLN A 153 19.56 -2.96 4.26
CA GLN A 153 19.98 -4.06 3.33
C GLN A 153 19.01 -4.09 2.14
N PRO A 154 19.50 -4.34 0.94
CA PRO A 154 18.64 -4.41 -0.28
C PRO A 154 17.28 -5.06 0.01
N TYR A 155 17.24 -5.99 0.93
CA TYR A 155 15.95 -6.67 1.28
C TYR A 155 15.38 -6.03 2.55
N GLU A 156 15.59 -4.77 2.73
CA GLU A 156 15.06 -4.08 3.94
C GLU A 156 13.53 -4.06 3.88
N GLN A 157 12.97 -3.45 2.87
CA GLN A 157 11.49 -3.39 2.76
C GLN A 157 10.93 -4.81 2.78
N TYR A 158 11.63 -5.75 2.20
CA TYR A 158 11.15 -7.16 2.18
C TYR A 158 10.74 -7.55 3.62
N ALA A 159 11.56 -7.25 4.58
CA ALA A 159 11.22 -7.62 5.99
C ALA A 159 9.86 -7.05 6.37
N LYS A 160 9.68 -5.77 6.24
CA LYS A 160 8.38 -5.15 6.62
C LYS A 160 7.23 -5.83 5.87
N MET A 161 7.47 -6.31 4.69
CA MET A 161 6.38 -6.98 3.93
C MET A 161 6.06 -8.34 4.55
N ILE A 162 7.04 -9.18 4.67
CA ILE A 162 6.80 -10.55 5.25
C ILE A 162 6.73 -10.49 6.78
N PHE A 163 7.39 -9.53 7.39
CA PHE A 163 7.36 -9.44 8.88
C PHE A 163 5.92 -9.23 9.37
N MET A 164 5.15 -8.45 8.66
CA MET A 164 3.74 -8.19 9.10
C MET A 164 2.85 -9.37 8.70
N GLU A 165 2.97 -9.83 7.49
CA GLU A 165 2.12 -10.95 7.03
C GLU A 165 2.29 -12.15 7.98
N LEU A 166 3.45 -12.31 8.55
CA LEU A 166 3.66 -13.46 9.48
C LEU A 166 2.86 -13.20 10.78
N ASN A 167 2.95 -12.02 11.32
CA ASN A 167 2.23 -11.71 12.59
C ASN A 167 0.79 -11.26 12.29
N ASP A 168 0.46 -11.01 11.05
CA ASP A 168 -0.93 -10.55 10.73
C ASP A 168 -1.87 -11.76 10.73
N ALA A 169 -1.59 -12.73 9.92
CA ALA A 169 -2.48 -13.93 9.87
C ALA A 169 -2.42 -14.65 11.23
N TRP A 170 -1.32 -14.53 11.93
CA TRP A 170 -1.20 -15.19 13.25
C TRP A 170 -2.39 -14.78 14.12
N SER A 171 -2.79 -13.54 14.07
CA SER A 171 -3.95 -13.11 14.89
C SER A 171 -5.18 -13.87 14.41
N GLU A 172 -5.24 -14.17 13.14
CA GLU A 172 -6.40 -14.92 12.59
C GLU A 172 -6.20 -16.41 12.89
N PHE A 173 -5.00 -16.90 12.76
CA PHE A 173 -4.75 -18.34 13.06
C PHE A 173 -5.26 -18.65 14.46
N GLU A 174 -5.08 -17.74 15.38
CA GLU A 174 -5.55 -17.98 16.78
C GLU A 174 -7.07 -17.78 16.86
N ASN A 175 -7.56 -16.66 16.40
CA ASN A 175 -9.02 -16.39 16.47
C ASN A 175 -9.78 -17.26 15.46
N GLN A 176 -9.25 -17.45 14.29
CA GLN A 176 -9.94 -18.28 13.27
C GLN A 176 -10.11 -19.70 13.82
N GLY A 177 -9.24 -20.12 14.70
CA GLY A 177 -9.37 -21.49 15.27
C GLY A 177 -8.03 -21.94 15.87
N GLN A 178 -8.00 -22.16 17.15
CA GLN A 178 -6.73 -22.61 17.80
C GLN A 178 -6.63 -24.13 17.70
N LYS A 179 -6.82 -24.68 16.53
CA LYS A 179 -6.75 -26.17 16.36
C LYS A 179 -6.32 -26.49 14.92
N PRO A 180 -5.68 -27.62 14.70
CA PRO A 180 -5.25 -28.01 13.32
C PRO A 180 -6.33 -27.68 12.27
N LEU A 181 -6.03 -26.90 11.25
CA LEU A 181 -7.07 -26.55 10.22
C LEU A 181 -7.05 -27.59 9.09
N TYR A 182 -7.42 -28.81 9.36
CA TYR A 182 -7.41 -29.84 8.28
C TYR A 182 -8.10 -31.12 8.78
N GLY A 1 66.64 21.46 -65.47
CA GLY A 1 65.60 22.35 -66.06
C GLY A 1 65.02 21.70 -67.33
N PRO A 2 65.85 21.43 -68.29
CA PRO A 2 65.42 20.80 -69.58
C PRO A 2 64.50 19.60 -69.35
N LEU A 3 64.79 18.80 -68.37
CA LEU A 3 63.93 17.61 -68.09
C LEU A 3 62.59 18.07 -67.51
N GLY A 4 62.62 18.75 -66.39
CA GLY A 4 61.35 19.22 -65.78
C GLY A 4 60.53 19.96 -66.83
N SER A 5 59.59 19.29 -67.47
CA SER A 5 58.76 19.95 -68.51
C SER A 5 57.55 19.07 -68.82
N PRO A 6 56.64 18.95 -67.90
CA PRO A 6 55.41 18.12 -68.07
C PRO A 6 54.74 18.37 -69.43
N GLU A 7 55.03 17.56 -70.41
CA GLU A 7 54.41 17.74 -71.75
C GLU A 7 52.92 17.36 -71.69
N PHE A 8 52.64 16.11 -71.48
CA PHE A 8 51.21 15.67 -71.40
C PHE A 8 51.13 14.31 -70.71
N SER A 9 50.54 14.25 -69.55
CA SER A 9 50.43 12.96 -68.84
C SER A 9 49.46 13.10 -67.66
N MET A 10 48.98 14.29 -67.43
CA MET A 10 48.03 14.50 -66.30
C MET A 10 46.89 13.46 -66.40
N PRO A 11 46.28 13.10 -65.30
CA PRO A 11 45.17 12.10 -65.29
C PRO A 11 43.87 12.69 -65.86
N HIS A 12 43.72 13.98 -65.81
CA HIS A 12 42.48 14.60 -66.36
C HIS A 12 42.72 16.10 -66.58
N SER A 13 42.73 16.87 -65.53
CA SER A 13 42.97 18.33 -65.68
C SER A 13 43.22 18.96 -64.30
N SER A 14 44.06 19.96 -64.25
CA SER A 14 44.36 20.60 -62.93
C SER A 14 45.01 21.97 -63.17
N PRO A 15 44.26 22.90 -63.69
CA PRO A 15 44.78 24.28 -63.98
C PRO A 15 45.59 24.85 -62.81
N GLN A 16 46.41 25.84 -63.07
CA GLN A 16 47.21 26.43 -61.98
C GLN A 16 46.34 27.39 -61.16
N ASN A 17 46.48 27.37 -59.86
CA ASN A 17 45.66 28.28 -59.01
C ASN A 17 46.27 28.34 -57.60
N ARG A 18 45.65 29.08 -56.72
CA ARG A 18 46.19 29.18 -55.33
C ARG A 18 45.16 29.88 -54.44
N PRO A 19 44.00 29.30 -54.30
CA PRO A 19 42.91 29.87 -53.46
C PRO A 19 43.18 29.65 -51.96
N ASN A 20 42.47 30.35 -51.12
CA ASN A 20 42.67 30.18 -49.64
C ASN A 20 41.47 30.75 -48.90
N TYR A 21 40.56 31.39 -49.59
CA TYR A 21 39.37 31.96 -48.91
C TYR A 21 38.40 30.83 -48.56
N ASN A 22 38.89 29.63 -48.43
CA ASN A 22 38.00 28.49 -48.08
C ASN A 22 37.69 28.51 -46.58
N VAL A 23 38.13 29.53 -45.89
CA VAL A 23 37.87 29.62 -44.43
C VAL A 23 37.85 31.09 -44.01
N SER A 24 37.24 31.38 -42.88
CA SER A 24 37.17 32.79 -42.41
C SER A 24 36.77 32.83 -40.94
N PHE A 25 36.82 33.97 -40.33
CA PHE A 25 36.44 34.08 -38.89
C PHE A 25 34.99 33.63 -38.71
N SER A 26 34.28 33.44 -39.79
CA SER A 26 32.86 33.00 -39.68
C SER A 26 32.81 31.50 -39.39
N SER A 27 32.69 31.15 -38.14
CA SER A 27 32.64 29.70 -37.78
C SER A 27 32.24 29.55 -36.32
N MET A 28 31.06 29.06 -36.05
CA MET A 28 30.62 28.90 -34.64
C MET A 28 31.61 27.98 -33.91
N PRO A 29 31.77 28.14 -32.61
CA PRO A 29 32.71 27.30 -31.81
C PRO A 29 32.18 25.87 -31.62
N GLY A 30 30.88 25.71 -31.58
CA GLY A 30 30.31 24.35 -31.40
C GLY A 30 30.38 23.95 -29.92
N GLY A 31 29.60 24.58 -29.09
CA GLY A 31 29.62 24.24 -27.63
C GLY A 31 28.61 25.10 -26.89
N GLN A 32 28.38 24.82 -25.64
CA GLN A 32 27.40 25.63 -24.86
C GLN A 32 27.50 25.26 -23.38
N ASN A 33 28.39 24.36 -23.03
CA ASN A 33 28.53 23.96 -21.61
C ASN A 33 29.34 25.02 -20.86
N GLU A 34 29.41 24.92 -19.55
CA GLU A 34 30.19 25.92 -18.76
C GLU A 34 30.91 25.20 -17.62
N ARG A 35 30.20 24.84 -16.59
CA ARG A 35 30.85 24.14 -15.45
C ARG A 35 31.48 22.84 -15.94
N GLY A 36 30.75 22.05 -16.69
CA GLY A 36 31.32 20.78 -17.21
C GLY A 36 32.45 21.08 -18.19
N LYS A 37 33.66 20.77 -17.83
CA LYS A 37 34.81 21.04 -18.73
C LYS A 37 34.82 19.99 -19.86
N ALA A 38 33.86 19.11 -19.86
CA ALA A 38 33.82 18.07 -20.92
C ALA A 38 33.59 18.72 -22.28
N ALA A 39 34.63 19.28 -22.86
CA ALA A 39 34.48 19.94 -24.19
C ALA A 39 35.86 20.27 -24.75
N ALA A 40 36.76 19.34 -24.71
CA ALA A 40 38.13 19.61 -25.24
C ALA A 40 38.09 19.65 -26.77
N ASN A 41 38.03 18.51 -27.39
CA ASN A 41 37.98 18.47 -28.89
C ASN A 41 37.65 17.05 -29.35
N LEU A 42 38.16 16.07 -28.68
CA LEU A 42 37.87 14.66 -29.09
C LEU A 42 36.48 14.27 -28.59
N GLU A 43 35.45 14.84 -29.15
CA GLU A 43 34.08 14.49 -28.69
C GLU A 43 33.65 13.16 -29.33
N GLY A 44 32.80 13.20 -30.31
CA GLY A 44 32.36 11.94 -30.97
C GLY A 44 31.72 11.02 -29.92
N LYS A 45 31.60 11.48 -28.71
CA LYS A 45 30.99 10.63 -27.65
C LYS A 45 29.46 10.66 -27.78
N GLN A 46 28.94 11.62 -28.51
CA GLN A 46 27.47 11.68 -28.69
C GLN A 46 26.96 10.40 -29.34
N LYS A 47 26.61 9.42 -28.56
CA LYS A 47 26.12 8.14 -29.14
C LYS A 47 25.56 7.25 -28.02
N ALA A 48 24.30 7.40 -27.71
CA ALA A 48 23.70 6.57 -26.64
C ALA A 48 22.17 6.76 -26.65
N ALA A 49 21.71 7.88 -27.09
CA ALA A 49 20.24 8.13 -27.13
C ALA A 49 19.54 6.95 -27.82
N ASP A 50 20.30 6.07 -28.43
CA ASP A 50 19.68 4.91 -29.13
C ASP A 50 19.37 3.81 -28.10
N PHE A 51 18.60 4.13 -27.10
CA PHE A 51 18.25 3.11 -26.08
C PHE A 51 17.15 3.66 -25.16
N GLU A 52 15.96 3.82 -25.68
CA GLU A 52 14.85 4.36 -24.85
C GLU A 52 13.53 4.23 -25.60
N ASP A 53 13.59 3.91 -26.87
CA ASP A 53 12.34 3.77 -27.66
C ASP A 53 11.53 2.58 -27.13
N LEU A 54 11.99 1.96 -26.07
CA LEU A 54 11.26 0.80 -25.50
C LEU A 54 10.38 1.27 -24.34
N LEU A 55 10.82 2.27 -23.62
CA LEU A 55 10.00 2.77 -22.48
C LEU A 55 8.95 3.75 -23.00
N SER A 56 8.43 3.51 -24.17
CA SER A 56 7.40 4.43 -24.74
C SER A 56 6.04 4.11 -24.10
N GLY A 57 5.46 2.98 -24.43
CA GLY A 57 4.15 2.62 -23.85
C GLY A 57 3.64 1.33 -24.50
N GLN A 58 4.29 0.23 -24.23
CA GLN A 58 3.84 -1.07 -24.84
C GLN A 58 2.71 -1.66 -24.00
N GLY A 59 1.74 -0.86 -23.65
CA GLY A 59 0.60 -1.38 -22.82
C GLY A 59 1.13 -1.90 -21.49
N PHE A 60 0.32 -1.88 -20.47
CA PHE A 60 0.78 -2.38 -19.15
C PHE A 60 -0.43 -2.75 -18.28
N ASN A 61 -0.30 -3.74 -17.46
CA ASN A 61 -1.44 -4.16 -16.60
C ASN A 61 -2.03 -2.94 -15.90
N ALA A 62 -1.20 -2.00 -15.56
CA ALA A 62 -1.68 -0.77 -14.87
C ALA A 62 -2.94 -0.24 -15.55
N HIS A 63 -3.14 -0.58 -16.80
CA HIS A 63 -4.35 -0.10 -17.52
C HIS A 63 -5.56 -0.96 -17.12
N LYS A 64 -5.52 -1.55 -15.95
CA LYS A 64 -6.66 -2.41 -15.50
C LYS A 64 -6.48 -2.76 -14.03
N ASP A 65 -6.95 -1.92 -13.15
CA ASP A 65 -6.81 -2.19 -11.68
C ASP A 65 -7.92 -3.14 -11.23
N LYS A 66 -7.55 -4.24 -10.63
CA LYS A 66 -8.58 -5.21 -10.16
C LYS A 66 -7.91 -6.28 -9.28
N LYS A 67 -8.39 -6.48 -8.09
CA LYS A 67 -7.77 -7.51 -7.18
C LYS A 67 -8.79 -7.97 -6.15
N GLY A 68 -9.91 -8.48 -6.60
CA GLY A 68 -10.95 -8.96 -5.63
C GLY A 68 -11.85 -7.78 -5.22
N PRO A 69 -12.81 -8.04 -4.37
CA PRO A 69 -13.76 -6.99 -3.89
C PRO A 69 -13.04 -5.70 -3.47
N ARG A 70 -12.40 -5.72 -2.32
CA ARG A 70 -11.70 -4.49 -1.85
C ARG A 70 -10.67 -4.87 -0.78
N THR A 71 -9.63 -5.57 -1.15
CA THR A 71 -8.61 -5.97 -0.14
C THR A 71 -7.61 -4.81 0.04
N ILE A 72 -6.98 -4.72 1.19
CA ILE A 72 -6.01 -3.61 1.41
C ILE A 72 -4.97 -3.62 0.27
N ALA A 73 -4.98 -4.64 -0.54
CA ALA A 73 -3.99 -4.72 -1.67
C ALA A 73 -4.47 -3.93 -2.90
N GLU A 74 -5.73 -3.59 -2.97
CA GLU A 74 -6.23 -2.83 -4.15
C GLU A 74 -5.91 -1.34 -3.99
N MET A 75 -6.38 -0.74 -2.94
CA MET A 75 -6.11 0.71 -2.73
C MET A 75 -4.60 0.97 -2.79
N ARG A 76 -3.84 0.29 -1.98
CA ARG A 76 -2.36 0.51 -1.99
C ARG A 76 -1.77 0.06 -3.34
N LYS A 77 -2.56 -0.53 -4.19
CA LYS A 77 -2.03 -0.98 -5.51
C LYS A 77 -1.42 0.21 -6.26
N GLU A 78 -1.78 1.40 -5.90
CA GLU A 78 -1.22 2.60 -6.60
C GLU A 78 0.17 2.92 -6.04
N GLU A 79 0.25 3.24 -4.78
CA GLU A 79 1.57 3.56 -4.17
C GLU A 79 2.56 2.42 -4.44
N MET A 80 2.06 1.23 -4.64
CA MET A 80 2.97 0.08 -4.90
C MET A 80 3.52 0.17 -6.33
N ALA A 81 2.73 0.63 -7.25
CA ALA A 81 3.22 0.74 -8.66
C ALA A 81 4.11 1.97 -8.81
N LYS A 82 4.19 2.79 -7.79
CA LYS A 82 5.04 4.01 -7.88
C LYS A 82 6.49 3.67 -7.56
N GLU A 83 6.73 2.56 -6.90
CA GLU A 83 8.14 2.20 -6.56
C GLU A 83 8.21 0.78 -6.02
N MET A 84 8.08 -0.22 -6.86
CA MET A 84 8.14 -1.64 -6.38
C MET A 84 8.91 -2.46 -7.41
N ASP A 85 10.20 -2.55 -7.27
CA ASP A 85 11.02 -3.35 -8.21
C ASP A 85 10.34 -4.71 -8.42
N PRO A 86 10.51 -5.32 -9.57
CA PRO A 86 9.86 -6.64 -9.88
C PRO A 86 10.30 -7.77 -8.93
N GLU A 87 10.94 -7.43 -7.84
CA GLU A 87 11.37 -8.48 -6.86
C GLU A 87 10.30 -8.58 -5.76
N LYS A 88 9.71 -7.46 -5.41
CA LYS A 88 8.65 -7.48 -4.37
C LYS A 88 7.36 -8.01 -4.99
N LEU A 89 7.20 -7.82 -6.27
CA LEU A 89 5.97 -8.30 -6.94
C LEU A 89 5.79 -9.79 -6.63
N LYS A 90 6.86 -10.52 -6.50
CA LYS A 90 6.74 -11.97 -6.19
C LYS A 90 6.02 -12.14 -4.85
N ILE A 91 6.15 -11.18 -3.98
CA ILE A 91 5.47 -11.28 -2.65
C ILE A 91 3.97 -11.03 -2.81
N LEU A 92 3.61 -9.97 -3.50
CA LEU A 92 2.17 -9.66 -3.70
C LEU A 92 1.43 -10.92 -4.19
N GLU A 93 2.09 -11.74 -4.95
CA GLU A 93 1.43 -12.98 -5.47
C GLU A 93 1.37 -14.03 -4.37
N TRP A 94 2.33 -14.02 -3.51
CA TRP A 94 2.39 -15.00 -2.40
C TRP A 94 1.31 -14.72 -1.36
N ILE A 95 1.14 -13.48 -0.98
CA ILE A 95 0.13 -13.14 0.05
C ILE A 95 -1.29 -13.33 -0.53
N GLU A 96 -1.53 -12.89 -1.73
CA GLU A 96 -2.91 -13.02 -2.30
C GLU A 96 -3.27 -14.50 -2.49
N GLY A 97 -2.32 -15.35 -2.30
CA GLY A 97 -2.58 -16.80 -2.45
C GLY A 97 -3.38 -17.31 -1.25
N LYS A 98 -3.03 -16.87 -0.08
CA LYS A 98 -3.78 -17.33 1.12
C LYS A 98 -3.36 -16.50 2.35
N GLU A 99 -3.77 -15.26 2.41
CA GLU A 99 -3.40 -14.41 3.56
C GLU A 99 -4.24 -14.80 4.77
N ARG A 100 -4.67 -16.03 4.81
CA ARG A 100 -5.50 -16.52 5.96
C ARG A 100 -5.03 -17.94 6.33
N ASN A 101 -3.79 -18.22 6.08
CA ASN A 101 -3.24 -19.57 6.37
C ASN A 101 -1.84 -19.39 6.96
N ILE A 102 -1.77 -18.80 8.11
CA ILE A 102 -0.46 -18.54 8.74
C ILE A 102 0.39 -19.82 8.75
N ARG A 103 -0.21 -20.96 8.96
CA ARG A 103 0.61 -22.21 8.98
C ARG A 103 1.28 -22.38 7.61
N ALA A 104 0.59 -22.05 6.56
CA ALA A 104 1.19 -22.20 5.20
C ALA A 104 2.12 -21.02 4.89
N LEU A 105 1.74 -19.81 5.24
CA LEU A 105 2.60 -18.63 4.95
C LEU A 105 4.02 -18.88 5.50
N LEU A 106 4.13 -19.34 6.71
CA LEU A 106 5.47 -19.57 7.29
C LEU A 106 6.10 -20.82 6.64
N SER A 107 5.29 -21.69 6.09
CA SER A 107 5.82 -22.93 5.46
C SER A 107 5.92 -22.73 3.95
N THR A 108 5.68 -21.53 3.46
CA THR A 108 5.74 -21.28 1.99
C THR A 108 6.52 -19.99 1.73
N MET A 109 7.19 -19.49 2.73
CA MET A 109 7.96 -18.23 2.55
C MET A 109 9.27 -18.49 1.78
N HIS A 110 9.87 -19.63 1.94
CA HIS A 110 11.15 -19.90 1.23
C HIS A 110 11.01 -19.65 -0.28
N THR A 111 9.82 -19.76 -0.81
CA THR A 111 9.64 -19.52 -2.27
C THR A 111 9.67 -18.01 -2.56
N VAL A 112 9.94 -17.18 -1.57
CA VAL A 112 9.97 -15.70 -1.84
C VAL A 112 10.98 -15.01 -0.92
N LEU A 113 11.98 -15.70 -0.44
CA LEU A 113 12.97 -15.03 0.44
C LEU A 113 14.02 -14.33 -0.43
N TRP A 114 14.90 -13.62 0.19
CA TRP A 114 15.99 -12.91 -0.57
C TRP A 114 17.20 -13.83 -0.72
N ALA A 115 17.80 -13.87 -1.88
CA ALA A 115 18.98 -14.74 -2.09
C ALA A 115 20.05 -14.43 -1.03
N GLY A 116 20.35 -15.37 -0.18
CA GLY A 116 21.37 -15.15 0.88
C GLY A 116 20.98 -15.92 2.14
N GLU A 117 19.74 -15.84 2.53
CA GLU A 117 19.29 -16.56 3.75
C GLU A 117 19.44 -18.07 3.53
N THR A 118 20.47 -18.64 4.09
CA THR A 118 20.72 -20.12 3.93
C THR A 118 20.40 -20.84 5.24
N LYS A 119 20.05 -20.12 6.27
CA LYS A 119 19.75 -20.79 7.57
C LYS A 119 18.29 -21.30 7.55
N TRP A 120 17.44 -20.66 6.80
CA TRP A 120 16.03 -21.10 6.75
C TRP A 120 15.94 -22.52 6.20
N LYS A 121 15.19 -23.35 6.88
CA LYS A 121 14.99 -24.76 6.43
C LYS A 121 13.50 -24.96 6.15
N PRO A 122 13.05 -24.84 4.91
CA PRO A 122 11.61 -24.97 4.56
C PRO A 122 10.87 -25.98 5.45
N VAL A 123 9.70 -25.61 5.90
CA VAL A 123 8.91 -26.50 6.78
C VAL A 123 8.08 -27.46 5.94
N GLY A 124 8.25 -28.73 6.16
CA GLY A 124 7.47 -29.72 5.37
C GLY A 124 5.98 -29.53 5.74
N MET A 125 5.14 -29.26 4.78
CA MET A 125 3.68 -29.06 5.07
C MET A 125 3.19 -30.12 6.06
N ALA A 126 3.86 -31.24 6.15
CA ALA A 126 3.42 -32.30 7.10
C ALA A 126 3.95 -31.99 8.50
N ASP A 127 4.87 -31.07 8.61
CA ASP A 127 5.45 -30.72 9.94
C ASP A 127 4.70 -29.55 10.57
N LEU A 128 3.42 -29.40 10.30
CA LEU A 128 2.63 -28.28 10.91
C LEU A 128 1.22 -28.77 11.26
N VAL A 129 1.09 -30.02 11.63
CA VAL A 129 -0.27 -30.55 11.98
C VAL A 129 -0.58 -30.29 13.47
N THR A 130 0.28 -29.56 14.16
CA THR A 130 0.01 -29.26 15.60
C THR A 130 0.43 -27.81 15.88
N PRO A 131 -0.20 -27.14 16.82
CA PRO A 131 0.16 -25.73 17.16
C PRO A 131 1.60 -25.61 17.66
N GLU A 132 2.05 -26.57 18.43
CA GLU A 132 3.44 -26.52 18.93
C GLU A 132 4.40 -26.51 17.74
N GLN A 133 4.02 -27.17 16.67
CA GLN A 133 4.88 -27.20 15.46
C GLN A 133 4.79 -25.84 14.76
N VAL A 134 3.64 -25.24 14.77
CA VAL A 134 3.47 -23.91 14.11
C VAL A 134 4.03 -22.81 15.02
N LYS A 135 3.52 -22.70 16.22
CA LYS A 135 4.01 -21.64 17.15
C LYS A 135 5.53 -21.72 17.28
N LYS A 136 6.05 -22.88 17.53
CA LYS A 136 7.53 -23.01 17.69
C LYS A 136 8.25 -22.43 16.47
N VAL A 137 7.75 -22.65 15.29
CA VAL A 137 8.43 -22.12 14.08
C VAL A 137 8.05 -20.64 13.89
N TYR A 138 6.87 -20.24 14.25
CA TYR A 138 6.49 -18.81 14.07
C TYR A 138 7.59 -17.94 14.70
N ARG A 139 8.27 -18.45 15.68
CA ARG A 139 9.35 -17.66 16.32
C ARG A 139 10.53 -17.55 15.36
N LYS A 140 11.10 -18.65 14.96
CA LYS A 140 12.25 -18.62 14.02
C LYS A 140 11.85 -17.83 12.77
N ALA A 141 10.70 -18.10 12.23
CA ALA A 141 10.26 -17.36 11.00
C ALA A 141 10.40 -15.87 11.25
N VAL A 142 10.08 -15.42 12.44
CA VAL A 142 10.20 -13.97 12.74
C VAL A 142 11.69 -13.60 12.83
N LEU A 143 12.50 -14.50 13.29
CA LEU A 143 13.96 -14.20 13.38
C LEU A 143 14.53 -14.05 11.97
N VAL A 144 13.94 -14.72 11.02
CA VAL A 144 14.43 -14.63 9.62
C VAL A 144 14.32 -13.19 9.13
N VAL A 145 13.35 -12.45 9.61
CA VAL A 145 13.16 -11.03 9.16
C VAL A 145 13.39 -10.05 10.32
N HIS A 146 14.21 -10.41 11.28
CA HIS A 146 14.45 -9.46 12.39
C HIS A 146 15.16 -8.22 11.83
N PRO A 147 14.70 -7.02 12.14
CA PRO A 147 15.32 -5.77 11.61
C PRO A 147 16.84 -5.85 11.47
N ASP A 148 17.52 -6.16 12.54
CA ASP A 148 19.00 -6.23 12.48
C ASP A 148 19.48 -6.94 11.19
N LYS A 149 18.82 -8.00 10.78
CA LYS A 149 19.27 -8.71 9.55
C LYS A 149 18.71 -8.00 8.30
N ALA A 150 17.84 -7.04 8.48
CA ALA A 150 17.25 -6.30 7.34
C ALA A 150 17.47 -4.81 7.55
N THR A 151 18.57 -4.45 8.15
CA THR A 151 18.84 -3.00 8.39
C THR A 151 19.62 -2.41 7.20
N GLY A 152 19.01 -1.51 6.48
CA GLY A 152 19.71 -0.89 5.32
C GLY A 152 20.15 -1.97 4.33
N GLN A 153 19.71 -3.19 4.50
CA GLN A 153 20.11 -4.27 3.56
C GLN A 153 19.23 -4.19 2.31
N PRO A 154 19.77 -4.37 1.13
CA PRO A 154 18.98 -4.32 -0.14
C PRO A 154 17.57 -4.92 0.01
N TYR A 155 17.42 -5.93 0.83
CA TYR A 155 16.07 -6.55 1.02
C TYR A 155 15.41 -5.96 2.28
N GLU A 156 15.76 -4.75 2.61
CA GLU A 156 15.17 -4.11 3.82
C GLU A 156 13.66 -3.95 3.66
N GLN A 157 13.20 -3.76 2.45
CA GLN A 157 11.73 -3.58 2.23
C GLN A 157 11.02 -4.94 2.37
N TYR A 158 11.71 -6.02 2.12
CA TYR A 158 11.07 -7.35 2.23
C TYR A 158 10.65 -7.60 3.68
N ALA A 159 11.55 -7.40 4.61
CA ALA A 159 11.24 -7.66 6.04
C ALA A 159 9.92 -6.98 6.44
N LYS A 160 9.80 -5.71 6.24
CA LYS A 160 8.55 -5.00 6.65
C LYS A 160 7.33 -5.66 6.00
N MET A 161 7.50 -6.22 4.83
CA MET A 161 6.33 -6.86 4.16
C MET A 161 6.00 -8.20 4.83
N ILE A 162 6.98 -9.04 5.00
CA ILE A 162 6.73 -10.39 5.61
C ILE A 162 6.62 -10.26 7.15
N PHE A 163 7.26 -9.29 7.75
CA PHE A 163 7.18 -9.18 9.23
C PHE A 163 5.74 -9.00 9.70
N MET A 164 5.01 -8.11 9.08
CA MET A 164 3.60 -7.88 9.51
C MET A 164 2.70 -9.03 9.05
N GLU A 165 2.86 -9.47 7.83
CA GLU A 165 2.00 -10.58 7.33
C GLU A 165 2.10 -11.78 8.27
N LEU A 166 3.29 -12.18 8.61
CA LEU A 166 3.47 -13.35 9.52
C LEU A 166 2.69 -13.11 10.83
N ASN A 167 2.84 -11.96 11.42
CA ASN A 167 2.14 -11.68 12.71
C ASN A 167 0.69 -11.22 12.48
N ASP A 168 0.32 -10.91 11.27
CA ASP A 168 -1.07 -10.46 11.02
C ASP A 168 -2.02 -11.65 11.04
N ALA A 169 -1.84 -12.58 10.14
CA ALA A 169 -2.73 -13.77 10.11
C ALA A 169 -2.61 -14.52 11.44
N TRP A 170 -1.48 -14.43 12.10
CA TRP A 170 -1.31 -15.12 13.39
C TRP A 170 -2.46 -14.74 14.33
N SER A 171 -2.86 -13.51 14.32
CA SER A 171 -3.99 -13.11 15.21
C SER A 171 -5.22 -13.94 14.83
N GLU A 172 -5.41 -14.18 13.56
CA GLU A 172 -6.58 -14.97 13.12
C GLU A 172 -6.32 -16.47 13.33
N PHE A 173 -5.10 -16.91 13.13
CA PHE A 173 -4.79 -18.35 13.31
C PHE A 173 -5.24 -18.78 14.72
N GLU A 174 -5.24 -17.86 15.65
CA GLU A 174 -5.67 -18.23 17.03
C GLU A 174 -7.17 -18.53 17.02
N ASN A 175 -7.93 -17.79 16.26
CA ASN A 175 -9.40 -18.03 16.18
C ASN A 175 -9.68 -19.11 15.13
N GLN A 176 -8.98 -19.08 14.03
CA GLN A 176 -9.19 -20.09 12.94
C GLN A 176 -8.31 -21.35 13.15
N GLY A 177 -7.18 -21.23 13.79
CA GLY A 177 -6.30 -22.43 13.98
C GLY A 177 -6.72 -23.24 15.21
N GLN A 178 -7.31 -22.63 16.20
CA GLN A 178 -7.74 -23.40 17.41
C GLN A 178 -8.87 -24.36 17.00
N LYS A 179 -8.72 -25.03 15.90
CA LYS A 179 -9.79 -25.99 15.44
C LYS A 179 -9.14 -27.10 14.61
N PRO A 180 -9.72 -28.28 14.57
CA PRO A 180 -9.17 -29.41 13.78
C PRO A 180 -9.40 -29.23 12.26
N LEU A 181 -8.41 -28.80 11.49
CA LEU A 181 -8.60 -28.60 10.01
C LEU A 181 -7.82 -29.68 9.25
N TYR A 182 -8.24 -30.93 9.33
CA TYR A 182 -7.52 -32.00 8.58
C TYR A 182 -8.30 -33.30 8.68
N GLY A 1 -49.73 21.33 -104.60
CA GLY A 1 -51.18 21.56 -104.41
C GLY A 1 -51.64 20.91 -103.10
N PRO A 2 -51.07 21.35 -102.00
CA PRO A 2 -51.42 20.81 -100.65
C PRO A 2 -52.77 21.33 -100.15
N LEU A 3 -53.85 20.83 -100.69
CA LEU A 3 -55.19 21.30 -100.24
C LEU A 3 -55.50 20.73 -98.86
N GLY A 4 -56.59 21.16 -98.26
CA GLY A 4 -56.94 20.64 -96.91
C GLY A 4 -56.08 21.32 -95.85
N SER A 5 -54.99 20.71 -95.47
CA SER A 5 -54.11 21.33 -94.44
C SER A 5 -52.78 20.58 -94.40
N PRO A 6 -51.76 21.20 -93.87
CA PRO A 6 -50.40 20.58 -93.77
C PRO A 6 -50.36 19.45 -92.71
N GLU A 7 -50.17 18.23 -93.14
CA GLU A 7 -50.12 17.11 -92.16
C GLU A 7 -49.45 15.90 -92.82
N PHE A 8 -50.13 15.23 -93.69
CA PHE A 8 -49.52 14.04 -94.35
C PHE A 8 -48.53 14.50 -95.42
N SER A 9 -48.63 15.74 -95.84
CA SER A 9 -47.70 16.25 -96.88
C SER A 9 -46.25 16.00 -96.44
N MET A 10 -45.72 16.84 -95.60
CA MET A 10 -44.31 16.64 -95.14
C MET A 10 -44.29 15.54 -94.08
N PRO A 11 -43.20 14.80 -93.96
CA PRO A 11 -43.09 13.71 -92.96
C PRO A 11 -43.76 14.05 -91.63
N HIS A 12 -44.85 13.42 -91.31
CA HIS A 12 -45.55 13.71 -90.03
C HIS A 12 -44.71 13.21 -88.86
N SER A 13 -43.42 13.42 -88.90
CA SER A 13 -42.55 12.95 -87.79
C SER A 13 -41.21 13.67 -87.85
N SER A 14 -41.20 14.96 -87.63
CA SER A 14 -39.92 15.73 -87.67
C SER A 14 -40.11 17.07 -86.96
N PRO A 15 -40.24 17.03 -85.66
CA PRO A 15 -40.42 18.26 -84.83
C PRO A 15 -39.44 19.38 -85.22
N GLN A 16 -39.56 20.53 -84.62
CA GLN A 16 -38.64 21.65 -84.95
C GLN A 16 -38.69 22.70 -83.85
N ASN A 17 -39.37 22.42 -82.77
CA ASN A 17 -39.46 23.41 -81.66
C ASN A 17 -38.06 23.84 -81.25
N ARG A 18 -37.95 24.77 -80.33
CA ARG A 18 -36.61 25.24 -79.90
C ARG A 18 -35.82 24.05 -79.33
N PRO A 19 -34.51 24.09 -79.40
CA PRO A 19 -33.65 22.99 -78.88
C PRO A 19 -34.21 22.37 -77.59
N ASN A 20 -34.92 23.13 -76.81
CA ASN A 20 -35.50 22.58 -75.55
C ASN A 20 -36.50 23.59 -74.97
N TYR A 21 -37.33 23.15 -74.07
CA TYR A 21 -38.34 24.07 -73.46
C TYR A 21 -38.87 23.46 -72.16
N ASN A 22 -39.57 22.37 -72.25
CA ASN A 22 -40.12 21.73 -71.02
C ASN A 22 -38.96 21.17 -70.18
N VAL A 23 -38.11 20.38 -70.78
CA VAL A 23 -36.97 19.81 -70.02
C VAL A 23 -35.99 20.92 -69.66
N SER A 24 -34.80 20.55 -69.24
CA SER A 24 -33.79 21.59 -68.88
C SER A 24 -32.40 20.96 -68.82
N PHE A 25 -32.13 20.18 -67.81
CA PHE A 25 -30.79 19.53 -67.71
C PHE A 25 -30.83 18.47 -66.61
N SER A 26 -30.75 18.87 -65.37
CA SER A 26 -30.79 17.89 -64.26
C SER A 26 -32.23 17.44 -64.01
N SER A 27 -32.70 16.47 -64.74
CA SER A 27 -34.10 15.99 -64.54
C SER A 27 -34.16 15.10 -63.30
N MET A 28 -33.05 14.88 -62.67
CA MET A 28 -33.04 14.02 -61.45
C MET A 28 -31.70 14.19 -60.71
N PRO A 29 -31.69 14.00 -59.41
CA PRO A 29 -30.44 14.14 -58.60
C PRO A 29 -29.46 12.99 -58.84
N GLY A 30 -29.91 11.77 -58.66
CA GLY A 30 -28.99 10.60 -58.88
C GLY A 30 -29.56 9.37 -58.17
N GLY A 31 -29.95 8.38 -58.92
CA GLY A 31 -30.51 7.15 -58.29
C GLY A 31 -31.62 7.54 -57.31
N GLN A 32 -31.95 6.67 -56.39
CA GLN A 32 -33.02 6.99 -55.41
C GLN A 32 -32.45 7.90 -54.32
N ASN A 33 -32.78 7.63 -53.08
CA ASN A 33 -32.25 8.48 -51.97
C ASN A 33 -30.72 8.49 -52.01
N GLU A 34 -30.10 9.17 -51.09
CA GLU A 34 -28.61 9.22 -51.07
C GLU A 34 -28.06 7.87 -50.61
N ARG A 35 -27.72 7.75 -49.36
CA ARG A 35 -27.18 6.46 -48.85
C ARG A 35 -27.17 6.48 -47.32
N GLY A 36 -26.33 7.29 -46.73
CA GLY A 36 -26.28 7.35 -45.24
C GLY A 36 -25.61 8.67 -44.82
N LYS A 37 -24.31 8.72 -44.86
CA LYS A 37 -23.60 9.97 -44.46
C LYS A 37 -24.12 11.15 -45.29
N ALA A 38 -24.43 12.23 -44.66
CA ALA A 38 -24.94 13.42 -45.41
C ALA A 38 -23.99 13.74 -46.57
N ALA A 39 -24.28 14.76 -47.32
CA ALA A 39 -23.40 15.12 -48.47
C ALA A 39 -23.66 16.57 -48.89
N ALA A 40 -24.78 17.10 -48.50
CA ALA A 40 -25.11 18.51 -48.88
C ALA A 40 -24.15 19.46 -48.15
N ASN A 41 -22.87 19.31 -48.37
CA ASN A 41 -21.88 20.20 -47.69
C ASN A 41 -20.56 20.17 -48.45
N LEU A 42 -20.55 20.70 -49.66
CA LEU A 42 -19.29 20.71 -50.45
C LEU A 42 -18.14 21.25 -49.59
N GLU A 43 -18.17 22.52 -49.29
CA GLU A 43 -17.09 23.12 -48.45
C GLU A 43 -17.35 22.79 -46.98
N GLY A 44 -17.22 21.55 -46.61
CA GLY A 44 -17.45 21.17 -45.19
C GLY A 44 -16.78 19.81 -44.91
N LYS A 45 -15.92 19.38 -45.78
CA LYS A 45 -15.24 18.07 -45.57
C LYS A 45 -14.31 18.17 -44.36
N GLN A 46 -14.80 18.63 -43.25
CA GLN A 46 -13.93 18.75 -42.05
C GLN A 46 -13.78 17.38 -41.38
N LYS A 47 -14.40 16.38 -41.93
CA LYS A 47 -14.30 15.01 -41.32
C LYS A 47 -12.93 14.42 -41.65
N ALA A 48 -11.95 14.65 -40.80
CA ALA A 48 -10.59 14.10 -41.07
C ALA A 48 -10.51 12.65 -40.59
N ALA A 49 -11.64 12.06 -40.29
CA ALA A 49 -11.63 10.64 -39.82
C ALA A 49 -10.75 9.81 -40.75
N ASP A 50 -9.50 9.66 -40.42
CA ASP A 50 -8.58 8.86 -41.29
C ASP A 50 -9.28 7.56 -41.71
N PHE A 51 -9.66 7.46 -42.95
CA PHE A 51 -10.36 6.24 -43.43
C PHE A 51 -9.40 5.04 -43.31
N GLU A 52 -9.06 4.65 -42.10
CA GLU A 52 -8.14 3.50 -41.92
C GLU A 52 -8.10 3.09 -40.45
N ASP A 53 -8.33 4.04 -39.57
CA ASP A 53 -8.30 3.71 -38.11
C ASP A 53 -9.62 3.04 -37.72
N LEU A 54 -10.09 2.12 -38.53
CA LEU A 54 -11.37 1.44 -38.20
C LEU A 54 -11.54 0.22 -39.10
N LEU A 55 -11.22 0.35 -40.36
CA LEU A 55 -11.35 -0.79 -41.30
C LEU A 55 -10.59 -2.00 -40.74
N SER A 56 -9.74 -1.78 -39.78
CA SER A 56 -8.96 -2.91 -39.19
C SER A 56 -8.52 -2.54 -37.78
N GLY A 57 -9.35 -2.76 -36.80
CA GLY A 57 -8.97 -2.43 -35.40
C GLY A 57 -10.04 -2.96 -34.44
N GLN A 58 -10.05 -4.24 -34.20
CA GLN A 58 -11.07 -4.82 -33.28
C GLN A 58 -11.13 -3.99 -32.00
N GLY A 59 -12.06 -3.07 -31.91
CA GLY A 59 -12.16 -2.23 -30.68
C GLY A 59 -10.84 -1.50 -30.45
N PHE A 60 -10.81 -0.22 -30.69
CA PHE A 60 -9.55 0.54 -30.47
C PHE A 60 -9.38 0.85 -28.99
N ASN A 61 -10.12 0.18 -28.14
CA ASN A 61 -10.00 0.43 -26.68
C ASN A 61 -10.57 -0.77 -25.91
N ALA A 62 -10.66 -0.66 -24.62
CA ALA A 62 -11.19 -1.79 -23.82
C ALA A 62 -11.44 -1.33 -22.38
N HIS A 63 -12.60 -0.79 -22.11
CA HIS A 63 -12.89 -0.32 -20.73
C HIS A 63 -13.28 -1.51 -19.84
N LYS A 64 -12.40 -2.46 -19.70
CA LYS A 64 -12.70 -3.65 -18.86
C LYS A 64 -11.40 -4.23 -18.31
N ASP A 65 -11.04 -3.90 -17.10
CA ASP A 65 -9.79 -4.44 -16.51
C ASP A 65 -9.84 -4.31 -14.98
N LYS A 66 -10.68 -5.09 -14.35
CA LYS A 66 -10.77 -5.01 -12.86
C LYS A 66 -11.64 -6.17 -12.35
N LYS A 67 -11.01 -7.27 -11.99
CA LYS A 67 -11.78 -8.43 -11.48
C LYS A 67 -10.82 -9.47 -10.90
N GLY A 68 -10.40 -9.28 -9.68
CA GLY A 68 -9.44 -10.26 -9.06
C GLY A 68 -9.48 -10.10 -7.54
N PRO A 69 -8.51 -10.66 -6.86
CA PRO A 69 -8.42 -10.59 -5.37
C PRO A 69 -8.61 -9.16 -4.84
N ARG A 70 -8.36 -8.95 -3.58
CA ARG A 70 -8.52 -7.59 -2.99
C ARG A 70 -7.55 -7.43 -1.81
N THR A 71 -6.27 -7.39 -2.09
CA THR A 71 -5.26 -7.23 -1.00
C THR A 71 -5.02 -5.74 -0.76
N ILE A 72 -4.55 -5.39 0.41
CA ILE A 72 -4.29 -3.94 0.71
C ILE A 72 -3.36 -3.35 -0.38
N ALA A 73 -2.90 -4.16 -1.31
CA ALA A 73 -1.99 -3.64 -2.38
C ALA A 73 -2.80 -3.12 -3.58
N GLU A 74 -4.07 -3.42 -3.67
CA GLU A 74 -4.89 -2.94 -4.83
C GLU A 74 -5.08 -1.42 -4.71
N MET A 75 -4.93 -0.88 -3.53
CA MET A 75 -5.11 0.60 -3.37
C MET A 75 -3.81 1.31 -3.76
N ARG A 76 -2.75 1.06 -3.03
CA ARG A 76 -1.46 1.73 -3.37
C ARG A 76 -0.98 1.26 -4.76
N LYS A 77 -1.67 0.33 -5.37
CA LYS A 77 -1.24 -0.15 -6.71
C LYS A 77 -0.94 1.04 -7.62
N GLU A 78 -1.43 2.19 -7.28
CA GLU A 78 -1.18 3.39 -8.13
C GLU A 78 0.32 3.69 -8.15
N GLU A 79 0.90 3.98 -7.02
CA GLU A 79 2.36 4.29 -6.98
C GLU A 79 3.16 2.98 -6.90
N MET A 80 2.71 2.04 -6.12
CA MET A 80 3.44 0.75 -5.99
C MET A 80 3.66 0.17 -7.40
N ALA A 81 2.69 0.25 -8.26
CA ALA A 81 2.86 -0.30 -9.63
C ALA A 81 3.88 0.53 -10.39
N LYS A 82 4.29 1.64 -9.83
CA LYS A 82 5.30 2.51 -10.51
C LYS A 82 6.66 2.38 -9.81
N GLU A 83 6.81 1.42 -8.94
CA GLU A 83 8.12 1.26 -8.25
C GLU A 83 8.17 -0.06 -7.47
N MET A 84 7.82 -1.16 -8.10
CA MET A 84 7.86 -2.48 -7.41
C MET A 84 8.78 -3.42 -8.18
N ASP A 85 10.02 -3.44 -7.80
CA ASP A 85 11.02 -4.33 -8.48
C ASP A 85 10.38 -5.72 -8.65
N PRO A 86 10.62 -6.42 -9.75
CA PRO A 86 10.01 -7.75 -9.99
C PRO A 86 10.32 -8.76 -8.87
N GLU A 87 11.00 -8.33 -7.84
CA GLU A 87 11.33 -9.25 -6.71
C GLU A 87 10.23 -9.14 -5.65
N LYS A 88 9.86 -7.93 -5.29
CA LYS A 88 8.80 -7.74 -4.28
C LYS A 88 7.45 -8.01 -4.93
N LEU A 89 7.35 -7.74 -6.20
CA LEU A 89 6.07 -7.98 -6.91
C LEU A 89 5.64 -9.43 -6.70
N LYS A 90 6.59 -10.33 -6.61
CA LYS A 90 6.25 -11.76 -6.42
C LYS A 90 5.56 -11.96 -5.06
N ILE A 91 5.96 -11.20 -4.07
CA ILE A 91 5.33 -11.34 -2.73
C ILE A 91 3.81 -11.08 -2.85
N LEU A 92 3.44 -10.05 -3.56
CA LEU A 92 1.99 -9.75 -3.71
C LEU A 92 1.23 -11.01 -4.14
N GLU A 93 1.84 -11.82 -4.96
CA GLU A 93 1.16 -13.07 -5.43
C GLU A 93 1.16 -14.12 -4.32
N TRP A 94 2.14 -14.07 -3.47
CA TRP A 94 2.25 -15.05 -2.37
C TRP A 94 1.19 -14.77 -1.29
N ILE A 95 0.98 -13.53 -0.97
CA ILE A 95 -0.03 -13.19 0.08
C ILE A 95 -1.45 -13.39 -0.48
N GLU A 96 -1.70 -12.94 -1.67
CA GLU A 96 -3.08 -13.08 -2.24
C GLU A 96 -3.44 -14.55 -2.43
N GLY A 97 -2.50 -15.41 -2.24
CA GLY A 97 -2.75 -16.86 -2.41
C GLY A 97 -3.49 -17.39 -1.17
N LYS A 98 -3.12 -16.95 0.00
CA LYS A 98 -3.80 -17.46 1.23
C LYS A 98 -3.36 -16.62 2.44
N GLU A 99 -3.80 -15.39 2.51
CA GLU A 99 -3.41 -14.53 3.66
C GLU A 99 -4.19 -14.94 4.91
N ARG A 100 -4.61 -16.18 4.98
CA ARG A 100 -5.38 -16.66 6.18
C ARG A 100 -4.93 -18.09 6.52
N ASN A 101 -3.71 -18.42 6.21
CA ASN A 101 -3.20 -19.79 6.49
C ASN A 101 -1.77 -19.65 7.04
N ILE A 102 -1.65 -18.97 8.15
CA ILE A 102 -0.31 -18.72 8.75
C ILE A 102 0.54 -20.01 8.75
N ARG A 103 -0.05 -21.15 8.96
CA ARG A 103 0.77 -22.40 8.98
C ARG A 103 1.44 -22.56 7.61
N ALA A 104 0.74 -22.21 6.58
CA ALA A 104 1.32 -22.33 5.20
C ALA A 104 2.22 -21.12 4.89
N LEU A 105 1.81 -19.93 5.22
CA LEU A 105 2.65 -18.74 4.92
C LEU A 105 4.08 -18.96 5.45
N LEU A 106 4.22 -19.42 6.65
CA LEU A 106 5.57 -19.64 7.21
C LEU A 106 6.20 -20.89 6.58
N SER A 107 5.40 -21.77 6.04
CA SER A 107 5.95 -23.00 5.39
C SER A 107 6.07 -22.79 3.89
N THR A 108 5.75 -21.60 3.41
CA THR A 108 5.84 -21.31 1.94
C THR A 108 6.55 -19.98 1.74
N MET A 109 7.08 -19.41 2.78
CA MET A 109 7.78 -18.11 2.67
C MET A 109 9.14 -18.29 1.99
N HIS A 110 9.71 -19.46 2.03
CA HIS A 110 11.05 -19.67 1.40
C HIS A 110 10.99 -19.38 -0.10
N THR A 111 9.85 -19.52 -0.71
CA THR A 111 9.76 -19.25 -2.17
C THR A 111 9.73 -17.75 -2.44
N VAL A 112 9.90 -16.92 -1.43
CA VAL A 112 9.87 -15.44 -1.68
C VAL A 112 10.85 -14.71 -0.75
N LEU A 113 11.93 -15.33 -0.37
CA LEU A 113 12.91 -14.62 0.50
C LEU A 113 13.94 -13.93 -0.40
N TRP A 114 14.86 -13.24 0.20
CA TRP A 114 15.91 -12.56 -0.63
C TRP A 114 17.05 -13.52 -0.91
N ALA A 115 17.69 -13.37 -2.03
CA ALA A 115 18.82 -14.27 -2.39
C ALA A 115 19.96 -14.04 -1.40
N GLY A 116 20.25 -15.03 -0.58
CA GLY A 116 21.36 -14.87 0.40
C GLY A 116 21.04 -15.71 1.65
N GLU A 117 19.83 -15.63 2.13
CA GLU A 117 19.45 -16.41 3.33
C GLU A 117 19.65 -17.90 3.04
N THR A 118 20.58 -18.51 3.72
CA THR A 118 20.86 -19.97 3.51
C THR A 118 20.70 -20.72 4.83
N LYS A 119 20.09 -20.10 5.82
CA LYS A 119 19.90 -20.77 7.13
C LYS A 119 18.46 -21.27 7.25
N TRP A 120 17.55 -20.67 6.53
CA TRP A 120 16.13 -21.11 6.61
C TRP A 120 16.00 -22.57 6.20
N LYS A 121 15.37 -23.36 7.03
CA LYS A 121 15.16 -24.80 6.70
C LYS A 121 13.66 -24.99 6.39
N PRO A 122 13.27 -24.99 5.13
CA PRO A 122 11.83 -25.13 4.74
C PRO A 122 11.07 -26.09 5.65
N VAL A 123 9.86 -25.74 5.98
CA VAL A 123 9.04 -26.59 6.88
C VAL A 123 8.24 -27.60 6.06
N GLY A 124 8.39 -28.86 6.35
CA GLY A 124 7.62 -29.88 5.60
C GLY A 124 6.13 -29.74 5.95
N MET A 125 5.29 -29.46 4.97
CA MET A 125 3.84 -29.29 5.26
C MET A 125 3.35 -30.33 6.27
N ALA A 126 4.05 -31.42 6.42
CA ALA A 126 3.62 -32.47 7.38
C ALA A 126 4.07 -32.09 8.80
N ASP A 127 4.93 -31.11 8.92
CA ASP A 127 5.42 -30.68 10.27
C ASP A 127 4.56 -29.57 10.84
N LEU A 128 3.30 -29.51 10.48
CA LEU A 128 2.40 -28.45 11.02
C LEU A 128 1.00 -29.02 11.26
N VAL A 129 0.90 -30.26 11.63
CA VAL A 129 -0.44 -30.87 11.88
C VAL A 129 -0.95 -30.48 13.27
N THR A 130 -0.14 -29.77 14.04
CA THR A 130 -0.58 -29.33 15.40
C THR A 130 -0.12 -27.88 15.61
N PRO A 131 -0.84 -27.09 16.37
CA PRO A 131 -0.45 -25.67 16.64
C PRO A 131 0.90 -25.58 17.35
N GLU A 132 1.18 -26.49 18.24
CA GLU A 132 2.49 -26.44 18.95
C GLU A 132 3.60 -26.54 17.91
N GLN A 133 3.37 -27.24 16.84
CA GLN A 133 4.40 -27.37 15.78
C GLN A 133 4.49 -26.04 15.02
N VAL A 134 3.38 -25.37 14.88
CA VAL A 134 3.38 -24.06 14.16
C VAL A 134 3.91 -22.96 15.09
N LYS A 135 3.38 -22.87 16.28
CA LYS A 135 3.85 -21.80 17.22
C LYS A 135 5.36 -21.91 17.43
N LYS A 136 5.89 -23.09 17.47
CA LYS A 136 7.36 -23.23 17.70
C LYS A 136 8.14 -22.67 16.51
N VAL A 137 7.65 -22.83 15.31
CA VAL A 137 8.38 -22.30 14.13
C VAL A 137 8.09 -20.80 13.95
N TYR A 138 6.90 -20.36 14.27
CA TYR A 138 6.59 -18.91 14.10
C TYR A 138 7.69 -18.09 14.79
N ARG A 139 8.29 -18.62 15.81
CA ARG A 139 9.36 -17.89 16.52
C ARG A 139 10.60 -17.77 15.64
N LYS A 140 11.02 -18.85 15.01
CA LYS A 140 12.22 -18.77 14.12
C LYS A 140 11.89 -18.00 12.85
N ALA A 141 10.74 -18.24 12.28
CA ALA A 141 10.37 -17.50 11.03
C ALA A 141 10.55 -16.00 11.28
N VAL A 142 10.27 -15.57 12.48
CA VAL A 142 10.42 -14.12 12.80
C VAL A 142 11.92 -13.78 12.87
N LEU A 143 12.73 -14.73 13.25
CA LEU A 143 14.20 -14.47 13.32
C LEU A 143 14.74 -14.27 11.90
N VAL A 144 14.12 -14.88 10.94
CA VAL A 144 14.60 -14.74 9.53
C VAL A 144 14.48 -13.28 9.09
N VAL A 145 13.53 -12.56 9.62
CA VAL A 145 13.33 -11.13 9.23
C VAL A 145 13.51 -10.20 10.42
N HIS A 146 14.33 -10.57 11.37
CA HIS A 146 14.54 -9.67 12.53
C HIS A 146 15.16 -8.36 12.00
N PRO A 147 14.62 -7.21 12.34
CA PRO A 147 15.15 -5.90 11.84
C PRO A 147 16.66 -5.89 11.68
N ASP A 148 17.38 -6.18 12.72
CA ASP A 148 18.87 -6.16 12.62
C ASP A 148 19.35 -6.82 11.32
N LYS A 149 18.75 -7.91 10.88
CA LYS A 149 19.22 -8.56 9.63
C LYS A 149 18.65 -7.83 8.42
N ALA A 150 17.72 -6.94 8.62
CA ALA A 150 17.10 -6.18 7.49
C ALA A 150 17.23 -4.68 7.77
N THR A 151 18.32 -4.27 8.36
CA THR A 151 18.49 -2.83 8.67
C THR A 151 19.21 -2.15 7.50
N GLY A 152 18.55 -1.27 6.82
CA GLY A 152 19.19 -0.55 5.68
C GLY A 152 19.85 -1.55 4.72
N GLN A 153 19.36 -2.76 4.67
CA GLN A 153 19.98 -3.76 3.74
C GLN A 153 19.19 -3.79 2.43
N PRO A 154 19.83 -4.03 1.31
CA PRO A 154 19.15 -4.09 -0.01
C PRO A 154 17.74 -4.71 0.07
N TYR A 155 17.54 -5.66 0.95
CA TYR A 155 16.19 -6.31 1.08
C TYR A 155 15.47 -5.78 2.32
N GLU A 156 15.81 -4.59 2.74
CA GLU A 156 15.16 -4.01 3.94
C GLU A 156 13.64 -3.93 3.73
N GLN A 157 13.20 -3.86 2.51
CA GLN A 157 11.74 -3.77 2.25
C GLN A 157 11.09 -5.14 2.45
N TYR A 158 11.71 -6.19 1.98
CA TYR A 158 11.12 -7.55 2.14
C TYR A 158 10.69 -7.75 3.60
N ALA A 159 11.56 -7.45 4.53
CA ALA A 159 11.22 -7.65 5.96
C ALA A 159 9.86 -7.03 6.29
N LYS A 160 9.69 -5.76 6.05
CA LYS A 160 8.40 -5.11 6.39
C LYS A 160 7.22 -5.82 5.72
N MET A 161 7.41 -6.39 4.57
CA MET A 161 6.28 -7.09 3.89
C MET A 161 6.00 -8.42 4.58
N ILE A 162 6.99 -9.25 4.71
CA ILE A 162 6.78 -10.60 5.34
C ILE A 162 6.78 -10.49 6.88
N PHE A 163 7.45 -9.51 7.45
CA PHE A 163 7.45 -9.41 8.94
C PHE A 163 6.04 -9.15 9.46
N MET A 164 5.33 -8.24 8.85
CA MET A 164 3.96 -7.93 9.32
C MET A 164 3.00 -9.06 8.94
N GLU A 165 3.06 -9.52 7.72
CA GLU A 165 2.15 -10.62 7.29
C GLU A 165 2.28 -11.82 8.24
N LEU A 166 3.48 -12.24 8.50
CA LEU A 166 3.68 -13.42 9.40
C LEU A 166 2.92 -13.17 10.72
N ASN A 167 3.05 -11.99 11.29
CA ASN A 167 2.35 -11.71 12.57
C ASN A 167 0.91 -11.24 12.32
N ASP A 168 0.57 -10.96 11.09
CA ASP A 168 -0.82 -10.51 10.80
C ASP A 168 -1.76 -11.72 10.78
N ALA A 169 -1.49 -12.68 9.95
CA ALA A 169 -2.37 -13.88 9.88
C ALA A 169 -2.31 -14.61 11.24
N TRP A 170 -1.21 -14.50 11.94
CA TRP A 170 -1.09 -15.16 13.25
C TRP A 170 -2.26 -14.75 14.14
N SER A 171 -2.64 -13.50 14.12
CA SER A 171 -3.80 -13.06 14.95
C SER A 171 -5.04 -13.80 14.47
N GLU A 172 -5.10 -14.10 13.20
CA GLU A 172 -6.28 -14.83 12.65
C GLU A 172 -6.12 -16.33 12.96
N PHE A 173 -4.94 -16.86 12.80
CA PHE A 173 -4.74 -18.31 13.08
C PHE A 173 -5.19 -18.61 14.52
N GLU A 174 -4.93 -17.71 15.43
CA GLU A 174 -5.33 -17.94 16.85
C GLU A 174 -6.84 -17.72 17.01
N ASN A 175 -7.35 -16.61 16.52
CA ASN A 175 -8.81 -16.33 16.66
C ASN A 175 -9.61 -17.18 15.69
N GLN A 176 -9.13 -17.34 14.48
CA GLN A 176 -9.87 -18.16 13.48
C GLN A 176 -10.01 -19.60 14.00
N GLY A 177 -9.09 -20.03 14.82
CA GLY A 177 -9.19 -21.42 15.36
C GLY A 177 -7.84 -21.84 15.94
N GLN A 178 -7.65 -21.64 17.22
CA GLN A 178 -6.36 -22.04 17.86
C GLN A 178 -6.38 -23.55 18.12
N LYS A 179 -6.83 -24.33 17.17
CA LYS A 179 -6.87 -25.81 17.37
C LYS A 179 -6.85 -26.51 16.01
N PRO A 180 -6.36 -27.73 15.92
CA PRO A 180 -6.33 -28.48 14.62
C PRO A 180 -7.63 -28.30 13.80
N LEU A 181 -7.64 -27.48 12.75
CA LEU A 181 -8.89 -27.27 11.94
C LEU A 181 -8.71 -27.88 10.54
N TYR A 182 -8.64 -29.19 10.42
CA TYR A 182 -8.48 -29.81 9.08
C TYR A 182 -8.73 -31.32 9.20
N GLY A 1 35.36 90.37 -58.50
CA GLY A 1 36.22 91.50 -58.94
C GLY A 1 36.67 91.27 -60.38
N PRO A 2 37.52 90.30 -60.60
CA PRO A 2 38.04 89.96 -61.95
C PRO A 2 37.00 89.22 -62.80
N LEU A 3 37.39 88.76 -63.95
CA LEU A 3 36.42 88.03 -64.82
C LEU A 3 36.19 86.62 -64.27
N GLY A 4 34.96 86.22 -64.12
CA GLY A 4 34.68 84.86 -63.58
C GLY A 4 33.18 84.56 -63.70
N SER A 5 32.83 83.36 -64.05
CA SER A 5 31.39 83.01 -64.18
C SER A 5 31.23 81.49 -64.20
N PRO A 6 31.65 80.82 -63.16
CA PRO A 6 31.56 79.33 -63.06
C PRO A 6 30.12 78.87 -62.76
N GLU A 7 29.45 79.54 -61.86
CA GLU A 7 28.05 79.13 -61.53
C GLU A 7 27.19 79.23 -62.79
N PHE A 8 25.90 79.43 -62.62
CA PHE A 8 25.00 79.52 -63.80
C PHE A 8 23.73 80.26 -63.41
N SER A 9 22.87 79.63 -62.65
CA SER A 9 21.61 80.30 -62.23
C SER A 9 21.91 81.34 -61.15
N MET A 10 20.96 82.18 -60.85
CA MET A 10 21.20 83.22 -59.79
C MET A 10 21.40 82.52 -58.44
N PRO A 11 22.17 83.10 -57.54
CA PRO A 11 22.42 82.51 -56.21
C PRO A 11 21.18 81.83 -55.63
N HIS A 12 21.36 80.94 -54.69
CA HIS A 12 20.18 80.24 -54.09
C HIS A 12 19.46 81.18 -53.15
N SER A 13 20.14 81.70 -52.16
CA SER A 13 19.48 82.63 -51.20
C SER A 13 19.04 83.89 -51.94
N SER A 14 17.78 84.23 -51.86
CA SER A 14 17.29 85.46 -52.56
C SER A 14 15.84 85.75 -52.15
N PRO A 15 14.95 84.79 -52.25
CA PRO A 15 13.52 84.99 -51.87
C PRO A 15 13.37 85.70 -50.52
N GLN A 16 14.45 85.85 -49.80
CA GLN A 16 14.37 86.54 -48.48
C GLN A 16 15.76 87.02 -48.07
N ASN A 17 15.83 88.11 -47.34
CA ASN A 17 17.16 88.62 -46.92
C ASN A 17 17.95 87.51 -46.23
N ARG A 18 19.11 87.82 -45.71
CA ARG A 18 19.92 86.78 -45.02
C ARG A 18 19.10 86.16 -43.89
N PRO A 19 19.35 84.91 -43.54
CA PRO A 19 18.60 84.22 -42.45
C PRO A 19 19.01 84.74 -41.06
N ASN A 20 18.27 85.68 -40.54
CA ASN A 20 18.61 86.22 -39.19
C ASN A 20 18.37 85.15 -38.13
N TYR A 21 17.40 84.29 -38.33
CA TYR A 21 17.12 83.23 -37.34
C TYR A 21 18.12 82.09 -37.52
N ASN A 22 18.33 81.29 -36.50
CA ASN A 22 19.30 80.17 -36.61
C ASN A 22 19.00 79.14 -35.53
N VAL A 23 18.30 78.09 -35.85
CA VAL A 23 17.99 77.05 -34.83
C VAL A 23 19.20 76.15 -34.64
N SER A 24 19.58 75.90 -33.41
CA SER A 24 20.75 75.02 -33.15
C SER A 24 20.34 73.55 -33.28
N PHE A 25 20.91 72.84 -34.21
CA PHE A 25 20.55 71.41 -34.37
C PHE A 25 21.27 70.57 -33.32
N SER A 26 20.72 69.44 -32.96
CA SER A 26 21.38 68.59 -31.94
C SER A 26 20.77 67.17 -31.99
N SER A 27 21.45 66.22 -31.43
CA SER A 27 20.92 64.82 -31.44
C SER A 27 21.76 63.94 -30.52
N MET A 28 21.50 63.99 -29.24
CA MET A 28 22.29 63.15 -28.29
C MET A 28 21.83 61.68 -28.35
N PRO A 29 20.57 61.42 -28.57
CA PRO A 29 20.05 60.03 -28.64
C PRO A 29 20.06 59.47 -30.06
N GLY A 30 19.38 60.10 -30.98
CA GLY A 30 19.37 59.61 -32.39
C GLY A 30 18.15 60.17 -33.11
N GLY A 31 17.45 61.09 -32.50
CA GLY A 31 16.24 61.67 -33.16
C GLY A 31 15.07 60.70 -33.00
N GLN A 32 15.21 59.50 -33.48
CA GLN A 32 14.09 58.52 -33.36
C GLN A 32 14.08 57.93 -31.95
N ASN A 33 13.01 58.10 -31.23
CA ASN A 33 12.94 57.56 -29.85
C ASN A 33 12.61 56.06 -29.91
N GLU A 34 12.23 55.57 -31.05
CA GLU A 34 11.90 54.12 -31.17
C GLU A 34 13.20 53.33 -31.31
N ARG A 35 13.58 52.61 -30.28
CA ARG A 35 14.83 51.81 -30.35
C ARG A 35 14.54 50.48 -31.04
N GLY A 36 15.46 49.55 -30.99
CA GLY A 36 15.23 48.23 -31.65
C GLY A 36 16.43 47.32 -31.38
N LYS A 37 16.41 46.60 -30.29
CA LYS A 37 17.55 45.70 -29.98
C LYS A 37 17.42 44.41 -30.81
N ALA A 38 16.23 43.91 -30.96
CA ALA A 38 16.05 42.66 -31.76
C ALA A 38 14.57 42.52 -32.13
N ALA A 39 13.71 42.40 -31.16
CA ALA A 39 12.25 42.24 -31.47
C ALA A 39 11.75 43.52 -32.17
N ALA A 40 10.95 43.36 -33.18
CA ALA A 40 10.42 44.56 -33.89
C ALA A 40 9.27 45.17 -33.10
N ASN A 41 8.05 44.96 -33.52
CA ASN A 41 6.89 45.53 -32.78
C ASN A 41 6.59 44.67 -31.56
N LEU A 42 6.15 45.27 -30.49
CA LEU A 42 5.84 44.48 -29.26
C LEU A 42 4.47 43.82 -29.43
N GLU A 43 3.46 44.59 -29.73
CA GLU A 43 2.10 44.01 -29.91
C GLU A 43 2.00 43.35 -31.29
N GLY A 44 1.31 43.97 -32.21
CA GLY A 44 1.18 43.38 -33.56
C GLY A 44 0.58 41.98 -33.45
N LYS A 45 1.14 41.03 -34.15
CA LYS A 45 0.60 39.64 -34.08
C LYS A 45 0.43 39.23 -32.62
N GLN A 46 -0.27 38.15 -32.37
CA GLN A 46 -0.48 37.70 -30.95
C GLN A 46 -0.45 36.16 -30.92
N LYS A 47 0.29 35.60 -30.01
CA LYS A 47 0.36 34.11 -29.92
C LYS A 47 -1.07 33.53 -29.89
N ALA A 48 -1.33 32.54 -30.70
CA ALA A 48 -2.69 31.94 -30.72
C ALA A 48 -2.60 30.50 -31.23
N ALA A 49 -1.42 30.02 -31.47
CA ALA A 49 -1.26 28.62 -31.96
C ALA A 49 -2.03 27.67 -31.03
N ASP A 50 -2.49 28.16 -29.92
CA ASP A 50 -3.25 27.28 -28.98
C ASP A 50 -4.70 27.16 -29.45
N PHE A 51 -4.91 26.69 -30.65
CA PHE A 51 -6.30 26.55 -31.16
C PHE A 51 -6.26 25.77 -32.49
N GLU A 52 -5.93 24.51 -32.43
CA GLU A 52 -5.88 23.69 -33.68
C GLU A 52 -5.84 22.21 -33.31
N ASP A 53 -5.33 21.88 -32.15
CA ASP A 53 -5.27 20.45 -31.74
C ASP A 53 -6.63 20.01 -31.23
N LEU A 54 -7.59 20.89 -31.20
CA LEU A 54 -8.94 20.52 -30.71
C LEU A 54 -9.48 19.36 -31.56
N LEU A 55 -9.11 19.30 -32.81
CA LEU A 55 -9.60 18.20 -33.68
C LEU A 55 -8.77 16.94 -33.41
N SER A 56 -8.33 16.76 -32.20
CA SER A 56 -7.51 15.55 -31.89
C SER A 56 -7.40 15.40 -30.36
N GLY A 57 -8.43 14.92 -29.73
CA GLY A 57 -8.38 14.75 -28.24
C GLY A 57 -7.26 13.79 -27.88
N GLN A 58 -6.04 14.25 -27.88
CA GLN A 58 -4.90 13.35 -27.52
C GLN A 58 -4.99 12.98 -26.05
N GLY A 59 -6.05 12.35 -25.65
CA GLY A 59 -6.19 11.94 -24.22
C GLY A 59 -6.55 13.17 -23.38
N PHE A 60 -6.04 14.31 -23.75
CA PHE A 60 -6.33 15.56 -22.97
C PHE A 60 -7.83 15.86 -23.07
N ASN A 61 -8.66 15.07 -22.46
CA ASN A 61 -10.13 15.32 -22.52
C ASN A 61 -10.80 14.71 -21.30
N ALA A 62 -11.75 13.82 -21.50
CA ALA A 62 -12.44 13.19 -20.34
C ALA A 62 -11.59 12.05 -19.80
N HIS A 63 -10.86 12.28 -18.74
CA HIS A 63 -10.00 11.21 -18.16
C HIS A 63 -9.67 11.54 -16.71
N LYS A 64 -10.60 11.33 -15.81
CA LYS A 64 -10.33 11.64 -14.39
C LYS A 64 -11.47 11.08 -13.52
N ASP A 65 -11.49 9.78 -13.31
CA ASP A 65 -12.56 9.18 -12.49
C ASP A 65 -12.11 7.82 -11.96
N LYS A 66 -11.21 7.80 -11.01
CA LYS A 66 -10.73 6.50 -10.47
C LYS A 66 -11.73 5.96 -9.46
N LYS A 67 -12.67 5.17 -9.89
CA LYS A 67 -13.68 4.61 -8.94
C LYS A 67 -13.09 3.41 -8.22
N GLY A 68 -11.88 3.53 -7.74
CA GLY A 68 -11.25 2.38 -7.02
C GLY A 68 -11.81 2.30 -5.59
N PRO A 69 -11.50 1.24 -4.90
CA PRO A 69 -11.99 1.03 -3.50
C PRO A 69 -11.24 1.91 -2.49
N ARG A 70 -11.73 2.01 -1.29
CA ARG A 70 -11.04 2.85 -0.26
C ARG A 70 -10.09 1.96 0.56
N THR A 71 -9.46 1.00 -0.06
CA THR A 71 -8.53 0.10 0.68
C THR A 71 -7.10 0.61 0.49
N ILE A 72 -6.27 0.48 1.51
CA ILE A 72 -4.86 0.97 1.38
C ILE A 72 -4.20 0.31 0.15
N ALA A 73 -4.90 -0.58 -0.52
CA ALA A 73 -4.29 -1.25 -1.72
C ALA A 73 -4.46 -0.38 -2.98
N GLU A 74 -5.34 0.59 -2.97
CA GLU A 74 -5.52 1.44 -4.18
C GLU A 74 -4.46 2.54 -4.20
N MET A 75 -4.37 3.32 -3.15
CA MET A 75 -3.36 4.41 -3.12
C MET A 75 -1.96 3.80 -3.27
N ARG A 76 -1.64 2.80 -2.49
CA ARG A 76 -0.29 2.18 -2.60
C ARG A 76 -0.07 1.66 -4.03
N LYS A 77 -1.07 1.06 -4.62
CA LYS A 77 -0.90 0.55 -6.02
C LYS A 77 -0.34 1.66 -6.91
N GLU A 78 -0.58 2.89 -6.55
CA GLU A 78 -0.07 4.02 -7.39
C GLU A 78 1.40 4.29 -7.03
N GLU A 79 1.72 4.32 -5.77
CA GLU A 79 3.13 4.57 -5.36
C GLU A 79 3.93 3.27 -5.41
N MET A 80 3.27 2.15 -5.43
CA MET A 80 4.00 0.86 -5.48
C MET A 80 4.52 0.61 -6.90
N ALA A 81 3.77 0.99 -7.90
CA ALA A 81 4.23 0.78 -9.30
C ALA A 81 5.29 1.81 -9.66
N LYS A 82 5.52 2.76 -8.79
CA LYS A 82 6.53 3.83 -9.08
C LYS A 82 7.90 3.40 -8.52
N GLU A 83 7.96 2.32 -7.77
CA GLU A 83 9.29 1.90 -7.22
C GLU A 83 9.19 0.51 -6.59
N MET A 84 8.96 -0.50 -7.39
CA MET A 84 8.87 -1.90 -6.85
C MET A 84 9.58 -2.86 -7.81
N ASP A 85 10.85 -3.05 -7.61
CA ASP A 85 11.61 -3.99 -8.49
C ASP A 85 10.80 -5.30 -8.65
N PRO A 86 10.94 -5.98 -9.76
CA PRO A 86 10.18 -7.25 -10.01
C PRO A 86 10.48 -8.35 -8.97
N GLU A 87 11.11 -8.00 -7.88
CA GLU A 87 11.42 -9.00 -6.83
C GLU A 87 10.30 -8.97 -5.79
N LYS A 88 9.81 -7.80 -5.49
CA LYS A 88 8.72 -7.68 -4.49
C LYS A 88 7.42 -8.10 -5.14
N LEU A 89 7.31 -7.93 -6.43
CA LEU A 89 6.07 -8.32 -7.14
C LEU A 89 5.78 -9.80 -6.83
N LYS A 90 6.78 -10.54 -6.48
CA LYS A 90 6.57 -11.98 -6.16
C LYS A 90 5.81 -12.12 -4.84
N ILE A 91 6.04 -11.23 -3.91
CA ILE A 91 5.34 -11.30 -2.60
C ILE A 91 3.85 -11.01 -2.81
N LEU A 92 3.52 -10.01 -3.54
CA LEU A 92 2.08 -9.68 -3.77
C LEU A 92 1.31 -10.94 -4.19
N GLU A 93 1.93 -11.79 -4.94
CA GLU A 93 1.24 -13.04 -5.39
C GLU A 93 1.20 -14.06 -4.25
N TRP A 94 2.16 -13.98 -3.38
CA TRP A 94 2.23 -14.94 -2.24
C TRP A 94 1.16 -14.63 -1.20
N ILE A 95 0.91 -13.38 -0.95
CA ILE A 95 -0.11 -13.00 0.07
C ILE A 95 -1.53 -13.24 -0.49
N GLU A 96 -1.75 -12.88 -1.72
CA GLU A 96 -3.13 -13.06 -2.30
C GLU A 96 -3.47 -14.54 -2.43
N GLY A 97 -2.52 -15.38 -2.19
CA GLY A 97 -2.75 -16.84 -2.30
C GLY A 97 -3.53 -17.33 -1.07
N LYS A 98 -3.16 -16.88 0.10
CA LYS A 98 -3.88 -17.33 1.32
C LYS A 98 -3.42 -16.51 2.52
N GLU A 99 -3.92 -15.32 2.68
CA GLU A 99 -3.50 -14.47 3.84
C GLU A 99 -4.24 -14.91 5.10
N ARG A 100 -4.71 -16.13 5.11
CA ARG A 100 -5.44 -16.65 6.31
C ARG A 100 -4.98 -18.09 6.57
N ASN A 101 -3.76 -18.39 6.23
CA ASN A 101 -3.20 -19.75 6.44
C ASN A 101 -1.81 -19.62 7.04
N ILE A 102 -1.74 -19.05 8.21
CA ILE A 102 -0.42 -18.85 8.85
C ILE A 102 0.42 -20.14 8.76
N ARG A 103 -0.18 -21.30 8.92
CA ARG A 103 0.62 -22.54 8.83
C ARG A 103 1.31 -22.62 7.47
N ALA A 104 0.63 -22.21 6.42
CA ALA A 104 1.26 -22.26 5.07
C ALA A 104 2.15 -21.04 4.83
N LEU A 105 1.73 -19.87 5.25
CA LEU A 105 2.57 -18.65 5.00
C LEU A 105 3.99 -18.87 5.54
N LEU A 106 4.14 -19.36 6.74
CA LEU A 106 5.50 -19.57 7.30
C LEU A 106 6.13 -20.81 6.65
N SER A 107 5.33 -21.70 6.11
CA SER A 107 5.89 -22.93 5.46
C SER A 107 6.00 -22.70 3.95
N THR A 108 5.70 -21.50 3.49
CA THR A 108 5.77 -21.20 2.03
C THR A 108 6.51 -19.87 1.83
N MET A 109 7.06 -19.31 2.87
CA MET A 109 7.78 -18.02 2.74
C MET A 109 9.12 -18.23 2.04
N HIS A 110 9.68 -19.41 2.11
CA HIS A 110 11.00 -19.65 1.45
C HIS A 110 10.91 -19.37 -0.05
N THR A 111 9.75 -19.50 -0.63
CA THR A 111 9.61 -19.26 -2.09
C THR A 111 9.62 -17.74 -2.38
N VAL A 112 9.84 -16.92 -1.39
CA VAL A 112 9.84 -15.43 -1.66
C VAL A 112 10.85 -14.72 -0.76
N LEU A 113 11.89 -15.38 -0.32
CA LEU A 113 12.90 -14.69 0.53
C LEU A 113 13.92 -14.02 -0.37
N TRP A 114 14.85 -13.33 0.22
CA TRP A 114 15.91 -12.65 -0.60
C TRP A 114 17.07 -13.62 -0.85
N ALA A 115 17.55 -13.67 -2.07
CA ALA A 115 18.67 -14.59 -2.39
C ALA A 115 19.83 -14.33 -1.43
N GLY A 116 20.14 -15.27 -0.59
CA GLY A 116 21.27 -15.08 0.38
C GLY A 116 20.98 -15.89 1.65
N GLU A 117 19.78 -15.80 2.15
CA GLU A 117 19.44 -16.56 3.38
C GLU A 117 19.61 -18.06 3.11
N THR A 118 20.56 -18.66 3.76
CA THR A 118 20.81 -20.13 3.56
C THR A 118 20.62 -20.87 4.88
N LYS A 119 20.08 -20.21 5.87
CA LYS A 119 19.87 -20.88 7.20
C LYS A 119 18.42 -21.35 7.30
N TRP A 120 17.52 -20.73 6.59
CA TRP A 120 16.10 -21.15 6.67
C TRP A 120 15.95 -22.61 6.23
N LYS A 121 15.30 -23.40 7.05
CA LYS A 121 15.06 -24.83 6.71
C LYS A 121 13.57 -25.00 6.39
N PRO A 122 13.18 -24.97 5.13
CA PRO A 122 11.75 -25.09 4.74
C PRO A 122 10.99 -26.09 5.60
N VAL A 123 9.80 -25.73 6.01
CA VAL A 123 9.00 -26.63 6.88
C VAL A 123 8.17 -27.58 6.00
N GLY A 124 8.31 -28.85 6.20
CA GLY A 124 7.52 -29.81 5.40
C GLY A 124 6.03 -29.63 5.74
N MET A 125 5.21 -29.32 4.76
CA MET A 125 3.76 -29.11 5.04
C MET A 125 3.24 -30.18 6.03
N ALA A 126 3.90 -31.31 6.12
CA ALA A 126 3.44 -32.37 7.05
C ALA A 126 3.95 -32.10 8.46
N ASP A 127 4.88 -31.19 8.60
CA ASP A 127 5.44 -30.88 9.95
C ASP A 127 4.70 -29.69 10.60
N LEU A 128 3.47 -29.45 10.21
CA LEU A 128 2.70 -28.32 10.81
C LEU A 128 1.26 -28.75 11.12
N VAL A 129 1.06 -30.01 11.41
CA VAL A 129 -0.33 -30.49 11.72
C VAL A 129 -0.65 -30.24 13.20
N THR A 130 0.22 -29.54 13.91
CA THR A 130 -0.04 -29.24 15.35
C THR A 130 0.27 -27.76 15.61
N PRO A 131 -0.39 -27.14 16.56
CA PRO A 131 -0.14 -25.71 16.89
C PRO A 131 1.26 -25.52 17.48
N GLU A 132 1.73 -26.48 18.24
CA GLU A 132 3.09 -26.37 18.82
C GLU A 132 4.10 -26.37 17.68
N GLN A 133 3.81 -27.09 16.63
CA GLN A 133 4.73 -27.13 15.46
C GLN A 133 4.71 -25.76 14.78
N VAL A 134 3.57 -25.12 14.78
CA VAL A 134 3.46 -23.78 14.13
C VAL A 134 4.04 -22.71 15.06
N LYS A 135 3.51 -22.60 16.24
CA LYS A 135 4.00 -21.57 17.20
C LYS A 135 5.52 -21.69 17.36
N LYS A 136 6.01 -22.88 17.57
CA LYS A 136 7.48 -23.05 17.75
C LYS A 136 8.24 -22.44 16.56
N VAL A 137 7.76 -22.63 15.37
CA VAL A 137 8.48 -22.05 14.19
C VAL A 137 8.14 -20.57 14.03
N TYR A 138 6.94 -20.16 14.36
CA TYR A 138 6.60 -18.72 14.22
C TYR A 138 7.70 -17.88 14.88
N ARG A 139 8.33 -18.43 15.89
CA ARG A 139 9.41 -17.69 16.59
C ARG A 139 10.63 -17.57 15.66
N LYS A 140 11.17 -18.67 15.23
CA LYS A 140 12.36 -18.61 14.34
C LYS A 140 12.00 -17.88 13.03
N ALA A 141 10.86 -18.17 12.47
CA ALA A 141 10.46 -17.48 11.20
C ALA A 141 10.58 -15.96 11.41
N VAL A 142 10.26 -15.50 12.58
CA VAL A 142 10.37 -14.04 12.86
C VAL A 142 11.84 -13.65 12.96
N LEU A 143 12.67 -14.55 13.39
CA LEU A 143 14.14 -14.24 13.49
C LEU A 143 14.71 -14.07 12.09
N VAL A 144 14.15 -14.73 11.12
CA VAL A 144 14.66 -14.61 9.72
C VAL A 144 14.51 -13.17 9.23
N VAL A 145 13.50 -12.47 9.69
CA VAL A 145 13.28 -11.06 9.24
C VAL A 145 13.46 -10.08 10.38
N HIS A 146 14.24 -10.43 11.38
CA HIS A 146 14.45 -9.46 12.50
C HIS A 146 15.16 -8.22 11.93
N PRO A 147 14.65 -7.03 12.15
CA PRO A 147 15.28 -5.79 11.61
C PRO A 147 16.80 -5.84 11.60
N ASP A 148 17.39 -6.26 12.68
CA ASP A 148 18.87 -6.32 12.73
C ASP A 148 19.46 -6.89 11.43
N LYS A 149 18.90 -7.93 10.88
CA LYS A 149 19.46 -8.51 9.61
C LYS A 149 18.85 -7.83 8.40
N ALA A 150 17.93 -6.92 8.60
CA ALA A 150 17.27 -6.20 7.47
C ALA A 150 17.44 -4.70 7.67
N THR A 151 18.54 -4.29 8.25
CA THR A 151 18.75 -2.83 8.49
C THR A 151 19.49 -2.22 7.29
N GLY A 152 18.84 -1.36 6.57
CA GLY A 152 19.51 -0.71 5.41
C GLY A 152 20.02 -1.77 4.43
N GLN A 153 19.66 -3.01 4.63
CA GLN A 153 20.13 -4.08 3.70
C GLN A 153 19.27 -4.04 2.43
N PRO A 154 19.85 -4.23 1.26
CA PRO A 154 19.09 -4.23 -0.02
C PRO A 154 17.69 -4.86 0.11
N TYR A 155 17.55 -5.85 0.95
CA TYR A 155 16.21 -6.51 1.11
C TYR A 155 15.52 -5.96 2.37
N GLU A 156 15.86 -4.77 2.76
CA GLU A 156 15.24 -4.16 3.97
C GLU A 156 13.72 -4.11 3.81
N GLN A 157 13.24 -3.79 2.64
CA GLN A 157 11.76 -3.72 2.43
C GLN A 157 11.13 -5.11 2.59
N TYR A 158 11.77 -6.12 2.08
CA TYR A 158 11.20 -7.49 2.20
C TYR A 158 10.79 -7.75 3.66
N ALA A 159 11.66 -7.45 4.59
CA ALA A 159 11.34 -7.72 6.01
C ALA A 159 9.98 -7.10 6.38
N LYS A 160 9.81 -5.83 6.19
CA LYS A 160 8.52 -5.18 6.56
C LYS A 160 7.34 -5.85 5.86
N MET A 161 7.53 -6.37 4.68
CA MET A 161 6.39 -7.02 3.98
C MET A 161 6.06 -8.37 4.63
N ILE A 162 7.02 -9.23 4.77
CA ILE A 162 6.75 -10.58 5.37
C ILE A 162 6.69 -10.48 6.91
N PHE A 163 7.35 -9.53 7.50
CA PHE A 163 7.30 -9.43 9.00
C PHE A 163 5.86 -9.23 9.49
N MET A 164 5.11 -8.40 8.81
CA MET A 164 3.71 -8.16 9.26
C MET A 164 2.79 -9.30 8.80
N GLU A 165 2.92 -9.72 7.58
CA GLU A 165 2.05 -10.82 7.08
C GLU A 165 2.17 -12.04 8.01
N LEU A 166 3.35 -12.28 8.52
CA LEU A 166 3.53 -13.44 9.44
C LEU A 166 2.75 -13.16 10.74
N ASN A 167 2.84 -11.96 11.24
CA ASN A 167 2.14 -11.61 12.51
C ASN A 167 0.69 -11.20 12.23
N ASP A 168 0.32 -10.99 10.99
CA ASP A 168 -1.08 -10.58 10.69
C ASP A 168 -1.99 -11.81 10.74
N ALA A 169 -1.70 -12.80 9.95
CA ALA A 169 -2.55 -14.02 9.96
C ALA A 169 -2.47 -14.66 11.35
N TRP A 170 -1.37 -14.48 12.03
CA TRP A 170 -1.23 -15.07 13.38
C TRP A 170 -2.39 -14.59 14.26
N SER A 171 -2.80 -13.36 14.10
CA SER A 171 -3.94 -12.86 14.91
C SER A 171 -5.18 -13.69 14.58
N GLU A 172 -5.35 -14.04 13.33
CA GLU A 172 -6.52 -14.84 12.92
C GLU A 172 -6.26 -16.31 13.25
N PHE A 173 -5.02 -16.72 13.28
CA PHE A 173 -4.70 -18.14 13.60
C PHE A 173 -5.33 -18.49 14.95
N GLU A 174 -5.43 -17.53 15.83
CA GLU A 174 -6.04 -17.81 17.16
C GLU A 174 -7.52 -18.17 16.98
N ASN A 175 -8.20 -17.47 16.11
CA ASN A 175 -9.65 -17.76 15.86
C ASN A 175 -9.77 -18.85 14.79
N GLN A 176 -8.96 -18.76 13.75
CA GLN A 176 -9.04 -19.75 12.65
C GLN A 176 -8.20 -21.01 12.96
N GLY A 177 -7.22 -20.91 13.82
CA GLY A 177 -6.35 -22.10 14.12
C GLY A 177 -6.94 -22.93 15.27
N GLN A 178 -7.46 -22.28 16.28
CA GLN A 178 -8.03 -23.03 17.43
C GLN A 178 -9.25 -23.82 16.99
N LYS A 179 -9.14 -24.53 15.90
CA LYS A 179 -10.29 -25.35 15.40
C LYS A 179 -9.75 -26.53 14.58
N PRO A 180 -10.47 -27.62 14.50
CA PRO A 180 -10.02 -28.81 13.72
C PRO A 180 -9.37 -28.41 12.37
N LEU A 181 -8.04 -28.41 12.25
CA LEU A 181 -7.39 -28.02 10.96
C LEU A 181 -6.70 -29.24 10.33
N TYR A 182 -7.46 -30.21 9.84
CA TYR A 182 -6.83 -31.40 9.21
C TYR A 182 -7.92 -32.27 8.58
N GLY A 1 1.53 98.13 -65.25
CA GLY A 1 2.41 97.93 -64.06
C GLY A 1 1.76 98.57 -62.84
N PRO A 2 1.67 99.87 -62.83
CA PRO A 2 1.05 100.63 -61.69
C PRO A 2 -0.48 100.53 -61.69
N LEU A 3 -1.01 99.42 -62.13
CA LEU A 3 -2.49 99.26 -62.15
C LEU A 3 -2.83 97.76 -62.26
N GLY A 4 -4.05 97.41 -61.92
CA GLY A 4 -4.44 95.98 -62.00
C GLY A 4 -5.95 95.85 -61.78
N SER A 5 -6.64 95.25 -62.71
CA SER A 5 -8.12 95.10 -62.56
C SER A 5 -8.62 94.00 -63.51
N PRO A 6 -8.14 92.81 -63.33
CA PRO A 6 -8.54 91.64 -64.18
C PRO A 6 -9.93 91.12 -63.80
N GLU A 7 -10.81 90.99 -64.77
CA GLU A 7 -12.17 90.49 -64.47
C GLU A 7 -12.13 88.98 -64.23
N PHE A 8 -13.22 88.30 -64.45
CA PHE A 8 -13.22 86.82 -64.23
C PHE A 8 -12.43 86.13 -65.33
N SER A 9 -11.65 86.88 -66.07
CA SER A 9 -10.85 86.27 -67.16
C SER A 9 -9.62 85.56 -66.58
N MET A 10 -9.78 84.34 -66.15
CA MET A 10 -8.63 83.59 -65.56
C MET A 10 -8.84 82.09 -65.76
N PRO A 11 -8.73 81.64 -66.98
CA PRO A 11 -8.90 80.20 -67.33
C PRO A 11 -8.16 79.26 -66.36
N HIS A 12 -8.83 78.27 -65.83
CA HIS A 12 -8.15 77.34 -64.89
C HIS A 12 -7.15 76.47 -65.65
N SER A 13 -6.38 77.07 -66.53
CA SER A 13 -5.39 76.27 -67.31
C SER A 13 -4.32 75.74 -66.37
N SER A 14 -3.72 76.60 -65.58
CA SER A 14 -2.67 76.13 -64.64
C SER A 14 -2.31 77.27 -63.66
N PRO A 15 -3.23 77.59 -62.78
CA PRO A 15 -3.03 78.67 -61.77
C PRO A 15 -1.66 78.58 -61.09
N GLN A 16 -1.18 79.67 -60.55
CA GLN A 16 0.15 79.65 -59.88
C GLN A 16 0.02 78.96 -58.52
N ASN A 17 1.06 78.33 -58.06
CA ASN A 17 1.00 77.64 -56.74
C ASN A 17 2.40 77.20 -56.33
N ARG A 18 3.01 77.91 -55.40
CA ARG A 18 4.37 77.52 -54.96
C ARG A 18 4.35 76.07 -54.46
N PRO A 19 5.45 75.35 -54.58
CA PRO A 19 5.53 73.93 -54.12
C PRO A 19 4.74 73.69 -52.83
N ASN A 20 3.48 73.37 -52.94
CA ASN A 20 2.66 73.12 -51.72
C ASN A 20 2.95 71.71 -51.19
N TYR A 21 3.47 70.85 -52.03
CA TYR A 21 3.77 69.47 -51.57
C TYR A 21 4.76 68.82 -52.53
N ASN A 22 4.89 67.52 -52.48
CA ASN A 22 5.85 66.83 -53.40
C ASN A 22 5.49 65.35 -53.49
N VAL A 23 5.25 64.86 -54.68
CA VAL A 23 4.89 63.42 -54.84
C VAL A 23 5.90 62.56 -54.09
N SER A 24 5.54 61.35 -53.77
CA SER A 24 6.49 60.45 -53.04
C SER A 24 6.04 59.01 -53.20
N PHE A 25 6.63 58.29 -54.12
CA PHE A 25 6.25 56.87 -54.33
C PHE A 25 6.55 56.07 -53.06
N SER A 26 7.05 54.86 -53.21
CA SER A 26 7.36 54.04 -52.01
C SER A 26 8.34 52.92 -52.41
N SER A 27 8.72 52.10 -51.47
CA SER A 27 9.66 50.99 -51.79
C SER A 27 9.67 49.97 -50.65
N MET A 28 8.85 50.18 -49.66
CA MET A 28 8.80 49.23 -48.51
C MET A 28 7.57 49.53 -47.64
N PRO A 29 6.41 49.43 -48.22
CA PRO A 29 5.13 49.69 -47.49
C PRO A 29 4.76 48.53 -46.56
N GLY A 30 5.19 47.34 -46.87
CA GLY A 30 4.85 46.18 -46.00
C GLY A 30 3.35 45.89 -46.08
N GLY A 31 2.64 46.05 -44.99
CA GLY A 31 1.18 45.79 -45.01
C GLY A 31 0.52 46.45 -43.80
N GLN A 32 1.30 46.78 -42.81
CA GLN A 32 0.73 47.43 -41.59
C GLN A 32 1.85 48.11 -40.80
N ASN A 33 1.54 49.20 -40.15
CA ASN A 33 2.59 49.90 -39.35
C ASN A 33 2.85 49.14 -38.05
N GLU A 34 3.89 48.36 -38.01
CA GLU A 34 4.20 47.59 -36.78
C GLU A 34 5.61 46.99 -36.89
N ARG A 35 6.60 47.82 -36.99
CA ARG A 35 8.00 47.31 -37.10
C ARG A 35 8.97 48.35 -36.56
N GLY A 36 9.49 48.14 -35.37
CA GLY A 36 10.43 49.13 -34.79
C GLY A 36 10.74 48.75 -33.34
N LYS A 37 11.87 49.16 -32.84
CA LYS A 37 12.23 48.82 -31.43
C LYS A 37 11.46 49.74 -30.48
N ALA A 38 10.40 49.26 -29.89
CA ALA A 38 9.62 50.11 -28.96
C ALA A 38 10.45 50.37 -27.69
N ALA A 39 10.12 51.41 -26.96
CA ALA A 39 10.89 51.71 -25.72
C ALA A 39 10.08 52.66 -24.84
N ALA A 40 9.49 52.15 -23.79
CA ALA A 40 8.69 53.03 -22.89
C ALA A 40 9.61 54.00 -22.16
N ASN A 41 9.42 54.17 -20.88
CA ASN A 41 10.29 55.11 -20.11
C ASN A 41 10.19 54.79 -18.63
N LEU A 42 11.28 54.88 -17.92
CA LEU A 42 11.25 54.58 -16.46
C LEU A 42 10.24 55.51 -15.77
N GLU A 43 9.03 55.06 -15.59
CA GLU A 43 8.01 55.92 -14.93
C GLU A 43 6.78 55.08 -14.60
N GLY A 44 6.55 54.02 -15.33
CA GLY A 44 5.36 53.16 -15.06
C GLY A 44 5.45 51.88 -15.89
N LYS A 45 5.36 50.75 -15.25
CA LYS A 45 5.44 49.47 -16.01
C LYS A 45 4.87 48.33 -15.15
N GLN A 46 3.87 47.66 -15.64
CA GLN A 46 3.27 46.54 -14.86
C GLN A 46 2.48 45.62 -15.80
N LYS A 47 3.03 45.33 -16.95
CA LYS A 47 2.30 44.45 -17.91
C LYS A 47 3.29 43.89 -18.94
N ALA A 48 3.25 42.60 -19.18
CA ALA A 48 4.19 42.00 -20.17
C ALA A 48 3.74 40.59 -20.51
N ALA A 49 2.52 40.24 -20.14
CA ALA A 49 2.02 38.87 -20.47
C ALA A 49 2.30 38.57 -21.93
N ASP A 50 3.40 37.90 -22.21
CA ASP A 50 3.74 37.57 -23.62
C ASP A 50 2.50 37.05 -24.34
N PHE A 51 1.95 37.81 -25.23
CA PHE A 51 0.73 37.37 -25.97
C PHE A 51 1.06 36.10 -26.78
N GLU A 52 1.32 35.01 -26.13
CA GLU A 52 1.65 33.76 -26.86
C GLU A 52 1.43 32.55 -25.95
N ASP A 53 1.40 32.76 -24.66
CA ASP A 53 1.19 31.63 -23.73
C ASP A 53 -0.11 30.91 -24.07
N LEU A 54 -1.02 31.60 -24.71
CA LEU A 54 -2.32 30.96 -25.07
C LEU A 54 -2.06 29.78 -26.01
N LEU A 55 -1.17 29.95 -26.95
CA LEU A 55 -0.87 28.84 -27.89
C LEU A 55 -0.13 27.72 -27.14
N SER A 56 -0.55 27.41 -25.95
CA SER A 56 0.12 26.33 -25.17
C SER A 56 -0.71 26.00 -23.94
N GLY A 57 -1.90 25.52 -24.12
CA GLY A 57 -2.77 25.17 -22.95
C GLY A 57 -4.23 25.12 -23.40
N GLN A 58 -4.60 24.08 -24.10
CA GLN A 58 -6.02 23.95 -24.55
C GLN A 58 -6.96 24.18 -23.36
N GLY A 59 -6.43 24.20 -22.17
CA GLY A 59 -7.30 24.41 -20.98
C GLY A 59 -6.43 24.87 -19.80
N PHE A 60 -6.35 26.16 -19.58
CA PHE A 60 -5.52 26.66 -18.45
C PHE A 60 -6.31 26.52 -17.15
N ASN A 61 -6.97 25.41 -16.96
CA ASN A 61 -7.75 25.21 -15.71
C ASN A 61 -8.00 23.72 -15.50
N ALA A 62 -8.79 23.37 -14.52
CA ALA A 62 -9.06 21.92 -14.27
C ALA A 62 -10.21 21.80 -13.25
N HIS A 63 -11.06 20.83 -13.43
CA HIS A 63 -12.19 20.66 -12.48
C HIS A 63 -11.65 20.43 -11.06
N LYS A 64 -11.96 21.31 -10.16
CA LYS A 64 -11.45 21.14 -8.76
C LYS A 64 -12.31 20.11 -8.03
N ASP A 65 -11.70 19.26 -7.25
CA ASP A 65 -12.48 18.23 -6.51
C ASP A 65 -11.65 17.71 -5.33
N LYS A 66 -11.36 18.57 -4.38
CA LYS A 66 -10.56 18.12 -3.21
C LYS A 66 -11.42 17.26 -2.29
N LYS A 67 -11.41 15.96 -2.49
CA LYS A 67 -12.23 15.06 -1.63
C LYS A 67 -11.66 13.65 -1.69
N GLY A 68 -10.51 13.43 -1.09
CA GLY A 68 -9.91 12.06 -1.11
C GLY A 68 -10.48 11.23 0.03
N PRO A 69 -10.09 9.99 0.13
CA PRO A 69 -10.56 9.07 1.21
C PRO A 69 -9.96 9.43 2.57
N ARG A 70 -10.44 8.81 3.61
CA ARG A 70 -9.91 9.11 4.98
C ARG A 70 -9.79 7.80 5.78
N THR A 71 -9.03 6.86 5.30
CA THR A 71 -8.87 5.55 6.01
C THR A 71 -7.39 5.18 6.07
N ILE A 72 -6.92 4.70 7.18
CA ILE A 72 -5.48 4.32 7.29
C ILE A 72 -5.13 3.31 6.18
N ALA A 73 -6.10 2.90 5.40
CA ALA A 73 -5.80 1.92 4.30
C ALA A 73 -5.18 2.62 3.08
N GLU A 74 -5.35 3.92 2.96
CA GLU A 74 -4.75 4.63 1.79
C GLU A 74 -3.26 4.84 2.02
N MET A 75 -2.87 5.24 3.19
CA MET A 75 -1.43 5.46 3.47
C MET A 75 -0.64 4.20 3.10
N ARG A 76 -0.99 3.08 3.67
CA ARG A 76 -0.26 1.82 3.32
C ARG A 76 -0.38 1.55 1.82
N LYS A 77 -1.52 1.80 1.24
CA LYS A 77 -1.69 1.54 -0.22
C LYS A 77 -0.61 2.29 -1.00
N GLU A 78 -0.14 3.39 -0.48
CA GLU A 78 0.91 4.17 -1.19
C GLU A 78 2.28 3.54 -0.93
N GLU A 79 2.62 3.34 0.31
CA GLU A 79 3.95 2.74 0.63
C GLU A 79 4.18 1.51 -0.24
N MET A 80 3.43 0.47 -0.04
CA MET A 80 3.62 -0.77 -0.85
C MET A 80 3.63 -0.39 -2.34
N ALA A 81 2.86 0.60 -2.72
CA ALA A 81 2.82 1.02 -4.15
C ALA A 81 3.93 2.04 -4.43
N LYS A 82 4.67 2.41 -3.42
CA LYS A 82 5.76 3.41 -3.62
C LYS A 82 7.03 2.68 -4.11
N GLU A 83 6.94 1.39 -4.26
CA GLU A 83 8.14 0.62 -4.73
C GLU A 83 7.68 -0.69 -5.38
N MET A 84 6.95 -0.62 -6.46
CA MET A 84 6.48 -1.87 -7.12
C MET A 84 7.66 -2.56 -7.81
N ASP A 85 8.79 -2.55 -7.17
CA ASP A 85 9.99 -3.22 -7.77
C ASP A 85 9.58 -4.61 -8.26
N PRO A 86 10.07 -5.08 -9.39
CA PRO A 86 9.69 -6.42 -9.92
C PRO A 86 10.13 -7.56 -8.98
N GLU A 87 10.75 -7.21 -7.88
CA GLU A 87 11.19 -8.25 -6.92
C GLU A 87 10.09 -8.41 -5.85
N LYS A 88 9.47 -7.33 -5.50
CA LYS A 88 8.37 -7.37 -4.50
C LYS A 88 7.12 -7.93 -5.18
N LEU A 89 7.03 -7.75 -6.46
CA LEU A 89 5.84 -8.26 -7.20
C LEU A 89 5.62 -9.74 -6.84
N LYS A 90 6.68 -10.46 -6.66
CA LYS A 90 6.56 -11.91 -6.31
C LYS A 90 5.82 -12.05 -4.98
N ILE A 91 6.12 -11.21 -4.03
CA ILE A 91 5.44 -11.30 -2.70
C ILE A 91 3.94 -11.03 -2.87
N LEU A 92 3.58 -9.97 -3.56
CA LEU A 92 2.14 -9.65 -3.74
C LEU A 92 1.37 -10.89 -4.22
N GLU A 93 2.01 -11.77 -4.95
CA GLU A 93 1.32 -12.99 -5.45
C GLU A 93 1.29 -14.05 -4.35
N TRP A 94 2.25 -14.02 -3.48
CA TRP A 94 2.34 -15.02 -2.39
C TRP A 94 1.27 -14.73 -1.33
N ILE A 95 1.03 -13.49 -1.04
CA ILE A 95 0.02 -13.16 0.01
C ILE A 95 -1.40 -13.37 -0.55
N GLU A 96 -1.65 -12.99 -1.77
CA GLU A 96 -3.02 -13.15 -2.33
C GLU A 96 -3.36 -14.63 -2.51
N GLY A 97 -2.40 -15.48 -2.31
CA GLY A 97 -2.65 -16.93 -2.46
C GLY A 97 -3.41 -17.45 -1.24
N LYS A 98 -3.05 -17.01 -0.07
CA LYS A 98 -3.76 -17.50 1.15
C LYS A 98 -3.33 -16.66 2.35
N GLU A 99 -3.71 -15.41 2.39
CA GLU A 99 -3.32 -14.53 3.53
C GLU A 99 -4.11 -14.91 4.78
N ARG A 100 -4.56 -16.14 4.86
CA ARG A 100 -5.33 -16.59 6.06
C ARG A 100 -4.94 -18.01 6.44
N ASN A 101 -3.72 -18.38 6.14
CA ASN A 101 -3.23 -19.75 6.45
C ASN A 101 -1.82 -19.64 7.01
N ILE A 102 -1.69 -18.93 8.09
CA ILE A 102 -0.35 -18.70 8.71
C ILE A 102 0.49 -19.99 8.70
N ARG A 103 -0.10 -21.12 8.93
CA ARG A 103 0.71 -22.37 8.93
C ARG A 103 1.43 -22.51 7.59
N ALA A 104 0.74 -22.20 6.53
CA ALA A 104 1.36 -22.30 5.17
C ALA A 104 2.23 -21.08 4.86
N LEU A 105 1.81 -19.88 5.22
CA LEU A 105 2.65 -18.69 4.91
C LEU A 105 4.08 -18.90 5.43
N LEU A 106 4.22 -19.35 6.64
CA LEU A 106 5.58 -19.57 7.19
C LEU A 106 6.22 -20.82 6.56
N SER A 107 5.41 -21.70 6.03
CA SER A 107 5.95 -22.93 5.39
C SER A 107 6.09 -22.72 3.89
N THR A 108 5.77 -21.54 3.42
CA THR A 108 5.87 -21.24 1.95
C THR A 108 6.58 -19.90 1.76
N MET A 109 7.10 -19.34 2.82
CA MET A 109 7.80 -18.04 2.72
C MET A 109 9.17 -18.20 2.04
N HIS A 110 9.73 -19.38 2.07
CA HIS A 110 11.07 -19.59 1.45
C HIS A 110 11.02 -19.28 -0.06
N THR A 111 9.87 -19.41 -0.66
CA THR A 111 9.78 -19.13 -2.13
C THR A 111 9.75 -17.61 -2.38
N VAL A 112 9.92 -16.79 -1.37
CA VAL A 112 9.88 -15.31 -1.59
C VAL A 112 10.88 -14.59 -0.67
N LEU A 113 11.96 -15.21 -0.30
CA LEU A 113 12.94 -14.51 0.57
C LEU A 113 13.94 -13.81 -0.32
N TRP A 114 14.87 -13.11 0.28
CA TRP A 114 15.91 -12.41 -0.55
C TRP A 114 17.05 -13.37 -0.85
N ALA A 115 17.67 -13.20 -1.98
CA ALA A 115 18.80 -14.09 -2.37
C ALA A 115 19.96 -13.90 -1.37
N GLY A 116 20.25 -14.90 -0.59
CA GLY A 116 21.36 -14.79 0.40
C GLY A 116 21.03 -15.65 1.63
N GLU A 117 19.82 -15.55 2.12
CA GLU A 117 19.44 -16.36 3.30
C GLU A 117 19.70 -17.84 3.02
N THR A 118 20.61 -18.43 3.73
CA THR A 118 20.94 -19.89 3.53
C THR A 118 20.78 -20.64 4.85
N LYS A 119 20.12 -20.04 5.81
CA LYS A 119 19.93 -20.70 7.13
C LYS A 119 18.48 -21.21 7.25
N TRP A 120 17.57 -20.60 6.54
CA TRP A 120 16.16 -21.05 6.62
C TRP A 120 16.03 -22.50 6.18
N LYS A 121 15.40 -23.31 6.99
CA LYS A 121 15.18 -24.74 6.65
C LYS A 121 13.68 -24.93 6.36
N PRO A 122 13.28 -24.94 5.10
CA PRO A 122 11.84 -25.08 4.74
C PRO A 122 11.09 -26.02 5.67
N VAL A 123 9.85 -25.69 5.95
CA VAL A 123 9.03 -26.53 6.88
C VAL A 123 8.20 -27.53 6.08
N GLY A 124 8.32 -28.79 6.41
CA GLY A 124 7.53 -29.81 5.69
C GLY A 124 6.05 -29.61 6.04
N MET A 125 5.20 -29.38 5.07
CA MET A 125 3.75 -29.15 5.37
C MET A 125 3.26 -30.17 6.41
N ALA A 126 3.91 -31.30 6.54
CA ALA A 126 3.47 -32.31 7.53
C ALA A 126 3.96 -31.90 8.93
N ASP A 127 4.86 -30.95 8.99
CA ASP A 127 5.41 -30.51 10.31
C ASP A 127 4.56 -29.36 10.89
N LEU A 128 3.30 -29.34 10.60
CA LEU A 128 2.44 -28.24 11.15
C LEU A 128 1.00 -28.75 11.34
N VAL A 129 0.85 -29.99 11.76
CA VAL A 129 -0.52 -30.54 11.96
C VAL A 129 -1.08 -30.10 13.32
N THR A 130 -0.29 -29.44 14.14
CA THR A 130 -0.79 -28.97 15.47
C THR A 130 -0.19 -27.60 15.77
N PRO A 131 -0.86 -26.77 16.54
CA PRO A 131 -0.33 -25.41 16.89
C PRO A 131 1.03 -25.52 17.58
N GLU A 132 1.24 -26.56 18.33
CA GLU A 132 2.55 -26.73 19.01
C GLU A 132 3.66 -26.72 17.96
N GLN A 133 3.41 -27.35 16.84
CA GLN A 133 4.44 -27.39 15.76
C GLN A 133 4.50 -26.02 15.07
N VAL A 134 3.39 -25.35 14.96
CA VAL A 134 3.38 -24.02 14.28
C VAL A 134 4.00 -22.96 15.21
N LYS A 135 3.51 -22.84 16.41
CA LYS A 135 4.07 -21.81 17.34
C LYS A 135 5.59 -21.98 17.45
N LYS A 136 6.07 -23.18 17.49
CA LYS A 136 7.53 -23.40 17.60
C LYS A 136 8.27 -22.74 16.43
N VAL A 137 7.75 -22.86 15.23
CA VAL A 137 8.45 -22.24 14.07
C VAL A 137 8.11 -20.75 13.96
N TYR A 138 6.91 -20.36 14.28
CA TYR A 138 6.57 -18.91 14.18
C TYR A 138 7.63 -18.09 14.92
N ARG A 139 8.24 -18.66 15.94
CA ARG A 139 9.26 -17.93 16.71
C ARG A 139 10.53 -17.74 15.87
N LYS A 140 10.95 -18.75 15.15
CA LYS A 140 12.19 -18.60 14.32
C LYS A 140 11.86 -17.85 13.03
N ALA A 141 10.77 -18.15 12.39
CA ALA A 141 10.42 -17.44 11.14
C ALA A 141 10.52 -15.93 11.39
N VAL A 142 10.17 -15.49 12.57
CA VAL A 142 10.26 -14.05 12.90
C VAL A 142 11.74 -13.64 12.99
N LEU A 143 12.59 -14.56 13.37
CA LEU A 143 14.04 -14.24 13.48
C LEU A 143 14.62 -14.06 12.08
N VAL A 144 14.06 -14.72 11.11
CA VAL A 144 14.59 -14.61 9.71
C VAL A 144 14.44 -13.17 9.23
N VAL A 145 13.42 -12.47 9.69
CA VAL A 145 13.20 -11.06 9.22
C VAL A 145 13.41 -10.07 10.38
N HIS A 146 14.21 -10.41 11.35
CA HIS A 146 14.44 -9.44 12.44
C HIS A 146 15.14 -8.20 11.84
N PRO A 147 14.65 -7.01 12.08
CA PRO A 147 15.24 -5.76 11.50
C PRO A 147 16.77 -5.84 11.35
N ASP A 148 17.48 -5.95 12.43
CA ASP A 148 18.97 -6.00 12.34
C ASP A 148 19.45 -6.87 11.17
N LYS A 149 18.77 -7.93 10.84
CA LYS A 149 19.23 -8.79 9.71
C LYS A 149 18.86 -8.12 8.38
N ALA A 150 17.99 -7.14 8.40
CA ALA A 150 17.58 -6.45 7.14
C ALA A 150 17.83 -4.95 7.31
N THR A 151 18.84 -4.59 8.04
CA THR A 151 19.12 -3.14 8.23
C THR A 151 20.07 -2.65 7.14
N GLY A 152 19.61 -1.76 6.31
CA GLY A 152 20.48 -1.22 5.23
C GLY A 152 20.71 -2.30 4.16
N GLN A 153 20.19 -3.48 4.36
CA GLN A 153 20.38 -4.55 3.35
C GLN A 153 19.41 -4.33 2.18
N PRO A 154 19.86 -4.34 0.95
CA PRO A 154 18.99 -4.10 -0.24
C PRO A 154 17.57 -4.67 -0.07
N TYR A 155 17.39 -5.67 0.76
CA TYR A 155 16.03 -6.26 0.97
C TYR A 155 15.43 -5.75 2.29
N GLU A 156 15.51 -4.47 2.55
CA GLU A 156 14.95 -3.93 3.82
C GLU A 156 13.42 -4.02 3.80
N GLN A 157 12.79 -3.35 2.87
CA GLN A 157 11.30 -3.37 2.80
C GLN A 157 10.79 -4.82 2.87
N TYR A 158 11.51 -5.74 2.28
CA TYR A 158 11.05 -7.16 2.33
C TYR A 158 10.70 -7.54 3.77
N ALA A 159 11.57 -7.24 4.69
CA ALA A 159 11.30 -7.60 6.11
C ALA A 159 9.93 -7.06 6.53
N LYS A 160 9.74 -5.77 6.42
CA LYS A 160 8.44 -5.17 6.84
C LYS A 160 7.27 -5.83 6.11
N MET A 161 7.47 -6.30 4.91
CA MET A 161 6.35 -6.94 4.16
C MET A 161 6.01 -8.30 4.78
N ILE A 162 6.98 -9.16 4.89
CA ILE A 162 6.72 -10.53 5.44
C ILE A 162 6.64 -10.47 6.98
N PHE A 163 7.28 -9.52 7.61
CA PHE A 163 7.23 -9.45 9.11
C PHE A 163 5.79 -9.28 9.59
N MET A 164 5.02 -8.45 8.93
CA MET A 164 3.61 -8.23 9.39
C MET A 164 2.72 -9.39 8.90
N GLU A 165 2.86 -9.78 7.68
CA GLU A 165 2.01 -10.89 7.15
C GLU A 165 2.16 -12.13 8.04
N LEU A 166 3.34 -12.35 8.57
CA LEU A 166 3.55 -13.54 9.46
C LEU A 166 2.75 -13.34 10.75
N ASN A 167 2.85 -12.18 11.34
CA ASN A 167 2.12 -11.91 12.62
C ASN A 167 0.68 -11.44 12.35
N ASP A 168 0.35 -11.15 11.13
CA ASP A 168 -1.02 -10.67 10.82
C ASP A 168 -1.99 -11.87 10.81
N ALA A 169 -1.72 -12.85 10.00
CA ALA A 169 -2.62 -14.03 9.94
C ALA A 169 -2.53 -14.79 11.27
N TRP A 170 -1.44 -14.69 11.96
CA TRP A 170 -1.30 -15.40 13.26
C TRP A 170 -2.48 -15.04 14.15
N SER A 171 -2.88 -13.79 14.17
CA SER A 171 -4.04 -13.40 15.01
C SER A 171 -5.28 -14.14 14.49
N GLU A 172 -5.31 -14.40 13.21
CA GLU A 172 -6.47 -15.11 12.62
C GLU A 172 -6.29 -16.62 12.87
N PHE A 173 -5.09 -17.12 12.71
CA PHE A 173 -4.85 -18.57 12.94
C PHE A 173 -5.30 -18.94 14.36
N GLU A 174 -5.02 -18.11 15.31
CA GLU A 174 -5.43 -18.41 16.72
C GLU A 174 -6.93 -18.17 16.90
N ASN A 175 -7.42 -17.06 16.43
CA ASN A 175 -8.88 -16.75 16.57
C ASN A 175 -9.71 -17.60 15.60
N GLN A 176 -9.25 -17.75 14.39
CA GLN A 176 -10.01 -18.54 13.39
C GLN A 176 -10.14 -19.98 13.89
N GLY A 177 -9.20 -20.43 14.70
CA GLY A 177 -9.30 -21.82 15.22
C GLY A 177 -7.97 -22.20 15.90
N GLN A 178 -7.82 -21.88 17.16
CA GLN A 178 -6.56 -22.22 17.87
C GLN A 178 -6.51 -23.74 18.08
N LYS A 179 -6.87 -24.50 17.08
CA LYS A 179 -6.84 -25.99 17.22
C LYS A 179 -6.72 -26.62 15.82
N PRO A 180 -6.15 -27.81 15.71
CA PRO A 180 -6.01 -28.49 14.39
C PRO A 180 -7.28 -28.30 13.51
N LEU A 181 -7.15 -27.77 12.30
CA LEU A 181 -8.37 -27.58 11.44
C LEU A 181 -8.95 -28.95 11.08
N TYR A 182 -9.47 -29.68 12.04
CA TYR A 182 -10.06 -31.02 11.72
C TYR A 182 -11.04 -31.42 12.83
N GLY A 1 20.49 103.84 22.79
CA GLY A 1 21.53 103.48 23.80
C GLY A 1 22.55 102.53 23.18
N PRO A 2 23.34 101.88 23.99
CA PRO A 2 24.38 100.92 23.51
C PRO A 2 23.80 99.84 22.60
N LEU A 3 24.39 98.67 22.60
CA LEU A 3 23.88 97.58 21.73
C LEU A 3 24.34 96.23 22.29
N GLY A 4 23.52 95.57 23.05
CA GLY A 4 23.92 94.26 23.63
C GLY A 4 22.83 93.76 24.57
N SER A 5 22.17 94.65 25.26
CA SER A 5 21.09 94.23 26.20
C SER A 5 19.99 93.51 25.40
N PRO A 6 19.21 92.68 26.05
CA PRO A 6 18.11 91.93 25.38
C PRO A 6 16.93 92.85 25.01
N GLU A 7 17.05 93.57 23.93
CA GLU A 7 15.94 94.47 23.52
C GLU A 7 14.67 93.66 23.27
N PHE A 8 13.81 94.13 22.40
CA PHE A 8 12.57 93.37 22.11
C PHE A 8 11.99 93.83 20.77
N SER A 9 11.84 92.93 19.83
CA SER A 9 11.30 93.32 18.51
C SER A 9 10.78 92.07 17.78
N MET A 10 10.68 90.97 18.47
CA MET A 10 10.20 89.72 17.82
C MET A 10 8.88 90.01 17.09
N PRO A 11 8.58 89.29 16.04
CA PRO A 11 7.32 89.50 15.26
C PRO A 11 6.09 89.01 16.02
N HIS A 12 6.20 88.84 17.30
CA HIS A 12 5.03 88.36 18.10
C HIS A 12 4.06 89.53 18.34
N SER A 13 3.43 90.00 17.30
CA SER A 13 2.47 91.14 17.46
C SER A 13 1.18 90.62 18.11
N SER A 14 0.07 91.17 17.74
CA SER A 14 -1.22 90.72 18.34
C SER A 14 -1.39 89.22 18.08
N PRO A 15 -2.12 88.52 18.93
CA PRO A 15 -2.34 87.06 18.78
C PRO A 15 -3.30 86.74 17.62
N GLN A 16 -2.80 86.63 16.43
CA GLN A 16 -3.68 86.33 15.26
C GLN A 16 -4.55 85.11 15.58
N ASN A 17 -4.04 83.93 15.33
CA ASN A 17 -4.83 82.69 15.62
C ASN A 17 -4.81 82.43 17.12
N ARG A 18 -5.94 82.61 17.77
CA ARG A 18 -5.99 82.36 19.24
C ARG A 18 -5.59 80.90 19.52
N PRO A 19 -4.99 80.62 20.66
CA PRO A 19 -4.57 79.23 21.01
C PRO A 19 -5.77 78.34 21.39
N ASN A 20 -5.84 77.17 20.83
CA ASN A 20 -6.98 76.26 21.15
C ASN A 20 -6.65 74.84 20.70
N TYR A 21 -5.57 74.29 21.16
CA TYR A 21 -5.19 72.92 20.75
C TYR A 21 -6.11 71.90 21.43
N ASN A 22 -6.20 70.72 20.92
CA ASN A 22 -7.09 69.68 21.53
C ASN A 22 -6.60 68.29 21.14
N VAL A 23 -5.51 67.85 21.71
CA VAL A 23 -4.98 66.49 21.37
C VAL A 23 -3.91 66.10 22.37
N SER A 24 -3.75 64.82 22.62
CA SER A 24 -2.71 64.37 23.58
C SER A 24 -2.46 62.87 23.40
N PHE A 25 -1.36 62.52 22.79
CA PHE A 25 -1.05 61.09 22.58
C PHE A 25 -1.19 60.33 23.91
N SER A 26 -2.31 59.71 24.14
CA SER A 26 -2.49 58.97 25.41
C SER A 26 -3.76 58.12 25.33
N SER A 27 -3.96 57.44 24.23
CA SER A 27 -5.18 56.59 24.09
C SER A 27 -5.04 55.34 24.98
N MET A 28 -5.71 55.32 26.09
CA MET A 28 -5.61 54.14 26.99
C MET A 28 -6.44 52.96 26.43
N PRO A 29 -7.57 53.23 25.82
CA PRO A 29 -8.43 52.15 25.25
C PRO A 29 -7.66 51.27 24.25
N GLY A 30 -8.16 50.09 23.99
CA GLY A 30 -7.47 49.19 23.03
C GLY A 30 -8.44 48.10 22.54
N GLY A 31 -8.06 47.35 21.55
CA GLY A 31 -8.96 46.28 21.04
C GLY A 31 -8.50 45.85 19.65
N GLN A 32 -8.84 44.65 19.25
CA GLN A 32 -8.42 44.18 17.89
C GLN A 32 -9.29 42.99 17.48
N ASN A 33 -9.80 43.01 16.28
CA ASN A 33 -10.66 41.87 15.82
C ASN A 33 -9.77 40.69 15.41
N GLU A 34 -8.74 40.95 14.64
CA GLU A 34 -7.84 39.85 14.21
C GLU A 34 -6.51 40.43 13.73
N ARG A 35 -5.45 40.18 14.45
CA ARG A 35 -4.12 40.72 14.04
C ARG A 35 -3.71 40.08 12.72
N GLY A 36 -3.19 38.88 12.76
CA GLY A 36 -2.76 38.20 11.50
C GLY A 36 -1.47 38.84 11.00
N LYS A 37 -0.46 38.05 10.76
CA LYS A 37 0.83 38.62 10.27
C LYS A 37 0.72 38.91 8.77
N ALA A 38 0.15 38.01 8.02
CA ALA A 38 0.01 38.23 6.55
C ALA A 38 -0.65 39.58 6.30
N ALA A 39 -1.31 40.12 7.29
CA ALA A 39 -1.98 41.44 7.11
C ALA A 39 -0.93 42.55 7.16
N ALA A 40 -0.82 43.32 6.11
CA ALA A 40 0.19 44.42 6.10
C ALA A 40 -0.13 45.39 4.95
N ASN A 41 0.39 46.59 5.02
CA ASN A 41 0.13 47.57 3.93
C ASN A 41 1.03 47.26 2.74
N LEU A 42 1.80 46.22 2.82
CA LEU A 42 2.71 45.87 1.69
C LEU A 42 1.90 45.20 0.58
N GLU A 43 0.74 45.70 0.29
CA GLU A 43 -0.10 45.09 -0.78
C GLU A 43 0.42 45.54 -2.16
N GLY A 44 1.33 44.80 -2.73
CA GLY A 44 1.88 45.19 -4.06
C GLY A 44 3.21 44.48 -4.27
N LYS A 45 3.41 43.36 -3.66
CA LYS A 45 4.70 42.62 -3.84
C LYS A 45 4.66 41.84 -5.16
N GLN A 46 5.71 41.93 -5.93
CA GLN A 46 5.74 41.20 -7.23
C GLN A 46 5.98 39.71 -6.97
N LYS A 47 4.93 38.94 -6.88
CA LYS A 47 5.10 37.48 -6.63
C LYS A 47 5.49 36.78 -7.93
N ALA A 48 6.60 36.09 -7.94
CA ALA A 48 7.03 35.38 -9.18
C ALA A 48 6.17 34.14 -9.38
N ALA A 49 4.96 34.15 -8.90
CA ALA A 49 4.06 32.97 -9.07
C ALA A 49 3.59 32.88 -10.52
N ASP A 50 4.21 33.64 -11.40
CA ASP A 50 3.78 33.61 -12.84
C ASP A 50 4.57 32.53 -13.58
N PHE A 51 5.22 31.65 -12.87
CA PHE A 51 6.00 30.58 -13.53
C PHE A 51 6.45 29.54 -12.49
N GLU A 52 5.52 28.79 -11.95
CA GLU A 52 5.89 27.77 -10.93
C GLU A 52 4.78 26.73 -10.84
N ASP A 53 3.66 26.98 -11.46
CA ASP A 53 2.54 26.00 -11.40
C ASP A 53 1.58 26.27 -12.56
N LEU A 54 1.95 25.91 -13.77
CA LEU A 54 1.04 26.14 -14.92
C LEU A 54 -0.25 25.34 -14.70
N LEU A 55 -1.38 25.87 -15.10
CA LEU A 55 -2.66 25.13 -14.89
C LEU A 55 -2.68 23.89 -15.80
N SER A 56 -1.71 23.01 -15.62
CA SER A 56 -1.68 21.79 -16.47
C SER A 56 -0.71 20.78 -15.84
N GLY A 57 -0.98 20.35 -14.63
CA GLY A 57 -0.07 19.36 -13.98
C GLY A 57 -0.01 18.08 -14.82
N GLN A 58 0.78 18.09 -15.87
CA GLN A 58 0.90 16.87 -16.72
C GLN A 58 1.92 15.91 -16.11
N GLY A 59 1.47 14.99 -15.29
CA GLY A 59 2.42 14.03 -14.66
C GLY A 59 3.06 14.68 -13.43
N PHE A 60 3.49 15.91 -13.56
CA PHE A 60 4.11 16.60 -12.39
C PHE A 60 3.04 16.92 -11.36
N ASN A 61 1.87 16.36 -11.50
CA ASN A 61 0.78 16.63 -10.53
C ASN A 61 0.99 15.77 -9.28
N ALA A 62 -0.06 15.48 -8.56
CA ALA A 62 0.07 14.65 -7.34
C ALA A 62 -1.32 14.26 -6.82
N HIS A 63 -1.46 13.07 -6.31
CA HIS A 63 -2.79 12.64 -5.79
C HIS A 63 -3.12 13.42 -4.53
N LYS A 64 -4.01 14.38 -4.63
CA LYS A 64 -4.37 15.18 -3.44
C LYS A 64 -5.16 14.31 -2.45
N ASP A 65 -4.76 14.30 -1.20
CA ASP A 65 -5.48 13.47 -0.20
C ASP A 65 -6.80 14.15 0.18
N LYS A 66 -7.90 13.57 -0.19
CA LYS A 66 -9.23 14.18 0.15
C LYS A 66 -9.60 13.81 1.59
N LYS A 67 -10.51 14.53 2.17
CA LYS A 67 -10.92 14.21 3.57
C LYS A 67 -11.85 13.00 3.57
N GLY A 68 -11.46 11.95 2.90
CA GLY A 68 -12.32 10.73 2.85
C GLY A 68 -12.14 9.93 4.14
N PRO A 69 -12.58 8.70 4.16
CA PRO A 69 -12.48 7.81 5.35
C PRO A 69 -11.07 7.81 5.95
N ARG A 70 -10.82 6.98 6.92
CA ARG A 70 -9.47 6.92 7.55
C ARG A 70 -9.22 5.51 8.08
N THR A 71 -9.10 4.55 7.19
CA THR A 71 -8.85 3.14 7.62
C THR A 71 -7.36 2.83 7.49
N ILE A 72 -6.73 2.37 8.54
CA ILE A 72 -5.27 2.07 8.45
C ILE A 72 -5.03 1.08 7.30
N ALA A 73 -6.07 0.62 6.64
CA ALA A 73 -5.88 -0.34 5.51
C ALA A 73 -5.52 0.40 4.22
N GLU A 74 -5.80 1.68 4.13
CA GLU A 74 -5.47 2.44 2.89
C GLU A 74 -3.98 2.83 2.92
N MET A 75 -3.52 3.37 4.01
CA MET A 75 -2.10 3.79 4.10
C MET A 75 -1.21 2.60 3.70
N ARG A 76 -1.57 1.41 4.10
CA ARG A 76 -0.74 0.22 3.73
C ARG A 76 -0.60 0.16 2.21
N LYS A 77 -1.58 0.62 1.47
CA LYS A 77 -1.48 0.58 -0.01
C LYS A 77 -0.17 1.23 -0.46
N GLU A 78 0.44 2.01 0.39
CA GLU A 78 1.72 2.68 0.02
C GLU A 78 2.87 1.68 0.14
N GLU A 79 2.83 0.83 1.14
CA GLU A 79 3.92 -0.16 1.31
C GLU A 79 4.14 -0.93 0.00
N MET A 80 3.09 -1.42 -0.60
CA MET A 80 3.24 -2.18 -1.88
C MET A 80 3.51 -1.20 -3.03
N ALA A 81 2.93 -0.03 -2.97
CA ALA A 81 3.14 0.96 -4.07
C ALA A 81 4.44 1.73 -3.80
N LYS A 82 5.14 1.41 -2.75
CA LYS A 82 6.41 2.13 -2.44
C LYS A 82 7.53 1.61 -3.34
N GLU A 83 7.49 0.36 -3.69
CA GLU A 83 8.56 -0.20 -4.57
C GLU A 83 8.17 -1.60 -5.04
N MET A 84 7.35 -1.70 -6.04
CA MET A 84 6.94 -3.05 -6.55
C MET A 84 8.05 -3.62 -7.42
N ASP A 85 9.26 -3.59 -6.93
CA ASP A 85 10.40 -4.14 -7.73
C ASP A 85 10.01 -5.54 -8.24
N PRO A 86 10.34 -5.88 -9.47
CA PRO A 86 10.01 -7.21 -10.04
C PRO A 86 10.18 -8.34 -9.03
N GLU A 87 10.97 -8.12 -8.01
CA GLU A 87 11.18 -9.19 -6.99
C GLU A 87 10.10 -9.06 -5.91
N LYS A 88 9.62 -7.86 -5.69
CA LYS A 88 8.56 -7.67 -4.67
C LYS A 88 7.23 -8.15 -5.24
N LEU A 89 7.08 -8.06 -6.53
CA LEU A 89 5.81 -8.51 -7.15
C LEU A 89 5.56 -9.97 -6.78
N LYS A 90 6.60 -10.74 -6.69
CA LYS A 90 6.44 -12.18 -6.31
C LYS A 90 5.76 -12.30 -4.96
N ILE A 91 6.03 -11.39 -4.05
CA ILE A 91 5.39 -11.48 -2.70
C ILE A 91 3.89 -11.24 -2.83
N LEU A 92 3.49 -10.25 -3.59
CA LEU A 92 2.04 -9.96 -3.76
C LEU A 92 1.30 -11.24 -4.18
N GLU A 93 1.93 -12.08 -4.94
CA GLU A 93 1.26 -13.33 -5.38
C GLU A 93 1.23 -14.35 -4.24
N TRP A 94 2.19 -14.28 -3.37
CA TRP A 94 2.26 -15.23 -2.24
C TRP A 94 1.20 -14.90 -1.19
N ILE A 95 1.04 -13.66 -0.86
CA ILE A 95 0.03 -13.27 0.17
C ILE A 95 -1.38 -13.46 -0.39
N GLU A 96 -1.62 -13.04 -1.60
CA GLU A 96 -2.98 -13.17 -2.18
C GLU A 96 -3.36 -14.64 -2.35
N GLY A 97 -2.42 -15.50 -2.14
CA GLY A 97 -2.69 -16.95 -2.29
C GLY A 97 -3.46 -17.46 -1.06
N LYS A 98 -3.08 -17.02 0.11
CA LYS A 98 -3.78 -17.49 1.34
C LYS A 98 -3.31 -16.67 2.54
N GLU A 99 -3.65 -15.42 2.58
CA GLU A 99 -3.23 -14.56 3.74
C GLU A 99 -4.06 -14.90 4.97
N ARG A 100 -4.56 -16.11 5.03
CA ARG A 100 -5.39 -16.52 6.20
C ARG A 100 -5.02 -17.95 6.62
N ASN A 101 -3.82 -18.37 6.33
CA ASN A 101 -3.39 -19.74 6.70
C ASN A 101 -1.95 -19.66 7.20
N ILE A 102 -1.77 -19.01 8.30
CA ILE A 102 -0.40 -18.83 8.88
C ILE A 102 0.40 -20.14 8.79
N ARG A 103 -0.21 -21.27 8.98
CA ARG A 103 0.56 -22.54 8.91
C ARG A 103 1.34 -22.61 7.60
N ALA A 104 0.72 -22.26 6.50
CA ALA A 104 1.42 -22.32 5.18
C ALA A 104 2.30 -21.08 4.96
N LEU A 105 1.86 -19.91 5.35
CA LEU A 105 2.69 -18.70 5.10
C LEU A 105 4.11 -18.92 5.63
N LEU A 106 4.25 -19.40 6.84
CA LEU A 106 5.61 -19.61 7.39
C LEU A 106 6.23 -20.86 6.76
N SER A 107 5.43 -21.74 6.23
CA SER A 107 5.98 -22.98 5.60
C SER A 107 6.11 -22.78 4.08
N THR A 108 5.82 -21.58 3.61
CA THR A 108 5.91 -21.31 2.14
C THR A 108 6.62 -19.98 1.93
N MET A 109 7.21 -19.44 2.96
CA MET A 109 7.91 -18.14 2.81
C MET A 109 9.23 -18.31 2.04
N HIS A 110 9.82 -19.48 2.10
CA HIS A 110 11.10 -19.69 1.38
C HIS A 110 10.93 -19.39 -0.12
N THR A 111 9.74 -19.50 -0.64
CA THR A 111 9.54 -19.21 -2.09
C THR A 111 9.53 -17.69 -2.33
N VAL A 112 9.80 -16.89 -1.32
CA VAL A 112 9.78 -15.41 -1.53
C VAL A 112 10.80 -14.72 -0.63
N LEU A 113 11.88 -15.38 -0.27
CA LEU A 113 12.90 -14.72 0.58
C LEU A 113 13.92 -14.03 -0.32
N TRP A 114 14.84 -13.34 0.26
CA TRP A 114 15.89 -12.65 -0.57
C TRP A 114 17.03 -13.61 -0.83
N ALA A 115 17.65 -13.49 -1.97
CA ALA A 115 18.78 -14.39 -2.31
C ALA A 115 19.93 -14.16 -1.32
N GLY A 116 20.23 -15.13 -0.51
CA GLY A 116 21.33 -14.97 0.48
C GLY A 116 21.01 -15.79 1.73
N GLU A 117 19.80 -15.71 2.21
CA GLU A 117 19.43 -16.49 3.42
C GLU A 117 19.73 -17.96 3.20
N THR A 118 20.67 -18.50 3.95
CA THR A 118 21.04 -19.94 3.80
C THR A 118 20.80 -20.67 5.13
N LYS A 119 20.11 -20.05 6.04
CA LYS A 119 19.82 -20.69 7.37
C LYS A 119 18.39 -21.24 7.36
N TRP A 120 17.50 -20.60 6.67
CA TRP A 120 16.10 -21.07 6.65
C TRP A 120 16.01 -22.47 6.06
N LYS A 121 15.32 -23.35 6.73
CA LYS A 121 15.12 -24.74 6.24
C LYS A 121 13.62 -24.95 6.00
N PRO A 122 13.13 -24.78 4.78
CA PRO A 122 11.68 -24.94 4.48
C PRO A 122 11.01 -26.03 5.32
N VAL A 123 9.88 -25.72 5.88
CA VAL A 123 9.16 -26.72 6.72
C VAL A 123 8.23 -27.54 5.85
N GLY A 124 8.34 -28.84 5.93
CA GLY A 124 7.46 -29.70 5.11
C GLY A 124 6.00 -29.46 5.52
N MET A 125 5.15 -29.08 4.60
CA MET A 125 3.72 -28.81 4.94
C MET A 125 3.18 -29.91 5.88
N ALA A 126 3.77 -31.08 5.86
CA ALA A 126 3.27 -32.17 6.74
C ALA A 126 3.86 -32.01 8.15
N ASP A 127 4.83 -31.15 8.29
CA ASP A 127 5.48 -30.93 9.63
C ASP A 127 4.78 -29.79 10.38
N LEU A 128 3.51 -29.57 10.14
CA LEU A 128 2.80 -28.47 10.86
C LEU A 128 1.34 -28.87 11.11
N VAL A 129 1.10 -30.11 11.38
CA VAL A 129 -0.31 -30.57 11.64
C VAL A 129 -0.64 -30.38 13.12
N THR A 130 0.24 -29.77 13.87
CA THR A 130 -0.03 -29.53 15.33
C THR A 130 0.30 -28.06 15.67
N PRO A 131 -0.60 -27.31 16.27
CA PRO A 131 -0.31 -25.89 16.63
C PRO A 131 1.06 -25.74 17.28
N GLU A 132 1.48 -26.72 18.04
CA GLU A 132 2.82 -26.63 18.69
C GLU A 132 3.89 -26.54 17.60
N GLN A 133 3.72 -27.28 16.54
CA GLN A 133 4.71 -27.24 15.43
C GLN A 133 4.69 -25.84 14.79
N VAL A 134 3.55 -25.23 14.75
CA VAL A 134 3.44 -23.87 14.14
C VAL A 134 3.96 -22.82 15.13
N LYS A 135 3.37 -22.73 16.29
CA LYS A 135 3.82 -21.72 17.29
C LYS A 135 5.32 -21.84 17.52
N LYS A 136 5.84 -23.04 17.54
CA LYS A 136 7.30 -23.21 17.78
C LYS A 136 8.10 -22.60 16.63
N VAL A 137 7.67 -22.77 15.41
CA VAL A 137 8.44 -22.20 14.26
C VAL A 137 8.12 -20.71 14.10
N TYR A 138 6.90 -20.30 14.35
CA TYR A 138 6.58 -18.85 14.20
C TYR A 138 7.60 -18.04 14.99
N ARG A 139 8.13 -18.61 16.04
CA ARG A 139 9.13 -17.87 16.86
C ARG A 139 10.41 -17.65 16.04
N LYS A 140 10.89 -18.67 15.37
CA LYS A 140 12.14 -18.52 14.56
C LYS A 140 11.82 -17.84 13.23
N ALA A 141 10.74 -18.20 12.60
CA ALA A 141 10.39 -17.57 11.29
C ALA A 141 10.48 -16.04 11.43
N VAL A 142 10.12 -15.53 12.58
CA VAL A 142 10.19 -14.07 12.80
C VAL A 142 11.66 -13.64 12.87
N LEU A 143 12.51 -14.53 13.30
CA LEU A 143 13.96 -14.17 13.40
C LEU A 143 14.52 -13.97 11.99
N VAL A 144 14.03 -14.72 11.05
CA VAL A 144 14.55 -14.60 9.66
C VAL A 144 14.38 -13.16 9.17
N VAL A 145 13.42 -12.44 9.69
CA VAL A 145 13.19 -11.02 9.24
C VAL A 145 13.43 -10.04 10.39
N HIS A 146 14.20 -10.42 11.37
CA HIS A 146 14.45 -9.48 12.49
C HIS A 146 15.13 -8.22 11.91
N PRO A 147 14.68 -7.03 12.25
CA PRO A 147 15.27 -5.78 11.71
C PRO A 147 16.80 -5.86 11.53
N ASP A 148 17.51 -6.10 12.58
CA ASP A 148 19.00 -6.17 12.46
C ASP A 148 19.43 -6.95 11.21
N LYS A 149 18.75 -8.01 10.85
CA LYS A 149 19.15 -8.77 9.65
C LYS A 149 18.70 -8.05 8.38
N ALA A 150 17.83 -7.08 8.53
CA ALA A 150 17.33 -6.31 7.35
C ALA A 150 17.56 -4.83 7.59
N THR A 151 18.64 -4.48 8.24
CA THR A 151 18.90 -3.04 8.51
C THR A 151 19.68 -2.44 7.33
N GLY A 152 19.07 -1.53 6.63
CA GLY A 152 19.77 -0.89 5.48
C GLY A 152 20.22 -1.96 4.48
N GLN A 153 19.70 -3.15 4.60
CA GLN A 153 20.10 -4.24 3.65
C GLN A 153 19.25 -4.14 2.36
N PRO A 154 19.84 -4.32 1.20
CA PRO A 154 19.11 -4.24 -0.09
C PRO A 154 17.68 -4.81 0.01
N TYR A 155 17.49 -5.80 0.84
CA TYR A 155 16.13 -6.41 0.99
C TYR A 155 15.46 -5.83 2.24
N GLU A 156 15.76 -4.60 2.56
CA GLU A 156 15.15 -3.95 3.75
C GLU A 156 13.63 -3.83 3.58
N GLN A 157 13.16 -3.66 2.37
CA GLN A 157 11.70 -3.53 2.15
C GLN A 157 11.01 -4.88 2.34
N TYR A 158 11.70 -5.95 2.03
CA TYR A 158 11.08 -7.30 2.18
C TYR A 158 10.71 -7.53 3.66
N ALA A 159 11.62 -7.27 4.56
CA ALA A 159 11.35 -7.52 6.00
C ALA A 159 10.02 -6.90 6.43
N LYS A 160 9.85 -5.63 6.24
CA LYS A 160 8.58 -4.97 6.68
C LYS A 160 7.37 -5.67 6.03
N MET A 161 7.53 -6.20 4.86
CA MET A 161 6.38 -6.86 4.20
C MET A 161 6.09 -8.22 4.85
N ILE A 162 7.07 -9.06 4.93
CA ILE A 162 6.84 -10.42 5.53
C ILE A 162 6.72 -10.33 7.06
N PHE A 163 7.34 -9.35 7.69
CA PHE A 163 7.26 -9.26 9.18
C PHE A 163 5.80 -9.07 9.61
N MET A 164 5.15 -8.07 9.08
CA MET A 164 3.73 -7.82 9.48
C MET A 164 2.83 -8.97 9.00
N GLU A 165 2.99 -9.38 7.77
CA GLU A 165 2.15 -10.49 7.25
C GLU A 165 2.27 -11.71 8.16
N LEU A 166 3.44 -12.02 8.62
CA LEU A 166 3.61 -13.20 9.52
C LEU A 166 2.81 -12.96 10.82
N ASN A 167 2.95 -11.81 11.41
CA ASN A 167 2.21 -11.52 12.67
C ASN A 167 0.76 -11.11 12.35
N ASP A 168 0.44 -10.87 11.12
CA ASP A 168 -0.94 -10.47 10.77
C ASP A 168 -1.84 -11.71 10.75
N ALA A 169 -1.49 -12.68 9.95
CA ALA A 169 -2.33 -13.91 9.89
C ALA A 169 -2.31 -14.59 11.26
N TRP A 170 -1.24 -14.43 11.99
CA TRP A 170 -1.17 -15.05 13.35
C TRP A 170 -2.33 -14.54 14.19
N SER A 171 -2.68 -13.28 14.07
CA SER A 171 -3.82 -12.75 14.86
C SER A 171 -5.07 -13.56 14.50
N GLU A 172 -5.19 -13.94 13.26
CA GLU A 172 -6.37 -14.75 12.84
C GLU A 172 -6.15 -16.21 13.23
N PHE A 173 -4.92 -16.64 13.26
CA PHE A 173 -4.63 -18.05 13.64
C PHE A 173 -5.28 -18.35 15.01
N GLU A 174 -5.37 -17.36 15.85
CA GLU A 174 -5.99 -17.60 17.19
C GLU A 174 -7.47 -17.92 17.01
N ASN A 175 -8.13 -17.21 16.12
CA ASN A 175 -9.58 -17.47 15.88
C ASN A 175 -9.73 -18.55 14.80
N GLN A 176 -8.92 -18.49 13.77
CA GLN A 176 -9.01 -19.48 12.67
C GLN A 176 -8.19 -20.75 12.97
N GLY A 177 -7.18 -20.67 13.80
CA GLY A 177 -6.35 -21.88 14.09
C GLY A 177 -6.99 -22.73 15.19
N GLN A 178 -7.58 -22.10 16.18
CA GLN A 178 -8.22 -22.87 17.29
C GLN A 178 -9.42 -23.66 16.73
N LYS A 179 -9.21 -24.38 15.65
CA LYS A 179 -10.33 -25.16 15.05
C LYS A 179 -9.74 -26.40 14.35
N PRO A 180 -10.49 -27.48 14.22
CA PRO A 180 -9.99 -28.71 13.54
C PRO A 180 -9.17 -28.36 12.28
N LEU A 181 -7.94 -28.84 12.14
CA LEU A 181 -7.13 -28.50 10.91
C LEU A 181 -7.48 -29.48 9.79
N TYR A 182 -8.68 -29.41 9.26
CA TYR A 182 -9.05 -30.36 8.16
C TYR A 182 -10.23 -29.77 7.37
N GLY A 1 -40.99 77.48 20.08
CA GLY A 1 -40.01 76.39 20.34
C GLY A 1 -40.60 75.05 19.89
N PRO A 2 -41.62 74.58 20.58
CA PRO A 2 -42.30 73.30 20.25
C PRO A 2 -43.20 73.42 19.01
N LEU A 3 -43.27 72.40 18.21
CA LEU A 3 -44.13 72.46 17.00
C LEU A 3 -45.53 72.94 17.38
N GLY A 4 -46.40 73.07 16.41
CA GLY A 4 -47.78 73.53 16.73
C GLY A 4 -48.72 73.17 15.57
N SER A 5 -49.42 72.08 15.68
CA SER A 5 -50.35 71.68 14.59
C SER A 5 -51.60 72.56 14.64
N PRO A 6 -52.23 72.82 13.51
CA PRO A 6 -53.44 73.68 13.45
C PRO A 6 -54.68 72.95 14.01
N GLU A 7 -54.97 73.13 15.27
CA GLU A 7 -56.16 72.46 15.87
C GLU A 7 -57.43 72.94 15.16
N PHE A 8 -58.19 73.78 15.80
CA PHE A 8 -59.44 74.29 15.16
C PHE A 8 -59.95 75.50 15.93
N SER A 9 -59.21 75.95 16.90
CA SER A 9 -59.66 77.14 17.70
C SER A 9 -59.59 78.39 16.83
N MET A 10 -60.00 78.30 15.60
CA MET A 10 -59.95 79.48 14.70
C MET A 10 -61.11 80.42 15.04
N PRO A 11 -60.95 81.70 14.81
CA PRO A 11 -62.03 82.71 15.11
C PRO A 11 -63.19 82.61 14.11
N HIS A 12 -63.99 83.64 14.03
CA HIS A 12 -65.14 83.61 13.07
C HIS A 12 -64.64 83.19 11.69
N SER A 13 -63.78 83.97 11.09
CA SER A 13 -63.26 83.62 9.75
C SER A 13 -62.04 84.48 9.43
N SER A 14 -61.09 84.54 10.32
CA SER A 14 -59.87 85.36 10.08
C SER A 14 -59.36 85.13 8.63
N PRO A 15 -59.53 86.09 7.74
CA PRO A 15 -59.06 85.95 6.33
C PRO A 15 -57.64 85.37 6.24
N GLN A 16 -57.36 84.62 5.21
CA GLN A 16 -55.99 84.03 5.08
C GLN A 16 -55.77 83.61 3.62
N ASN A 17 -54.62 83.92 3.08
CA ASN A 17 -54.34 83.54 1.67
C ASN A 17 -53.94 82.07 1.60
N ARG A 18 -54.65 81.27 0.84
CA ARG A 18 -54.31 79.83 0.74
C ARG A 18 -55.11 79.19 -0.40
N PRO A 19 -54.94 79.67 -1.60
CA PRO A 19 -55.66 79.15 -2.79
C PRO A 19 -55.09 77.80 -3.26
N ASN A 20 -54.18 77.83 -4.19
CA ASN A 20 -53.58 76.55 -4.69
C ASN A 20 -52.98 75.78 -3.51
N TYR A 21 -52.24 74.75 -3.79
CA TYR A 21 -51.62 73.95 -2.69
C TYR A 21 -50.94 74.90 -1.70
N ASN A 22 -50.41 74.37 -0.62
CA ASN A 22 -49.73 75.24 0.38
C ASN A 22 -48.72 76.14 -0.33
N VAL A 23 -48.50 77.32 0.18
CA VAL A 23 -47.53 78.24 -0.45
C VAL A 23 -46.22 77.50 -0.73
N SER A 24 -45.53 77.85 -1.78
CA SER A 24 -44.24 77.16 -2.10
C SER A 24 -43.52 77.92 -3.22
N PHE A 25 -42.23 77.79 -3.30
CA PHE A 25 -41.47 78.49 -4.37
C PHE A 25 -41.65 77.75 -5.69
N SER A 26 -42.17 76.56 -5.66
CA SER A 26 -42.37 75.79 -6.91
C SER A 26 -43.38 74.67 -6.67
N SER A 27 -43.71 73.92 -7.70
CA SER A 27 -44.71 72.81 -7.54
C SER A 27 -43.96 71.48 -7.44
N MET A 28 -42.66 71.51 -7.38
CA MET A 28 -41.88 70.25 -7.27
C MET A 28 -41.99 69.66 -5.85
N PRO A 29 -42.02 70.49 -4.83
CA PRO A 29 -42.13 70.00 -3.41
C PRO A 29 -43.36 69.10 -3.20
N GLY A 30 -43.15 67.82 -3.09
CA GLY A 30 -44.29 66.89 -2.88
C GLY A 30 -43.78 65.56 -2.35
N GLY A 31 -43.49 65.48 -1.08
CA GLY A 31 -42.99 64.19 -0.50
C GLY A 31 -42.66 64.40 0.98
N GLN A 32 -43.65 64.37 1.82
CA GLN A 32 -43.39 64.55 3.28
C GLN A 32 -42.29 63.59 3.73
N ASN A 33 -41.68 63.86 4.86
CA ASN A 33 -40.59 62.96 5.35
C ASN A 33 -41.18 61.58 5.65
N GLU A 34 -40.35 60.58 5.72
CA GLU A 34 -40.85 59.21 6.01
C GLU A 34 -41.21 59.11 7.50
N ARG A 35 -42.47 59.12 7.82
CA ARG A 35 -42.88 59.01 9.24
C ARG A 35 -42.74 57.56 9.70
N GLY A 36 -41.56 57.16 10.11
CA GLY A 36 -41.37 55.76 10.57
C GLY A 36 -39.88 55.46 10.66
N LYS A 37 -39.37 55.27 11.86
CA LYS A 37 -37.92 54.98 12.01
C LYS A 37 -37.68 53.50 11.69
N ALA A 38 -37.98 53.08 10.50
CA ALA A 38 -37.76 51.66 10.13
C ALA A 38 -36.32 51.25 10.46
N ALA A 39 -36.11 50.70 11.63
CA ALA A 39 -34.73 50.29 12.01
C ALA A 39 -34.12 49.45 10.89
N ALA A 40 -32.99 49.86 10.38
CA ALA A 40 -32.34 49.09 9.29
C ALA A 40 -31.91 47.72 9.82
N ASN A 41 -30.83 47.18 9.31
CA ASN A 41 -30.36 45.85 9.78
C ASN A 41 -29.64 46.01 11.12
N LEU A 42 -29.49 44.95 11.86
CA LEU A 42 -28.80 45.04 13.18
C LEU A 42 -28.50 43.63 13.70
N GLU A 43 -29.52 42.86 13.95
CA GLU A 43 -29.31 41.48 14.46
C GLU A 43 -28.77 40.60 13.33
N GLY A 44 -27.53 40.78 12.97
CA GLY A 44 -26.93 39.96 11.88
C GLY A 44 -27.35 40.53 10.53
N LYS A 45 -26.52 40.38 9.53
CA LYS A 45 -26.87 40.91 8.18
C LYS A 45 -27.85 39.96 7.49
N GLN A 46 -27.38 39.15 6.59
CA GLN A 46 -28.28 38.20 5.89
C GLN A 46 -28.58 37.01 6.79
N LYS A 47 -29.55 37.12 7.65
CA LYS A 47 -29.88 35.99 8.57
C LYS A 47 -30.71 34.94 7.80
N ALA A 48 -30.28 34.58 6.62
CA ALA A 48 -31.03 33.57 5.83
C ALA A 48 -30.13 32.98 4.75
N ALA A 49 -28.87 32.80 5.06
CA ALA A 49 -27.94 32.23 4.05
C ALA A 49 -28.45 30.86 3.60
N ASP A 50 -29.53 30.39 4.17
CA ASP A 50 -30.06 29.06 3.77
C ASP A 50 -30.95 29.21 2.53
N PHE A 51 -30.45 29.81 1.49
CA PHE A 51 -31.26 29.99 0.26
C PHE A 51 -30.36 30.50 -0.88
N GLU A 52 -29.48 29.66 -1.38
CA GLU A 52 -28.58 30.10 -2.48
C GLU A 52 -28.04 28.86 -3.20
N ASP A 53 -27.99 27.74 -2.54
CA ASP A 53 -27.46 26.50 -3.18
C ASP A 53 -28.00 25.28 -2.46
N LEU A 54 -29.05 24.68 -2.97
CA LEU A 54 -29.63 23.48 -2.30
C LEU A 54 -30.55 22.75 -3.28
N LEU A 55 -31.44 23.48 -3.92
CA LEU A 55 -32.37 22.84 -4.89
C LEU A 55 -31.70 22.76 -6.27
N SER A 56 -30.44 23.12 -6.34
CA SER A 56 -29.74 23.07 -7.65
C SER A 56 -29.70 21.62 -8.15
N GLY A 57 -29.00 20.76 -7.47
CA GLY A 57 -28.93 19.34 -7.92
C GLY A 57 -30.22 18.61 -7.52
N GLN A 58 -31.34 19.10 -7.97
CA GLN A 58 -32.63 18.43 -7.63
C GLN A 58 -32.78 17.15 -8.44
N GLY A 59 -31.84 16.26 -8.33
CA GLY A 59 -31.92 14.98 -9.10
C GLY A 59 -30.72 14.09 -8.74
N PHE A 60 -29.62 14.29 -9.41
CA PHE A 60 -28.42 13.45 -9.11
C PHE A 60 -27.94 13.75 -7.69
N ASN A 61 -28.58 13.15 -6.70
CA ASN A 61 -28.16 13.40 -5.29
C ASN A 61 -26.82 12.71 -5.04
N ALA A 62 -26.76 11.83 -4.07
CA ALA A 62 -25.48 11.13 -3.77
C ALA A 62 -25.73 10.00 -2.79
N HIS A 63 -25.09 8.87 -2.97
CA HIS A 63 -25.30 7.74 -2.04
C HIS A 63 -24.82 8.13 -0.63
N LYS A 64 -25.73 8.45 0.24
CA LYS A 64 -25.32 8.85 1.63
C LYS A 64 -24.35 7.81 2.19
N ASP A 65 -23.14 8.20 2.45
CA ASP A 65 -22.15 7.24 3.01
C ASP A 65 -21.00 8.00 3.68
N LYS A 66 -21.31 8.79 4.67
CA LYS A 66 -20.24 9.58 5.36
C LYS A 66 -19.08 8.65 5.71
N LYS A 67 -19.09 8.05 6.88
CA LYS A 67 -17.99 7.14 7.27
C LYS A 67 -18.07 5.86 6.44
N GLY A 68 -17.31 5.78 5.38
CA GLY A 68 -17.34 4.55 4.53
C GLY A 68 -16.68 3.39 5.29
N PRO A 69 -16.46 2.30 4.61
CA PRO A 69 -15.82 1.09 5.21
C PRO A 69 -14.59 1.44 6.04
N ARG A 70 -13.93 0.45 6.61
CA ARG A 70 -12.72 0.73 7.42
C ARG A 70 -11.78 -0.49 7.35
N THR A 71 -10.81 -0.45 6.47
CA THR A 71 -9.85 -1.59 6.34
C THR A 71 -8.42 -1.05 6.27
N ILE A 72 -7.59 -1.42 7.22
CA ILE A 72 -6.18 -0.91 7.20
C ILE A 72 -5.47 -1.48 5.96
N ALA A 73 -6.13 -2.34 5.22
CA ALA A 73 -5.47 -2.95 4.01
C ALA A 73 -5.64 -2.05 2.77
N GLU A 74 -6.48 -1.04 2.82
CA GLU A 74 -6.66 -0.18 1.62
C GLU A 74 -5.51 0.84 1.54
N MET A 75 -5.18 1.47 2.62
CA MET A 75 -4.08 2.49 2.58
C MET A 75 -2.84 1.88 1.91
N ARG A 76 -2.46 0.69 2.29
CA ARG A 76 -1.25 0.06 1.66
C ARG A 76 -1.53 -0.26 0.19
N LYS A 77 -2.75 -0.07 -0.26
CA LYS A 77 -3.06 -0.39 -1.69
C LYS A 77 -2.20 0.47 -2.62
N GLU A 78 -1.95 1.70 -2.25
CA GLU A 78 -1.12 2.59 -3.11
C GLU A 78 0.36 2.31 -2.87
N GLU A 79 0.73 1.98 -1.66
CA GLU A 79 2.16 1.70 -1.37
C GLU A 79 2.73 0.74 -2.42
N MET A 80 1.92 -0.14 -2.94
CA MET A 80 2.43 -1.10 -3.96
C MET A 80 3.16 -0.32 -5.07
N ALA A 81 2.88 0.96 -5.18
CA ALA A 81 3.55 1.77 -6.24
C ALA A 81 4.81 2.43 -5.65
N LYS A 82 5.12 2.15 -4.42
CA LYS A 82 6.34 2.77 -3.80
C LYS A 82 7.58 2.02 -4.29
N GLU A 83 7.50 0.72 -4.41
CA GLU A 83 8.68 -0.05 -4.87
C GLU A 83 8.27 -1.51 -5.15
N MET A 84 7.69 -1.77 -6.29
CA MET A 84 7.27 -3.17 -6.62
C MET A 84 8.36 -3.81 -7.48
N ASP A 85 9.57 -3.80 -7.02
CA ASP A 85 10.67 -4.41 -7.80
C ASP A 85 10.25 -5.81 -8.28
N PRO A 86 10.54 -6.19 -9.51
CA PRO A 86 10.15 -7.52 -10.05
C PRO A 86 10.29 -8.64 -9.02
N GLU A 87 11.08 -8.45 -8.00
CA GLU A 87 11.25 -9.51 -6.98
C GLU A 87 10.22 -9.33 -5.87
N LYS A 88 9.79 -8.12 -5.63
CA LYS A 88 8.77 -7.88 -4.58
C LYS A 88 7.42 -8.29 -5.14
N LEU A 89 7.25 -8.18 -6.43
CA LEU A 89 5.96 -8.56 -7.05
C LEU A 89 5.66 -10.01 -6.68
N LYS A 90 6.67 -10.82 -6.58
CA LYS A 90 6.47 -12.25 -6.21
C LYS A 90 5.76 -12.34 -4.86
N ILE A 91 6.03 -11.43 -3.96
CA ILE A 91 5.38 -11.47 -2.63
C ILE A 91 3.88 -11.20 -2.79
N LEU A 92 3.53 -10.15 -3.48
CA LEU A 92 2.08 -9.82 -3.68
C LEU A 92 1.34 -11.07 -4.16
N GLU A 93 1.99 -11.94 -4.87
CA GLU A 93 1.31 -13.18 -5.38
C GLU A 93 1.25 -14.23 -4.27
N TRP A 94 2.22 -14.20 -3.40
CA TRP A 94 2.28 -15.19 -2.29
C TRP A 94 1.21 -14.88 -1.24
N ILE A 95 1.05 -13.64 -0.90
CA ILE A 95 0.03 -13.28 0.14
C ILE A 95 -1.39 -13.46 -0.42
N GLU A 96 -1.62 -13.05 -1.64
CA GLU A 96 -3.00 -13.18 -2.20
C GLU A 96 -3.36 -14.66 -2.39
N GLY A 97 -2.43 -15.52 -2.19
CA GLY A 97 -2.70 -16.97 -2.34
C GLY A 97 -3.51 -17.47 -1.14
N LYS A 98 -3.15 -17.06 0.04
CA LYS A 98 -3.91 -17.50 1.24
C LYS A 98 -3.45 -16.72 2.47
N GLU A 99 -3.78 -15.46 2.54
CA GLU A 99 -3.36 -14.64 3.71
C GLU A 99 -4.21 -15.00 4.93
N ARG A 100 -4.68 -16.22 4.98
CA ARG A 100 -5.54 -16.67 6.12
C ARG A 100 -5.15 -18.09 6.50
N ASN A 101 -3.93 -18.49 6.24
CA ASN A 101 -3.48 -19.86 6.57
C ASN A 101 -2.05 -19.78 7.09
N ILE A 102 -1.89 -19.13 8.21
CA ILE A 102 -0.54 -18.94 8.81
C ILE A 102 0.27 -20.24 8.72
N ARG A 103 -0.33 -21.38 8.91
CA ARG A 103 0.46 -22.64 8.84
C ARG A 103 1.24 -22.69 7.52
N ALA A 104 0.61 -22.31 6.44
CA ALA A 104 1.30 -22.35 5.13
C ALA A 104 2.19 -21.12 4.91
N LEU A 105 1.76 -19.94 5.33
CA LEU A 105 2.60 -18.73 5.11
C LEU A 105 4.01 -18.96 5.66
N LEU A 106 4.13 -19.46 6.86
CA LEU A 106 5.47 -19.69 7.44
C LEU A 106 6.15 -20.89 6.78
N SER A 107 5.37 -21.77 6.19
CA SER A 107 5.95 -22.97 5.52
C SER A 107 6.01 -22.74 4.01
N THR A 108 5.75 -21.55 3.56
CA THR A 108 5.79 -21.24 2.10
C THR A 108 6.54 -19.93 1.88
N MET A 109 7.20 -19.45 2.89
CA MET A 109 7.94 -18.16 2.76
C MET A 109 9.23 -18.36 1.94
N HIS A 110 9.88 -19.48 2.07
CA HIS A 110 11.14 -19.69 1.31
C HIS A 110 10.93 -19.39 -0.18
N THR A 111 9.73 -19.51 -0.66
CA THR A 111 9.49 -19.22 -2.11
C THR A 111 9.48 -17.71 -2.35
N VAL A 112 9.77 -16.91 -1.35
CA VAL A 112 9.77 -15.42 -1.57
C VAL A 112 10.81 -14.73 -0.69
N LEU A 113 11.85 -15.41 -0.28
CA LEU A 113 12.89 -14.76 0.55
C LEU A 113 13.90 -14.07 -0.36
N TRP A 114 14.84 -13.39 0.22
CA TRP A 114 15.89 -12.70 -0.59
C TRP A 114 17.07 -13.64 -0.83
N ALA A 115 17.61 -13.64 -2.02
CA ALA A 115 18.77 -14.54 -2.32
C ALA A 115 19.90 -14.23 -1.34
N GLY A 116 20.23 -15.16 -0.49
CA GLY A 116 21.33 -14.93 0.49
C GLY A 116 21.06 -15.75 1.76
N GLU A 117 19.85 -15.70 2.24
CA GLU A 117 19.51 -16.47 3.47
C GLU A 117 19.78 -17.96 3.21
N THR A 118 20.74 -18.50 3.90
CA THR A 118 21.10 -19.96 3.71
C THR A 118 20.85 -20.73 5.02
N LYS A 119 20.25 -20.09 5.99
CA LYS A 119 19.97 -20.77 7.29
C LYS A 119 18.53 -21.29 7.31
N TRP A 120 17.65 -20.63 6.61
CA TRP A 120 16.23 -21.08 6.61
C TRP A 120 16.12 -22.48 6.02
N LYS A 121 15.41 -23.34 6.70
CA LYS A 121 15.19 -24.73 6.21
C LYS A 121 13.69 -24.92 5.99
N PRO A 122 13.19 -24.76 4.78
CA PRO A 122 11.74 -24.90 4.48
C PRO A 122 11.03 -25.91 5.38
N VAL A 123 9.88 -25.55 5.86
CA VAL A 123 9.11 -26.46 6.76
C VAL A 123 8.31 -27.46 5.93
N GLY A 124 8.50 -28.72 6.16
CA GLY A 124 7.74 -29.74 5.39
C GLY A 124 6.25 -29.58 5.73
N MET A 125 5.42 -29.34 4.74
CA MET A 125 3.95 -29.17 5.01
C MET A 125 3.47 -30.21 6.01
N ALA A 126 4.15 -31.32 6.12
CA ALA A 126 3.71 -32.38 7.09
C ALA A 126 4.18 -32.01 8.50
N ASP A 127 5.05 -31.04 8.61
CA ASP A 127 5.58 -30.63 9.95
C ASP A 127 4.71 -29.51 10.54
N LEU A 128 3.45 -29.47 10.23
CA LEU A 128 2.58 -28.40 10.79
C LEU A 128 1.16 -28.94 11.01
N VAL A 129 1.05 -30.18 11.41
CA VAL A 129 -0.29 -30.78 11.63
C VAL A 129 -0.83 -30.39 13.02
N THR A 130 -0.05 -29.68 13.81
CA THR A 130 -0.53 -29.26 15.17
C THR A 130 -0.03 -27.84 15.45
N PRO A 131 -0.73 -27.08 16.26
CA PRO A 131 -0.34 -25.69 16.61
C PRO A 131 1.04 -25.64 17.30
N GLU A 132 1.35 -26.63 18.09
CA GLU A 132 2.66 -26.64 18.79
C GLU A 132 3.76 -26.57 17.72
N GLN A 133 3.49 -27.12 16.57
CA GLN A 133 4.50 -27.10 15.47
C GLN A 133 4.55 -25.70 14.87
N VAL A 134 3.43 -25.02 14.82
CA VAL A 134 3.39 -23.66 14.23
C VAL A 134 3.95 -22.64 15.22
N LYS A 135 3.40 -22.56 16.39
CA LYS A 135 3.89 -21.56 17.39
C LYS A 135 5.40 -21.72 17.58
N LYS A 136 5.90 -22.92 17.58
CA LYS A 136 7.36 -23.13 17.78
C LYS A 136 8.13 -22.57 16.58
N VAL A 137 7.66 -22.81 15.38
CA VAL A 137 8.40 -22.31 14.19
C VAL A 137 8.07 -20.83 13.93
N TYR A 138 6.87 -20.39 14.25
CA TYR A 138 6.53 -18.96 14.01
C TYR A 138 7.64 -18.07 14.59
N ARG A 139 8.31 -18.53 15.62
CA ARG A 139 9.40 -17.71 16.21
C ARG A 139 10.58 -17.68 15.24
N LYS A 140 11.13 -18.82 14.92
CA LYS A 140 12.29 -18.85 13.99
C LYS A 140 11.93 -18.09 12.71
N ALA A 141 10.76 -18.31 12.17
CA ALA A 141 10.37 -17.59 10.93
C ALA A 141 10.54 -16.08 11.16
N VAL A 142 10.19 -15.60 12.33
CA VAL A 142 10.34 -14.15 12.62
C VAL A 142 11.83 -13.81 12.72
N LEU A 143 12.62 -14.72 13.22
CA LEU A 143 14.08 -14.45 13.33
C LEU A 143 14.65 -14.22 11.92
N VAL A 144 14.06 -14.84 10.94
CA VAL A 144 14.55 -14.66 9.54
C VAL A 144 14.41 -13.21 9.11
N VAL A 145 13.42 -12.52 9.62
CA VAL A 145 13.20 -11.09 9.22
C VAL A 145 13.41 -10.16 10.43
N HIS A 146 14.28 -10.51 11.33
CA HIS A 146 14.50 -9.61 12.50
C HIS A 146 15.19 -8.33 11.98
N PRO A 147 14.71 -7.16 12.32
CA PRO A 147 15.31 -5.87 11.85
C PRO A 147 16.82 -5.93 11.71
N ASP A 148 17.51 -6.26 12.76
CA ASP A 148 19.00 -6.30 12.69
C ASP A 148 19.50 -6.92 11.37
N LYS A 149 18.86 -7.97 10.88
CA LYS A 149 19.34 -8.60 9.61
C LYS A 149 18.73 -7.86 8.41
N ALA A 150 17.84 -6.93 8.65
CA ALA A 150 17.20 -6.17 7.53
C ALA A 150 17.39 -4.68 7.79
N THR A 151 18.52 -4.30 8.34
CA THR A 151 18.75 -2.85 8.61
C THR A 151 19.48 -2.21 7.43
N GLY A 152 18.82 -1.32 6.75
CA GLY A 152 19.48 -0.64 5.59
C GLY A 152 20.07 -1.67 4.63
N GLN A 153 19.52 -2.86 4.59
CA GLN A 153 20.06 -3.90 3.65
C GLN A 153 19.21 -3.91 2.38
N PRO A 154 19.80 -4.15 1.23
CA PRO A 154 19.05 -4.19 -0.05
C PRO A 154 17.65 -4.81 0.09
N TYR A 155 17.49 -5.76 0.97
CA TYR A 155 16.15 -6.41 1.16
C TYR A 155 15.48 -5.85 2.41
N GLU A 156 15.83 -4.66 2.80
CA GLU A 156 15.23 -4.05 4.02
C GLU A 156 13.71 -3.97 3.88
N GLN A 157 13.22 -3.65 2.71
CA GLN A 157 11.75 -3.55 2.52
C GLN A 157 11.09 -4.93 2.66
N TYR A 158 11.73 -5.95 2.16
CA TYR A 158 11.13 -7.32 2.25
C TYR A 158 10.71 -7.58 3.70
N ALA A 159 11.59 -7.32 4.64
CA ALA A 159 11.25 -7.59 6.07
C ALA A 159 9.90 -6.97 6.43
N LYS A 160 9.74 -5.69 6.21
CA LYS A 160 8.45 -5.03 6.56
C LYS A 160 7.27 -5.75 5.90
N MET A 161 7.47 -6.30 4.73
CA MET A 161 6.36 -7.00 4.04
C MET A 161 6.06 -8.33 4.74
N ILE A 162 7.06 -9.15 4.90
CA ILE A 162 6.85 -10.49 5.54
C ILE A 162 6.75 -10.36 7.07
N PHE A 163 7.37 -9.37 7.65
CA PHE A 163 7.31 -9.25 9.14
C PHE A 163 5.87 -9.00 9.59
N MET A 164 5.19 -8.07 8.98
CA MET A 164 3.79 -7.77 9.40
C MET A 164 2.86 -8.90 8.94
N GLU A 165 3.03 -9.37 7.72
CA GLU A 165 2.15 -10.45 7.22
C GLU A 165 2.22 -11.66 8.17
N LEU A 166 3.39 -12.01 8.62
CA LEU A 166 3.52 -13.16 9.55
C LEU A 166 2.74 -12.84 10.84
N ASN A 167 2.78 -11.60 11.26
CA ASN A 167 2.07 -11.21 12.51
C ASN A 167 0.61 -10.88 12.21
N ASP A 168 0.25 -10.77 10.96
CA ASP A 168 -1.16 -10.44 10.63
C ASP A 168 -2.02 -11.70 10.72
N ALA A 169 -1.73 -12.70 9.95
CA ALA A 169 -2.54 -13.95 10.01
C ALA A 169 -2.39 -14.57 11.40
N TRP A 170 -1.27 -14.38 12.05
CA TRP A 170 -1.09 -14.94 13.40
C TRP A 170 -2.22 -14.45 14.31
N SER A 171 -2.59 -13.21 14.20
CA SER A 171 -3.70 -12.70 15.04
C SER A 171 -4.96 -13.49 14.72
N GLU A 172 -5.15 -13.82 13.47
CA GLU A 172 -6.35 -14.61 13.07
C GLU A 172 -6.11 -16.08 13.39
N PHE A 173 -4.89 -16.54 13.31
CA PHE A 173 -4.60 -17.96 13.61
C PHE A 173 -5.15 -18.29 15.00
N GLU A 174 -5.18 -17.33 15.88
CA GLU A 174 -5.72 -17.57 17.25
C GLU A 174 -7.22 -17.82 17.16
N ASN A 175 -7.89 -17.14 16.26
CA ASN A 175 -9.36 -17.33 16.11
C ASN A 175 -9.62 -18.46 15.11
N GLN A 176 -8.87 -18.49 14.04
CA GLN A 176 -9.06 -19.53 13.00
C GLN A 176 -8.23 -20.81 13.30
N GLY A 177 -7.19 -20.70 14.09
CA GLY A 177 -6.34 -21.91 14.37
C GLY A 177 -6.80 -22.63 15.65
N GLN A 178 -7.39 -21.93 16.58
CA GLN A 178 -7.85 -22.60 17.83
C GLN A 178 -8.99 -23.57 17.50
N LYS A 179 -8.87 -24.31 16.43
CA LYS A 179 -9.96 -25.27 16.05
C LYS A 179 -9.34 -26.39 15.21
N PRO A 180 -9.94 -27.58 15.21
CA PRO A 180 -9.41 -28.72 14.41
C PRO A 180 -8.98 -28.26 12.99
N LEU A 181 -7.68 -28.18 12.69
CA LEU A 181 -7.23 -27.73 11.33
C LEU A 181 -6.65 -28.92 10.55
N TYR A 182 -7.46 -29.88 10.17
CA TYR A 182 -6.91 -31.04 9.39
C TYR A 182 -8.07 -31.92 8.92
N GLY A 1 -10.70 56.85 66.06
CA GLY A 1 -10.16 57.79 65.04
C GLY A 1 -11.09 59.01 64.92
N PRO A 2 -10.73 59.95 64.08
CA PRO A 2 -11.53 61.19 63.87
C PRO A 2 -12.78 60.92 63.02
N LEU A 3 -13.57 61.93 62.78
CA LEU A 3 -14.80 61.74 61.97
C LEU A 3 -14.43 61.06 60.65
N GLY A 4 -14.46 59.76 60.61
CA GLY A 4 -14.11 59.04 59.35
C GLY A 4 -13.75 57.59 59.67
N SER A 5 -14.73 56.73 59.75
CA SER A 5 -14.45 55.30 60.07
C SER A 5 -15.65 54.44 59.68
N PRO A 6 -15.90 54.30 58.41
CA PRO A 6 -17.05 53.49 57.89
C PRO A 6 -17.17 52.13 58.59
N GLU A 7 -18.16 51.36 58.24
CA GLU A 7 -18.33 50.02 58.89
C GLU A 7 -19.07 49.10 57.93
N PHE A 8 -20.35 48.93 58.12
CA PHE A 8 -21.13 48.03 57.22
C PHE A 8 -21.17 48.63 55.82
N SER A 9 -20.14 48.42 55.04
CA SER A 9 -20.12 48.97 53.66
C SER A 9 -19.06 48.23 52.82
N MET A 10 -17.81 48.54 53.02
CA MET A 10 -16.74 47.85 52.25
C MET A 10 -16.94 46.33 52.35
N PRO A 11 -16.49 45.58 51.37
CA PRO A 11 -16.64 44.09 51.38
C PRO A 11 -16.46 43.51 52.78
N HIS A 12 -17.23 42.50 53.11
CA HIS A 12 -17.10 41.88 54.46
C HIS A 12 -15.72 41.24 54.61
N SER A 13 -15.24 40.61 53.57
CA SER A 13 -13.90 39.97 53.66
C SER A 13 -12.84 41.05 53.94
N SER A 14 -12.26 41.03 55.10
CA SER A 14 -11.22 42.05 55.43
C SER A 14 -10.03 41.91 54.47
N PRO A 15 -9.59 40.70 54.21
CA PRO A 15 -8.43 40.44 53.31
C PRO A 15 -8.65 41.04 51.91
N GLN A 16 -8.09 42.19 51.66
CA GLN A 16 -8.25 42.83 50.33
C GLN A 16 -7.50 42.01 49.28
N ASN A 17 -6.65 42.63 48.52
CA ASN A 17 -5.88 41.89 47.48
C ASN A 17 -4.78 42.77 46.91
N ARG A 18 -3.65 42.20 46.59
CA ARG A 18 -2.54 43.02 46.03
C ARG A 18 -1.52 42.09 45.36
N PRO A 19 -1.84 41.61 44.18
CA PRO A 19 -0.95 40.69 43.42
C PRO A 19 0.49 41.21 43.34
N ASN A 20 1.41 40.55 44.00
CA ASN A 20 2.83 41.01 43.95
C ASN A 20 3.46 40.58 42.64
N TYR A 21 4.67 40.09 42.68
CA TYR A 21 5.35 39.66 41.42
C TYR A 21 4.82 38.28 41.01
N ASN A 22 3.96 38.24 40.03
CA ASN A 22 3.40 36.93 39.57
C ASN A 22 2.61 37.14 38.28
N VAL A 23 3.22 37.70 37.28
CA VAL A 23 2.51 37.91 35.99
C VAL A 23 2.19 36.57 35.34
N SER A 24 0.95 36.34 35.01
CA SER A 24 0.57 35.05 34.38
C SER A 24 -0.86 35.13 33.84
N PHE A 25 -1.05 35.86 32.78
CA PHE A 25 -2.43 35.99 32.20
C PHE A 25 -2.96 34.60 31.85
N SER A 26 -4.21 34.33 32.17
CA SER A 26 -4.78 33.00 31.84
C SER A 26 -6.30 33.05 32.01
N SER A 27 -7.01 33.31 30.94
CA SER A 27 -8.50 33.36 31.04
C SER A 27 -9.07 31.95 31.09
N MET A 28 -8.37 31.00 30.53
CA MET A 28 -8.88 29.60 30.55
C MET A 28 -8.72 29.03 31.97
N PRO A 29 -9.57 28.09 32.36
CA PRO A 29 -9.51 27.48 33.72
C PRO A 29 -8.30 26.54 33.86
N GLY A 30 -8.17 25.60 32.97
CA GLY A 30 -7.02 24.65 33.06
C GLY A 30 -6.87 23.90 31.73
N GLY A 31 -7.97 23.67 31.04
CA GLY A 31 -7.89 22.94 29.74
C GLY A 31 -7.31 21.55 29.98
N GLN A 32 -8.11 20.52 29.82
CA GLN A 32 -7.61 19.14 30.03
C GLN A 32 -6.38 18.90 29.15
N ASN A 33 -5.47 18.07 29.59
CA ASN A 33 -4.25 17.80 28.78
C ASN A 33 -4.63 16.96 27.56
N GLU A 34 -5.13 17.59 26.52
CA GLU A 34 -5.51 16.83 25.31
C GLU A 34 -4.26 16.29 24.63
N ARG A 35 -4.39 15.77 23.44
CA ARG A 35 -3.20 15.22 22.73
C ARG A 35 -2.22 16.36 22.43
N GLY A 36 -0.95 16.08 22.46
CA GLY A 36 0.06 17.15 22.17
C GLY A 36 1.43 16.51 21.94
N LYS A 37 2.47 17.30 21.95
CA LYS A 37 3.83 16.74 21.74
C LYS A 37 4.22 15.85 22.92
N ALA A 38 3.45 14.82 23.17
CA ALA A 38 3.78 13.92 24.32
C ALA A 38 5.09 13.19 24.03
N ALA A 39 6.18 13.91 23.97
CA ALA A 39 7.49 13.25 23.70
C ALA A 39 8.62 14.26 23.90
N ALA A 40 9.07 14.43 25.12
CA ALA A 40 10.16 15.40 25.38
C ALA A 40 10.61 15.28 26.84
N ASN A 41 10.58 14.10 27.38
CA ASN A 41 11.01 13.93 28.81
C ASN A 41 12.41 14.50 28.99
N LEU A 42 13.14 14.67 27.92
CA LEU A 42 14.52 15.22 28.04
C LEU A 42 14.45 16.73 28.23
N GLU A 43 14.88 17.23 29.36
CA GLU A 43 14.84 18.69 29.59
C GLU A 43 15.67 19.41 28.53
N GLY A 44 15.31 20.61 28.18
CA GLY A 44 16.08 21.36 27.15
C GLY A 44 15.75 22.85 27.26
N LYS A 45 16.73 23.65 27.60
CA LYS A 45 16.49 25.11 27.73
C LYS A 45 16.46 25.75 26.33
N GLN A 46 17.11 25.13 25.38
CA GLN A 46 17.12 25.68 24.00
C GLN A 46 15.85 25.27 23.26
N LYS A 47 14.90 24.73 23.96
CA LYS A 47 13.63 24.30 23.30
C LYS A 47 12.94 25.52 22.70
N ALA A 48 12.67 25.48 21.41
CA ALA A 48 12.00 26.65 20.76
C ALA A 48 11.46 26.21 19.40
N ALA A 49 11.41 24.93 19.14
CA ALA A 49 10.89 24.45 17.83
C ALA A 49 9.39 24.72 17.75
N ASP A 50 8.85 25.47 18.69
CA ASP A 50 7.39 25.77 18.67
C ASP A 50 7.15 27.05 17.84
N PHE A 51 8.12 27.46 17.08
CA PHE A 51 7.94 28.69 16.26
C PHE A 51 9.07 28.79 15.23
N GLU A 52 9.07 27.94 14.24
CA GLU A 52 10.15 27.99 13.22
C GLU A 52 9.67 27.31 11.93
N ASP A 53 8.54 26.66 11.98
CA ASP A 53 8.02 25.97 10.76
C ASP A 53 6.51 25.77 10.90
N LEU A 54 5.73 26.72 10.45
CA LEU A 54 4.25 26.58 10.56
C LEU A 54 3.59 27.58 9.59
N LEU A 55 4.17 28.74 9.44
CA LEU A 55 3.58 29.77 8.52
C LEU A 55 4.37 29.77 7.20
N SER A 56 4.96 28.66 6.85
CA SER A 56 5.73 28.59 5.58
C SER A 56 4.82 28.94 4.40
N GLY A 57 3.58 28.51 4.45
CA GLY A 57 2.65 28.80 3.33
C GLY A 57 3.09 28.05 2.07
N GLN A 58 2.84 26.77 2.01
CA GLN A 58 3.25 26.00 0.80
C GLN A 58 2.75 26.72 -0.46
N GLY A 59 1.75 27.55 -0.32
CA GLY A 59 1.22 28.29 -1.50
C GLY A 59 0.24 29.37 -1.04
N PHE A 60 0.16 30.46 -1.75
CA PHE A 60 -0.78 31.55 -1.34
C PHE A 60 -2.19 31.21 -1.85
N ASN A 61 -2.46 29.95 -2.09
CA ASN A 61 -3.81 29.57 -2.58
C ASN A 61 -4.79 29.52 -1.40
N ALA A 62 -5.50 28.43 -1.26
CA ALA A 62 -6.48 28.33 -0.13
C ALA A 62 -5.73 28.02 1.16
N HIS A 63 -5.46 29.03 1.96
CA HIS A 63 -4.73 28.79 3.24
C HIS A 63 -5.44 27.69 4.03
N LYS A 64 -4.74 26.65 4.38
CA LYS A 64 -5.38 25.55 5.16
C LYS A 64 -4.31 24.57 5.64
N ASP A 65 -3.87 24.70 6.86
CA ASP A 65 -2.83 23.78 7.39
C ASP A 65 -2.90 23.74 8.92
N LYS A 66 -3.73 22.89 9.46
CA LYS A 66 -3.85 22.80 10.94
C LYS A 66 -4.49 21.46 11.31
N LYS A 67 -5.79 21.41 11.45
CA LYS A 67 -6.46 20.13 11.82
C LYS A 67 -6.68 19.29 10.55
N GLY A 68 -5.64 18.68 10.04
CA GLY A 68 -5.79 17.84 8.81
C GLY A 68 -5.99 16.37 9.22
N PRO A 69 -6.16 15.51 8.25
CA PRO A 69 -6.36 14.06 8.49
C PRO A 69 -5.05 13.35 8.86
N ARG A 70 -5.13 12.26 9.58
CA ARG A 70 -3.90 11.52 9.98
C ARG A 70 -4.23 10.04 10.13
N THR A 71 -4.58 9.38 9.06
CA THR A 71 -4.91 7.92 9.13
C THR A 71 -3.73 7.10 8.62
N ILE A 72 -2.99 6.49 9.51
CA ILE A 72 -1.80 5.69 9.06
C ILE A 72 -2.27 4.63 8.04
N ALA A 73 -3.55 4.55 7.78
CA ALA A 73 -4.04 3.53 6.79
C ALA A 73 -3.88 4.04 5.35
N GLU A 74 -3.73 5.34 5.15
CA GLU A 74 -3.56 5.86 3.77
C GLU A 74 -2.10 5.71 3.34
N MET A 75 -1.18 6.12 4.16
CA MET A 75 0.26 5.99 3.80
C MET A 75 0.58 4.54 3.47
N ARG A 76 0.08 3.62 4.25
CA ARG A 76 0.35 2.17 3.97
C ARG A 76 -0.17 1.80 2.58
N LYS A 77 -1.31 2.32 2.19
CA LYS A 77 -1.85 1.99 0.84
C LYS A 77 -0.82 2.34 -0.24
N GLU A 78 -0.10 3.41 -0.05
CA GLU A 78 0.92 3.81 -1.06
C GLU A 78 2.21 3.01 -0.83
N GLU A 79 2.45 2.61 0.39
CA GLU A 79 3.70 1.83 0.69
C GLU A 79 3.87 0.73 -0.35
N MET A 80 3.00 -0.24 -0.35
CA MET A 80 3.12 -1.36 -1.33
C MET A 80 3.30 -0.76 -2.74
N ALA A 81 2.67 0.34 -3.02
CA ALA A 81 2.80 0.96 -4.37
C ALA A 81 3.97 1.94 -4.39
N LYS A 82 4.69 2.05 -3.29
CA LYS A 82 5.84 2.99 -3.24
C LYS A 82 7.00 2.41 -4.04
N GLU A 83 6.94 1.16 -4.38
CA GLU A 83 8.05 0.53 -5.16
C GLU A 83 7.63 -0.87 -5.60
N MET A 84 6.92 -0.98 -6.69
CA MET A 84 6.48 -2.32 -7.17
C MET A 84 7.65 -3.01 -7.86
N ASP A 85 8.81 -2.98 -7.28
CA ASP A 85 9.99 -3.64 -7.89
C ASP A 85 9.58 -5.06 -8.36
N PRO A 86 10.04 -5.52 -9.50
CA PRO A 86 9.66 -6.88 -9.99
C PRO A 86 10.07 -7.98 -9.02
N GLU A 87 10.71 -7.63 -7.94
CA GLU A 87 11.13 -8.66 -6.94
C GLU A 87 10.04 -8.72 -5.86
N LYS A 88 9.40 -7.62 -5.60
CA LYS A 88 8.31 -7.58 -4.59
C LYS A 88 7.06 -8.20 -5.20
N LEU A 89 6.92 -8.10 -6.49
CA LEU A 89 5.71 -8.68 -7.14
C LEU A 89 5.57 -10.13 -6.73
N LYS A 90 6.66 -10.84 -6.62
CA LYS A 90 6.59 -12.27 -6.21
C LYS A 90 5.89 -12.37 -4.85
N ILE A 91 6.07 -11.39 -4.01
CA ILE A 91 5.42 -11.43 -2.67
C ILE A 91 3.93 -11.11 -2.81
N LEU A 92 3.60 -10.07 -3.52
CA LEU A 92 2.15 -9.70 -3.68
C LEU A 92 1.35 -10.93 -4.14
N GLU A 93 1.98 -11.83 -4.85
CA GLU A 93 1.26 -13.05 -5.33
C GLU A 93 1.20 -14.08 -4.21
N TRP A 94 2.19 -14.09 -3.38
CA TRP A 94 2.26 -15.06 -2.26
C TRP A 94 1.21 -14.73 -1.20
N ILE A 95 1.05 -13.47 -0.87
CA ILE A 95 0.06 -13.09 0.17
C ILE A 95 -1.37 -13.26 -0.37
N GLU A 96 -1.62 -12.84 -1.58
CA GLU A 96 -3.01 -12.95 -2.11
C GLU A 96 -3.39 -14.42 -2.31
N GLY A 97 -2.46 -15.30 -2.14
CA GLY A 97 -2.74 -16.74 -2.32
C GLY A 97 -3.48 -17.27 -1.08
N LYS A 98 -3.08 -16.86 0.09
CA LYS A 98 -3.77 -17.36 1.31
C LYS A 98 -3.29 -16.55 2.52
N GLU A 99 -3.59 -15.29 2.57
CA GLU A 99 -3.15 -14.45 3.72
C GLU A 99 -3.98 -14.79 4.96
N ARG A 100 -4.50 -15.98 5.03
CA ARG A 100 -5.31 -16.40 6.21
C ARG A 100 -4.93 -17.82 6.62
N ASN A 101 -3.72 -18.23 6.33
CA ASN A 101 -3.28 -19.60 6.68
C ASN A 101 -1.84 -19.52 7.20
N ILE A 102 -1.67 -18.87 8.31
CA ILE A 102 -0.31 -18.67 8.90
C ILE A 102 0.51 -19.97 8.82
N ARG A 103 -0.09 -21.11 9.05
CA ARG A 103 0.71 -22.36 9.01
C ARG A 103 1.36 -22.48 7.64
N ALA A 104 0.66 -22.09 6.61
CA ALA A 104 1.21 -22.17 5.24
C ALA A 104 2.14 -20.98 4.95
N LEU A 105 1.79 -19.79 5.35
CA LEU A 105 2.65 -18.61 5.06
C LEU A 105 4.07 -18.88 5.56
N LEU A 106 4.23 -19.30 6.79
CA LEU A 106 5.60 -19.55 7.32
C LEU A 106 6.18 -20.82 6.69
N SER A 107 5.35 -21.69 6.17
CA SER A 107 5.87 -22.94 5.54
C SER A 107 5.95 -22.75 4.03
N THR A 108 5.69 -21.55 3.55
CA THR A 108 5.76 -21.29 2.08
C THR A 108 6.53 -20.00 1.83
N MET A 109 7.18 -19.49 2.85
CA MET A 109 7.95 -18.21 2.68
C MET A 109 9.25 -18.46 1.92
N HIS A 110 9.87 -19.60 2.09
CA HIS A 110 11.16 -19.85 1.38
C HIS A 110 11.00 -19.64 -0.12
N THR A 111 9.82 -19.79 -0.64
CA THR A 111 9.63 -19.59 -2.11
C THR A 111 9.62 -18.08 -2.43
N VAL A 112 9.88 -17.23 -1.45
CA VAL A 112 9.87 -15.76 -1.74
C VAL A 112 10.84 -15.03 -0.81
N LEU A 113 11.92 -15.65 -0.39
CA LEU A 113 12.88 -14.95 0.48
C LEU A 113 13.91 -14.24 -0.38
N TRP A 114 14.78 -13.50 0.24
CA TRP A 114 15.84 -12.80 -0.54
C TRP A 114 17.02 -13.73 -0.76
N ALA A 115 17.68 -13.59 -1.88
CA ALA A 115 18.85 -14.45 -2.18
C ALA A 115 19.94 -14.21 -1.15
N GLY A 116 20.23 -15.18 -0.32
CA GLY A 116 21.29 -15.00 0.72
C GLY A 116 20.94 -15.85 1.95
N GLU A 117 19.72 -15.80 2.37
CA GLU A 117 19.30 -16.58 3.57
C GLU A 117 19.67 -18.05 3.35
N THR A 118 20.56 -18.56 4.16
CA THR A 118 21.00 -20.00 4.02
C THR A 118 20.76 -20.76 5.34
N LYS A 119 20.11 -20.14 6.30
CA LYS A 119 19.84 -20.84 7.59
C LYS A 119 18.39 -21.32 7.64
N TRP A 120 17.52 -20.66 6.91
CA TRP A 120 16.10 -21.08 6.92
C TRP A 120 15.96 -22.50 6.39
N LYS A 121 15.26 -23.34 7.11
CA LYS A 121 15.03 -24.75 6.68
C LYS A 121 13.54 -24.91 6.36
N PRO A 122 13.13 -24.77 5.11
CA PRO A 122 11.70 -24.88 4.72
C PRO A 122 10.96 -25.95 5.54
N VAL A 123 9.82 -25.59 6.05
CA VAL A 123 9.02 -26.56 6.86
C VAL A 123 8.16 -27.41 5.95
N GLY A 124 8.29 -28.70 6.04
CA GLY A 124 7.47 -29.59 5.18
C GLY A 124 5.99 -29.38 5.54
N MET A 125 5.17 -29.04 4.58
CA MET A 125 3.72 -28.80 4.86
C MET A 125 3.18 -29.91 5.78
N ALA A 126 3.83 -31.04 5.83
CA ALA A 126 3.35 -32.15 6.70
C ALA A 126 3.87 -31.95 8.13
N ASP A 127 4.81 -31.06 8.31
CA ASP A 127 5.39 -30.83 9.68
C ASP A 127 4.64 -29.68 10.38
N LEU A 128 3.37 -29.49 10.08
CA LEU A 128 2.60 -28.39 10.75
C LEU A 128 1.18 -28.90 11.05
N VAL A 129 1.03 -30.17 11.33
CA VAL A 129 -0.32 -30.71 11.64
C VAL A 129 -0.70 -30.40 13.10
N THR A 130 0.18 -29.79 13.85
CA THR A 130 -0.13 -29.44 15.27
C THR A 130 0.30 -27.99 15.53
N PRO A 131 -0.36 -27.29 16.42
CA PRO A 131 0.00 -25.87 16.73
C PRO A 131 1.40 -25.77 17.33
N GLU A 132 1.80 -26.72 18.13
CA GLU A 132 3.17 -26.66 18.72
C GLU A 132 4.19 -26.60 17.58
N GLN A 133 3.87 -27.20 16.47
CA GLN A 133 4.80 -27.16 15.31
C GLN A 133 4.78 -25.77 14.70
N VAL A 134 3.63 -25.15 14.68
CA VAL A 134 3.51 -23.79 14.10
C VAL A 134 4.02 -22.75 15.10
N LYS A 135 3.42 -22.68 16.25
CA LYS A 135 3.85 -21.67 17.27
C LYS A 135 5.36 -21.77 17.50
N LYS A 136 5.89 -22.96 17.52
CA LYS A 136 7.35 -23.12 17.76
C LYS A 136 8.14 -22.46 16.63
N VAL A 137 7.71 -22.61 15.40
CA VAL A 137 8.46 -22.00 14.27
C VAL A 137 8.10 -20.53 14.11
N TYR A 138 6.89 -20.13 14.43
CA TYR A 138 6.53 -18.70 14.27
C TYR A 138 7.60 -17.83 14.94
N ARG A 139 8.24 -18.34 15.96
CA ARG A 139 9.29 -17.55 16.65
C ARG A 139 10.51 -17.41 15.71
N LYS A 140 11.07 -18.52 15.31
CA LYS A 140 12.25 -18.46 14.40
C LYS A 140 11.87 -17.75 13.11
N ALA A 141 10.73 -18.05 12.56
CA ALA A 141 10.31 -17.37 11.29
C ALA A 141 10.42 -15.86 11.49
N VAL A 142 10.07 -15.38 12.66
CA VAL A 142 10.16 -13.91 12.93
C VAL A 142 11.64 -13.52 13.00
N LEU A 143 12.48 -14.41 13.43
CA LEU A 143 13.94 -14.09 13.51
C LEU A 143 14.49 -13.97 12.08
N VAL A 144 13.90 -14.65 11.15
CA VAL A 144 14.39 -14.59 9.75
C VAL A 144 14.29 -13.16 9.23
N VAL A 145 13.32 -12.39 9.70
CA VAL A 145 13.15 -10.99 9.21
C VAL A 145 13.40 -9.99 10.34
N HIS A 146 14.18 -10.34 11.32
CA HIS A 146 14.45 -9.36 12.42
C HIS A 146 15.19 -8.15 11.80
N PRO A 147 14.73 -6.94 12.04
CA PRO A 147 15.39 -5.72 11.47
C PRO A 147 16.91 -5.84 11.40
N ASP A 148 17.55 -6.13 12.49
CA ASP A 148 19.04 -6.24 12.48
C ASP A 148 19.55 -6.99 11.24
N LYS A 149 18.88 -8.05 10.82
CA LYS A 149 19.37 -8.79 9.62
C LYS A 149 18.90 -8.10 8.34
N ALA A 150 18.05 -7.11 8.46
CA ALA A 150 17.53 -6.37 7.27
C ALA A 150 17.79 -4.89 7.46
N THR A 151 18.89 -4.54 8.06
CA THR A 151 19.20 -3.10 8.28
C THR A 151 19.95 -2.53 7.07
N GLY A 152 19.34 -1.63 6.36
CA GLY A 152 20.01 -1.02 5.18
C GLY A 152 20.37 -2.10 4.15
N GLN A 153 19.84 -3.28 4.30
CA GLN A 153 20.17 -4.37 3.32
C GLN A 153 19.19 -4.28 2.13
N PRO A 154 19.66 -4.43 0.92
CA PRO A 154 18.79 -4.37 -0.29
C PRO A 154 17.40 -4.97 -0.05
N TYR A 155 17.31 -5.99 0.77
CA TYR A 155 15.98 -6.61 1.06
C TYR A 155 15.40 -6.00 2.34
N GLU A 156 15.69 -4.75 2.58
CA GLU A 156 15.18 -4.07 3.79
C GLU A 156 13.64 -3.98 3.73
N GLN A 157 13.10 -3.52 2.64
CA GLN A 157 11.62 -3.41 2.53
C GLN A 157 10.98 -4.79 2.64
N TYR A 158 11.63 -5.80 2.14
CA TYR A 158 11.04 -7.17 2.22
C TYR A 158 10.66 -7.46 3.68
N ALA A 159 11.56 -7.24 4.60
CA ALA A 159 11.27 -7.52 6.03
C ALA A 159 9.93 -6.90 6.44
N LYS A 160 9.78 -5.62 6.26
CA LYS A 160 8.51 -4.95 6.67
C LYS A 160 7.32 -5.63 6.00
N MET A 161 7.50 -6.17 4.83
CA MET A 161 6.35 -6.83 4.15
C MET A 161 6.03 -8.17 4.82
N ILE A 162 7.02 -9.01 4.96
CA ILE A 162 6.77 -10.36 5.56
C ILE A 162 6.65 -10.23 7.10
N PHE A 163 7.27 -9.25 7.70
CA PHE A 163 7.18 -9.12 9.18
C PHE A 163 5.74 -8.88 9.64
N MET A 164 5.06 -7.97 9.01
CA MET A 164 3.65 -7.67 9.43
C MET A 164 2.71 -8.74 8.90
N GLU A 165 3.09 -9.43 7.86
CA GLU A 165 2.18 -10.48 7.30
C GLU A 165 2.29 -11.75 8.16
N LEU A 166 3.43 -11.99 8.73
CA LEU A 166 3.61 -13.20 9.60
C LEU A 166 2.78 -13.02 10.88
N ASN A 167 2.82 -11.84 11.46
CA ASN A 167 2.06 -11.61 12.73
C ASN A 167 0.59 -11.26 12.42
N ASP A 168 0.29 -10.88 11.21
CA ASP A 168 -1.12 -10.53 10.87
C ASP A 168 -1.95 -11.81 10.84
N ALA A 169 -1.62 -12.72 9.96
CA ALA A 169 -2.40 -13.98 9.88
C ALA A 169 -2.37 -14.68 11.25
N TRP A 170 -1.32 -14.49 12.00
CA TRP A 170 -1.23 -15.11 13.34
C TRP A 170 -2.45 -14.70 14.16
N SER A 171 -2.94 -13.51 13.94
CA SER A 171 -4.14 -13.06 14.70
C SER A 171 -5.33 -13.94 14.31
N GLU A 172 -5.38 -14.35 13.06
CA GLU A 172 -6.51 -15.21 12.61
C GLU A 172 -6.22 -16.66 13.04
N PHE A 173 -4.99 -17.08 12.97
CA PHE A 173 -4.65 -18.47 13.39
C PHE A 173 -5.15 -18.68 14.81
N GLU A 174 -5.22 -17.64 15.59
CA GLU A 174 -5.72 -17.81 16.99
C GLU A 174 -7.17 -18.28 16.93
N ASN A 175 -7.94 -17.70 16.05
CA ASN A 175 -9.37 -18.10 15.91
C ASN A 175 -9.49 -19.24 14.88
N GLN A 176 -8.65 -19.21 13.86
CA GLN A 176 -8.72 -20.27 12.79
C GLN A 176 -7.72 -21.41 13.07
N GLY A 177 -6.92 -21.33 14.11
CA GLY A 177 -5.91 -22.41 14.38
C GLY A 177 -6.37 -23.28 15.56
N GLN A 178 -7.05 -22.70 16.51
CA GLN A 178 -7.53 -23.49 17.68
C GLN A 178 -8.59 -24.50 17.19
N LYS A 179 -8.30 -25.19 16.11
CA LYS A 179 -9.29 -26.20 15.59
C LYS A 179 -8.66 -26.92 14.39
N PRO A 180 -9.14 -28.09 14.05
CA PRO A 180 -8.60 -28.88 12.90
C PRO A 180 -9.03 -28.28 11.54
N LEU A 181 -8.17 -27.57 10.84
CA LEU A 181 -8.55 -26.96 9.52
C LEU A 181 -7.81 -27.70 8.38
N TYR A 182 -8.14 -28.95 8.13
CA TYR A 182 -7.45 -29.69 7.03
C TYR A 182 -8.03 -31.11 6.95
N GLY A 1 -33.29 39.55 -32.11
CA GLY A 1 -32.92 40.65 -33.05
C GLY A 1 -33.85 41.85 -32.82
N PRO A 2 -33.55 42.96 -33.44
CA PRO A 2 -34.35 44.21 -33.30
C PRO A 2 -35.66 44.13 -34.09
N LEU A 3 -35.95 43.00 -34.67
CA LEU A 3 -37.22 42.86 -35.45
C LEU A 3 -38.39 42.72 -34.48
N GLY A 4 -39.59 43.03 -34.93
CA GLY A 4 -40.77 42.91 -34.03
C GLY A 4 -42.05 42.94 -34.87
N SER A 5 -43.00 43.75 -34.48
CA SER A 5 -44.27 43.83 -35.27
C SER A 5 -45.03 45.10 -34.88
N PRO A 6 -44.42 46.24 -35.10
CA PRO A 6 -45.04 47.55 -34.78
C PRO A 6 -46.12 47.95 -35.81
N GLU A 7 -46.22 47.23 -36.88
CA GLU A 7 -47.24 47.56 -37.91
C GLU A 7 -48.63 47.35 -37.33
N PHE A 8 -48.75 46.53 -36.32
CA PHE A 8 -50.09 46.28 -35.71
C PHE A 8 -50.65 47.59 -35.14
N SER A 9 -49.86 48.64 -35.17
CA SER A 9 -50.35 49.95 -34.65
C SER A 9 -49.47 51.07 -35.18
N MET A 10 -49.63 51.42 -36.44
CA MET A 10 -48.80 52.51 -37.02
C MET A 10 -49.36 52.91 -38.39
N PRO A 11 -50.50 53.54 -38.40
CA PRO A 11 -51.16 53.98 -39.67
C PRO A 11 -50.18 54.66 -40.63
N HIS A 12 -50.66 55.07 -41.78
CA HIS A 12 -49.75 55.75 -42.75
C HIS A 12 -48.98 56.87 -42.05
N SER A 13 -47.83 57.21 -42.54
CA SER A 13 -47.04 58.30 -41.90
C SER A 13 -45.99 58.83 -42.89
N SER A 14 -46.01 60.10 -43.16
CA SER A 14 -45.02 60.66 -44.12
C SER A 14 -45.06 62.20 -44.06
N PRO A 15 -44.80 62.76 -42.92
CA PRO A 15 -44.82 64.24 -42.72
C PRO A 15 -43.57 64.91 -43.32
N GLN A 16 -43.65 65.33 -44.55
CA GLN A 16 -42.48 65.98 -45.19
C GLN A 16 -42.21 67.33 -44.51
N ASN A 17 -41.61 67.30 -43.35
CA ASN A 17 -41.32 68.57 -42.62
C ASN A 17 -40.25 69.35 -43.39
N ARG A 18 -39.72 68.79 -44.44
CA ARG A 18 -38.67 69.50 -45.22
C ARG A 18 -38.53 68.83 -46.60
N PRO A 19 -38.10 69.55 -47.61
CA PRO A 19 -37.92 69.00 -48.98
C PRO A 19 -37.39 67.56 -48.95
N ASN A 20 -37.76 66.77 -49.93
CA ASN A 20 -37.29 65.36 -49.97
C ASN A 20 -37.59 64.76 -51.34
N TYR A 21 -36.61 64.19 -51.99
CA TYR A 21 -36.85 63.58 -53.32
C TYR A 21 -37.65 62.29 -53.16
N ASN A 22 -37.08 61.31 -52.52
CA ASN A 22 -37.81 60.02 -52.33
C ASN A 22 -37.05 59.15 -51.33
N VAL A 23 -35.98 58.56 -51.75
CA VAL A 23 -35.19 57.69 -50.82
C VAL A 23 -34.34 58.57 -49.91
N SER A 24 -34.92 59.13 -48.88
CA SER A 24 -34.14 59.99 -47.96
C SER A 24 -33.01 59.17 -47.33
N PHE A 25 -33.35 58.24 -46.47
CA PHE A 25 -32.29 57.41 -45.82
C PHE A 25 -32.95 56.26 -45.06
N SER A 26 -34.24 56.12 -45.18
CA SER A 26 -34.94 55.01 -44.48
C SER A 26 -34.44 53.66 -45.00
N SER A 27 -34.19 53.58 -46.29
CA SER A 27 -33.71 52.30 -46.86
C SER A 27 -32.39 51.90 -46.19
N MET A 28 -31.96 50.68 -46.37
CA MET A 28 -30.68 50.24 -45.75
C MET A 28 -30.28 48.88 -46.32
N PRO A 29 -29.87 48.86 -47.57
CA PRO A 29 -29.44 47.61 -48.26
C PRO A 29 -28.50 46.77 -47.39
N GLY A 30 -28.95 45.63 -46.93
CA GLY A 30 -28.08 44.76 -46.08
C GLY A 30 -28.93 43.69 -45.41
N GLY A 31 -28.63 42.44 -45.66
CA GLY A 31 -29.42 41.34 -45.03
C GLY A 31 -29.18 41.35 -43.52
N GLN A 32 -29.53 40.28 -42.85
CA GLN A 32 -29.31 40.21 -41.38
C GLN A 32 -27.84 39.95 -41.09
N ASN A 33 -26.97 40.30 -42.00
CA ASN A 33 -25.51 40.06 -41.77
C ASN A 33 -24.71 40.81 -42.83
N GLU A 34 -23.45 41.03 -42.59
CA GLU A 34 -22.60 41.75 -43.59
C GLU A 34 -21.13 41.32 -43.43
N ARG A 35 -20.49 41.73 -42.37
CA ARG A 35 -19.08 41.34 -42.17
C ARG A 35 -18.98 39.82 -42.03
N GLY A 36 -19.98 39.20 -41.47
CA GLY A 36 -19.94 37.72 -41.31
C GLY A 36 -21.02 37.29 -40.31
N LYS A 37 -20.71 36.36 -39.45
CA LYS A 37 -21.72 35.90 -38.45
C LYS A 37 -22.08 37.05 -37.52
N ALA A 38 -23.19 37.69 -37.75
CA ALA A 38 -23.60 38.83 -36.89
C ALA A 38 -23.72 38.35 -35.44
N ALA A 39 -23.66 39.25 -34.49
CA ALA A 39 -23.77 38.83 -33.06
C ALA A 39 -23.94 40.07 -32.19
N ALA A 40 -23.56 39.99 -30.95
CA ALA A 40 -23.69 41.16 -30.03
C ALA A 40 -22.80 40.97 -28.81
N ASN A 41 -23.28 40.29 -27.82
CA ASN A 41 -22.46 40.07 -26.59
C ASN A 41 -21.18 39.30 -26.96
N LEU A 42 -20.05 39.77 -26.51
CA LEU A 42 -18.78 39.07 -26.84
C LEU A 42 -18.92 37.57 -26.53
N GLU A 43 -17.89 36.81 -26.79
CA GLU A 43 -17.97 35.35 -26.52
C GLU A 43 -17.76 35.10 -25.03
N GLY A 44 -18.27 34.01 -24.52
CA GLY A 44 -18.10 33.70 -23.07
C GLY A 44 -18.55 32.27 -22.79
N LYS A 45 -17.84 31.57 -21.93
CA LYS A 45 -18.22 30.17 -21.62
C LYS A 45 -19.29 30.17 -20.53
N GLN A 46 -20.17 31.14 -20.54
CA GLN A 46 -21.24 31.20 -19.51
C GLN A 46 -21.93 29.84 -19.41
N LYS A 47 -22.05 29.15 -20.52
CA LYS A 47 -22.71 27.82 -20.49
C LYS A 47 -22.29 27.02 -21.73
N ALA A 48 -21.24 27.42 -22.38
CA ALA A 48 -20.79 26.68 -23.60
C ALA A 48 -20.04 25.42 -23.18
N ALA A 49 -19.58 25.37 -21.95
CA ALA A 49 -18.83 24.16 -21.49
C ALA A 49 -19.83 23.03 -21.23
N ASP A 50 -20.66 22.72 -22.19
CA ASP A 50 -21.66 21.62 -22.01
C ASP A 50 -21.86 20.90 -23.34
N PHE A 51 -20.79 20.53 -24.00
CA PHE A 51 -20.92 19.83 -25.30
C PHE A 51 -19.55 19.31 -25.74
N GLU A 52 -18.97 18.43 -24.98
CA GLU A 52 -17.63 17.90 -25.35
C GLU A 52 -17.30 16.67 -24.49
N ASP A 53 -17.89 16.58 -23.32
CA ASP A 53 -17.63 15.43 -22.42
C ASP A 53 -18.92 15.04 -21.69
N LEU A 54 -19.85 14.47 -22.39
CA LEU A 54 -21.13 14.07 -21.74
C LEU A 54 -20.88 12.88 -20.81
N LEU A 55 -21.68 12.70 -19.79
CA LEU A 55 -21.47 11.55 -18.87
C LEU A 55 -21.91 10.26 -19.56
N SER A 56 -21.56 10.08 -20.80
CA SER A 56 -21.96 8.85 -21.53
C SER A 56 -20.99 7.72 -21.18
N GLY A 57 -19.77 7.81 -21.64
CA GLY A 57 -18.78 6.74 -21.33
C GLY A 57 -18.73 6.49 -19.83
N GLN A 58 -18.64 7.54 -19.06
CA GLN A 58 -18.60 7.38 -17.57
C GLN A 58 -19.85 6.63 -17.11
N GLY A 59 -19.86 5.33 -17.20
CA GLY A 59 -21.03 4.56 -16.75
C GLY A 59 -21.00 3.16 -17.39
N PHE A 60 -21.20 3.08 -18.68
CA PHE A 60 -21.18 1.76 -19.36
C PHE A 60 -19.73 1.37 -19.66
N ASN A 61 -18.98 1.02 -18.65
CA ASN A 61 -17.56 0.63 -18.88
C ASN A 61 -17.07 -0.19 -17.69
N ALA A 62 -15.80 -0.50 -17.65
CA ALA A 62 -15.26 -1.30 -16.52
C ALA A 62 -15.17 -0.42 -15.27
N HIS A 63 -16.26 -0.24 -14.59
CA HIS A 63 -16.24 0.62 -13.36
C HIS A 63 -15.10 0.16 -12.45
N LYS A 64 -14.15 1.02 -12.20
CA LYS A 64 -13.01 0.63 -11.32
C LYS A 64 -13.51 0.46 -9.89
N ASP A 65 -13.27 -0.68 -9.29
CA ASP A 65 -13.73 -0.90 -7.89
C ASP A 65 -12.76 -0.24 -6.92
N LYS A 66 -13.26 0.53 -5.99
CA LYS A 66 -12.36 1.22 -5.02
C LYS A 66 -13.16 1.59 -3.76
N LYS A 67 -13.41 0.63 -2.90
CA LYS A 67 -14.18 0.92 -1.65
C LYS A 67 -13.76 -0.07 -0.57
N GLY A 68 -12.53 -0.04 -0.16
CA GLY A 68 -12.06 -0.97 0.90
C GLY A 68 -12.49 -0.44 2.27
N PRO A 69 -12.18 -1.17 3.31
CA PRO A 69 -12.55 -0.78 4.71
C PRO A 69 -11.65 0.34 5.24
N ARG A 70 -11.60 0.51 6.53
CA ARG A 70 -10.75 1.59 7.14
C ARG A 70 -9.82 0.97 8.19
N THR A 71 -9.05 -0.03 7.80
CA THR A 71 -8.12 -0.68 8.77
C THR A 71 -6.72 -0.11 8.56
N ILE A 72 -6.01 0.14 9.63
CA ILE A 72 -4.62 0.71 9.49
C ILE A 72 -3.80 -0.20 8.55
N ALA A 73 -4.35 -1.31 8.14
CA ALA A 73 -3.58 -2.23 7.22
C ALA A 73 -3.75 -1.82 5.75
N GLU A 74 -4.79 -1.09 5.42
CA GLU A 74 -4.98 -0.67 4.00
C GLU A 74 -4.11 0.56 3.69
N MET A 75 -3.97 1.46 4.62
CA MET A 75 -3.15 2.67 4.36
C MET A 75 -1.76 2.25 3.88
N ARG A 76 -1.07 1.44 4.64
CA ARG A 76 0.30 1.00 4.20
C ARG A 76 0.21 0.29 2.84
N LYS A 77 -0.93 -0.24 2.49
CA LYS A 77 -1.04 -0.94 1.18
C LYS A 77 -0.61 0.00 0.05
N GLU A 78 -0.60 1.28 0.31
CA GLU A 78 -0.19 2.24 -0.76
C GLU A 78 1.34 2.30 -0.84
N GLU A 79 1.98 2.70 0.22
CA GLU A 79 3.46 2.78 0.21
C GLU A 79 4.04 1.45 -0.28
N MET A 80 3.71 0.37 0.37
CA MET A 80 4.23 -0.96 -0.06
C MET A 80 4.06 -1.11 -1.58
N ALA A 81 3.09 -0.45 -2.15
CA ALA A 81 2.86 -0.56 -3.62
C ALA A 81 3.63 0.56 -4.35
N LYS A 82 4.37 1.35 -3.64
CA LYS A 82 5.13 2.45 -4.30
C LYS A 82 6.46 1.90 -4.85
N GLU A 83 6.79 0.67 -4.52
CA GLU A 83 8.06 0.08 -5.04
C GLU A 83 7.82 -1.38 -5.46
N MET A 84 6.89 -1.60 -6.35
CA MET A 84 6.61 -2.99 -6.80
C MET A 84 7.80 -3.53 -7.60
N ASP A 85 8.96 -3.48 -7.03
CA ASP A 85 10.17 -3.98 -7.75
C ASP A 85 9.88 -5.42 -8.23
N PRO A 86 10.27 -5.77 -9.45
CA PRO A 86 10.02 -7.13 -10.00
C PRO A 86 10.24 -8.23 -8.95
N GLU A 87 10.98 -7.95 -7.92
CA GLU A 87 11.23 -9.00 -6.88
C GLU A 87 10.14 -8.94 -5.81
N LYS A 88 9.63 -7.77 -5.53
CA LYS A 88 8.57 -7.63 -4.50
C LYS A 88 7.24 -8.11 -5.11
N LEU A 89 7.11 -8.00 -6.39
CA LEU A 89 5.86 -8.43 -7.06
C LEU A 89 5.57 -9.89 -6.65
N LYS A 90 6.58 -10.73 -6.68
CA LYS A 90 6.38 -12.15 -6.29
C LYS A 90 5.65 -12.23 -4.95
N ILE A 91 6.00 -11.38 -4.01
CA ILE A 91 5.33 -11.42 -2.69
C ILE A 91 3.83 -11.17 -2.86
N LEU A 92 3.46 -10.15 -3.59
CA LEU A 92 2.01 -9.85 -3.79
C LEU A 92 1.28 -11.12 -4.25
N GLU A 93 1.96 -12.00 -4.93
CA GLU A 93 1.30 -13.25 -5.41
C GLU A 93 1.26 -14.27 -4.28
N TRP A 94 2.22 -14.22 -3.43
CA TRP A 94 2.31 -15.17 -2.30
C TRP A 94 1.23 -14.86 -1.25
N ILE A 95 1.03 -13.62 -0.95
CA ILE A 95 0.00 -13.26 0.07
C ILE A 95 -1.41 -13.48 -0.51
N GLU A 96 -1.64 -13.06 -1.73
CA GLU A 96 -3.00 -13.23 -2.31
C GLU A 96 -3.33 -14.71 -2.50
N GLY A 97 -2.37 -15.55 -2.29
CA GLY A 97 -2.60 -17.00 -2.44
C GLY A 97 -3.42 -17.52 -1.26
N LYS A 98 -3.10 -17.10 -0.06
CA LYS A 98 -3.87 -17.56 1.12
C LYS A 98 -3.43 -16.76 2.35
N GLU A 99 -3.74 -15.50 2.38
CA GLU A 99 -3.35 -14.66 3.56
C GLU A 99 -4.22 -15.01 4.76
N ARG A 100 -4.69 -16.23 4.82
CA ARG A 100 -5.55 -16.66 5.96
C ARG A 100 -5.16 -18.09 6.37
N ASN A 101 -3.93 -18.46 6.15
CA ASN A 101 -3.48 -19.83 6.49
C ASN A 101 -2.04 -19.74 7.02
N ILE A 102 -1.89 -19.09 8.14
CA ILE A 102 -0.53 -18.90 8.73
C ILE A 102 0.29 -20.20 8.63
N ARG A 103 -0.31 -21.35 8.81
CA ARG A 103 0.48 -22.60 8.74
C ARG A 103 1.28 -22.64 7.43
N ALA A 104 0.68 -22.27 6.34
CA ALA A 104 1.40 -22.30 5.03
C ALA A 104 2.27 -21.05 4.84
N LEU A 105 1.81 -19.89 5.25
CA LEU A 105 2.63 -18.66 5.02
C LEU A 105 4.04 -18.86 5.60
N LEU A 106 4.15 -19.34 6.80
CA LEU A 106 5.50 -19.53 7.40
C LEU A 106 6.18 -20.76 6.79
N SER A 107 5.41 -21.65 6.22
CA SER A 107 6.01 -22.88 5.60
C SER A 107 6.20 -22.66 4.10
N THR A 108 5.72 -21.56 3.56
CA THR A 108 5.86 -21.29 2.11
C THR A 108 6.58 -19.95 1.90
N MET A 109 6.92 -19.30 2.98
CA MET A 109 7.62 -17.99 2.87
C MET A 109 8.99 -18.18 2.19
N HIS A 110 9.53 -19.36 2.22
CA HIS A 110 10.86 -19.58 1.59
C HIS A 110 10.80 -19.27 0.08
N THR A 111 9.66 -19.40 -0.53
CA THR A 111 9.55 -19.11 -1.99
C THR A 111 9.56 -17.60 -2.23
N VAL A 112 9.76 -16.79 -1.21
CA VAL A 112 9.76 -15.31 -1.42
C VAL A 112 10.83 -14.64 -0.55
N LEU A 113 11.88 -15.33 -0.20
CA LEU A 113 12.94 -14.70 0.63
C LEU A 113 13.93 -14.00 -0.30
N TRP A 114 14.83 -13.27 0.27
CA TRP A 114 15.86 -12.58 -0.58
C TRP A 114 16.99 -13.54 -0.90
N ALA A 115 17.56 -13.41 -2.06
CA ALA A 115 18.68 -14.31 -2.45
C ALA A 115 19.85 -14.12 -1.48
N GLY A 116 20.15 -15.12 -0.71
CA GLY A 116 21.28 -15.00 0.28
C GLY A 116 20.97 -15.84 1.51
N GLU A 117 19.77 -15.73 2.03
CA GLU A 117 19.40 -16.52 3.23
C GLU A 117 19.59 -18.01 2.94
N THR A 118 20.53 -18.62 3.63
CA THR A 118 20.80 -20.08 3.42
C THR A 118 20.63 -20.82 4.75
N LYS A 119 20.04 -20.19 5.73
CA LYS A 119 19.84 -20.85 7.06
C LYS A 119 18.40 -21.34 7.17
N TRP A 120 17.48 -20.71 6.51
CA TRP A 120 16.07 -21.15 6.60
C TRP A 120 15.92 -22.58 6.11
N LYS A 121 15.31 -23.42 6.90
CA LYS A 121 15.08 -24.84 6.52
C LYS A 121 13.58 -25.02 6.26
N PRO A 122 13.13 -24.91 5.03
CA PRO A 122 11.68 -25.04 4.70
C PRO A 122 11.00 -26.13 5.53
N VAL A 123 9.87 -25.81 6.11
CA VAL A 123 9.17 -26.82 6.95
C VAL A 123 8.23 -27.66 6.08
N GLY A 124 8.36 -28.94 6.15
CA GLY A 124 7.49 -29.82 5.33
C GLY A 124 6.02 -29.57 5.71
N MET A 125 5.21 -29.19 4.77
CA MET A 125 3.75 -28.92 5.07
C MET A 125 3.19 -29.99 6.01
N ALA A 126 3.82 -31.13 6.09
CA ALA A 126 3.31 -32.21 6.99
C ALA A 126 3.81 -31.97 8.42
N ASP A 127 4.77 -31.10 8.60
CA ASP A 127 5.32 -30.84 9.96
C ASP A 127 4.61 -29.63 10.61
N LEU A 128 3.36 -29.42 10.29
CA LEU A 128 2.62 -28.28 10.91
C LEU A 128 1.18 -28.71 11.23
N VAL A 129 0.99 -29.95 11.58
CA VAL A 129 -0.40 -30.44 11.88
C VAL A 129 -0.75 -30.14 13.35
N THR A 130 0.14 -29.51 14.08
CA THR A 130 -0.15 -29.18 15.52
C THR A 130 0.28 -27.72 15.80
N PRO A 131 -0.37 -27.04 16.72
CA PRO A 131 -0.03 -25.62 17.04
C PRO A 131 1.41 -25.50 17.56
N GLU A 132 1.86 -26.44 18.35
CA GLU A 132 3.25 -26.38 18.86
C GLU A 132 4.21 -26.31 17.67
N GLN A 133 3.86 -26.94 16.59
CA GLN A 133 4.73 -26.92 15.38
C GLN A 133 4.62 -25.54 14.74
N VAL A 134 3.46 -24.96 14.75
CA VAL A 134 3.27 -23.62 14.14
C VAL A 134 3.80 -22.53 15.07
N LYS A 135 3.47 -22.60 16.33
CA LYS A 135 3.95 -21.56 17.29
C LYS A 135 5.46 -21.69 17.51
N LYS A 136 5.97 -22.89 17.49
CA LYS A 136 7.42 -23.07 17.71
C LYS A 136 8.20 -22.50 16.52
N VAL A 137 7.71 -22.68 15.32
CA VAL A 137 8.43 -22.15 14.13
C VAL A 137 8.11 -20.66 13.95
N TYR A 138 6.91 -20.24 14.28
CA TYR A 138 6.59 -18.79 14.11
C TYR A 138 7.68 -17.96 14.77
N ARG A 139 8.30 -18.48 15.79
CA ARG A 139 9.38 -17.73 16.49
C ARG A 139 10.59 -17.61 15.57
N LYS A 140 11.14 -18.73 15.13
CA LYS A 140 12.32 -18.68 14.23
C LYS A 140 11.98 -17.92 12.95
N ALA A 141 10.83 -18.20 12.37
CA ALA A 141 10.46 -17.49 11.12
C ALA A 141 10.58 -15.98 11.35
N VAL A 142 10.27 -15.52 12.52
CA VAL A 142 10.38 -14.06 12.82
C VAL A 142 11.86 -13.70 12.92
N LEU A 143 12.69 -14.61 13.34
CA LEU A 143 14.15 -14.32 13.46
C LEU A 143 14.73 -14.13 12.06
N VAL A 144 14.16 -14.77 11.09
CA VAL A 144 14.69 -14.63 9.69
C VAL A 144 14.53 -13.19 9.22
N VAL A 145 13.52 -12.50 9.70
CA VAL A 145 13.29 -11.08 9.26
C VAL A 145 13.49 -10.12 10.43
N HIS A 146 14.28 -10.47 11.41
CA HIS A 146 14.50 -9.54 12.54
C HIS A 146 15.20 -8.28 11.98
N PRO A 147 14.69 -7.10 12.25
CA PRO A 147 15.31 -5.84 11.73
C PRO A 147 16.83 -5.89 11.65
N ASP A 148 17.48 -6.25 12.72
CA ASP A 148 18.96 -6.30 12.70
C ASP A 148 19.48 -6.96 11.40
N LYS A 149 18.86 -8.01 10.92
CA LYS A 149 19.36 -8.67 9.68
C LYS A 149 18.82 -7.93 8.45
N ALA A 150 17.94 -6.99 8.64
CA ALA A 150 17.35 -6.23 7.49
C ALA A 150 17.57 -4.75 7.74
N THR A 151 18.68 -4.39 8.33
CA THR A 151 18.93 -2.95 8.60
C THR A 151 19.72 -2.34 7.44
N GLY A 152 19.12 -1.43 6.71
CA GLY A 152 19.84 -0.79 5.58
C GLY A 152 20.27 -1.84 4.55
N GLN A 153 19.82 -3.07 4.71
CA GLN A 153 20.22 -4.13 3.73
C GLN A 153 19.32 -4.03 2.49
N PRO A 154 19.88 -4.16 1.30
CA PRO A 154 19.08 -4.09 0.05
C PRO A 154 17.68 -4.72 0.18
N TYR A 155 17.55 -5.77 0.96
CA TYR A 155 16.22 -6.42 1.13
C TYR A 155 15.54 -5.86 2.40
N GLU A 156 15.86 -4.65 2.76
CA GLU A 156 15.28 -4.04 3.98
C GLU A 156 13.74 -4.02 3.87
N GLN A 157 13.21 -3.61 2.75
CA GLN A 157 11.73 -3.56 2.61
C GLN A 157 11.12 -4.96 2.74
N TYR A 158 11.75 -5.94 2.15
CA TYR A 158 11.20 -7.33 2.24
C TYR A 158 10.82 -7.64 3.70
N ALA A 159 11.68 -7.33 4.62
CA ALA A 159 11.37 -7.62 6.05
C ALA A 159 10.01 -7.03 6.43
N LYS A 160 9.83 -5.75 6.24
CA LYS A 160 8.53 -5.12 6.61
C LYS A 160 7.36 -5.81 5.90
N MET A 161 7.57 -6.34 4.74
CA MET A 161 6.45 -6.99 4.01
C MET A 161 6.13 -8.34 4.67
N ILE A 162 7.10 -9.20 4.80
CA ILE A 162 6.84 -10.55 5.41
C ILE A 162 6.78 -10.43 6.95
N PHE A 163 7.44 -9.47 7.54
CA PHE A 163 7.40 -9.35 9.03
C PHE A 163 5.97 -9.06 9.50
N MET A 164 5.25 -8.24 8.79
CA MET A 164 3.86 -7.91 9.22
C MET A 164 2.91 -9.04 8.82
N GLU A 165 3.01 -9.50 7.60
CA GLU A 165 2.11 -10.60 7.14
C GLU A 165 2.20 -11.78 8.10
N LEU A 166 3.38 -12.18 8.45
CA LEU A 166 3.54 -13.34 9.39
C LEU A 166 2.73 -13.06 10.68
N ASN A 167 2.75 -11.83 11.15
CA ASN A 167 2.02 -11.49 12.40
C ASN A 167 0.54 -11.17 12.11
N ASP A 168 0.20 -10.89 10.88
CA ASP A 168 -1.22 -10.57 10.58
C ASP A 168 -2.09 -11.83 10.68
N ALA A 169 -1.78 -12.84 9.90
CA ALA A 169 -2.60 -14.08 9.95
C ALA A 169 -2.47 -14.71 11.36
N TRP A 170 -1.37 -14.51 12.01
CA TRP A 170 -1.18 -15.09 13.37
C TRP A 170 -2.34 -14.62 14.27
N SER A 171 -2.74 -13.39 14.16
CA SER A 171 -3.85 -12.90 15.01
C SER A 171 -5.09 -13.72 14.69
N GLU A 172 -5.30 -14.04 13.43
CA GLU A 172 -6.48 -14.85 13.05
C GLU A 172 -6.22 -16.33 13.33
N PHE A 173 -4.97 -16.73 13.31
CA PHE A 173 -4.63 -18.15 13.59
C PHE A 173 -5.25 -18.55 14.94
N GLU A 174 -5.35 -17.62 15.85
CA GLU A 174 -5.94 -17.94 17.18
C GLU A 174 -7.42 -18.24 16.99
N ASN A 175 -8.07 -17.53 16.10
CA ASN A 175 -9.52 -17.76 15.85
C ASN A 175 -9.69 -18.84 14.78
N GLN A 176 -8.88 -18.79 13.74
CA GLN A 176 -8.98 -19.78 12.65
C GLN A 176 -8.15 -21.05 12.94
N GLY A 177 -7.13 -20.96 13.76
CA GLY A 177 -6.27 -22.16 14.05
C GLY A 177 -6.85 -22.99 15.18
N GLN A 178 -7.48 -22.38 16.14
CA GLN A 178 -8.06 -23.15 17.28
C GLN A 178 -9.21 -24.03 16.75
N LYS A 179 -9.00 -24.70 15.66
CA LYS A 179 -10.07 -25.58 15.09
C LYS A 179 -9.42 -26.65 14.20
N PRO A 180 -10.02 -27.80 14.06
CA PRO A 180 -9.47 -28.90 13.21
C PRO A 180 -9.64 -28.59 11.70
N LEU A 181 -8.57 -28.21 10.99
CA LEU A 181 -8.71 -27.88 9.53
C LEU A 181 -8.01 -28.97 8.69
N TYR A 182 -8.54 -30.17 8.68
CA TYR A 182 -7.89 -31.25 7.86
C TYR A 182 -8.80 -32.48 7.84
N GLY A 1 -47.89 -39.81 -42.45
CA GLY A 1 -47.14 -38.77 -41.68
C GLY A 1 -47.14 -37.45 -42.45
N PRO A 2 -46.43 -36.47 -41.97
CA PRO A 2 -46.34 -35.14 -42.62
C PRO A 2 -46.10 -35.24 -44.14
N LEU A 3 -46.56 -34.27 -44.88
CA LEU A 3 -46.36 -34.32 -46.36
C LEU A 3 -44.88 -34.05 -46.68
N GLY A 4 -44.53 -32.81 -46.89
CA GLY A 4 -43.11 -32.49 -47.21
C GLY A 4 -42.88 -30.98 -47.04
N SER A 5 -43.90 -30.20 -47.23
CA SER A 5 -43.74 -28.73 -47.09
C SER A 5 -43.25 -28.41 -45.67
N PRO A 6 -42.55 -27.30 -45.48
CA PRO A 6 -42.04 -26.91 -44.14
C PRO A 6 -43.16 -26.40 -43.22
N GLU A 7 -43.40 -25.12 -43.21
CA GLU A 7 -44.48 -24.57 -42.34
C GLU A 7 -45.83 -25.06 -42.84
N PHE A 8 -46.40 -26.03 -42.19
CA PHE A 8 -47.73 -26.55 -42.62
C PHE A 8 -48.78 -25.43 -42.51
N SER A 9 -49.37 -25.05 -43.61
CA SER A 9 -50.39 -23.96 -43.56
C SER A 9 -51.12 -23.89 -44.90
N MET A 10 -50.40 -23.61 -45.96
CA MET A 10 -51.05 -23.53 -47.30
C MET A 10 -49.96 -23.50 -48.39
N PRO A 11 -50.27 -23.95 -49.58
CA PRO A 11 -49.28 -23.97 -50.70
C PRO A 11 -49.02 -22.56 -51.26
N HIS A 12 -47.82 -22.28 -51.66
CA HIS A 12 -47.51 -20.93 -52.21
C HIS A 12 -48.20 -20.77 -53.57
N SER A 13 -49.50 -20.63 -53.57
CA SER A 13 -50.23 -20.46 -54.86
C SER A 13 -51.67 -20.04 -54.59
N SER A 14 -51.90 -18.77 -54.38
CA SER A 14 -53.28 -18.29 -54.11
C SER A 14 -53.36 -16.78 -54.31
N PRO A 15 -53.26 -16.34 -55.54
CA PRO A 15 -53.31 -14.89 -55.88
C PRO A 15 -54.46 -14.16 -55.16
N GLN A 16 -55.68 -14.57 -55.42
CA GLN A 16 -56.84 -13.90 -54.76
C GLN A 16 -56.96 -14.40 -53.31
N ASN A 17 -55.99 -14.10 -52.49
CA ASN A 17 -56.04 -14.56 -51.07
C ASN A 17 -57.03 -13.68 -50.30
N ARG A 18 -58.08 -14.26 -49.78
CA ARG A 18 -59.07 -13.46 -49.01
C ARG A 18 -59.95 -14.39 -48.19
N PRO A 19 -59.36 -15.15 -47.30
CA PRO A 19 -60.09 -16.10 -46.43
C PRO A 19 -60.84 -15.39 -45.29
N ASN A 20 -60.23 -15.27 -44.15
CA ASN A 20 -60.91 -14.58 -43.01
C ASN A 20 -59.87 -14.16 -41.97
N TYR A 21 -59.36 -12.97 -42.09
CA TYR A 21 -58.34 -12.49 -41.10
C TYR A 21 -58.99 -12.30 -39.74
N ASN A 22 -58.45 -12.91 -38.72
CA ASN A 22 -59.05 -12.76 -37.36
C ASN A 22 -58.08 -13.32 -36.31
N VAL A 23 -58.00 -12.71 -35.17
CA VAL A 23 -57.08 -13.20 -34.12
C VAL A 23 -57.31 -14.70 -33.90
N SER A 24 -56.50 -15.33 -33.10
CA SER A 24 -56.68 -16.79 -32.85
C SER A 24 -55.91 -17.19 -31.59
N PHE A 25 -56.55 -17.88 -30.69
CA PHE A 25 -55.85 -18.30 -29.44
C PHE A 25 -54.89 -19.44 -29.76
N SER A 26 -54.22 -19.96 -28.76
CA SER A 26 -53.26 -21.08 -29.00
C SER A 26 -52.98 -21.80 -27.69
N SER A 27 -51.86 -22.48 -27.60
CA SER A 27 -51.53 -23.20 -26.35
C SER A 27 -50.08 -23.70 -26.41
N MET A 28 -49.14 -22.85 -26.07
CA MET A 28 -47.71 -23.26 -26.11
C MET A 28 -46.85 -22.21 -25.42
N PRO A 29 -47.01 -22.06 -24.12
CA PRO A 29 -46.23 -21.07 -23.33
C PRO A 29 -44.74 -21.08 -23.66
N GLY A 30 -44.03 -20.06 -23.31
CA GLY A 30 -42.57 -20.01 -23.60
C GLY A 30 -41.89 -18.92 -22.77
N GLY A 31 -42.67 -18.10 -22.13
CA GLY A 31 -42.09 -17.00 -21.29
C GLY A 31 -41.58 -17.60 -19.97
N GLN A 32 -40.40 -17.23 -19.56
CA GLN A 32 -39.85 -17.77 -18.29
C GLN A 32 -40.88 -17.59 -17.17
N ASN A 33 -41.78 -16.66 -17.33
CA ASN A 33 -42.81 -16.43 -16.28
C ASN A 33 -43.77 -17.61 -16.25
N GLU A 34 -43.30 -18.77 -15.90
CA GLU A 34 -44.19 -19.96 -15.85
C GLU A 34 -45.05 -19.92 -14.58
N ARG A 35 -44.50 -19.42 -13.51
CA ARG A 35 -45.28 -19.33 -12.24
C ARG A 35 -44.56 -18.42 -11.25
N GLY A 36 -43.51 -18.89 -10.66
CA GLY A 36 -42.77 -18.04 -9.67
C GLY A 36 -43.74 -17.50 -8.63
N LYS A 37 -43.32 -16.54 -7.86
CA LYS A 37 -44.22 -15.97 -6.81
C LYS A 37 -43.66 -14.63 -6.32
N ALA A 38 -42.47 -14.65 -5.77
CA ALA A 38 -41.87 -13.38 -5.28
C ALA A 38 -41.32 -12.57 -6.46
N ALA A 39 -40.67 -13.23 -7.38
CA ALA A 39 -40.11 -12.50 -8.55
C ALA A 39 -41.24 -12.16 -9.52
N ALA A 40 -42.44 -12.03 -9.03
CA ALA A 40 -43.59 -11.70 -9.93
C ALA A 40 -43.58 -10.20 -10.24
N ASN A 41 -42.75 -9.78 -11.16
CA ASN A 41 -42.70 -8.34 -11.51
C ASN A 41 -43.90 -7.96 -12.37
N LEU A 42 -44.93 -7.44 -11.77
CA LEU A 42 -46.14 -7.07 -12.55
C LEU A 42 -45.83 -5.83 -13.40
N GLU A 43 -44.88 -5.04 -12.99
CA GLU A 43 -44.54 -3.82 -13.77
C GLU A 43 -43.13 -3.35 -13.37
N GLY A 44 -42.92 -3.10 -12.10
CA GLY A 44 -41.58 -2.64 -11.64
C GLY A 44 -41.57 -2.50 -10.13
N LYS A 45 -41.88 -3.57 -9.43
CA LYS A 45 -41.88 -3.50 -7.94
C LYS A 45 -40.46 -3.33 -7.43
N GLN A 46 -39.77 -2.34 -7.91
CA GLN A 46 -38.36 -2.12 -7.45
C GLN A 46 -38.37 -1.41 -6.10
N LYS A 47 -38.55 -2.14 -5.04
CA LYS A 47 -38.57 -1.50 -3.69
C LYS A 47 -37.15 -1.04 -3.34
N ALA A 48 -36.58 -0.18 -4.13
CA ALA A 48 -35.20 0.30 -3.85
C ALA A 48 -35.26 1.47 -2.86
N ALA A 49 -36.43 1.97 -2.60
CA ALA A 49 -36.55 3.12 -1.65
C ALA A 49 -36.15 2.66 -0.24
N ASP A 50 -34.90 2.34 -0.05
CA ASP A 50 -34.45 1.89 1.30
C ASP A 50 -32.92 1.83 1.33
N PHE A 51 -32.34 0.90 0.62
CA PHE A 51 -30.86 0.78 0.61
C PHE A 51 -30.26 1.98 -0.14
N GLU A 52 -30.35 3.16 0.44
CA GLU A 52 -29.79 4.36 -0.23
C GLU A 52 -29.57 5.46 0.80
N ASP A 53 -29.44 5.10 2.05
CA ASP A 53 -29.22 6.12 3.12
C ASP A 53 -28.59 5.45 4.34
N LEU A 54 -27.61 4.62 4.14
CA LEU A 54 -26.97 3.94 5.30
C LEU A 54 -26.56 5.00 6.34
N LEU A 55 -26.65 4.68 7.60
CA LEU A 55 -26.26 5.68 8.64
C LEU A 55 -24.74 5.82 8.67
N SER A 56 -24.13 5.93 7.52
CA SER A 56 -22.65 6.07 7.47
C SER A 56 -22.22 7.24 8.37
N GLY A 57 -22.90 8.35 8.28
CA GLY A 57 -22.53 9.51 9.14
C GLY A 57 -22.78 9.17 10.61
N GLN A 58 -22.01 8.28 11.16
CA GLN A 58 -22.18 7.90 12.59
C GLN A 58 -20.86 7.36 13.14
N GLY A 59 -19.86 8.20 13.23
CA GLY A 59 -18.55 7.74 13.76
C GLY A 59 -17.69 7.22 12.60
N PHE A 60 -17.20 8.10 11.77
CA PHE A 60 -16.37 7.65 10.62
C PHE A 60 -15.72 8.86 9.96
N ASN A 61 -14.43 8.81 9.75
CA ASN A 61 -13.74 9.97 9.11
C ASN A 61 -14.47 10.33 7.82
N ALA A 62 -13.98 11.32 7.13
CA ALA A 62 -14.61 11.77 5.84
C ALA A 62 -13.54 11.87 4.76
N HIS A 63 -13.47 10.90 3.89
CA HIS A 63 -12.44 10.95 2.81
C HIS A 63 -12.88 10.04 1.66
N LYS A 64 -12.67 10.46 0.44
CA LYS A 64 -13.07 9.61 -0.72
C LYS A 64 -12.59 8.17 -0.51
N ASP A 65 -13.44 7.33 0.03
CA ASP A 65 -13.03 5.92 0.26
C ASP A 65 -14.26 5.09 0.64
N LYS A 66 -14.90 4.47 -0.31
CA LYS A 66 -16.10 3.65 0.01
C LYS A 66 -15.73 2.57 1.02
N LYS A 67 -16.54 1.55 1.14
CA LYS A 67 -16.23 0.47 2.12
C LYS A 67 -14.78 0.02 1.94
N GLY A 68 -13.97 0.15 2.96
CA GLY A 68 -12.54 -0.26 2.84
C GLY A 68 -12.00 -0.59 4.23
N PRO A 69 -10.79 -1.07 4.30
CA PRO A 69 -10.13 -1.44 5.59
C PRO A 69 -9.87 -0.21 6.47
N ARG A 70 -9.40 -0.42 7.68
CA ARG A 70 -9.11 0.73 8.59
C ARG A 70 -7.82 0.45 9.36
N THR A 71 -6.72 0.28 8.66
CA THR A 71 -5.42 -0.01 9.33
C THR A 71 -4.33 0.89 8.73
N ILE A 72 -3.44 1.39 9.54
CA ILE A 72 -2.36 2.28 9.01
C ILE A 72 -1.59 1.54 7.90
N ALA A 73 -1.93 0.30 7.64
CA ALA A 73 -1.22 -0.46 6.56
C ALA A 73 -1.73 -0.05 5.18
N GLU A 74 -2.92 0.49 5.08
CA GLU A 74 -3.46 0.90 3.75
C GLU A 74 -2.88 2.27 3.35
N MET A 75 -2.44 3.05 4.30
CA MET A 75 -1.88 4.39 3.95
C MET A 75 -0.49 4.21 3.32
N ARG A 76 0.46 3.71 4.07
CA ARG A 76 1.83 3.54 3.50
C ARG A 76 1.77 2.54 2.32
N LYS A 77 0.62 1.98 2.06
CA LYS A 77 0.51 1.02 0.93
C LYS A 77 1.14 1.63 -0.33
N GLU A 78 1.29 2.93 -0.36
CA GLU A 78 1.90 3.58 -1.55
C GLU A 78 3.39 3.22 -1.64
N GLU A 79 4.16 3.58 -0.65
CA GLU A 79 5.61 3.25 -0.69
C GLU A 79 5.80 1.78 -1.08
N MET A 80 4.84 0.95 -0.78
CA MET A 80 4.98 -0.49 -1.14
C MET A 80 4.87 -0.64 -2.66
N ALA A 81 4.10 0.20 -3.30
CA ALA A 81 3.95 0.11 -4.78
C ALA A 81 5.00 0.99 -5.47
N LYS A 82 5.79 1.70 -4.71
CA LYS A 82 6.82 2.58 -5.33
C LYS A 82 8.12 1.79 -5.49
N GLU A 83 8.07 0.49 -5.32
CA GLU A 83 9.30 -0.34 -5.46
C GLU A 83 8.92 -1.74 -5.95
N MET A 84 8.07 -1.82 -6.94
CA MET A 84 7.66 -3.16 -7.46
C MET A 84 8.84 -3.85 -8.11
N ASP A 85 9.89 -4.06 -7.38
CA ASP A 85 11.08 -4.74 -7.96
C ASP A 85 10.64 -6.14 -8.43
N PRO A 86 11.10 -6.60 -9.58
CA PRO A 86 10.73 -7.93 -10.12
C PRO A 86 10.64 -9.01 -9.02
N GLU A 87 11.30 -8.80 -7.91
CA GLU A 87 11.26 -9.82 -6.82
C GLU A 87 10.16 -9.44 -5.83
N LYS A 88 9.84 -8.17 -5.74
CA LYS A 88 8.77 -7.73 -4.81
C LYS A 88 7.42 -8.11 -5.40
N LEU A 89 7.34 -8.15 -6.69
CA LEU A 89 6.06 -8.51 -7.34
C LEU A 89 5.70 -9.95 -6.94
N LYS A 90 6.68 -10.80 -6.83
CA LYS A 90 6.42 -12.22 -6.45
C LYS A 90 5.71 -12.26 -5.09
N ILE A 91 6.07 -11.40 -4.18
CA ILE A 91 5.40 -11.43 -2.84
C ILE A 91 3.91 -11.14 -3.01
N LEU A 92 3.56 -10.12 -3.73
CA LEU A 92 2.13 -9.77 -3.91
C LEU A 92 1.34 -11.02 -4.35
N GLU A 93 1.98 -11.92 -5.04
CA GLU A 93 1.27 -13.16 -5.49
C GLU A 93 1.23 -14.18 -4.36
N TRP A 94 2.22 -14.14 -3.51
CA TRP A 94 2.30 -15.10 -2.38
C TRP A 94 1.26 -14.76 -1.31
N ILE A 95 1.04 -13.51 -1.05
CA ILE A 95 0.04 -13.13 -0.01
C ILE A 95 -1.38 -13.33 -0.55
N GLU A 96 -1.64 -12.97 -1.77
CA GLU A 96 -3.03 -13.13 -2.32
C GLU A 96 -3.37 -14.61 -2.47
N GLY A 97 -2.42 -15.45 -2.26
CA GLY A 97 -2.67 -16.91 -2.38
C GLY A 97 -3.42 -17.41 -1.15
N LYS A 98 -3.05 -16.94 0.02
CA LYS A 98 -3.75 -17.40 1.25
C LYS A 98 -3.31 -16.53 2.44
N GLU A 99 -3.76 -15.30 2.49
CA GLU A 99 -3.37 -14.42 3.62
C GLU A 99 -4.14 -14.82 4.87
N ARG A 100 -4.58 -16.05 4.94
CA ARG A 100 -5.33 -16.53 6.12
C ARG A 100 -4.88 -17.95 6.47
N ASN A 101 -3.65 -18.27 6.17
CA ASN A 101 -3.11 -19.62 6.46
C ASN A 101 -1.72 -19.46 7.05
N ILE A 102 -1.64 -18.78 8.15
CA ILE A 102 -0.31 -18.53 8.79
C ILE A 102 0.53 -19.82 8.81
N ARG A 103 -0.08 -20.96 9.03
CA ARG A 103 0.72 -22.22 9.05
C ARG A 103 1.40 -22.39 7.69
N ALA A 104 0.70 -22.07 6.62
CA ALA A 104 1.32 -22.22 5.27
C ALA A 104 2.22 -21.03 4.94
N LEU A 105 1.82 -19.82 5.27
CA LEU A 105 2.67 -18.63 4.95
C LEU A 105 4.08 -18.87 5.49
N LEU A 106 4.21 -19.32 6.71
CA LEU A 106 5.56 -19.56 7.27
C LEU A 106 6.18 -20.81 6.64
N SER A 107 5.37 -21.68 6.09
CA SER A 107 5.91 -22.92 5.44
C SER A 107 6.02 -22.69 3.93
N THR A 108 5.76 -21.49 3.47
CA THR A 108 5.85 -21.22 2.01
C THR A 108 6.57 -19.88 1.78
N MET A 109 7.13 -19.32 2.82
CA MET A 109 7.84 -18.02 2.66
C MET A 109 9.18 -18.21 1.93
N HIS A 110 9.74 -19.39 1.98
CA HIS A 110 11.05 -19.61 1.32
C HIS A 110 10.96 -19.30 -0.18
N THR A 111 9.81 -19.44 -0.76
CA THR A 111 9.67 -19.16 -2.22
C THR A 111 9.65 -17.64 -2.47
N VAL A 112 9.87 -16.83 -1.46
CA VAL A 112 9.83 -15.35 -1.68
C VAL A 112 10.84 -14.64 -0.77
N LEU A 113 11.93 -15.28 -0.41
CA LEU A 113 12.93 -14.61 0.46
C LEU A 113 13.95 -13.92 -0.44
N TRP A 114 14.87 -13.22 0.15
CA TRP A 114 15.92 -12.53 -0.67
C TRP A 114 17.05 -13.50 -0.97
N ALA A 115 17.67 -13.35 -2.10
CA ALA A 115 18.80 -14.25 -2.46
C ALA A 115 19.95 -14.04 -1.48
N GLY A 116 20.23 -15.02 -0.67
CA GLY A 116 21.35 -14.89 0.31
C GLY A 116 21.03 -15.75 1.55
N GLU A 117 19.83 -15.67 2.04
CA GLU A 117 19.47 -16.48 3.23
C GLU A 117 19.67 -17.96 2.92
N THR A 118 20.62 -18.57 3.60
CA THR A 118 20.91 -20.02 3.37
C THR A 118 20.75 -20.78 4.69
N LYS A 119 20.13 -20.18 5.67
CA LYS A 119 19.94 -20.85 6.98
C LYS A 119 18.50 -21.33 7.11
N TRP A 120 17.59 -20.72 6.41
CA TRP A 120 16.17 -21.13 6.49
C TRP A 120 16.00 -22.58 6.07
N LYS A 121 15.37 -23.38 6.90
CA LYS A 121 15.13 -24.80 6.57
C LYS A 121 13.63 -24.97 6.27
N PRO A 122 13.23 -24.96 5.02
CA PRO A 122 11.79 -25.08 4.65
C PRO A 122 11.02 -26.02 5.57
N VAL A 123 9.81 -25.66 5.90
CA VAL A 123 8.99 -26.50 6.81
C VAL A 123 8.14 -27.48 6.01
N GLY A 124 8.32 -28.75 6.24
CA GLY A 124 7.51 -29.75 5.49
C GLY A 124 6.05 -29.58 5.92
N MET A 125 5.16 -29.34 4.99
CA MET A 125 3.72 -29.17 5.35
C MET A 125 3.29 -30.20 6.39
N ALA A 126 3.96 -31.32 6.46
CA ALA A 126 3.59 -32.36 7.46
C ALA A 126 4.13 -31.97 8.84
N ASP A 127 5.01 -31.00 8.89
CA ASP A 127 5.60 -30.57 10.19
C ASP A 127 4.75 -29.44 10.81
N LEU A 128 3.47 -29.45 10.58
CA LEU A 128 2.60 -28.38 11.18
C LEU A 128 1.20 -28.93 11.42
N VAL A 129 1.10 -30.17 11.83
CA VAL A 129 -0.25 -30.78 12.05
C VAL A 129 -0.79 -30.40 13.44
N THR A 130 -0.01 -29.69 14.24
CA THR A 130 -0.51 -29.26 15.59
C THR A 130 0.01 -27.84 15.90
N PRO A 131 -0.77 -27.00 16.56
CA PRO A 131 -0.33 -25.61 16.90
C PRO A 131 1.08 -25.58 17.49
N GLU A 132 1.43 -26.55 18.30
CA GLU A 132 2.78 -26.57 18.90
C GLU A 132 3.83 -26.58 17.79
N GLN A 133 3.66 -27.40 16.79
CA GLN A 133 4.64 -27.44 15.69
C GLN A 133 4.62 -26.09 14.96
N VAL A 134 3.49 -25.47 14.87
CA VAL A 134 3.39 -24.17 14.17
C VAL A 134 3.90 -23.04 15.07
N LYS A 135 3.46 -22.99 16.30
CA LYS A 135 3.92 -21.91 17.21
C LYS A 135 5.42 -21.98 17.43
N LYS A 136 5.98 -23.16 17.44
CA LYS A 136 7.45 -23.28 17.66
C LYS A 136 8.21 -22.69 16.46
N VAL A 137 7.71 -22.86 15.27
CA VAL A 137 8.43 -22.32 14.08
C VAL A 137 8.12 -20.82 13.93
N TYR A 138 6.94 -20.39 14.27
CA TYR A 138 6.63 -18.93 14.13
C TYR A 138 7.75 -18.13 14.81
N ARG A 139 8.40 -18.71 15.78
CA ARG A 139 9.50 -17.98 16.47
C ARG A 139 10.70 -17.84 15.53
N LYS A 140 11.12 -18.91 14.92
CA LYS A 140 12.30 -18.85 13.99
C LYS A 140 11.94 -18.03 12.75
N ALA A 141 10.80 -18.28 12.16
CA ALA A 141 10.42 -17.50 10.94
C ALA A 141 10.59 -16.01 11.25
N VAL A 142 10.31 -15.62 12.46
CA VAL A 142 10.46 -14.19 12.84
C VAL A 142 11.95 -13.84 12.90
N LEU A 143 12.79 -14.79 13.21
CA LEU A 143 14.25 -14.52 13.27
C LEU A 143 14.77 -14.28 11.86
N VAL A 144 14.16 -14.88 10.87
CA VAL A 144 14.62 -14.69 9.47
C VAL A 144 14.46 -13.24 9.04
N VAL A 145 13.47 -12.55 9.58
CA VAL A 145 13.24 -11.13 9.19
C VAL A 145 13.44 -10.19 10.38
N HIS A 146 14.24 -10.58 11.35
CA HIS A 146 14.46 -9.67 12.51
C HIS A 146 15.15 -8.40 11.98
N PRO A 147 14.60 -7.23 12.24
CA PRO A 147 15.20 -5.94 11.74
C PRO A 147 16.73 -5.96 11.76
N ASP A 148 17.32 -6.41 12.82
CA ASP A 148 18.81 -6.42 12.89
C ASP A 148 19.42 -6.94 11.57
N LYS A 149 18.87 -7.96 10.96
CA LYS A 149 19.46 -8.49 9.69
C LYS A 149 18.85 -7.78 8.48
N ALA A 150 17.95 -6.85 8.71
CA ALA A 150 17.30 -6.11 7.58
C ALA A 150 17.50 -4.61 7.80
N THR A 151 18.62 -4.22 8.35
CA THR A 151 18.86 -2.78 8.58
C THR A 151 19.55 -2.17 7.36
N GLY A 152 18.87 -1.28 6.68
CA GLY A 152 19.49 -0.64 5.49
C GLY A 152 19.96 -1.71 4.50
N GLN A 153 19.52 -2.93 4.67
CA GLN A 153 19.96 -4.01 3.73
C GLN A 153 19.06 -3.97 2.48
N PRO A 154 19.60 -4.17 1.30
CA PRO A 154 18.81 -4.17 0.04
C PRO A 154 17.43 -4.79 0.22
N TYR A 155 17.31 -5.76 1.10
CA TYR A 155 15.99 -6.42 1.33
C TYR A 155 15.37 -5.84 2.61
N GLU A 156 15.58 -4.57 2.85
CA GLU A 156 15.02 -3.94 4.07
C GLU A 156 13.48 -3.94 4.00
N GLN A 157 12.93 -3.30 3.00
CA GLN A 157 11.44 -3.26 2.89
C GLN A 157 10.88 -4.69 2.93
N TYR A 158 11.54 -5.62 2.30
CA TYR A 158 11.05 -7.03 2.30
C TYR A 158 10.66 -7.43 3.72
N ALA A 159 11.49 -7.15 4.68
CA ALA A 159 11.19 -7.53 6.08
C ALA A 159 9.81 -7.01 6.48
N LYS A 160 9.58 -5.73 6.36
CA LYS A 160 8.27 -5.15 6.77
C LYS A 160 7.12 -5.85 6.03
N MET A 161 7.33 -6.30 4.83
CA MET A 161 6.21 -6.98 4.10
C MET A 161 5.96 -8.37 4.69
N ILE A 162 6.97 -9.18 4.77
CA ILE A 162 6.77 -10.57 5.31
C ILE A 162 6.74 -10.53 6.86
N PHE A 163 7.37 -9.56 7.47
CA PHE A 163 7.35 -9.50 8.97
C PHE A 163 5.93 -9.26 9.47
N MET A 164 5.17 -8.45 8.78
CA MET A 164 3.77 -8.17 9.25
C MET A 164 2.85 -9.33 8.84
N GLU A 165 2.96 -9.77 7.62
CA GLU A 165 2.09 -10.89 7.16
C GLU A 165 2.22 -12.10 8.10
N LEU A 166 3.40 -12.33 8.60
CA LEU A 166 3.61 -13.48 9.53
C LEU A 166 2.85 -13.22 10.84
N ASN A 167 3.00 -12.04 11.41
CA ASN A 167 2.32 -11.73 12.69
C ASN A 167 0.88 -11.23 12.44
N ASP A 168 0.53 -10.97 11.22
CA ASP A 168 -0.85 -10.47 10.93
C ASP A 168 -1.84 -11.63 10.95
N ALA A 169 -1.63 -12.62 10.12
CA ALA A 169 -2.56 -13.78 10.10
C ALA A 169 -2.46 -14.54 11.44
N TRP A 170 -1.32 -14.48 12.09
CA TRP A 170 -1.17 -15.19 13.39
C TRP A 170 -2.31 -14.75 14.33
N SER A 171 -2.62 -13.49 14.37
CA SER A 171 -3.73 -13.05 15.26
C SER A 171 -5.02 -13.70 14.78
N GLU A 172 -5.13 -13.89 13.49
CA GLU A 172 -6.35 -14.54 12.93
C GLU A 172 -6.22 -16.06 13.08
N PHE A 173 -5.03 -16.58 12.98
CA PHE A 173 -4.83 -18.05 13.12
C PHE A 173 -5.46 -18.50 14.44
N GLU A 174 -5.37 -17.69 15.45
CA GLU A 174 -5.97 -18.06 16.77
C GLU A 174 -7.49 -17.92 16.71
N ASN A 175 -7.98 -16.87 16.08
CA ASN A 175 -9.45 -16.67 16.01
C ASN A 175 -10.05 -17.53 14.88
N GLN A 176 -9.42 -17.56 13.74
CA GLN A 176 -9.94 -18.37 12.61
C GLN A 176 -9.89 -19.86 12.97
N GLY A 177 -8.98 -20.24 13.83
CA GLY A 177 -8.89 -21.69 14.19
C GLY A 177 -8.32 -21.84 15.61
N GLN A 178 -9.10 -21.53 16.61
CA GLN A 178 -8.61 -21.66 18.00
C GLN A 178 -8.75 -23.14 18.44
N LYS A 179 -8.43 -24.05 17.56
CA LYS A 179 -8.55 -25.50 17.92
C LYS A 179 -7.94 -26.32 16.76
N PRO A 180 -7.82 -27.63 16.90
CA PRO A 180 -7.24 -28.48 15.81
C PRO A 180 -8.08 -28.38 14.51
N LEU A 181 -7.51 -27.95 13.40
CA LEU A 181 -8.31 -27.83 12.12
C LEU A 181 -7.88 -28.94 11.16
N TYR A 182 -8.15 -30.19 11.47
CA TYR A 182 -7.75 -31.29 10.55
C TYR A 182 -8.55 -32.55 10.90
N GLY A 1 -2.49 48.47 26.03
CA GLY A 1 -3.34 47.84 27.08
C GLY A 1 -4.80 47.87 26.65
N PRO A 2 -5.12 47.25 25.55
CA PRO A 2 -6.51 47.20 25.01
C PRO A 2 -7.39 46.22 25.80
N LEU A 3 -6.81 45.20 26.36
CA LEU A 3 -7.62 44.22 27.13
C LEU A 3 -8.11 44.88 28.44
N GLY A 4 -7.43 45.89 28.88
CA GLY A 4 -7.86 46.57 30.14
C GLY A 4 -7.81 45.58 31.30
N SER A 5 -8.18 46.01 32.48
CA SER A 5 -8.15 45.08 33.65
C SER A 5 -9.33 44.10 33.58
N PRO A 6 -10.49 44.53 33.13
CA PRO A 6 -11.69 43.64 33.05
C PRO A 6 -11.42 42.39 32.20
N GLU A 7 -12.32 41.45 32.22
CA GLU A 7 -12.12 40.19 31.43
C GLU A 7 -13.45 39.45 31.31
N PHE A 8 -13.75 38.95 30.14
CA PHE A 8 -15.03 38.20 29.97
C PHE A 8 -14.90 36.81 30.57
N SER A 9 -14.10 36.66 31.60
CA SER A 9 -13.93 35.33 32.24
C SER A 9 -15.26 34.87 32.82
N MET A 10 -15.56 35.26 34.03
CA MET A 10 -16.84 34.84 34.66
C MET A 10 -17.99 35.18 33.71
N PRO A 11 -19.09 34.46 33.78
CA PRO A 11 -20.28 34.71 32.90
C PRO A 11 -21.03 35.99 33.30
N HIS A 12 -20.58 36.65 34.33
CA HIS A 12 -21.26 37.89 34.78
C HIS A 12 -20.92 39.04 33.81
N SER A 13 -21.83 39.38 32.94
CA SER A 13 -21.56 40.49 31.98
C SER A 13 -21.09 41.73 32.75
N SER A 14 -20.05 42.37 32.28
CA SER A 14 -19.53 43.57 32.99
C SER A 14 -20.57 44.71 32.86
N PRO A 15 -20.54 45.65 33.76
CA PRO A 15 -21.50 46.80 33.74
C PRO A 15 -21.19 47.79 32.60
N GLN A 16 -21.93 48.85 32.51
CA GLN A 16 -21.68 49.85 31.43
C GLN A 16 -20.21 50.27 31.46
N ASN A 17 -19.76 50.96 30.46
CA ASN A 17 -18.33 51.40 30.43
C ASN A 17 -18.12 52.40 29.29
N ARG A 18 -16.92 52.87 29.11
CA ARG A 18 -16.66 53.85 28.01
C ARG A 18 -16.90 53.15 26.66
N PRO A 19 -17.27 53.90 25.65
CA PRO A 19 -17.54 53.32 24.29
C PRO A 19 -16.24 52.91 23.58
N ASN A 20 -15.62 51.86 24.03
CA ASN A 20 -14.35 51.42 23.38
C ASN A 20 -14.67 50.65 22.09
N TYR A 21 -15.31 49.52 22.21
CA TYR A 21 -15.66 48.73 21.00
C TYR A 21 -16.77 49.44 20.23
N ASN A 22 -17.58 48.70 19.53
CA ASN A 22 -18.69 49.33 18.75
C ASN A 22 -19.77 49.81 19.72
N VAL A 23 -20.97 49.99 19.23
CA VAL A 23 -22.08 50.45 20.12
C VAL A 23 -22.13 49.57 21.37
N SER A 24 -22.80 50.01 22.39
CA SER A 24 -22.89 49.19 23.63
C SER A 24 -23.99 49.75 24.54
N PHE A 25 -24.15 49.19 25.70
CA PHE A 25 -25.21 49.69 26.63
C PHE A 25 -24.74 51.00 27.28
N SER A 26 -23.89 51.73 26.63
CA SER A 26 -23.39 53.01 27.21
C SER A 26 -24.59 53.93 27.49
N SER A 27 -24.48 54.75 28.51
CA SER A 27 -25.60 55.67 28.84
C SER A 27 -25.59 56.86 27.88
N MET A 28 -25.07 56.67 26.70
CA MET A 28 -25.02 57.80 25.72
C MET A 28 -24.65 57.26 24.34
N PRO A 29 -25.52 56.50 23.73
CA PRO A 29 -25.27 55.90 22.39
C PRO A 29 -24.71 56.93 21.39
N GLY A 30 -23.96 56.48 20.42
CA GLY A 30 -23.38 57.43 19.43
C GLY A 30 -22.51 56.66 18.44
N GLY A 31 -21.28 57.07 18.27
CA GLY A 31 -20.38 56.35 17.31
C GLY A 31 -21.00 56.39 15.91
N GLN A 32 -20.22 56.12 14.90
CA GLN A 32 -20.76 56.15 13.51
C GLN A 32 -19.76 55.45 12.58
N ASN A 33 -19.04 54.48 13.06
CA ASN A 33 -18.06 53.77 12.20
C ASN A 33 -17.62 52.48 12.87
N GLU A 34 -16.64 51.82 12.34
CA GLU A 34 -16.16 50.54 12.95
C GLU A 34 -14.74 50.24 12.47
N ARG A 35 -13.96 49.58 13.26
CA ARG A 35 -12.57 49.24 12.85
C ARG A 35 -12.60 48.59 11.46
N GLY A 36 -11.66 48.93 10.62
CA GLY A 36 -11.64 48.33 9.25
C GLY A 36 -10.29 48.62 8.60
N LYS A 37 -9.22 48.06 9.10
CA LYS A 37 -7.88 48.32 8.49
C LYS A 37 -7.95 48.08 6.98
N ALA A 38 -8.84 47.22 6.54
CA ALA A 38 -8.95 46.95 5.08
C ALA A 38 -9.67 48.12 4.41
N ALA A 39 -8.98 49.21 4.21
CA ALA A 39 -9.63 50.39 3.55
C ALA A 39 -8.55 51.42 3.19
N ALA A 40 -7.75 51.12 2.20
CA ALA A 40 -6.68 52.09 1.79
C ALA A 40 -6.09 51.65 0.45
N ASN A 41 -6.50 50.52 -0.05
CA ASN A 41 -5.96 50.04 -1.36
C ASN A 41 -6.66 50.78 -2.50
N LEU A 42 -5.91 51.38 -3.37
CA LEU A 42 -6.52 52.12 -4.51
C LEU A 42 -7.16 51.12 -5.48
N GLU A 43 -7.81 51.60 -6.50
CA GLU A 43 -8.45 50.67 -7.49
C GLU A 43 -7.39 49.71 -8.04
N GLY A 44 -6.94 49.94 -9.24
CA GLY A 44 -5.91 49.03 -9.83
C GLY A 44 -6.42 47.59 -9.79
N LYS A 45 -6.19 46.90 -8.70
CA LYS A 45 -6.65 45.49 -8.60
C LYS A 45 -6.69 45.06 -7.14
N GLN A 46 -7.60 44.21 -6.77
CA GLN A 46 -7.67 43.75 -5.36
C GLN A 46 -8.61 42.55 -5.25
N LYS A 47 -9.53 42.42 -6.18
CA LYS A 47 -10.48 41.27 -6.13
C LYS A 47 -9.73 39.99 -6.47
N ALA A 48 -9.42 39.20 -5.47
CA ALA A 48 -8.69 37.93 -5.74
C ALA A 48 -8.64 37.09 -4.46
N ALA A 49 -8.75 37.72 -3.32
CA ALA A 49 -8.72 36.96 -2.04
C ALA A 49 -9.68 35.78 -2.12
N ASP A 50 -10.54 35.76 -3.10
CA ASP A 50 -11.51 34.64 -3.24
C ASP A 50 -10.87 33.50 -4.03
N PHE A 51 -9.59 33.29 -3.86
CA PHE A 51 -8.92 32.19 -4.60
C PHE A 51 -7.49 32.02 -4.06
N GLU A 52 -7.35 31.56 -2.85
CA GLU A 52 -5.98 31.38 -2.27
C GLU A 52 -6.08 30.62 -0.95
N ASP A 53 -7.27 30.43 -0.44
CA ASP A 53 -7.43 29.70 0.84
C ASP A 53 -8.88 29.26 1.02
N LEU A 54 -9.39 28.47 0.12
CA LEU A 54 -10.80 27.99 0.24
C LEU A 54 -11.03 27.49 1.67
N LEU A 55 -12.27 27.28 2.06
CA LEU A 55 -12.57 26.79 3.44
C LEU A 55 -11.55 25.72 3.85
N SER A 56 -10.48 26.13 4.47
CA SER A 56 -9.41 25.15 4.90
C SER A 56 -10.05 23.85 5.40
N GLY A 57 -10.15 22.86 4.56
CA GLY A 57 -10.76 21.56 4.99
C GLY A 57 -12.26 21.59 4.68
N GLN A 58 -12.63 21.40 3.44
CA GLN A 58 -14.08 21.41 3.08
C GLN A 58 -14.84 20.50 4.04
N GLY A 59 -14.15 19.68 4.78
CA GLY A 59 -14.83 18.76 5.73
C GLY A 59 -13.85 18.28 6.79
N PHE A 60 -14.18 18.44 8.05
CA PHE A 60 -13.26 17.99 9.12
C PHE A 60 -13.25 16.46 9.19
N ASN A 61 -13.74 15.82 8.17
CA ASN A 61 -13.75 14.33 8.18
C ASN A 61 -14.14 13.82 6.79
N ALA A 62 -14.93 12.77 6.73
CA ALA A 62 -15.35 12.23 5.40
C ALA A 62 -16.34 11.09 5.61
N HIS A 63 -17.62 11.37 5.52
CA HIS A 63 -18.63 10.30 5.71
C HIS A 63 -18.67 9.40 4.47
N LYS A 64 -17.59 9.34 3.74
CA LYS A 64 -17.55 8.47 2.52
C LYS A 64 -17.17 7.05 2.93
N ASP A 65 -18.13 6.18 3.09
CA ASP A 65 -17.82 4.79 3.48
C ASP A 65 -16.72 4.23 2.56
N LYS A 66 -15.64 3.79 3.13
CA LYS A 66 -14.52 3.24 2.30
C LYS A 66 -14.77 1.74 2.06
N LYS A 67 -14.47 1.25 0.89
CA LYS A 67 -14.67 -0.19 0.60
C LYS A 67 -13.87 -1.03 1.61
N GLY A 68 -14.47 -2.04 2.16
CA GLY A 68 -13.75 -2.90 3.14
C GLY A 68 -13.80 -2.25 4.53
N PRO A 69 -13.24 -2.89 5.51
CA PRO A 69 -13.22 -2.38 6.92
C PRO A 69 -12.21 -1.23 7.09
N ARG A 70 -12.28 -0.54 8.19
CA ARG A 70 -11.32 0.60 8.43
C ARG A 70 -10.12 0.09 9.24
N THR A 71 -9.46 -0.92 8.74
CA THR A 71 -8.26 -1.47 9.47
C THR A 71 -7.00 -0.77 8.97
N ILE A 72 -6.02 -0.62 9.81
CA ILE A 72 -4.76 0.06 9.37
C ILE A 72 -4.13 -0.76 8.23
N ALA A 73 -4.65 -1.92 7.95
CA ALA A 73 -4.08 -2.77 6.86
C ALA A 73 -4.67 -2.39 5.48
N GLU A 74 -5.82 -1.79 5.44
CA GLU A 74 -6.41 -1.41 4.11
C GLU A 74 -5.74 -0.16 3.56
N MET A 75 -5.15 0.64 4.41
CA MET A 75 -4.49 1.89 3.93
C MET A 75 -3.06 1.55 3.48
N ARG A 76 -2.30 0.92 4.34
CA ARG A 76 -0.90 0.54 3.97
C ARG A 76 -0.89 -0.10 2.58
N LYS A 77 -2.04 -0.49 2.09
CA LYS A 77 -2.09 -1.12 0.74
C LYS A 77 -1.35 -0.24 -0.27
N GLU A 78 -1.15 1.01 0.06
CA GLU A 78 -0.43 1.92 -0.88
C GLU A 78 1.06 1.61 -0.86
N GLU A 79 1.60 1.32 0.28
CA GLU A 79 3.06 1.01 0.37
C GLU A 79 3.45 0.02 -0.73
N MET A 80 2.50 -0.73 -1.22
CA MET A 80 2.82 -1.72 -2.30
C MET A 80 3.12 -0.96 -3.60
N ALA A 81 2.45 0.13 -3.82
CA ALA A 81 2.70 0.92 -5.06
C ALA A 81 3.90 1.85 -4.85
N LYS A 82 4.51 1.80 -3.70
CA LYS A 82 5.68 2.68 -3.42
C LYS A 82 6.93 2.10 -4.09
N GLU A 83 6.91 0.84 -4.40
CA GLU A 83 8.12 0.22 -5.05
C GLU A 83 7.81 -1.24 -5.40
N MET A 84 7.15 -1.48 -6.50
CA MET A 84 6.83 -2.88 -6.89
C MET A 84 8.01 -3.48 -7.65
N ASP A 85 9.17 -3.50 -7.04
CA ASP A 85 10.35 -4.09 -7.72
C ASP A 85 9.95 -5.47 -8.27
N PRO A 86 10.45 -5.87 -9.43
CA PRO A 86 10.08 -7.19 -10.03
C PRO A 86 10.37 -8.35 -9.07
N GLU A 87 11.06 -8.09 -7.99
CA GLU A 87 11.34 -9.17 -7.00
C GLU A 87 10.26 -9.12 -5.92
N LYS A 88 9.72 -7.95 -5.68
CA LYS A 88 8.66 -7.80 -4.66
C LYS A 88 7.35 -8.33 -5.25
N LEU A 89 7.21 -8.26 -6.54
CA LEU A 89 5.96 -8.75 -7.18
C LEU A 89 5.71 -10.18 -6.71
N LYS A 90 6.72 -10.99 -6.70
CA LYS A 90 6.56 -12.41 -6.25
C LYS A 90 5.80 -12.43 -4.91
N ILE A 91 6.07 -11.48 -4.04
CA ILE A 91 5.36 -11.46 -2.73
C ILE A 91 3.87 -11.22 -2.95
N LEU A 92 3.52 -10.22 -3.71
CA LEU A 92 2.07 -9.93 -3.95
C LEU A 92 1.33 -11.19 -4.36
N GLU A 93 1.97 -12.06 -5.11
CA GLU A 93 1.31 -13.31 -5.55
C GLU A 93 1.27 -14.32 -4.40
N TRP A 94 2.20 -14.23 -3.53
CA TRP A 94 2.28 -15.17 -2.38
C TRP A 94 1.20 -14.84 -1.34
N ILE A 95 1.01 -13.59 -1.05
CA ILE A 95 -0.02 -13.21 -0.03
C ILE A 95 -1.43 -13.45 -0.59
N GLU A 96 -1.66 -13.07 -1.81
CA GLU A 96 -3.03 -13.24 -2.40
C GLU A 96 -3.38 -14.72 -2.52
N GLY A 97 -2.43 -15.56 -2.28
CA GLY A 97 -2.68 -17.02 -2.37
C GLY A 97 -3.52 -17.47 -1.17
N LYS A 98 -3.18 -17.02 0.01
CA LYS A 98 -3.96 -17.42 1.21
C LYS A 98 -3.51 -16.60 2.41
N GLU A 99 -3.90 -15.35 2.47
CA GLU A 99 -3.48 -14.49 3.61
C GLU A 99 -4.30 -14.85 4.86
N ARG A 100 -4.74 -16.07 4.95
CA ARG A 100 -5.54 -16.51 6.13
C ARG A 100 -5.12 -17.93 6.54
N ASN A 101 -3.90 -18.30 6.28
CA ASN A 101 -3.43 -19.66 6.65
C ASN A 101 -1.99 -19.55 7.15
N ILE A 102 -1.81 -18.85 8.23
CA ILE A 102 -0.45 -18.64 8.79
C ILE A 102 0.37 -19.94 8.74
N ARG A 103 -0.24 -21.08 8.92
CA ARG A 103 0.56 -22.35 8.90
C ARG A 103 1.29 -22.45 7.56
N ALA A 104 0.63 -22.09 6.49
CA ALA A 104 1.27 -22.17 5.15
C ALA A 104 2.17 -20.94 4.90
N LEU A 105 1.73 -19.76 5.25
CA LEU A 105 2.58 -18.56 4.99
C LEU A 105 3.98 -18.76 5.57
N LEU A 106 4.08 -19.28 6.77
CA LEU A 106 5.43 -19.47 7.37
C LEU A 106 6.09 -20.71 6.76
N SER A 107 5.33 -21.61 6.20
CA SER A 107 5.93 -22.84 5.59
C SER A 107 6.04 -22.64 4.08
N THR A 108 5.74 -21.46 3.60
CA THR A 108 5.83 -21.19 2.12
C THR A 108 6.54 -19.86 1.90
N MET A 109 7.10 -19.30 2.95
CA MET A 109 7.80 -18.00 2.80
C MET A 109 9.13 -18.20 2.06
N HIS A 110 9.69 -19.37 2.11
CA HIS A 110 10.99 -19.62 1.43
C HIS A 110 10.88 -19.32 -0.07
N THR A 111 9.70 -19.42 -0.62
CA THR A 111 9.54 -19.15 -2.08
C THR A 111 9.53 -17.64 -2.34
N VAL A 112 9.77 -16.82 -1.33
CA VAL A 112 9.77 -15.34 -1.56
C VAL A 112 10.81 -14.65 -0.68
N LEU A 113 11.85 -15.33 -0.30
CA LEU A 113 12.90 -14.67 0.54
C LEU A 113 13.91 -13.99 -0.37
N TRP A 114 14.85 -13.31 0.20
CA TRP A 114 15.89 -12.62 -0.62
C TRP A 114 17.05 -13.58 -0.88
N ALA A 115 17.54 -13.61 -2.09
CA ALA A 115 18.68 -14.53 -2.41
C ALA A 115 19.83 -14.28 -1.45
N GLY A 116 20.17 -15.25 -0.65
CA GLY A 116 21.29 -15.07 0.33
C GLY A 116 20.97 -15.86 1.60
N GLU A 117 19.78 -15.73 2.10
CA GLU A 117 19.40 -16.47 3.33
C GLU A 117 19.64 -17.96 3.13
N THR A 118 20.57 -18.52 3.86
CA THR A 118 20.89 -19.98 3.73
C THR A 118 20.65 -20.68 5.08
N LYS A 119 20.00 -20.01 6.00
CA LYS A 119 19.74 -20.62 7.33
C LYS A 119 18.31 -21.17 7.38
N TRP A 120 17.43 -20.59 6.63
CA TRP A 120 16.02 -21.08 6.64
C TRP A 120 15.94 -22.53 6.20
N LYS A 121 15.30 -23.35 6.98
CA LYS A 121 15.12 -24.79 6.62
C LYS A 121 13.64 -25.01 6.30
N PRO A 122 13.25 -24.93 5.04
CA PRO A 122 11.82 -25.10 4.65
C PRO A 122 11.11 -26.16 5.47
N VAL A 123 9.95 -25.84 5.98
CA VAL A 123 9.19 -26.82 6.80
C VAL A 123 8.23 -27.62 5.91
N GLY A 124 8.33 -28.91 5.96
CA GLY A 124 7.43 -29.74 5.13
C GLY A 124 5.98 -29.52 5.57
N MET A 125 5.12 -29.12 4.67
CA MET A 125 3.69 -28.86 5.04
C MET A 125 3.17 -29.97 5.97
N ALA A 126 3.81 -31.10 5.99
CA ALA A 126 3.34 -32.21 6.88
C ALA A 126 3.89 -32.01 8.29
N ASP A 127 4.83 -31.12 8.45
CA ASP A 127 5.42 -30.88 9.82
C ASP A 127 4.70 -29.72 10.53
N LEU A 128 3.43 -29.53 10.25
CA LEU A 128 2.68 -28.42 10.93
C LEU A 128 1.26 -28.89 11.26
N VAL A 129 1.11 -30.16 11.57
CA VAL A 129 -0.25 -30.69 11.89
C VAL A 129 -0.60 -30.40 13.37
N THR A 130 0.29 -29.78 14.10
CA THR A 130 0.01 -29.46 15.54
C THR A 130 0.31 -27.97 15.78
N PRO A 131 -0.31 -27.36 16.77
CA PRO A 131 -0.08 -25.92 17.07
C PRO A 131 1.35 -25.69 17.55
N GLU A 132 1.89 -26.60 18.31
CA GLU A 132 3.29 -26.43 18.79
C GLU A 132 4.21 -26.36 17.58
N GLN A 133 3.96 -27.17 16.58
CA GLN A 133 4.82 -27.13 15.36
C GLN A 133 4.65 -25.78 14.68
N VAL A 134 3.46 -25.25 14.68
CA VAL A 134 3.23 -23.94 14.04
C VAL A 134 3.70 -22.80 14.95
N LYS A 135 3.38 -22.86 16.21
CA LYS A 135 3.81 -21.77 17.14
C LYS A 135 5.32 -21.87 17.38
N LYS A 136 5.86 -23.04 17.35
CA LYS A 136 7.33 -23.19 17.59
C LYS A 136 8.11 -22.59 16.41
N VAL A 137 7.63 -22.76 15.22
CA VAL A 137 8.36 -22.21 14.04
C VAL A 137 8.06 -20.71 13.89
N TYR A 138 6.87 -20.27 14.25
CA TYR A 138 6.56 -18.83 14.12
C TYR A 138 7.68 -18.01 14.78
N ARG A 139 8.31 -18.58 15.78
CA ARG A 139 9.42 -17.86 16.47
C ARG A 139 10.61 -17.73 15.52
N LYS A 140 11.13 -18.81 15.03
CA LYS A 140 12.30 -18.75 14.11
C LYS A 140 11.93 -17.95 12.86
N ALA A 141 10.76 -18.20 12.30
CA ALA A 141 10.35 -17.44 11.08
C ALA A 141 10.51 -15.94 11.35
N VAL A 142 10.25 -15.52 12.55
CA VAL A 142 10.39 -14.07 12.88
C VAL A 142 11.88 -13.72 12.96
N LEU A 143 12.70 -14.66 13.34
CA LEU A 143 14.16 -14.39 13.42
C LEU A 143 14.72 -14.20 12.02
N VAL A 144 14.12 -14.82 11.05
CA VAL A 144 14.61 -14.69 9.64
C VAL A 144 14.48 -13.24 9.17
N VAL A 145 13.50 -12.52 9.67
CA VAL A 145 13.30 -11.10 9.24
C VAL A 145 13.50 -10.14 10.41
N HIS A 146 14.23 -10.54 11.42
CA HIS A 146 14.45 -9.60 12.55
C HIS A 146 15.14 -8.33 12.00
N PRO A 147 14.60 -7.15 12.25
CA PRO A 147 15.20 -5.89 11.73
C PRO A 147 16.73 -5.91 11.72
N ASP A 148 17.34 -6.33 12.78
CA ASP A 148 18.82 -6.36 12.83
C ASP A 148 19.42 -6.90 11.51
N LYS A 149 18.87 -7.95 10.96
CA LYS A 149 19.44 -8.52 9.69
C LYS A 149 18.83 -7.80 8.48
N ALA A 150 17.90 -6.91 8.70
CA ALA A 150 17.25 -6.17 7.58
C ALA A 150 17.38 -4.68 7.83
N THR A 151 18.46 -4.25 8.43
CA THR A 151 18.62 -2.80 8.71
C THR A 151 19.36 -2.14 7.53
N GLY A 152 18.69 -1.27 6.83
CA GLY A 152 19.35 -0.59 5.67
C GLY A 152 19.91 -1.63 4.70
N GLN A 153 19.52 -2.87 4.84
CA GLN A 153 20.04 -3.92 3.92
C GLN A 153 19.22 -3.88 2.61
N PRO A 154 19.83 -4.07 1.47
CA PRO A 154 19.12 -4.06 0.17
C PRO A 154 17.72 -4.69 0.26
N TYR A 155 17.54 -5.70 1.08
CA TYR A 155 16.21 -6.37 1.21
C TYR A 155 15.49 -5.84 2.45
N GLU A 156 15.82 -4.65 2.87
CA GLU A 156 15.16 -4.07 4.08
C GLU A 156 13.65 -4.03 3.90
N GLN A 157 13.18 -3.65 2.74
CA GLN A 157 11.71 -3.59 2.51
C GLN A 157 11.09 -4.98 2.65
N TYR A 158 11.73 -5.98 2.10
CA TYR A 158 11.16 -7.36 2.20
C TYR A 158 10.77 -7.66 3.66
N ALA A 159 11.65 -7.41 4.58
CA ALA A 159 11.35 -7.70 6.01
C ALA A 159 10.00 -7.08 6.40
N LYS A 160 9.84 -5.80 6.22
CA LYS A 160 8.57 -5.15 6.63
C LYS A 160 7.35 -5.81 5.96
N MET A 161 7.51 -6.32 4.77
CA MET A 161 6.34 -6.95 4.09
C MET A 161 6.04 -8.32 4.72
N ILE A 162 7.01 -9.17 4.79
CA ILE A 162 6.77 -10.54 5.36
C ILE A 162 6.72 -10.49 6.90
N PHE A 163 7.36 -9.52 7.51
CA PHE A 163 7.33 -9.44 9.01
C PHE A 163 5.90 -9.25 9.50
N MET A 164 5.14 -8.42 8.84
CA MET A 164 3.74 -8.17 9.30
C MET A 164 2.83 -9.30 8.82
N GLU A 165 2.94 -9.70 7.58
CA GLU A 165 2.06 -10.79 7.07
C GLU A 165 2.20 -12.03 7.98
N LEU A 166 3.37 -12.26 8.49
CA LEU A 166 3.57 -13.45 9.39
C LEU A 166 2.80 -13.20 10.71
N ASN A 167 2.91 -12.02 11.25
CA ASN A 167 2.22 -11.70 12.53
C ASN A 167 0.77 -11.24 12.27
N ASP A 168 0.41 -11.00 11.04
CA ASP A 168 -0.97 -10.56 10.73
C ASP A 168 -1.92 -11.77 10.74
N ALA A 169 -1.65 -12.75 9.93
CA ALA A 169 -2.53 -13.94 9.90
C ALA A 169 -2.44 -14.66 11.26
N TRP A 170 -1.34 -14.54 11.93
CA TRP A 170 -1.20 -15.20 13.26
C TRP A 170 -2.36 -14.78 14.15
N SER A 171 -2.72 -13.53 14.14
CA SER A 171 -3.86 -13.08 14.98
C SER A 171 -5.12 -13.82 14.52
N GLU A 172 -5.18 -14.14 13.26
CA GLU A 172 -6.35 -14.87 12.71
C GLU A 172 -6.20 -16.35 13.04
N PHE A 173 -5.03 -16.89 12.84
CA PHE A 173 -4.81 -18.33 13.16
C PHE A 173 -5.20 -18.59 14.61
N GLU A 174 -4.83 -17.70 15.49
CA GLU A 174 -5.17 -17.88 16.94
C GLU A 174 -6.65 -17.58 17.17
N ASN A 175 -7.15 -16.50 16.63
CA ASN A 175 -8.59 -16.15 16.83
C ASN A 175 -9.49 -17.07 15.99
N GLN A 176 -9.10 -17.35 14.78
CA GLN A 176 -9.94 -18.23 13.92
C GLN A 176 -10.07 -19.60 14.59
N GLY A 177 -9.12 -19.97 15.40
CA GLY A 177 -9.20 -21.29 16.09
C GLY A 177 -7.85 -21.64 16.70
N GLN A 178 -7.66 -21.35 17.96
CA GLN A 178 -6.37 -21.68 18.62
C GLN A 178 -6.41 -23.14 19.10
N LYS A 179 -6.79 -24.05 18.24
CA LYS A 179 -6.86 -25.49 18.64
C LYS A 179 -6.72 -26.38 17.39
N PRO A 180 -6.21 -27.58 17.54
CA PRO A 180 -6.04 -28.53 16.40
C PRO A 180 -7.15 -28.38 15.33
N LEU A 181 -6.87 -27.71 14.22
CA LEU A 181 -7.92 -27.54 13.15
C LEU A 181 -7.52 -28.38 11.93
N TYR A 182 -7.70 -29.68 11.99
CA TYR A 182 -7.33 -30.54 10.82
C TYR A 182 -7.79 -31.98 11.08
N GLY A 1 -74.04 70.47 11.75
CA GLY A 1 -73.70 71.09 10.45
C GLY A 1 -74.84 70.84 9.46
N PRO A 2 -74.75 71.44 8.28
CA PRO A 2 -75.78 71.29 7.23
C PRO A 2 -75.71 69.92 6.53
N LEU A 3 -75.24 68.92 7.22
CA LEU A 3 -75.14 67.57 6.59
C LEU A 3 -76.53 66.94 6.54
N GLY A 4 -76.68 65.87 5.80
CA GLY A 4 -78.01 65.20 5.71
C GLY A 4 -78.39 64.63 7.08
N SER A 5 -79.51 63.97 7.16
CA SER A 5 -79.93 63.40 8.47
C SER A 5 -81.11 62.43 8.24
N PRO A 6 -80.89 61.40 7.46
CA PRO A 6 -81.95 60.39 7.16
C PRO A 6 -82.18 59.44 8.34
N GLU A 7 -83.41 59.07 8.57
CA GLU A 7 -83.70 58.14 9.70
C GLU A 7 -83.29 56.71 9.31
N PHE A 8 -83.42 56.36 8.06
CA PHE A 8 -83.04 54.99 7.63
C PHE A 8 -81.55 54.76 7.91
N SER A 9 -80.70 55.10 6.98
CA SER A 9 -79.24 54.90 7.18
C SER A 9 -78.73 55.92 8.21
N MET A 10 -77.79 55.53 9.03
CA MET A 10 -77.25 56.49 10.05
C MET A 10 -75.81 56.09 10.40
N PRO A 11 -74.91 56.25 9.47
CA PRO A 11 -73.47 55.91 9.68
C PRO A 11 -72.93 56.44 11.01
N HIS A 12 -71.86 55.87 11.49
CA HIS A 12 -71.29 56.34 12.78
C HIS A 12 -69.85 55.83 12.92
N SER A 13 -68.92 56.71 13.16
CA SER A 13 -67.50 56.28 13.31
C SER A 13 -66.70 57.39 13.99
N SER A 14 -67.33 58.15 14.83
CA SER A 14 -66.60 59.25 15.54
C SER A 14 -67.43 59.72 16.74
N PRO A 15 -67.70 58.84 17.67
CA PRO A 15 -68.49 59.16 18.88
C PRO A 15 -67.67 59.97 19.91
N GLN A 16 -66.77 60.79 19.45
CA GLN A 16 -65.95 61.59 20.38
C GLN A 16 -65.24 62.71 19.62
N ASN A 17 -65.10 63.86 20.22
CA ASN A 17 -64.41 64.99 19.52
C ASN A 17 -62.92 64.70 19.43
N ARG A 18 -62.54 63.73 18.64
CA ARG A 18 -61.09 63.41 18.51
C ARG A 18 -60.88 62.46 17.32
N PRO A 19 -61.24 62.92 16.15
CA PRO A 19 -61.09 62.10 14.90
C PRO A 19 -59.64 62.04 14.42
N ASN A 20 -58.71 62.35 15.28
CA ASN A 20 -57.27 62.30 14.87
C ASN A 20 -56.87 60.86 14.59
N TYR A 21 -56.18 60.23 15.51
CA TYR A 21 -55.75 58.82 15.29
C TYR A 21 -55.49 58.16 16.63
N ASN A 22 -55.39 56.85 16.65
CA ASN A 22 -55.13 56.14 17.94
C ASN A 22 -53.65 56.25 18.30
N VAL A 23 -53.32 57.02 19.30
CA VAL A 23 -51.89 57.15 19.69
C VAL A 23 -51.36 55.81 20.17
N SER A 24 -51.00 54.94 19.27
CA SER A 24 -50.49 53.60 19.68
C SER A 24 -49.83 52.93 18.47
N PHE A 25 -48.93 52.01 18.71
CA PHE A 25 -48.26 51.32 17.58
C PHE A 25 -49.22 50.31 16.95
N SER A 26 -48.76 49.51 16.04
CA SER A 26 -49.65 48.51 15.39
C SER A 26 -49.95 47.37 16.37
N SER A 27 -49.06 46.43 16.47
CA SER A 27 -49.30 45.30 17.41
C SER A 27 -49.62 45.84 18.81
N MET A 28 -50.84 45.68 19.24
CA MET A 28 -51.21 46.20 20.60
C MET A 28 -50.63 45.29 21.70
N PRO A 29 -50.57 44.00 21.49
CA PRO A 29 -50.03 43.06 22.50
C PRO A 29 -48.52 42.81 22.31
N GLY A 30 -47.70 43.57 22.98
CA GLY A 30 -46.23 43.39 22.84
C GLY A 30 -45.80 42.17 23.65
N GLY A 31 -44.85 42.32 24.54
CA GLY A 31 -44.39 41.17 25.36
C GLY A 31 -43.74 40.13 24.44
N GLN A 32 -42.50 40.35 24.07
CA GLN A 32 -41.82 39.37 23.17
C GLN A 32 -41.38 38.15 24.00
N ASN A 33 -42.03 37.03 23.80
CA ASN A 33 -41.65 35.82 24.57
C ASN A 33 -40.17 35.49 24.33
N GLU A 34 -39.88 34.73 23.31
CA GLU A 34 -38.46 34.38 23.02
C GLU A 34 -37.76 35.58 22.38
N ARG A 35 -36.94 36.27 23.14
CA ARG A 35 -36.22 37.45 22.58
C ARG A 35 -35.43 37.03 21.34
N GLY A 36 -35.21 35.76 21.17
CA GLY A 36 -34.44 35.29 19.99
C GLY A 36 -32.96 35.58 20.19
N LYS A 37 -32.36 35.00 21.20
CA LYS A 37 -30.91 35.25 21.45
C LYS A 37 -30.07 34.53 20.38
N ALA A 38 -30.52 34.56 19.16
CA ALA A 38 -29.75 33.89 18.06
C ALA A 38 -28.37 34.52 17.95
N ALA A 39 -27.69 34.30 16.87
CA ALA A 39 -26.34 34.89 16.69
C ALA A 39 -25.93 34.84 15.21
N ALA A 40 -25.41 35.92 14.70
CA ALA A 40 -24.99 35.93 13.27
C ALA A 40 -24.04 37.10 13.02
N ASN A 41 -23.18 36.97 12.05
CA ASN A 41 -22.21 38.07 11.76
C ASN A 41 -21.52 37.80 10.43
N LEU A 42 -20.63 36.85 10.38
CA LEU A 42 -19.93 36.54 9.10
C LEU A 42 -20.90 35.87 8.13
N GLU A 43 -21.93 36.57 7.72
CA GLU A 43 -22.91 35.96 6.79
C GLU A 43 -22.25 35.73 5.42
N GLY A 44 -21.71 34.56 5.21
CA GLY A 44 -21.04 34.28 3.90
C GLY A 44 -20.76 32.79 3.80
N LYS A 45 -19.68 32.33 4.39
CA LYS A 45 -19.34 30.89 4.32
C LYS A 45 -20.36 30.08 5.14
N GLN A 46 -21.61 30.42 5.05
CA GLN A 46 -22.65 29.68 5.82
C GLN A 46 -22.98 28.37 5.11
N LYS A 47 -22.05 27.45 5.07
CA LYS A 47 -22.31 26.15 4.40
C LYS A 47 -21.31 25.11 4.89
N ALA A 48 -21.79 23.97 5.31
CA ALA A 48 -20.86 22.91 5.81
C ALA A 48 -21.64 21.61 6.02
N ALA A 49 -22.93 21.70 6.12
CA ALA A 49 -23.75 20.47 6.33
C ALA A 49 -23.74 19.62 5.05
N ASP A 50 -22.65 18.95 4.77
CA ASP A 50 -22.59 18.12 3.54
C ASP A 50 -21.33 17.26 3.58
N PHE A 51 -20.18 17.87 3.42
CA PHE A 51 -18.91 17.09 3.45
C PHE A 51 -18.47 16.87 4.90
N GLU A 52 -19.20 16.06 5.63
CA GLU A 52 -18.82 15.81 7.05
C GLU A 52 -19.52 14.55 7.55
N ASP A 53 -20.66 14.23 7.00
CA ASP A 53 -21.40 13.02 7.44
C ASP A 53 -22.56 12.74 6.49
N LEU A 54 -22.37 11.83 5.57
CA LEU A 54 -23.46 11.50 4.60
C LEU A 54 -23.21 10.13 3.99
N LEU A 55 -21.99 9.86 3.61
CA LEU A 55 -21.67 8.53 2.99
C LEU A 55 -21.40 7.52 4.10
N SER A 56 -21.65 7.89 5.33
CA SER A 56 -21.41 6.93 6.45
C SER A 56 -22.17 5.64 6.20
N GLY A 57 -23.45 5.72 5.98
CA GLY A 57 -24.25 4.49 5.73
C GLY A 57 -23.87 3.90 4.37
N GLN A 58 -23.87 4.70 3.34
CA GLN A 58 -23.51 4.19 1.99
C GLN A 58 -22.17 3.46 2.07
N GLY A 59 -21.48 3.58 3.17
CA GLY A 59 -20.15 2.90 3.30
C GLY A 59 -20.32 1.42 2.95
N PHE A 60 -21.01 0.68 3.76
CA PHE A 60 -21.20 -0.77 3.47
C PHE A 60 -22.37 -0.95 2.49
N ASN A 61 -22.08 -1.14 1.23
CA ASN A 61 -23.16 -1.31 0.23
C ASN A 61 -22.57 -1.78 -1.10
N ALA A 62 -22.58 -0.93 -2.10
CA ALA A 62 -22.02 -1.34 -3.42
C ALA A 62 -20.67 -2.02 -3.22
N HIS A 63 -20.40 -3.04 -4.00
CA HIS A 63 -19.11 -3.77 -3.86
C HIS A 63 -17.95 -2.76 -3.80
N LYS A 64 -17.11 -2.87 -2.79
CA LYS A 64 -15.96 -1.93 -2.65
C LYS A 64 -14.66 -2.73 -2.56
N ASP A 65 -13.60 -2.26 -3.17
CA ASP A 65 -12.31 -3.00 -3.13
C ASP A 65 -12.01 -3.38 -1.67
N LYS A 66 -10.98 -4.15 -1.47
CA LYS A 66 -10.61 -4.56 -0.09
C LYS A 66 -10.59 -3.33 0.83
N LYS A 67 -11.14 -3.44 2.00
CA LYS A 67 -11.16 -2.28 2.94
C LYS A 67 -11.08 -2.80 4.39
N GLY A 68 -10.08 -3.58 4.70
CA GLY A 68 -9.95 -4.11 6.09
C GLY A 68 -9.97 -2.95 7.08
N PRO A 69 -9.73 -3.24 8.33
CA PRO A 69 -9.72 -2.20 9.42
C PRO A 69 -8.95 -0.93 9.01
N ARG A 70 -8.90 0.04 9.88
CA ARG A 70 -8.17 1.30 9.55
C ARG A 70 -6.74 1.22 10.12
N THR A 71 -5.98 0.24 9.71
CA THR A 71 -4.58 0.11 10.22
C THR A 71 -3.65 0.93 9.33
N ILE A 72 -2.63 1.52 9.90
CA ILE A 72 -1.70 2.35 9.09
C ILE A 72 -1.14 1.50 7.92
N ALA A 73 -1.49 0.23 7.88
CA ALA A 73 -0.98 -0.64 6.77
C ALA A 73 -1.78 -0.38 5.47
N GLU A 74 -2.99 0.11 5.57
CA GLU A 74 -3.78 0.36 4.33
C GLU A 74 -3.37 1.69 3.69
N MET A 75 -2.77 2.57 4.44
CA MET A 75 -2.36 3.89 3.88
C MET A 75 -1.22 3.66 2.87
N ARG A 76 -0.09 3.18 3.32
CA ARG A 76 1.04 2.96 2.39
C ARG A 76 0.60 2.02 1.25
N LYS A 77 -0.61 1.54 1.30
CA LYS A 77 -1.09 0.62 0.21
C LYS A 77 -0.80 1.26 -1.15
N GLU A 78 -0.63 2.55 -1.19
CA GLU A 78 -0.34 3.22 -2.50
C GLU A 78 1.14 3.10 -2.82
N GLU A 79 1.99 3.23 -1.82
CA GLU A 79 3.46 3.12 -2.08
C GLU A 79 3.75 1.79 -2.77
N MET A 80 2.82 0.87 -2.75
CA MET A 80 3.06 -0.44 -3.41
C MET A 80 3.08 -0.25 -4.93
N ALA A 81 2.48 0.80 -5.42
CA ALA A 81 2.47 1.05 -6.89
C ALA A 81 3.74 1.80 -7.30
N LYS A 82 4.49 2.30 -6.35
CA LYS A 82 5.74 3.04 -6.68
C LYS A 82 6.94 2.12 -6.45
N GLU A 83 6.70 0.84 -6.32
CA GLU A 83 7.82 -0.10 -6.08
C GLU A 83 7.42 -1.51 -6.59
N MET A 84 6.81 -1.57 -7.74
CA MET A 84 6.41 -2.91 -8.28
C MET A 84 7.64 -3.63 -8.81
N ASP A 85 8.77 -3.39 -8.23
CA ASP A 85 10.01 -4.07 -8.67
C ASP A 85 9.73 -5.59 -8.79
N PRO A 86 10.27 -6.27 -9.77
CA PRO A 86 10.02 -7.74 -9.95
C PRO A 86 10.44 -8.55 -8.71
N GLU A 87 10.99 -7.91 -7.71
CA GLU A 87 11.39 -8.64 -6.48
C GLU A 87 10.24 -8.59 -5.47
N LYS A 88 9.62 -7.44 -5.34
CA LYS A 88 8.49 -7.30 -4.40
C LYS A 88 7.24 -7.89 -5.06
N LEU A 89 7.19 -7.85 -6.35
CA LEU A 89 6.01 -8.39 -7.07
C LEU A 89 5.77 -9.84 -6.63
N LYS A 90 6.81 -10.60 -6.47
CA LYS A 90 6.65 -12.02 -6.03
C LYS A 90 5.81 -12.06 -4.75
N ILE A 91 6.07 -11.18 -3.82
CA ILE A 91 5.30 -11.19 -2.55
C ILE A 91 3.80 -11.01 -2.84
N LEU A 92 3.45 -10.03 -3.64
CA LEU A 92 2.01 -9.79 -3.95
C LEU A 92 1.31 -11.10 -4.36
N GLU A 93 1.99 -11.95 -5.08
CA GLU A 93 1.35 -13.23 -5.51
C GLU A 93 1.33 -14.22 -4.35
N TRP A 94 2.24 -14.08 -3.45
CA TRP A 94 2.33 -15.00 -2.29
C TRP A 94 1.21 -14.70 -1.29
N ILE A 95 0.93 -13.46 -1.05
CA ILE A 95 -0.14 -13.11 -0.07
C ILE A 95 -1.52 -13.41 -0.68
N GLU A 96 -1.73 -13.04 -1.91
CA GLU A 96 -3.07 -13.28 -2.53
C GLU A 96 -3.34 -14.78 -2.65
N GLY A 97 -2.36 -15.57 -2.38
CA GLY A 97 -2.53 -17.04 -2.46
C GLY A 97 -3.37 -17.52 -1.27
N LYS A 98 -3.05 -17.05 -0.09
CA LYS A 98 -3.84 -17.47 1.10
C LYS A 98 -3.42 -16.63 2.31
N GLU A 99 -3.83 -15.39 2.35
CA GLU A 99 -3.46 -14.51 3.51
C GLU A 99 -4.32 -14.88 4.71
N ARG A 100 -4.74 -16.11 4.79
CA ARG A 100 -5.59 -16.57 5.93
C ARG A 100 -5.16 -17.99 6.35
N ASN A 101 -3.93 -18.33 6.12
CA ASN A 101 -3.44 -19.68 6.48
C ASN A 101 -2.01 -19.54 7.04
N ILE A 102 -1.90 -18.84 8.13
CA ILE A 102 -0.57 -18.59 8.74
C ILE A 102 0.28 -19.87 8.76
N ARG A 103 -0.29 -21.01 9.05
CA ARG A 103 0.53 -22.24 9.08
C ARG A 103 1.24 -22.40 7.73
N ALA A 104 0.56 -22.05 6.67
CA ALA A 104 1.17 -22.17 5.31
C ALA A 104 2.09 -20.97 5.01
N LEU A 105 1.68 -19.77 5.35
CA LEU A 105 2.53 -18.58 5.04
C LEU A 105 3.95 -18.80 5.61
N LEU A 106 4.05 -19.32 6.79
CA LEU A 106 5.41 -19.52 7.39
C LEU A 106 6.10 -20.73 6.74
N SER A 107 5.33 -21.64 6.16
CA SER A 107 5.96 -22.84 5.52
C SER A 107 6.10 -22.60 4.01
N THR A 108 5.69 -21.46 3.53
CA THR A 108 5.78 -21.16 2.06
C THR A 108 6.58 -19.87 1.85
N MET A 109 7.03 -19.26 2.91
CA MET A 109 7.80 -17.99 2.79
C MET A 109 9.13 -18.23 2.07
N HIS A 110 9.67 -19.41 2.16
CA HIS A 110 10.99 -19.67 1.51
C HIS A 110 10.91 -19.42 0.01
N THR A 111 9.75 -19.56 -0.57
CA THR A 111 9.62 -19.32 -2.05
C THR A 111 9.63 -17.81 -2.34
N VAL A 112 9.86 -16.98 -1.35
CA VAL A 112 9.87 -15.50 -1.62
C VAL A 112 10.90 -14.79 -0.73
N LEU A 113 11.94 -15.45 -0.31
CA LEU A 113 12.96 -14.77 0.53
C LEU A 113 13.99 -14.13 -0.40
N TRP A 114 14.92 -13.42 0.16
CA TRP A 114 15.96 -12.78 -0.70
C TRP A 114 17.11 -13.75 -0.93
N ALA A 115 17.73 -13.67 -2.08
CA ALA A 115 18.85 -14.58 -2.39
C ALA A 115 20.00 -14.33 -1.42
N GLY A 116 20.30 -15.28 -0.58
CA GLY A 116 21.41 -15.11 0.41
C GLY A 116 21.06 -15.86 1.70
N GLU A 117 19.85 -15.71 2.16
CA GLU A 117 19.44 -16.42 3.40
C GLU A 117 19.71 -17.92 3.25
N THR A 118 20.61 -18.45 4.03
CA THR A 118 20.95 -19.90 3.95
C THR A 118 20.70 -20.55 5.31
N LYS A 119 20.01 -19.87 6.19
CA LYS A 119 19.73 -20.45 7.54
C LYS A 119 18.31 -21.02 7.57
N TRP A 120 17.42 -20.47 6.80
CA TRP A 120 16.02 -20.97 6.79
C TRP A 120 15.98 -22.43 6.36
N LYS A 121 15.33 -23.26 7.14
CA LYS A 121 15.18 -24.70 6.79
C LYS A 121 13.71 -24.95 6.44
N PRO A 122 13.33 -24.86 5.18
CA PRO A 122 11.91 -25.05 4.77
C PRO A 122 11.20 -26.13 5.58
N VAL A 123 10.05 -25.81 6.10
CA VAL A 123 9.30 -26.81 6.90
C VAL A 123 8.39 -27.62 5.99
N GLY A 124 8.52 -28.92 6.03
CA GLY A 124 7.68 -29.78 5.16
C GLY A 124 6.20 -29.60 5.57
N MET A 125 5.35 -29.21 4.65
CA MET A 125 3.91 -29.02 4.96
C MET A 125 3.39 -30.13 5.89
N ALA A 126 4.07 -31.24 5.94
CA ALA A 126 3.60 -32.35 6.82
C ALA A 126 4.09 -32.11 8.26
N ASP A 127 5.01 -31.20 8.44
CA ASP A 127 5.54 -30.93 9.81
C ASP A 127 4.78 -29.77 10.47
N LEU A 128 3.52 -29.60 10.15
CA LEU A 128 2.72 -28.50 10.78
C LEU A 128 1.32 -29.03 11.10
N VAL A 129 1.23 -30.28 11.47
CA VAL A 129 -0.11 -30.87 11.78
C VAL A 129 -0.55 -30.52 13.21
N THR A 130 0.28 -29.81 13.96
CA THR A 130 -0.11 -29.44 15.37
C THR A 130 0.36 -27.99 15.64
N PRO A 131 -0.31 -27.29 16.53
CA PRO A 131 0.05 -25.87 16.87
C PRO A 131 1.47 -25.79 17.45
N GLU A 132 1.88 -26.75 18.22
CA GLU A 132 3.25 -26.70 18.80
C GLU A 132 4.25 -26.58 17.64
N GLN A 133 3.91 -27.14 16.51
CA GLN A 133 4.81 -27.05 15.34
C GLN A 133 4.72 -25.64 14.76
N VAL A 134 3.57 -25.04 14.85
CA VAL A 134 3.38 -23.67 14.30
C VAL A 134 3.98 -22.64 15.26
N LYS A 135 3.50 -22.59 16.47
CA LYS A 135 4.04 -21.60 17.45
C LYS A 135 5.55 -21.77 17.58
N LYS A 136 6.03 -22.98 17.53
CA LYS A 136 7.50 -23.20 17.67
C LYS A 136 8.22 -22.57 16.48
N VAL A 137 7.72 -22.75 15.28
CA VAL A 137 8.41 -22.17 14.10
C VAL A 137 8.03 -20.69 13.95
N TYR A 138 6.83 -20.31 14.29
CA TYR A 138 6.45 -18.87 14.15
C TYR A 138 7.53 -18.02 14.83
N ARG A 139 8.20 -18.56 15.81
CA ARG A 139 9.26 -17.78 16.52
C ARG A 139 10.45 -17.56 15.58
N LYS A 140 11.05 -18.62 15.10
CA LYS A 140 12.23 -18.46 14.19
C LYS A 140 11.81 -17.74 12.91
N ALA A 141 10.67 -18.07 12.37
CA ALA A 141 10.23 -17.39 11.11
C ALA A 141 10.31 -15.87 11.30
N VAL A 142 10.03 -15.40 12.48
CA VAL A 142 10.08 -13.93 12.73
C VAL A 142 11.56 -13.51 12.83
N LEU A 143 12.41 -14.39 13.27
CA LEU A 143 13.86 -14.05 13.37
C LEU A 143 14.44 -13.91 11.97
N VAL A 144 13.89 -14.62 11.03
CA VAL A 144 14.42 -14.53 9.63
C VAL A 144 14.29 -13.10 9.10
N VAL A 145 13.28 -12.37 9.54
CA VAL A 145 13.08 -10.97 9.04
C VAL A 145 13.32 -9.97 10.17
N HIS A 146 14.10 -10.30 11.17
CA HIS A 146 14.34 -9.33 12.26
C HIS A 146 15.07 -8.11 11.66
N PRO A 147 14.62 -6.90 11.94
CA PRO A 147 15.26 -5.67 11.38
C PRO A 147 16.77 -5.78 11.27
N ASP A 148 17.45 -5.94 12.37
CA ASP A 148 18.93 -6.04 12.34
C ASP A 148 19.42 -6.89 11.17
N LYS A 149 18.73 -7.95 10.82
CA LYS A 149 19.20 -8.80 9.69
C LYS A 149 18.83 -8.15 8.36
N ALA A 150 18.02 -7.13 8.38
CA ALA A 150 17.61 -6.43 7.13
C ALA A 150 17.92 -4.94 7.28
N THR A 151 18.98 -4.61 7.98
CA THR A 151 19.33 -3.18 8.16
C THR A 151 20.28 -2.75 7.04
N GLY A 152 19.85 -1.84 6.21
CA GLY A 152 20.72 -1.35 5.11
C GLY A 152 20.87 -2.46 4.06
N GLN A 153 20.29 -3.60 4.29
CA GLN A 153 20.41 -4.71 3.31
C GLN A 153 19.44 -4.46 2.13
N PRO A 154 19.88 -4.59 0.90
CA PRO A 154 19.01 -4.35 -0.28
C PRO A 154 17.56 -4.80 -0.06
N TYR A 155 17.34 -5.75 0.82
CA TYR A 155 15.95 -6.23 1.09
C TYR A 155 15.47 -5.67 2.44
N GLU A 156 15.54 -4.38 2.63
CA GLU A 156 15.07 -3.79 3.91
C GLU A 156 13.54 -3.90 4.01
N GLN A 157 12.85 -3.30 3.08
CA GLN A 157 11.36 -3.36 3.11
C GLN A 157 10.90 -4.81 2.98
N TYR A 158 11.63 -5.60 2.25
CA TYR A 158 11.24 -7.04 2.08
C TYR A 158 10.97 -7.63 3.47
N ALA A 159 11.66 -7.17 4.48
CA ALA A 159 11.44 -7.73 5.85
C ALA A 159 10.14 -7.19 6.43
N LYS A 160 9.98 -5.90 6.47
CA LYS A 160 8.74 -5.30 7.06
C LYS A 160 7.48 -5.85 6.38
N MET A 161 7.56 -6.17 5.12
CA MET A 161 6.35 -6.70 4.42
C MET A 161 5.98 -8.07 4.98
N ILE A 162 6.88 -9.01 4.94
CA ILE A 162 6.57 -10.38 5.46
C ILE A 162 6.44 -10.34 6.99
N PHE A 163 7.11 -9.41 7.63
CA PHE A 163 7.02 -9.33 9.13
C PHE A 163 5.57 -9.20 9.57
N MET A 164 4.86 -8.23 9.05
CA MET A 164 3.44 -8.04 9.47
C MET A 164 2.57 -9.21 9.02
N GLU A 165 2.76 -9.69 7.82
CA GLU A 165 1.93 -10.83 7.34
C GLU A 165 2.03 -12.00 8.31
N LEU A 166 3.22 -12.36 8.71
CA LEU A 166 3.38 -13.51 9.65
C LEU A 166 2.59 -13.22 10.94
N ASN A 167 2.75 -12.05 11.51
CA ASN A 167 2.04 -11.73 12.78
C ASN A 167 0.61 -11.24 12.50
N ASP A 168 0.27 -11.00 11.27
CA ASP A 168 -1.12 -10.51 10.97
C ASP A 168 -2.09 -11.70 10.99
N ALA A 169 -1.90 -12.65 10.13
CA ALA A 169 -2.81 -13.82 10.10
C ALA A 169 -2.69 -14.59 11.43
N TRP A 170 -1.56 -14.50 12.08
CA TRP A 170 -1.40 -15.23 13.38
C TRP A 170 -2.56 -14.87 14.31
N SER A 171 -2.93 -13.63 14.38
CA SER A 171 -4.08 -13.26 15.27
C SER A 171 -5.33 -13.96 14.73
N GLU A 172 -5.37 -14.18 13.45
CA GLU A 172 -6.55 -14.86 12.84
C GLU A 172 -6.40 -16.38 13.03
N PHE A 173 -5.21 -16.90 12.92
CA PHE A 173 -4.99 -18.36 13.09
C PHE A 173 -5.46 -18.77 14.49
N GLU A 174 -5.24 -17.93 15.47
CA GLU A 174 -5.66 -18.26 16.86
C GLU A 174 -7.17 -18.09 17.00
N ASN A 175 -7.70 -16.99 16.53
CA ASN A 175 -9.17 -16.76 16.65
C ASN A 175 -9.92 -17.60 15.61
N GLN A 176 -9.43 -17.67 14.41
CA GLN A 176 -10.12 -18.47 13.36
C GLN A 176 -10.15 -19.94 13.76
N GLY A 177 -9.20 -20.38 14.54
CA GLY A 177 -9.21 -21.83 14.95
C GLY A 177 -8.34 -22.02 16.19
N GLN A 178 -8.84 -21.69 17.35
CA GLN A 178 -8.05 -21.88 18.59
C GLN A 178 -8.17 -23.35 19.01
N LYS A 179 -8.03 -24.26 18.08
CA LYS A 179 -8.14 -25.71 18.41
C LYS A 179 -7.51 -26.52 17.26
N PRO A 180 -7.14 -27.76 17.52
CA PRO A 180 -6.52 -28.63 16.48
C PRO A 180 -7.51 -28.93 15.32
N LEU A 181 -7.26 -28.46 14.11
CA LEU A 181 -8.21 -28.71 12.97
C LEU A 181 -7.59 -29.70 11.98
N TYR A 182 -7.40 -30.93 12.38
CA TYR A 182 -6.79 -31.92 11.44
C TYR A 182 -6.86 -33.32 12.05
N GLY A 1 33.52 94.70 -49.24
CA GLY A 1 32.38 95.38 -49.90
C GLY A 1 31.54 96.09 -48.83
N PRO A 2 30.52 96.80 -49.26
CA PRO A 2 29.62 97.55 -48.33
C PRO A 2 28.65 96.61 -47.59
N LEU A 3 29.04 95.39 -47.39
CA LEU A 3 28.14 94.43 -46.67
C LEU A 3 28.13 94.77 -45.18
N GLY A 4 27.61 93.89 -44.37
CA GLY A 4 27.56 94.17 -42.90
C GLY A 4 27.16 92.90 -42.16
N SER A 5 26.37 93.02 -41.13
CA SER A 5 25.94 91.82 -40.36
C SER A 5 25.36 90.79 -41.34
N PRO A 6 25.36 89.53 -40.96
CA PRO A 6 24.81 88.44 -41.82
C PRO A 6 23.28 88.48 -41.90
N GLU A 7 22.74 88.51 -43.09
CA GLU A 7 21.25 88.55 -43.21
C GLU A 7 20.66 87.26 -42.64
N PHE A 8 20.44 86.27 -43.47
CA PHE A 8 19.87 84.99 -42.97
C PHE A 8 20.06 83.90 -44.03
N SER A 9 20.73 84.22 -45.11
CA SER A 9 20.95 83.20 -46.17
C SER A 9 21.54 81.93 -45.54
N MET A 10 20.71 80.98 -45.22
CA MET A 10 21.22 79.71 -44.61
C MET A 10 20.16 78.62 -44.75
N PRO A 11 19.91 78.19 -45.96
CA PRO A 11 18.92 77.11 -46.25
C PRO A 11 19.06 75.92 -45.29
N HIS A 12 18.00 75.57 -44.61
CA HIS A 12 18.07 74.42 -43.67
C HIS A 12 18.12 73.11 -44.47
N SER A 13 19.04 73.00 -45.38
CA SER A 13 19.13 71.74 -46.18
C SER A 13 19.54 70.58 -45.29
N SER A 14 20.77 70.58 -44.82
CA SER A 14 21.23 69.48 -43.94
C SER A 14 22.59 69.84 -43.35
N PRO A 15 22.62 70.79 -42.45
CA PRO A 15 23.88 71.24 -41.79
C PRO A 15 24.74 70.07 -41.32
N GLN A 16 25.96 70.33 -40.93
CA GLN A 16 26.84 69.23 -40.45
C GLN A 16 28.01 69.81 -39.66
N ASN A 17 29.04 69.05 -39.43
CA ASN A 17 30.20 69.56 -38.67
C ASN A 17 30.85 70.71 -39.43
N ARG A 18 31.83 70.42 -40.25
CA ARG A 18 32.50 71.50 -41.03
C ARG A 18 31.44 72.32 -41.76
N PRO A 19 31.71 73.58 -42.04
CA PRO A 19 30.75 74.47 -42.75
C PRO A 19 30.64 74.11 -44.24
N ASN A 20 31.71 73.68 -44.84
CA ASN A 20 31.67 73.31 -46.29
C ASN A 20 30.68 72.16 -46.49
N TYR A 21 30.97 71.28 -47.41
CA TYR A 21 30.05 70.13 -47.66
C TYR A 21 30.81 69.01 -48.37
N ASN A 22 30.37 67.79 -48.24
CA ASN A 22 31.06 66.66 -48.91
C ASN A 22 30.22 65.40 -48.79
N VAL A 23 30.20 64.80 -47.63
CA VAL A 23 29.39 63.56 -47.45
C VAL A 23 29.34 63.21 -45.96
N SER A 24 28.21 62.72 -45.49
CA SER A 24 28.10 62.36 -44.06
C SER A 24 28.96 61.13 -43.77
N PHE A 25 29.52 61.04 -42.60
CA PHE A 25 30.36 59.86 -42.26
C PHE A 25 30.50 59.75 -40.74
N SER A 26 29.80 60.58 -40.01
CA SER A 26 29.89 60.51 -38.53
C SER A 26 29.52 59.11 -38.05
N SER A 27 30.47 58.22 -38.01
CA SER A 27 30.18 56.82 -37.56
C SER A 27 29.47 56.87 -36.21
N MET A 28 28.26 56.39 -36.15
CA MET A 28 27.50 56.39 -34.86
C MET A 28 26.18 55.62 -35.01
N PRO A 29 25.50 55.73 -36.12
CA PRO A 29 24.20 55.01 -36.34
C PRO A 29 24.39 53.49 -36.36
N GLY A 30 23.47 52.78 -36.96
CA GLY A 30 23.59 51.30 -37.02
C GLY A 30 22.30 50.70 -37.58
N GLY A 31 22.25 49.40 -37.72
CA GLY A 31 21.02 48.76 -38.26
C GLY A 31 21.12 47.24 -38.09
N GLN A 32 20.00 46.58 -37.92
CA GLN A 32 20.03 45.11 -37.75
C GLN A 32 20.33 44.44 -39.09
N ASN A 33 21.32 44.91 -39.80
CA ASN A 33 21.65 44.30 -41.12
C ASN A 33 22.24 42.90 -40.90
N GLU A 34 23.40 42.83 -40.29
CA GLU A 34 24.02 41.50 -40.05
C GLU A 34 23.16 40.70 -39.07
N ARG A 35 23.73 39.74 -38.40
CA ARG A 35 22.94 38.92 -37.44
C ARG A 35 22.19 39.84 -36.49
N GLY A 36 22.85 40.85 -35.96
CA GLY A 36 22.16 41.79 -35.03
C GLY A 36 22.06 41.14 -33.65
N LYS A 37 21.00 40.43 -33.38
CA LYS A 37 20.85 39.79 -32.05
C LYS A 37 19.73 38.74 -32.11
N ALA A 38 18.89 38.82 -33.10
CA ALA A 38 17.78 37.82 -33.22
C ALA A 38 18.37 36.44 -33.48
N ALA A 39 19.29 36.34 -34.40
CA ALA A 39 19.89 35.01 -34.69
C ALA A 39 20.95 34.67 -33.63
N ALA A 40 21.52 35.68 -33.02
CA ALA A 40 22.54 35.42 -31.98
C ALA A 40 21.97 34.50 -30.91
N ASN A 41 22.80 33.70 -30.29
CA ASN A 41 22.29 32.78 -29.23
C ASN A 41 22.10 33.55 -27.93
N LEU A 42 22.50 34.80 -27.90
CA LEU A 42 22.33 35.60 -26.65
C LEU A 42 20.84 35.88 -26.42
N GLU A 43 20.09 34.88 -26.05
CA GLU A 43 18.64 35.09 -25.81
C GLU A 43 18.07 33.90 -25.03
N GLY A 44 18.90 33.22 -24.29
CA GLY A 44 18.41 32.05 -23.50
C GLY A 44 17.78 31.03 -24.45
N LYS A 45 18.49 29.97 -24.76
CA LYS A 45 17.92 28.95 -25.69
C LYS A 45 16.72 28.27 -25.03
N GLN A 46 16.40 28.67 -23.82
CA GLN A 46 15.23 28.04 -23.13
C GLN A 46 13.94 28.66 -23.66
N LYS A 47 13.40 28.12 -24.72
CA LYS A 47 12.13 28.67 -25.28
C LYS A 47 11.52 27.66 -26.25
N ALA A 48 11.10 26.53 -25.76
CA ALA A 48 10.50 25.50 -26.66
C ALA A 48 9.64 24.54 -25.83
N ALA A 49 9.28 24.93 -24.64
CA ALA A 49 8.45 24.04 -23.79
C ALA A 49 7.22 23.57 -24.57
N ASP A 50 6.99 24.14 -25.73
CA ASP A 50 5.82 23.72 -26.55
C ASP A 50 6.16 22.44 -27.31
N PHE A 51 6.52 21.40 -26.61
CA PHE A 51 6.85 20.12 -27.30
C PHE A 51 7.01 19.02 -26.25
N GLU A 52 5.94 18.63 -25.62
CA GLU A 52 6.03 17.55 -24.59
C GLU A 52 4.67 16.88 -24.43
N ASP A 53 3.98 16.68 -25.53
CA ASP A 53 2.64 16.02 -25.46
C ASP A 53 2.31 15.41 -26.82
N LEU A 54 2.82 14.24 -27.10
CA LEU A 54 2.53 13.58 -28.41
C LEU A 54 2.48 12.07 -28.20
N LEU A 55 3.46 11.52 -27.54
CA LEU A 55 3.47 10.04 -27.30
C LEU A 55 2.56 9.72 -26.11
N SER A 56 2.26 10.70 -25.30
CA SER A 56 1.39 10.44 -24.12
C SER A 56 -0.09 10.56 -24.55
N GLY A 57 -0.62 9.52 -25.13
CA GLY A 57 -2.05 9.56 -25.57
C GLY A 57 -2.63 8.15 -25.59
N GLN A 58 -2.24 7.34 -26.53
CA GLN A 58 -2.77 5.94 -26.59
C GLN A 58 -1.93 5.05 -25.66
N GLY A 59 -2.53 4.53 -24.63
CA GLY A 59 -1.78 3.66 -23.68
C GLY A 59 -2.61 3.43 -22.42
N PHE A 60 -2.96 4.48 -21.72
CA PHE A 60 -3.78 4.32 -20.49
C PHE A 60 -5.24 4.12 -20.88
N ASN A 61 -5.76 2.94 -20.66
CA ASN A 61 -7.18 2.67 -21.01
C ASN A 61 -8.09 3.72 -20.37
N ALA A 62 -8.76 3.37 -19.31
CA ALA A 62 -9.66 4.34 -18.64
C ALA A 62 -9.90 3.90 -17.19
N HIS A 63 -9.99 4.83 -16.29
CA HIS A 63 -10.22 4.47 -14.86
C HIS A 63 -10.54 5.73 -14.06
N LYS A 64 -11.75 6.23 -14.18
CA LYS A 64 -12.13 7.47 -13.43
C LYS A 64 -11.74 7.30 -11.96
N ASP A 65 -11.12 8.30 -11.38
CA ASP A 65 -10.72 8.21 -9.95
C ASP A 65 -11.90 8.60 -9.08
N LYS A 66 -12.13 7.88 -8.02
CA LYS A 66 -13.27 8.20 -7.11
C LYS A 66 -13.01 7.60 -5.73
N LYS A 67 -13.39 8.30 -4.69
CA LYS A 67 -13.15 7.78 -3.31
C LYS A 67 -13.79 6.40 -3.18
N GLY A 68 -13.08 5.36 -3.51
CA GLY A 68 -13.64 3.98 -3.40
C GLY A 68 -13.87 3.65 -1.92
N PRO A 69 -14.14 2.40 -1.63
CA PRO A 69 -14.38 1.93 -0.24
C PRO A 69 -13.34 2.46 0.74
N ARG A 70 -13.57 2.29 2.02
CA ARG A 70 -12.58 2.78 3.04
C ARG A 70 -11.59 1.66 3.38
N THR A 71 -11.10 0.97 2.38
CA THR A 71 -10.13 -0.14 2.63
C THR A 71 -8.72 0.35 2.33
N ILE A 72 -7.90 0.50 3.33
CA ILE A 72 -6.51 1.00 3.10
C ILE A 72 -5.82 0.11 2.04
N ALA A 73 -6.48 -0.95 1.60
CA ALA A 73 -5.85 -1.84 0.57
C ALA A 73 -6.16 -1.34 -0.86
N GLU A 74 -7.18 -0.54 -1.04
CA GLU A 74 -7.49 -0.04 -2.41
C GLU A 74 -6.56 1.12 -2.77
N MET A 75 -6.01 1.81 -1.80
CA MET A 75 -5.10 2.94 -2.10
C MET A 75 -3.69 2.39 -2.30
N ARG A 76 -3.13 1.81 -1.28
CA ARG A 76 -1.74 1.25 -1.41
C ARG A 76 -1.66 0.42 -2.70
N LYS A 77 -2.77 0.05 -3.27
CA LYS A 77 -2.74 -0.76 -4.51
C LYS A 77 -1.86 -0.07 -5.56
N GLU A 78 -1.88 1.23 -5.59
CA GLU A 78 -1.06 1.97 -6.59
C GLU A 78 0.38 2.10 -6.08
N GLU A 79 0.55 2.42 -4.82
CA GLU A 79 1.91 2.57 -4.27
C GLU A 79 2.77 1.35 -4.65
N MET A 80 2.14 0.26 -4.98
CA MET A 80 2.92 -0.95 -5.36
C MET A 80 3.65 -0.69 -6.70
N ALA A 81 3.04 0.03 -7.60
CA ALA A 81 3.70 0.29 -8.90
C ALA A 81 4.60 1.53 -8.76
N LYS A 82 4.65 2.11 -7.60
CA LYS A 82 5.51 3.31 -7.41
C LYS A 82 6.96 2.88 -7.22
N GLU A 83 7.18 1.72 -6.65
CA GLU A 83 8.57 1.25 -6.44
C GLU A 83 8.55 -0.19 -5.91
N MET A 84 8.42 -1.14 -6.79
CA MET A 84 8.40 -2.58 -6.35
C MET A 84 9.28 -3.40 -7.30
N ASP A 85 10.53 -3.53 -6.96
CA ASP A 85 11.47 -4.32 -7.82
C ASP A 85 10.78 -5.64 -8.23
N PRO A 86 11.02 -6.15 -9.42
CA PRO A 86 10.36 -7.40 -9.90
C PRO A 86 10.55 -8.60 -8.94
N GLU A 87 11.29 -8.43 -7.88
CA GLU A 87 11.47 -9.56 -6.91
C GLU A 87 10.38 -9.45 -5.84
N LYS A 88 9.96 -8.24 -5.56
CA LYS A 88 8.88 -8.05 -4.56
C LYS A 88 7.55 -8.39 -5.21
N LEU A 89 7.47 -8.20 -6.50
CA LEU A 89 6.21 -8.50 -7.21
C LEU A 89 5.81 -9.95 -6.93
N LYS A 90 6.78 -10.77 -6.61
CA LYS A 90 6.48 -12.20 -6.32
C LYS A 90 5.72 -12.29 -4.99
N ILE A 91 6.05 -11.45 -4.05
CA ILE A 91 5.35 -11.50 -2.73
C ILE A 91 3.85 -11.27 -2.96
N LEU A 92 3.50 -10.28 -3.73
CA LEU A 92 2.06 -9.99 -3.99
C LEU A 92 1.33 -11.28 -4.40
N GLU A 93 1.98 -12.14 -5.13
CA GLU A 93 1.31 -13.40 -5.58
C GLU A 93 1.27 -14.40 -4.42
N TRP A 94 2.21 -14.29 -3.53
CA TRP A 94 2.27 -15.23 -2.38
C TRP A 94 1.19 -14.91 -1.35
N ILE A 95 0.98 -13.66 -1.08
CA ILE A 95 -0.06 -13.28 -0.07
C ILE A 95 -1.47 -13.55 -0.63
N GLU A 96 -1.70 -13.21 -1.87
CA GLU A 96 -3.06 -13.42 -2.44
C GLU A 96 -3.39 -14.91 -2.52
N GLY A 97 -2.44 -15.73 -2.27
CA GLY A 97 -2.67 -17.20 -2.31
C GLY A 97 -3.52 -17.62 -1.11
N LYS A 98 -3.18 -17.15 0.06
CA LYS A 98 -3.97 -17.51 1.27
C LYS A 98 -3.49 -16.65 2.45
N GLU A 99 -3.84 -15.39 2.45
CA GLU A 99 -3.41 -14.50 3.56
C GLU A 99 -4.23 -14.81 4.82
N ARG A 100 -4.69 -16.03 4.95
CA ARG A 100 -5.50 -16.41 6.15
C ARG A 100 -5.11 -17.81 6.62
N ASN A 101 -3.88 -18.21 6.36
CA ASN A 101 -3.42 -19.55 6.78
C ASN A 101 -1.98 -19.43 7.27
N ILE A 102 -1.81 -18.71 8.34
CA ILE A 102 -0.44 -18.49 8.90
C ILE A 102 0.38 -19.78 8.88
N ARG A 103 -0.22 -20.91 9.10
CA ARG A 103 0.57 -22.18 9.11
C ARG A 103 1.29 -22.32 7.77
N ALA A 104 0.62 -22.04 6.69
CA ALA A 104 1.26 -22.18 5.35
C ALA A 104 2.13 -20.95 5.03
N LEU A 105 1.70 -19.76 5.37
CA LEU A 105 2.54 -18.56 5.05
C LEU A 105 3.96 -18.78 5.59
N LEU A 106 4.08 -19.25 6.79
CA LEU A 106 5.43 -19.45 7.38
C LEU A 106 6.08 -20.71 6.78
N SER A 107 5.28 -21.61 6.25
CA SER A 107 5.84 -22.86 5.65
C SER A 107 5.98 -22.68 4.14
N THR A 108 5.65 -21.52 3.63
CA THR A 108 5.75 -21.27 2.16
C THR A 108 6.42 -19.92 1.91
N MET A 109 6.92 -19.30 2.94
CA MET A 109 7.58 -17.98 2.79
C MET A 109 8.95 -18.14 2.12
N HIS A 110 9.55 -19.30 2.19
CA HIS A 110 10.88 -19.49 1.57
C HIS A 110 10.82 -19.23 0.06
N THR A 111 9.67 -19.44 -0.54
CA THR A 111 9.55 -19.20 -2.01
C THR A 111 9.55 -17.69 -2.30
N VAL A 112 9.77 -16.86 -1.31
CA VAL A 112 9.77 -15.38 -1.56
C VAL A 112 10.83 -14.68 -0.70
N LEU A 113 11.86 -15.38 -0.30
CA LEU A 113 12.90 -14.72 0.52
C LEU A 113 13.91 -14.04 -0.40
N TRP A 114 14.82 -13.32 0.18
CA TRP A 114 15.86 -12.62 -0.65
C TRP A 114 17.02 -13.57 -0.92
N ALA A 115 17.53 -13.57 -2.13
CA ALA A 115 18.67 -14.47 -2.46
C ALA A 115 19.83 -14.20 -1.51
N GLY A 116 20.15 -15.14 -0.65
CA GLY A 116 21.27 -14.94 0.31
C GLY A 116 20.99 -15.75 1.58
N GLU A 117 19.79 -15.70 2.07
CA GLU A 117 19.46 -16.47 3.30
C GLU A 117 19.64 -17.96 3.02
N THR A 118 20.59 -18.57 3.67
CA THR A 118 20.85 -20.03 3.47
C THR A 118 20.68 -20.78 4.79
N LYS A 119 20.13 -20.13 5.79
CA LYS A 119 19.93 -20.79 7.12
C LYS A 119 18.49 -21.28 7.23
N TRP A 120 17.57 -20.62 6.57
CA TRP A 120 16.16 -21.05 6.67
C TRP A 120 15.98 -22.48 6.14
N LYS A 121 15.35 -23.32 6.92
CA LYS A 121 15.11 -24.73 6.50
C LYS A 121 13.61 -24.88 6.23
N PRO A 122 13.16 -24.72 5.00
CA PRO A 122 11.71 -24.83 4.67
C PRO A 122 11.02 -25.92 5.47
N VAL A 123 9.88 -25.62 6.01
CA VAL A 123 9.13 -26.62 6.81
C VAL A 123 8.20 -27.42 5.91
N GLY A 124 8.39 -28.71 5.88
CA GLY A 124 7.51 -29.55 5.02
C GLY A 124 6.06 -29.37 5.47
N MET A 125 5.18 -29.05 4.56
CA MET A 125 3.75 -28.86 4.92
C MET A 125 3.29 -29.99 5.87
N ALA A 126 3.91 -31.13 5.79
CA ALA A 126 3.50 -32.26 6.68
C ALA A 126 4.10 -32.06 8.08
N ASP A 127 5.05 -31.17 8.21
CA ASP A 127 5.70 -30.92 9.52
C ASP A 127 4.96 -29.83 10.29
N LEU A 128 3.67 -29.70 10.08
CA LEU A 128 2.90 -28.64 10.83
C LEU A 128 1.48 -29.15 11.07
N VAL A 129 1.34 -30.41 11.38
CA VAL A 129 -0.03 -30.98 11.60
C VAL A 129 -0.54 -30.64 13.01
N THR A 130 0.24 -29.99 13.84
CA THR A 130 -0.25 -29.63 15.22
C THR A 130 0.15 -28.18 15.54
N PRO A 131 -0.74 -27.35 16.08
CA PRO A 131 -0.39 -25.94 16.42
C PRO A 131 0.95 -25.85 17.15
N GLU A 132 1.28 -26.86 17.93
CA GLU A 132 2.58 -26.84 18.65
C GLU A 132 3.71 -26.67 17.64
N GLN A 133 3.53 -27.22 16.48
CA GLN A 133 4.56 -27.10 15.42
C GLN A 133 4.56 -25.68 14.85
N VAL A 134 3.39 -25.12 14.68
CA VAL A 134 3.30 -23.75 14.12
C VAL A 134 3.85 -22.72 15.11
N LYS A 135 3.28 -22.64 16.28
CA LYS A 135 3.76 -21.64 17.28
C LYS A 135 5.27 -21.78 17.48
N LYS A 136 5.78 -22.97 17.47
CA LYS A 136 7.24 -23.16 17.68
C LYS A 136 8.03 -22.56 16.51
N VAL A 137 7.56 -22.70 15.30
CA VAL A 137 8.31 -22.13 14.14
C VAL A 137 8.02 -20.63 14.02
N TYR A 138 6.83 -20.19 14.36
CA TYR A 138 6.52 -18.74 14.25
C TYR A 138 7.63 -17.94 14.96
N ARG A 139 8.27 -18.55 15.93
CA ARG A 139 9.35 -17.83 16.67
C ARG A 139 10.58 -17.65 15.78
N LYS A 140 11.16 -18.72 15.30
CA LYS A 140 12.37 -18.60 14.44
C LYS A 140 12.00 -17.90 13.13
N ALA A 141 10.88 -18.24 12.55
CA ALA A 141 10.48 -17.60 11.27
C ALA A 141 10.55 -16.07 11.44
N VAL A 142 10.22 -15.59 12.61
CA VAL A 142 10.28 -14.12 12.86
C VAL A 142 11.74 -13.69 12.94
N LEU A 143 12.61 -14.55 13.39
CA LEU A 143 14.05 -14.20 13.50
C LEU A 143 14.63 -14.02 12.09
N VAL A 144 14.09 -14.70 11.12
CA VAL A 144 14.62 -14.57 9.74
C VAL A 144 14.46 -13.13 9.23
N VAL A 145 13.45 -12.44 9.70
CA VAL A 145 13.22 -11.03 9.22
C VAL A 145 13.39 -10.04 10.37
N HIS A 146 14.16 -10.37 11.37
CA HIS A 146 14.35 -9.40 12.48
C HIS A 146 15.11 -8.18 11.93
N PRO A 147 14.61 -6.97 12.11
CA PRO A 147 15.28 -5.75 11.59
C PRO A 147 16.80 -5.82 11.69
N ASP A 148 17.31 -6.31 12.78
CA ASP A 148 18.79 -6.38 12.93
C ASP A 148 19.47 -6.89 11.65
N LYS A 149 18.96 -7.92 11.02
CA LYS A 149 19.61 -8.44 9.77
C LYS A 149 19.01 -7.77 8.53
N ALA A 150 18.08 -6.86 8.71
CA ALA A 150 17.44 -6.16 7.57
C ALA A 150 17.56 -4.66 7.78
N THR A 151 18.66 -4.22 8.36
CA THR A 151 18.81 -2.76 8.59
C THR A 151 19.51 -2.11 7.39
N GLY A 152 18.83 -1.26 6.68
CA GLY A 152 19.44 -0.59 5.51
C GLY A 152 19.99 -1.64 4.53
N GLN A 153 19.61 -2.88 4.70
CA GLN A 153 20.11 -3.93 3.77
C GLN A 153 19.26 -3.92 2.49
N PRO A 154 19.86 -4.07 1.33
CA PRO A 154 19.11 -4.07 0.03
C PRO A 154 17.73 -4.72 0.15
N TYR A 155 17.58 -5.72 0.99
CA TYR A 155 16.26 -6.40 1.16
C TYR A 155 15.61 -5.90 2.46
N GLU A 156 15.80 -4.65 2.78
CA GLU A 156 15.21 -4.10 4.03
C GLU A 156 13.69 -4.08 3.92
N GLN A 157 13.15 -3.64 2.81
CA GLN A 157 11.67 -3.60 2.66
C GLN A 157 11.10 -5.02 2.75
N TYR A 158 11.78 -5.99 2.21
CA TYR A 158 11.26 -7.39 2.28
C TYR A 158 10.84 -7.71 3.72
N ALA A 159 11.70 -7.44 4.67
CA ALA A 159 11.34 -7.75 6.08
C ALA A 159 9.99 -7.14 6.42
N LYS A 160 9.85 -5.85 6.27
CA LYS A 160 8.55 -5.19 6.61
C LYS A 160 7.39 -5.84 5.85
N MET A 161 7.61 -6.35 4.68
CA MET A 161 6.49 -6.96 3.92
C MET A 161 6.11 -8.32 4.55
N ILE A 162 7.06 -9.21 4.68
CA ILE A 162 6.76 -10.55 5.26
C ILE A 162 6.67 -10.48 6.80
N PHE A 163 7.32 -9.54 7.42
CA PHE A 163 7.26 -9.45 8.92
C PHE A 163 5.82 -9.24 9.38
N MET A 164 5.06 -8.44 8.67
CA MET A 164 3.67 -8.18 9.09
C MET A 164 2.76 -9.35 8.65
N GLU A 165 2.90 -9.79 7.44
CA GLU A 165 2.06 -10.92 6.95
C GLU A 165 2.19 -12.13 7.89
N LEU A 166 3.34 -12.27 8.49
CA LEU A 166 3.54 -13.43 9.43
C LEU A 166 2.77 -13.15 10.73
N ASN A 167 2.89 -11.96 11.26
CA ASN A 167 2.19 -11.63 12.53
C ASN A 167 0.75 -11.16 12.28
N ASP A 168 0.38 -10.93 11.05
CA ASP A 168 -1.00 -10.48 10.77
C ASP A 168 -1.96 -11.66 10.85
N ALA A 169 -1.78 -12.64 10.01
CA ALA A 169 -2.68 -13.83 10.04
C ALA A 169 -2.54 -14.53 11.40
N TRP A 170 -1.42 -14.40 12.05
CA TRP A 170 -1.24 -15.04 13.36
C TRP A 170 -2.40 -14.65 14.29
N SER A 171 -2.78 -13.40 14.30
CA SER A 171 -3.90 -12.99 15.16
C SER A 171 -5.16 -13.75 14.75
N GLU A 172 -5.29 -14.03 13.48
CA GLU A 172 -6.47 -14.78 12.99
C GLU A 172 -6.26 -16.28 13.24
N PHE A 173 -5.06 -16.76 13.08
CA PHE A 173 -4.80 -18.20 13.31
C PHE A 173 -5.18 -18.55 14.75
N GLU A 174 -4.86 -17.69 15.68
CA GLU A 174 -5.19 -17.96 17.11
C GLU A 174 -6.69 -17.74 17.34
N ASN A 175 -7.23 -16.68 16.82
CA ASN A 175 -8.68 -16.40 17.03
C ASN A 175 -9.52 -17.31 16.13
N GLN A 176 -9.12 -17.50 14.90
CA GLN A 176 -9.90 -18.37 13.98
C GLN A 176 -9.94 -19.79 14.54
N GLY A 177 -8.94 -20.16 15.30
CA GLY A 177 -8.94 -21.54 15.87
C GLY A 177 -7.69 -21.73 16.74
N GLN A 178 -7.81 -21.50 18.03
CA GLN A 178 -6.65 -21.69 18.93
C GLN A 178 -6.52 -23.17 19.28
N LYS A 179 -6.60 -24.02 18.30
CA LYS A 179 -6.50 -25.50 18.58
C LYS A 179 -6.35 -26.23 17.23
N PRO A 180 -6.18 -27.54 17.22
CA PRO A 180 -6.02 -28.30 15.94
C PRO A 180 -7.30 -28.22 15.07
N LEU A 181 -7.20 -27.85 13.81
CA LEU A 181 -8.43 -27.75 12.95
C LEU A 181 -8.56 -29.02 12.09
N TYR A 182 -8.80 -30.15 12.71
CA TYR A 182 -8.96 -31.42 11.92
C TYR A 182 -9.32 -32.56 12.88
N GLY A 1 -48.54 43.43 49.60
CA GLY A 1 -47.18 44.00 49.47
C GLY A 1 -46.78 44.69 50.79
N PRO A 2 -47.42 45.79 51.10
CA PRO A 2 -47.15 46.56 52.34
C PRO A 2 -47.73 45.87 53.58
N LEU A 3 -46.90 45.45 54.48
CA LEU A 3 -47.40 44.77 55.72
C LEU A 3 -46.30 44.74 56.77
N GLY A 4 -45.18 45.38 56.50
CA GLY A 4 -44.07 45.38 57.49
C GLY A 4 -42.93 46.25 56.97
N SER A 5 -41.87 45.65 56.51
CA SER A 5 -40.73 46.43 55.98
C SER A 5 -39.75 45.50 55.24
N PRO A 6 -40.22 44.86 54.21
CA PRO A 6 -39.38 43.92 53.40
C PRO A 6 -38.41 44.67 52.48
N GLU A 7 -37.30 44.06 52.16
CA GLU A 7 -36.32 44.73 51.26
C GLU A 7 -37.02 45.15 49.97
N PHE A 8 -36.58 46.23 49.37
CA PHE A 8 -37.22 46.68 48.11
C PHE A 8 -36.35 47.75 47.45
N SER A 9 -35.64 47.41 46.41
CA SER A 9 -34.77 48.42 45.73
C SER A 9 -34.38 47.90 44.34
N MET A 10 -34.27 46.60 44.20
CA MET A 10 -33.90 46.04 42.87
C MET A 10 -34.26 44.56 42.82
N PRO A 11 -35.52 44.24 42.98
CA PRO A 11 -36.02 42.83 42.95
C PRO A 11 -36.07 42.27 41.53
N HIS A 12 -35.31 41.23 41.27
CA HIS A 12 -35.33 40.64 39.90
C HIS A 12 -36.77 40.36 39.47
N SER A 13 -37.06 40.49 38.21
CA SER A 13 -38.45 40.24 37.73
C SER A 13 -38.45 40.15 36.21
N SER A 14 -38.56 41.27 35.54
CA SER A 14 -38.57 41.25 34.05
C SER A 14 -38.24 42.65 33.52
N PRO A 15 -37.02 43.08 33.69
CA PRO A 15 -36.56 44.42 33.23
C PRO A 15 -37.01 44.72 31.80
N GLN A 16 -37.22 45.97 31.49
CA GLN A 16 -37.65 46.33 30.10
C GLN A 16 -36.54 46.02 29.11
N ASN A 17 -36.28 46.90 28.19
CA ASN A 17 -35.18 46.65 27.20
C ASN A 17 -34.90 47.94 26.42
N ARG A 18 -34.33 48.91 27.07
CA ARG A 18 -34.02 50.19 26.37
C ARG A 18 -33.06 51.02 27.21
N PRO A 19 -31.90 50.50 27.49
CA PRO A 19 -30.87 51.20 28.31
C PRO A 19 -30.16 52.31 27.52
N ASN A 20 -29.48 53.20 28.20
CA ASN A 20 -28.78 54.30 27.48
C ASN A 20 -27.49 53.76 26.86
N TYR A 21 -27.55 52.61 26.27
CA TYR A 21 -26.32 52.02 25.65
C TYR A 21 -26.72 50.97 24.62
N ASN A 22 -25.78 50.50 23.83
CA ASN A 22 -26.11 49.47 22.81
C ASN A 22 -24.82 48.92 22.21
N VAL A 23 -23.84 48.64 23.03
CA VAL A 23 -22.57 48.11 22.50
C VAL A 23 -22.72 46.61 22.20
N SER A 24 -22.26 46.17 21.06
CA SER A 24 -22.38 44.73 20.71
C SER A 24 -21.51 43.90 21.65
N PHE A 25 -21.98 42.76 22.06
CA PHE A 25 -21.18 41.90 22.98
C PHE A 25 -19.95 41.36 22.23
N SER A 26 -18.87 42.08 22.25
CA SER A 26 -17.64 41.62 21.54
C SER A 26 -17.24 40.24 22.09
N SER A 27 -16.29 39.60 21.46
CA SER A 27 -15.85 38.26 21.94
C SER A 27 -14.47 37.94 21.37
N MET A 28 -14.13 36.69 21.29
CA MET A 28 -12.79 36.31 20.73
C MET A 28 -12.81 34.84 20.32
N PRO A 29 -13.68 34.48 19.40
CA PRO A 29 -13.80 33.08 18.91
C PRO A 29 -12.65 32.70 17.95
N GLY A 30 -11.84 31.77 18.33
CA GLY A 30 -10.71 31.35 17.46
C GLY A 30 -9.71 30.52 18.26
N GLY A 31 -9.51 29.29 17.88
CA GLY A 31 -8.55 28.43 18.61
C GLY A 31 -8.24 27.18 17.78
N GLN A 32 -7.65 27.35 16.62
CA GLN A 32 -7.33 26.17 15.77
C GLN A 32 -6.38 26.61 14.64
N ASN A 33 -6.86 27.40 13.72
CA ASN A 33 -5.99 27.85 12.60
C ASN A 33 -5.00 28.90 13.13
N GLU A 34 -3.83 28.95 12.55
CA GLU A 34 -2.82 29.95 13.01
C GLU A 34 -1.75 30.14 11.93
N ARG A 35 -1.43 29.09 11.22
CA ARG A 35 -0.40 29.22 10.15
C ARG A 35 -0.75 30.39 9.24
N GLY A 36 0.25 31.05 8.71
CA GLY A 36 -0.03 32.21 7.81
C GLY A 36 -0.91 31.75 6.64
N LYS A 37 -0.74 30.54 6.21
CA LYS A 37 -1.58 30.04 5.07
C LYS A 37 -2.95 29.63 5.60
N ALA A 38 -3.37 30.18 6.70
CA ALA A 38 -4.70 29.82 7.27
C ALA A 38 -5.15 30.91 8.25
N ALA A 39 -4.28 31.82 8.58
CA ALA A 39 -4.65 32.91 9.53
C ALA A 39 -3.68 34.07 9.38
N ALA A 40 -4.18 35.26 9.17
CA ALA A 40 -3.28 36.44 9.02
C ALA A 40 -4.11 37.73 9.10
N ASN A 41 -3.86 38.66 8.23
CA ASN A 41 -4.63 39.93 8.26
C ASN A 41 -4.48 40.65 6.92
N LEU A 42 -5.41 41.51 6.59
CA LEU A 42 -5.30 42.24 5.29
C LEU A 42 -4.16 43.25 5.38
N GLU A 43 -4.19 44.13 6.34
CA GLU A 43 -3.10 45.13 6.47
C GLU A 43 -1.80 44.44 6.85
N GLY A 44 -0.83 44.44 5.98
CA GLY A 44 0.46 43.76 6.29
C GLY A 44 1.55 44.30 5.35
N LYS A 45 1.43 44.02 4.08
CA LYS A 45 2.47 44.52 3.12
C LYS A 45 1.88 44.51 1.71
N GLN A 46 2.17 45.51 0.92
CA GLN A 46 1.63 45.56 -0.46
C GLN A 46 2.49 44.68 -1.38
N LYS A 47 2.75 43.47 -0.97
CA LYS A 47 3.58 42.55 -1.81
C LYS A 47 3.52 41.13 -1.24
N ALA A 48 2.34 40.64 -0.99
CA ALA A 48 2.22 39.27 -0.44
C ALA A 48 2.47 38.24 -1.55
N ALA A 49 2.39 38.67 -2.78
CA ALA A 49 2.62 37.72 -3.91
C ALA A 49 3.91 36.93 -3.64
N ASP A 50 3.77 35.72 -3.17
CA ASP A 50 4.98 34.90 -2.89
C ASP A 50 5.98 35.03 -4.03
N PHE A 51 7.06 35.72 -3.82
CA PHE A 51 8.06 35.89 -4.91
C PHE A 51 8.60 34.53 -5.32
N GLU A 52 7.81 33.75 -6.01
CA GLU A 52 8.28 32.40 -6.43
C GLU A 52 7.44 31.95 -7.65
N ASP A 53 7.90 30.95 -8.36
CA ASP A 53 7.12 30.48 -9.55
C ASP A 53 5.81 29.85 -9.08
N LEU A 54 5.13 30.47 -8.16
CA LEU A 54 3.85 29.91 -7.66
C LEU A 54 2.74 30.23 -8.66
N LEU A 55 2.83 31.34 -9.34
CA LEU A 55 1.78 31.70 -10.33
C LEU A 55 2.02 30.94 -11.64
N SER A 56 2.35 29.69 -11.55
CA SER A 56 2.61 28.89 -12.79
C SER A 56 2.73 27.41 -12.43
N GLY A 57 3.02 26.59 -13.40
CA GLY A 57 3.16 25.13 -13.10
C GLY A 57 1.96 24.65 -12.29
N GLN A 58 0.90 25.41 -12.28
CA GLN A 58 -0.31 24.99 -11.50
C GLN A 58 -0.91 23.74 -12.14
N GLY A 59 -0.21 22.64 -12.06
CA GLY A 59 -0.75 21.38 -12.66
C GLY A 59 -0.76 21.51 -14.19
N PHE A 60 -0.70 20.40 -14.88
CA PHE A 60 -0.71 20.46 -16.37
C PHE A 60 -2.14 20.61 -16.87
N ASN A 61 -3.05 20.96 -15.99
CA ASN A 61 -4.47 21.13 -16.41
C ASN A 61 -5.17 22.10 -15.46
N ALA A 62 -6.22 21.68 -14.81
CA ALA A 62 -6.93 22.59 -13.88
C ALA A 62 -7.97 21.78 -13.08
N HIS A 63 -7.64 21.41 -11.87
CA HIS A 63 -8.61 20.62 -11.04
C HIS A 63 -8.23 20.75 -9.57
N LYS A 64 -9.17 21.12 -8.74
CA LYS A 64 -8.86 21.26 -7.28
C LYS A 64 -8.86 19.89 -6.63
N ASP A 65 -7.93 19.63 -5.75
CA ASP A 65 -7.88 18.31 -5.07
C ASP A 65 -8.99 18.21 -4.03
N LYS A 66 -9.83 17.23 -4.14
CA LYS A 66 -10.95 17.08 -3.17
C LYS A 66 -10.43 16.38 -1.91
N LYS A 67 -10.89 16.79 -0.76
CA LYS A 67 -10.43 16.15 0.51
C LYS A 67 -10.65 14.64 0.43
N GLY A 68 -9.63 13.89 0.18
CA GLY A 68 -9.78 12.40 0.09
C GLY A 68 -9.81 11.81 1.50
N PRO A 69 -9.98 10.52 1.60
CA PRO A 69 -10.02 9.81 2.92
C PRO A 69 -8.64 9.71 3.56
N ARG A 70 -8.57 9.31 4.81
CA ARG A 70 -7.26 9.19 5.51
C ARG A 70 -6.90 7.70 5.65
N THR A 71 -6.89 6.98 4.56
CA THR A 71 -6.55 5.52 4.63
C THR A 71 -5.08 5.33 4.23
N ILE A 72 -4.27 4.86 5.13
CA ILE A 72 -2.83 4.66 4.81
C ILE A 72 -2.73 3.73 3.58
N ALA A 73 -3.83 3.14 3.16
CA ALA A 73 -3.78 2.23 1.97
C ALA A 73 -3.94 3.00 0.65
N GLU A 74 -4.46 4.20 0.67
CA GLU A 74 -4.62 4.97 -0.60
C GLU A 74 -3.28 5.54 -1.04
N MET A 75 -2.35 5.70 -0.14
CA MET A 75 -1.02 6.26 -0.53
C MET A 75 -0.13 5.11 -1.01
N ARG A 76 0.17 4.19 -0.15
CA ARG A 76 1.03 3.04 -0.53
C ARG A 76 0.53 2.45 -1.86
N LYS A 77 -0.70 2.73 -2.23
CA LYS A 77 -1.23 2.17 -3.51
C LYS A 77 -0.40 2.71 -4.68
N GLU A 78 -0.04 3.96 -4.64
CA GLU A 78 0.77 4.53 -5.77
C GLU A 78 2.25 4.19 -5.56
N GLU A 79 2.76 4.47 -4.39
CA GLU A 79 4.21 4.17 -4.12
C GLU A 79 4.52 2.74 -4.57
N MET A 80 3.53 1.91 -4.72
CA MET A 80 3.79 0.50 -5.14
C MET A 80 4.14 0.49 -6.63
N ALA A 81 3.51 1.32 -7.41
CA ALA A 81 3.80 1.33 -8.88
C ALA A 81 5.06 2.16 -9.16
N LYS A 82 5.56 2.85 -8.16
CA LYS A 82 6.79 3.68 -8.35
C LYS A 82 7.99 3.04 -7.65
N GLU A 83 7.85 1.83 -7.19
CA GLU A 83 9.02 1.18 -6.50
C GLU A 83 8.73 -0.29 -6.25
N MET A 84 8.28 -1.01 -7.25
CA MET A 84 7.98 -2.47 -7.07
C MET A 84 9.00 -3.28 -7.87
N ASP A 85 10.18 -3.47 -7.33
CA ASP A 85 11.21 -4.26 -8.05
C ASP A 85 10.57 -5.59 -8.50
N PRO A 86 10.90 -6.09 -9.67
CA PRO A 86 10.29 -7.37 -10.17
C PRO A 86 10.48 -8.53 -9.18
N GLU A 87 11.21 -8.31 -8.12
CA GLU A 87 11.40 -9.40 -7.12
C GLU A 87 10.34 -9.25 -6.03
N LYS A 88 9.90 -8.05 -5.79
CA LYS A 88 8.85 -7.82 -4.76
C LYS A 88 7.51 -8.26 -5.35
N LEU A 89 7.37 -8.14 -6.63
CA LEU A 89 6.09 -8.52 -7.27
C LEU A 89 5.77 -9.98 -6.90
N LYS A 90 6.77 -10.80 -6.78
CA LYS A 90 6.53 -12.23 -6.44
C LYS A 90 5.83 -12.31 -5.08
N ILE A 91 6.10 -11.37 -4.20
CA ILE A 91 5.44 -11.39 -2.87
C ILE A 91 3.94 -11.13 -3.04
N LEU A 92 3.59 -10.10 -3.76
CA LEU A 92 2.13 -9.80 -3.95
C LEU A 92 1.39 -11.07 -4.39
N GLU A 93 2.08 -11.96 -5.06
CA GLU A 93 1.41 -13.21 -5.52
C GLU A 93 1.35 -14.22 -4.37
N TRP A 94 2.33 -14.17 -3.50
CA TRP A 94 2.39 -15.10 -2.36
C TRP A 94 1.31 -14.76 -1.33
N ILE A 95 1.15 -13.51 -1.02
CA ILE A 95 0.12 -13.12 0.00
C ILE A 95 -1.29 -13.34 -0.55
N GLU A 96 -1.52 -12.97 -1.78
CA GLU A 96 -2.91 -13.13 -2.34
C GLU A 96 -3.25 -14.61 -2.49
N GLY A 97 -2.30 -15.46 -2.28
CA GLY A 97 -2.56 -16.92 -2.41
C GLY A 97 -3.37 -17.41 -1.21
N LYS A 98 -3.02 -16.98 -0.03
CA LYS A 98 -3.78 -17.42 1.18
C LYS A 98 -3.32 -16.61 2.39
N GLU A 99 -3.58 -15.32 2.38
CA GLU A 99 -3.15 -14.47 3.53
C GLU A 99 -4.02 -14.77 4.76
N ARG A 100 -4.50 -15.98 4.87
CA ARG A 100 -5.35 -16.35 6.04
C ARG A 100 -4.99 -17.76 6.52
N ASN A 101 -3.78 -18.18 6.28
CA ASN A 101 -3.36 -19.54 6.70
C ASN A 101 -1.91 -19.45 7.21
N ILE A 102 -1.73 -18.77 8.30
CA ILE A 102 -0.38 -18.57 8.86
C ILE A 102 0.44 -19.87 8.81
N ARG A 103 -0.16 -21.01 9.01
CA ARG A 103 0.64 -22.26 8.97
C ARG A 103 1.33 -22.37 7.61
N ALA A 104 0.66 -21.97 6.57
CA ALA A 104 1.26 -22.04 5.21
C ALA A 104 2.17 -20.84 4.94
N LEU A 105 1.77 -19.65 5.33
CA LEU A 105 2.63 -18.46 5.06
C LEU A 105 4.04 -18.71 5.61
N LEU A 106 4.15 -19.24 6.80
CA LEU A 106 5.48 -19.49 7.39
C LEU A 106 6.11 -20.74 6.76
N SER A 107 5.31 -21.60 6.18
CA SER A 107 5.85 -22.84 5.55
C SER A 107 6.04 -22.62 4.05
N THR A 108 5.68 -21.46 3.56
CA THR A 108 5.81 -21.17 2.09
C THR A 108 6.61 -19.88 1.91
N MET A 109 7.01 -19.27 2.98
CA MET A 109 7.79 -18.00 2.86
C MET A 109 9.11 -18.24 2.14
N HIS A 110 9.60 -19.46 2.12
CA HIS A 110 10.90 -19.73 1.45
C HIS A 110 10.81 -19.41 -0.04
N THR A 111 9.64 -19.48 -0.61
CA THR A 111 9.50 -19.18 -2.08
C THR A 111 9.55 -17.67 -2.32
N VAL A 112 9.81 -16.86 -1.32
CA VAL A 112 9.86 -15.38 -1.55
C VAL A 112 10.91 -14.71 -0.66
N LEU A 113 11.96 -15.41 -0.29
CA LEU A 113 13.00 -14.76 0.54
C LEU A 113 14.02 -14.07 -0.36
N TRP A 114 14.93 -13.37 0.24
CA TRP A 114 16.00 -12.69 -0.57
C TRP A 114 17.18 -13.63 -0.76
N ALA A 115 17.78 -13.63 -1.93
CA ALA A 115 18.93 -14.53 -2.18
C ALA A 115 20.04 -14.23 -1.16
N GLY A 116 20.32 -15.18 -0.31
CA GLY A 116 21.38 -14.98 0.72
C GLY A 116 21.02 -15.78 1.98
N GLU A 117 19.81 -15.62 2.44
CA GLU A 117 19.38 -16.37 3.66
C GLU A 117 19.48 -17.87 3.42
N THR A 118 20.51 -18.49 3.92
CA THR A 118 20.69 -19.96 3.72
C THR A 118 20.46 -20.68 5.05
N LYS A 119 19.88 -20.00 6.01
CA LYS A 119 19.62 -20.65 7.34
C LYS A 119 18.20 -21.21 7.37
N TRP A 120 17.31 -20.66 6.59
CA TRP A 120 15.91 -21.16 6.61
C TRP A 120 15.84 -22.62 6.18
N LYS A 121 15.20 -23.43 6.98
CA LYS A 121 15.04 -24.87 6.65
C LYS A 121 13.55 -25.10 6.32
N PRO A 122 13.16 -25.04 5.06
CA PRO A 122 11.74 -25.22 4.66
C PRO A 122 11.03 -26.29 5.49
N VAL A 123 9.88 -25.96 6.00
CA VAL A 123 9.12 -26.94 6.84
C VAL A 123 8.16 -27.72 5.95
N GLY A 124 8.24 -29.03 5.99
CA GLY A 124 7.33 -29.85 5.16
C GLY A 124 5.88 -29.58 5.59
N MET A 125 5.04 -29.17 4.68
CA MET A 125 3.61 -28.87 5.04
C MET A 125 3.06 -29.97 5.98
N ALA A 126 3.68 -31.12 6.01
CA ALA A 126 3.18 -32.21 6.90
C ALA A 126 3.75 -32.03 8.32
N ASP A 127 4.71 -31.17 8.48
CA ASP A 127 5.32 -30.95 9.83
C ASP A 127 4.64 -29.79 10.55
N LEU A 128 3.40 -29.50 10.25
CA LEU A 128 2.69 -28.37 10.95
C LEU A 128 1.26 -28.80 11.32
N VAL A 129 1.06 -30.07 11.56
CA VAL A 129 -0.31 -30.54 11.93
C VAL A 129 -0.55 -30.35 13.44
N THR A 130 0.46 -29.90 14.16
CA THR A 130 0.30 -29.67 15.64
C THR A 130 0.51 -28.17 15.95
N PRO A 131 -0.42 -27.51 16.61
CA PRO A 131 -0.24 -26.06 16.94
C PRO A 131 1.15 -25.78 17.50
N GLU A 132 1.73 -26.72 18.20
CA GLU A 132 3.08 -26.51 18.75
C GLU A 132 4.09 -26.43 17.59
N GLN A 133 3.94 -27.29 16.63
CA GLN A 133 4.85 -27.26 15.46
C GLN A 133 4.71 -25.90 14.76
N VAL A 134 3.53 -25.36 14.76
CA VAL A 134 3.30 -24.05 14.11
C VAL A 134 3.81 -22.92 15.00
N LYS A 135 3.48 -22.95 16.27
CA LYS A 135 3.94 -21.87 17.19
C LYS A 135 5.46 -21.97 17.39
N LYS A 136 6.00 -23.16 17.37
CA LYS A 136 7.46 -23.30 17.57
C LYS A 136 8.21 -22.71 16.38
N VAL A 137 7.71 -22.87 15.19
CA VAL A 137 8.41 -22.31 14.00
C VAL A 137 8.09 -20.81 13.87
N TYR A 138 6.92 -20.38 14.26
CA TYR A 138 6.61 -18.93 14.15
C TYR A 138 7.74 -18.13 14.78
N ARG A 139 8.40 -18.69 15.75
CA ARG A 139 9.52 -17.98 16.42
C ARG A 139 10.68 -17.82 15.43
N LYS A 140 11.20 -18.90 14.93
CA LYS A 140 12.33 -18.81 13.96
C LYS A 140 11.92 -17.99 12.74
N ALA A 141 10.74 -18.24 12.21
CA ALA A 141 10.29 -17.48 11.02
C ALA A 141 10.45 -15.98 11.30
N VAL A 142 10.21 -15.57 12.51
CA VAL A 142 10.36 -14.12 12.86
C VAL A 142 11.85 -13.77 12.89
N LEU A 143 12.68 -14.72 13.22
CA LEU A 143 14.15 -14.44 13.27
C LEU A 143 14.66 -14.22 11.83
N VAL A 144 14.03 -14.84 10.87
CA VAL A 144 14.47 -14.68 9.46
C VAL A 144 14.30 -13.23 9.01
N VAL A 145 13.33 -12.53 9.55
CA VAL A 145 13.10 -11.10 9.12
C VAL A 145 13.34 -10.16 10.29
N HIS A 146 14.05 -10.57 11.30
CA HIS A 146 14.30 -9.64 12.44
C HIS A 146 14.95 -8.36 11.86
N PRO A 147 14.39 -7.18 12.11
CA PRO A 147 14.95 -5.92 11.57
C PRO A 147 16.48 -5.91 11.52
N ASP A 148 17.12 -6.17 12.62
CA ASP A 148 18.61 -6.15 12.63
C ASP A 148 19.18 -6.86 11.38
N LYS A 149 18.61 -7.96 10.96
CA LYS A 149 19.16 -8.65 9.75
C LYS A 149 18.70 -7.94 8.48
N ALA A 150 17.74 -7.05 8.60
CA ALA A 150 17.22 -6.31 7.41
C ALA A 150 17.32 -4.82 7.69
N THR A 151 18.33 -4.40 8.41
CA THR A 151 18.47 -2.95 8.72
C THR A 151 19.21 -2.26 7.59
N GLY A 152 18.55 -1.38 6.89
CA GLY A 152 19.23 -0.65 5.78
C GLY A 152 19.79 -1.65 4.77
N GLN A 153 19.42 -2.90 4.87
CA GLN A 153 19.94 -3.92 3.90
C GLN A 153 19.12 -3.84 2.60
N PRO A 154 19.76 -3.95 1.45
CA PRO A 154 19.06 -3.90 0.14
C PRO A 154 17.68 -4.56 0.19
N TYR A 155 17.53 -5.58 1.00
CA TYR A 155 16.21 -6.27 1.10
C TYR A 155 15.47 -5.78 2.35
N GLU A 156 15.64 -4.54 2.69
CA GLU A 156 14.95 -3.99 3.90
C GLU A 156 13.44 -4.08 3.72
N GLN A 157 12.93 -3.56 2.64
CA GLN A 157 11.45 -3.60 2.41
C GLN A 157 10.94 -5.04 2.56
N TYR A 158 11.63 -5.99 1.99
CA TYR A 158 11.17 -7.41 2.09
C TYR A 158 10.80 -7.72 3.55
N ALA A 159 11.60 -7.28 4.48
CA ALA A 159 11.31 -7.57 5.90
C ALA A 159 9.98 -6.92 6.32
N LYS A 160 9.86 -5.64 6.15
CA LYS A 160 8.61 -4.96 6.57
C LYS A 160 7.39 -5.56 5.86
N MET A 161 7.55 -6.03 4.67
CA MET A 161 6.38 -6.61 3.94
C MET A 161 6.04 -7.98 4.51
N ILE A 162 7.00 -8.87 4.60
CA ILE A 162 6.73 -10.24 5.10
C ILE A 162 6.65 -10.25 6.64
N PHE A 163 7.31 -9.33 7.31
CA PHE A 163 7.26 -9.33 8.80
C PHE A 163 5.83 -9.16 9.30
N MET A 164 5.12 -8.20 8.77
CA MET A 164 3.72 -7.98 9.22
C MET A 164 2.82 -9.11 8.74
N GLU A 165 3.16 -9.74 7.65
CA GLU A 165 2.30 -10.84 7.13
C GLU A 165 2.39 -12.06 8.04
N LEU A 166 3.50 -12.24 8.70
CA LEU A 166 3.65 -13.42 9.61
C LEU A 166 2.88 -13.15 10.91
N ASN A 167 2.95 -11.96 11.44
CA ASN A 167 2.25 -11.65 12.71
C ASN A 167 0.79 -11.22 12.46
N ASP A 168 0.43 -10.95 11.23
CA ASP A 168 -0.97 -10.51 10.97
C ASP A 168 -1.89 -11.73 10.97
N ALA A 169 -1.65 -12.68 10.11
CA ALA A 169 -2.52 -13.88 10.06
C ALA A 169 -2.40 -14.62 11.40
N TRP A 170 -1.29 -14.51 12.08
CA TRP A 170 -1.14 -15.19 13.38
C TRP A 170 -2.29 -14.81 14.31
N SER A 171 -2.65 -13.55 14.35
CA SER A 171 -3.77 -13.13 15.22
C SER A 171 -5.05 -13.86 14.77
N GLU A 172 -5.16 -14.11 13.50
CA GLU A 172 -6.36 -14.81 12.98
C GLU A 172 -6.20 -16.31 13.19
N PHE A 173 -5.01 -16.82 13.04
CA PHE A 173 -4.79 -18.28 13.25
C PHE A 173 -5.18 -18.64 14.69
N GLU A 174 -4.88 -17.79 15.62
CA GLU A 174 -5.23 -18.06 17.04
C GLU A 174 -6.73 -17.87 17.25
N ASN A 175 -7.28 -16.79 16.76
CA ASN A 175 -8.73 -16.53 16.94
C ASN A 175 -9.55 -17.43 16.00
N GLN A 176 -9.13 -17.55 14.77
CA GLN A 176 -9.89 -18.40 13.81
C GLN A 176 -9.90 -19.85 14.30
N GLY A 177 -8.91 -20.24 15.06
CA GLY A 177 -8.88 -21.64 15.56
C GLY A 177 -7.94 -21.74 16.77
N GLN A 178 -8.41 -21.38 17.93
CA GLN A 178 -7.54 -21.47 19.15
C GLN A 178 -7.61 -22.90 19.68
N LYS A 179 -7.45 -23.88 18.83
CA LYS A 179 -7.50 -25.30 19.29
C LYS A 179 -7.05 -26.20 18.12
N PRO A 180 -6.86 -27.48 18.35
CA PRO A 180 -6.43 -28.42 17.28
C PRO A 180 -7.37 -28.32 16.04
N LEU A 181 -6.89 -27.82 14.90
CA LEU A 181 -7.77 -27.69 13.69
C LEU A 181 -7.36 -28.73 12.65
N TYR A 182 -7.59 -30.00 12.91
CA TYR A 182 -7.22 -31.04 11.91
C TYR A 182 -7.77 -32.40 12.36
N GLY A 1 8.02 -41.31 0.27
CA GLY A 1 7.84 -40.40 1.44
C GLY A 1 7.38 -41.22 2.66
N PRO A 2 7.25 -40.57 3.78
CA PRO A 2 6.82 -41.23 5.05
C PRO A 2 5.31 -41.53 5.05
N LEU A 3 4.72 -41.68 3.90
CA LEU A 3 3.27 -41.98 3.83
C LEU A 3 2.95 -43.17 4.73
N GLY A 4 1.71 -43.58 4.79
CA GLY A 4 1.35 -44.74 5.64
C GLY A 4 -0.13 -45.09 5.42
N SER A 5 -0.66 -44.73 4.29
CA SER A 5 -2.10 -45.04 4.01
C SER A 5 -2.39 -44.83 2.53
N PRO A 6 -1.70 -45.54 1.68
CA PRO A 6 -1.88 -45.44 0.20
C PRO A 6 -3.17 -46.13 -0.27
N GLU A 7 -4.03 -46.49 0.64
CA GLU A 7 -5.30 -47.17 0.25
C GLU A 7 -6.28 -46.12 -0.30
N PHE A 8 -6.83 -45.31 0.57
CA PHE A 8 -7.79 -44.26 0.10
C PHE A 8 -7.84 -43.13 1.12
N SER A 9 -8.81 -42.26 1.01
CA SER A 9 -8.91 -41.13 1.97
C SER A 9 -9.44 -41.66 3.32
N MET A 10 -9.62 -40.78 4.28
CA MET A 10 -10.13 -41.23 5.60
C MET A 10 -11.54 -41.82 5.43
N PRO A 11 -11.93 -42.74 6.28
CA PRO A 11 -13.28 -43.37 6.21
C PRO A 11 -14.39 -42.41 6.66
N HIS A 12 -15.62 -42.75 6.42
CA HIS A 12 -16.74 -41.86 6.85
C HIS A 12 -16.90 -41.94 8.37
N SER A 13 -16.12 -41.21 9.10
CA SER A 13 -16.23 -41.23 10.58
C SER A 13 -15.56 -39.99 11.17
N SER A 14 -14.90 -40.13 12.29
CA SER A 14 -14.22 -38.97 12.91
C SER A 14 -13.25 -39.45 14.00
N PRO A 15 -12.19 -40.10 13.61
CA PRO A 15 -11.17 -40.63 14.55
C PRO A 15 -10.78 -39.60 15.62
N GLN A 16 -9.89 -39.96 16.50
CA GLN A 16 -9.46 -39.01 17.57
C GLN A 16 -8.14 -39.47 18.17
N ASN A 17 -7.11 -38.68 18.04
CA ASN A 17 -5.79 -39.08 18.60
C ASN A 17 -4.84 -37.88 18.58
N ARG A 18 -3.64 -38.05 19.08
CA ARG A 18 -2.67 -36.91 19.09
C ARG A 18 -1.24 -37.47 19.08
N PRO A 19 -0.85 -38.06 17.97
CA PRO A 19 0.52 -38.66 17.82
C PRO A 19 1.61 -37.70 18.31
N ASN A 20 2.84 -38.15 18.31
CA ASN A 20 3.95 -37.27 18.78
C ASN A 20 5.29 -37.94 18.43
N TYR A 21 5.38 -39.23 18.59
CA TYR A 21 6.66 -39.93 18.28
C TYR A 21 6.80 -40.09 16.77
N ASN A 22 7.37 -39.12 16.11
CA ASN A 22 7.54 -39.21 14.64
C ASN A 22 8.63 -38.24 14.18
N VAL A 23 9.83 -38.40 14.68
CA VAL A 23 10.93 -37.48 14.28
C VAL A 23 11.10 -37.52 12.77
N SER A 24 11.78 -38.51 12.25
CA SER A 24 11.97 -38.59 10.77
C SER A 24 12.38 -40.02 10.39
N PHE A 25 13.05 -40.18 9.29
CA PHE A 25 13.48 -41.54 8.87
C PHE A 25 14.62 -42.02 9.77
N SER A 26 14.68 -43.30 10.05
CA SER A 26 15.78 -43.83 10.91
C SER A 26 17.12 -43.66 10.20
N SER A 27 17.63 -44.72 9.64
CA SER A 27 18.94 -44.63 8.92
C SER A 27 18.83 -43.63 7.78
N MET A 28 19.25 -42.42 7.99
CA MET A 28 19.17 -41.40 6.90
C MET A 28 20.31 -41.63 5.90
N PRO A 29 20.14 -41.25 4.66
CA PRO A 29 21.19 -41.42 3.62
C PRO A 29 22.35 -40.43 3.80
N GLY A 30 22.29 -39.30 3.15
CA GLY A 30 23.38 -38.30 3.30
C GLY A 30 23.32 -37.31 2.13
N GLY A 31 22.89 -36.10 2.39
CA GLY A 31 22.80 -35.10 1.30
C GLY A 31 24.20 -34.54 1.01
N GLN A 32 24.55 -34.40 -0.25
CA GLN A 32 25.89 -33.87 -0.59
C GLN A 32 25.99 -32.41 -0.13
N ASN A 33 27.09 -31.76 -0.42
CA ASN A 33 27.24 -30.34 0.00
C ASN A 33 28.40 -29.71 -0.77
N GLU A 34 28.13 -28.65 -1.50
CA GLU A 34 29.22 -27.99 -2.28
C GLU A 34 30.04 -27.11 -1.34
N ARG A 35 29.86 -25.81 -1.42
CA ARG A 35 30.65 -24.90 -0.53
C ARG A 35 29.84 -23.61 -0.29
N GLY A 36 30.46 -22.63 0.32
CA GLY A 36 29.73 -21.35 0.57
C GLY A 36 30.46 -20.56 1.66
N LYS A 37 31.61 -20.04 1.34
CA LYS A 37 32.37 -19.26 2.36
C LYS A 37 31.68 -17.91 2.58
N ALA A 38 31.95 -17.29 3.69
CA ALA A 38 31.31 -15.97 3.97
C ALA A 38 32.09 -15.24 5.06
N ALA A 39 32.24 -13.95 4.93
CA ALA A 39 32.99 -13.17 5.96
C ALA A 39 32.10 -12.94 7.19
N ALA A 40 31.61 -11.74 7.33
CA ALA A 40 30.73 -11.45 8.51
C ALA A 40 29.92 -10.18 8.24
N ASN A 41 30.41 -9.05 8.68
CA ASN A 41 29.67 -7.78 8.44
C ASN A 41 30.60 -6.59 8.68
N LEU A 42 30.12 -5.39 8.47
CA LEU A 42 30.98 -4.20 8.69
C LEU A 42 30.10 -2.95 8.73
N GLU A 43 30.03 -2.29 9.86
CA GLU A 43 29.19 -1.06 9.96
C GLU A 43 29.58 -0.08 8.86
N GLY A 44 30.82 0.30 8.80
CA GLY A 44 31.26 1.25 7.74
C GLY A 44 30.89 2.68 8.16
N LYS A 45 31.43 3.66 7.49
CA LYS A 45 31.11 5.07 7.86
C LYS A 45 29.73 5.43 7.31
N GLN A 46 29.13 6.47 7.83
CA GLN A 46 27.79 6.89 7.34
C GLN A 46 27.93 7.64 6.02
N LYS A 47 26.96 7.52 5.15
CA LYS A 47 27.04 8.23 3.84
C LYS A 47 25.70 8.13 3.12
N ALA A 48 25.09 9.24 2.83
CA ALA A 48 23.77 9.21 2.13
C ALA A 48 23.50 10.56 1.48
N ALA A 49 24.53 11.24 1.05
CA ALA A 49 24.34 12.57 0.40
C ALA A 49 23.95 12.37 -1.07
N ASP A 50 23.43 11.23 -1.41
CA ASP A 50 23.03 10.97 -2.83
C ASP A 50 21.53 11.21 -3.00
N PHE A 51 21.03 12.30 -2.47
CA PHE A 51 19.57 12.60 -2.61
C PHE A 51 19.36 14.11 -2.53
N GLU A 52 19.90 14.85 -3.46
CA GLU A 52 19.74 16.34 -3.45
C GLU A 52 18.55 16.72 -4.35
N ASP A 53 18.01 15.77 -5.07
CA ASP A 53 16.86 16.09 -5.96
C ASP A 53 15.61 16.37 -5.10
N LEU A 54 15.79 16.54 -3.82
CA LEU A 54 14.62 16.82 -2.93
C LEU A 54 14.42 18.34 -2.83
N LEU A 55 15.45 19.10 -3.05
CA LEU A 55 15.32 20.58 -2.96
C LEU A 55 14.68 21.11 -4.25
N SER A 56 14.72 20.34 -5.30
CA SER A 56 14.11 20.79 -6.59
C SER A 56 12.74 20.11 -6.77
N GLY A 57 11.69 20.76 -6.37
CA GLY A 57 10.33 20.15 -6.51
C GLY A 57 10.09 19.80 -7.99
N GLN A 58 10.56 18.65 -8.41
CA GLN A 58 10.34 18.24 -9.84
C GLN A 58 8.99 17.53 -9.96
N GLY A 59 8.00 18.00 -9.26
CA GLY A 59 6.65 17.36 -9.33
C GLY A 59 5.59 18.36 -8.89
N PHE A 60 5.54 19.51 -9.52
CA PHE A 60 4.52 20.53 -9.15
C PHE A 60 3.12 19.96 -9.39
N ASN A 61 2.44 19.58 -8.34
CA ASN A 61 1.07 19.02 -8.50
C ASN A 61 0.27 19.22 -7.22
N ALA A 62 0.42 18.34 -6.28
CA ALA A 62 -0.32 18.46 -5.00
C ALA A 62 -0.24 19.91 -4.49
N HIS A 63 -1.35 20.47 -4.08
CA HIS A 63 -1.33 21.87 -3.58
C HIS A 63 -0.79 21.89 -2.15
N LYS A 64 0.22 22.69 -1.91
CA LYS A 64 0.80 22.76 -0.53
C LYS A 64 -0.33 22.91 0.49
N ASP A 65 -0.67 21.86 1.19
CA ASP A 65 -1.75 21.95 2.21
C ASP A 65 -1.44 20.97 3.35
N LYS A 66 -1.24 21.47 4.54
CA LYS A 66 -0.95 20.57 5.69
C LYS A 66 -2.25 20.00 6.25
N LYS A 67 -2.93 20.76 7.07
CA LYS A 67 -4.21 20.26 7.65
C LYS A 67 -5.08 19.63 6.54
N GLY A 68 -5.40 18.38 6.68
CA GLY A 68 -6.23 17.70 5.64
C GLY A 68 -6.66 16.32 6.15
N PRO A 69 -7.20 15.51 5.28
CA PRO A 69 -7.66 14.13 5.63
C PRO A 69 -6.62 13.38 6.47
N ARG A 70 -7.04 12.34 7.16
CA ARG A 70 -6.08 11.56 8.00
C ARG A 70 -6.47 10.08 7.96
N THR A 71 -6.46 9.48 6.79
CA THR A 71 -6.82 8.03 6.68
C THR A 71 -5.54 7.20 6.64
N ILE A 72 -5.47 6.16 7.43
CA ILE A 72 -4.24 5.30 7.43
C ILE A 72 -4.05 4.72 6.02
N ALA A 73 -4.99 4.94 5.13
CA ALA A 73 -4.85 4.37 3.74
C ALA A 73 -4.01 5.30 2.85
N GLU A 74 -3.77 6.53 3.25
CA GLU A 74 -2.96 7.43 2.39
C GLU A 74 -1.49 7.03 2.43
N MET A 75 -1.06 6.38 3.48
CA MET A 75 0.36 5.95 3.57
C MET A 75 0.52 4.60 2.87
N ARG A 76 -0.12 3.59 3.40
CA ARG A 76 -0.02 2.24 2.77
C ARG A 76 -0.24 2.35 1.25
N LYS A 77 -0.82 3.43 0.80
CA LYS A 77 -1.06 3.59 -0.66
C LYS A 77 0.27 3.67 -1.41
N GLU A 78 1.26 4.30 -0.83
CA GLU A 78 2.58 4.42 -1.52
C GLU A 78 3.39 3.14 -1.31
N GLU A 79 3.16 2.45 -0.22
CA GLU A 79 3.93 1.19 0.04
C GLU A 79 3.94 0.32 -1.22
N MET A 80 2.80 -0.03 -1.75
CA MET A 80 2.77 -0.88 -2.97
C MET A 80 3.53 -0.19 -4.10
N ALA A 81 3.47 1.11 -4.17
CA ALA A 81 4.18 1.85 -5.26
C ALA A 81 5.58 2.27 -4.76
N LYS A 82 5.94 1.89 -3.57
CA LYS A 82 7.27 2.29 -3.04
C LYS A 82 8.36 1.72 -3.96
N GLU A 83 8.16 0.55 -4.48
CA GLU A 83 9.18 -0.06 -5.39
C GLU A 83 8.62 -1.32 -6.03
N MET A 84 8.03 -1.20 -7.19
CA MET A 84 7.47 -2.41 -7.86
C MET A 84 8.60 -3.23 -8.47
N ASP A 85 9.70 -3.31 -7.79
CA ASP A 85 10.84 -4.12 -8.31
C ASP A 85 10.31 -5.50 -8.71
N PRO A 86 10.79 -6.08 -9.80
CA PRO A 86 10.30 -7.43 -10.24
C PRO A 86 10.59 -8.51 -9.20
N GLU A 87 11.22 -8.16 -8.10
CA GLU A 87 11.53 -9.15 -7.05
C GLU A 87 10.41 -9.12 -6.01
N LYS A 88 9.87 -7.96 -5.76
CA LYS A 88 8.76 -7.83 -4.77
C LYS A 88 7.48 -8.33 -5.43
N LEU A 89 7.41 -8.23 -6.73
CA LEU A 89 6.19 -8.68 -7.45
C LEU A 89 5.87 -10.12 -7.03
N LYS A 90 6.88 -10.92 -6.80
CA LYS A 90 6.63 -12.33 -6.39
C LYS A 90 5.90 -12.37 -5.05
N ILE A 91 6.15 -11.42 -4.19
CA ILE A 91 5.47 -11.41 -2.87
C ILE A 91 3.98 -11.12 -3.05
N LEU A 92 3.64 -10.12 -3.83
CA LEU A 92 2.21 -9.79 -4.05
C LEU A 92 1.43 -11.06 -4.43
N GLU A 93 2.09 -11.99 -5.06
CA GLU A 93 1.40 -13.26 -5.46
C GLU A 93 1.37 -14.23 -4.27
N TRP A 94 2.32 -14.12 -3.41
CA TRP A 94 2.39 -15.02 -2.23
C TRP A 94 1.31 -14.66 -1.22
N ILE A 95 1.11 -13.39 -0.99
CA ILE A 95 0.08 -12.97 0.00
C ILE A 95 -1.32 -13.22 -0.56
N GLU A 96 -1.56 -12.87 -1.79
CA GLU A 96 -2.92 -13.08 -2.37
C GLU A 96 -3.22 -14.56 -2.49
N GLY A 97 -2.25 -15.38 -2.26
CA GLY A 97 -2.46 -16.85 -2.36
C GLY A 97 -3.24 -17.35 -1.13
N LYS A 98 -2.88 -16.87 0.03
CA LYS A 98 -3.59 -17.33 1.26
C LYS A 98 -3.14 -16.50 2.45
N GLU A 99 -3.39 -15.22 2.43
CA GLU A 99 -2.97 -14.36 3.58
C GLU A 99 -3.85 -14.63 4.79
N ARG A 100 -4.40 -15.81 4.88
CA ARG A 100 -5.28 -16.15 6.05
C ARG A 100 -4.96 -17.57 6.55
N ASN A 101 -3.76 -18.03 6.31
CA ASN A 101 -3.37 -19.39 6.76
C ASN A 101 -1.93 -19.35 7.26
N ILE A 102 -1.73 -18.65 8.35
CA ILE A 102 -0.36 -18.48 8.91
C ILE A 102 0.42 -19.80 8.85
N ARG A 103 -0.20 -20.92 9.11
CA ARG A 103 0.57 -22.20 9.07
C ARG A 103 1.27 -22.32 7.72
N ALA A 104 0.60 -21.93 6.67
CA ALA A 104 1.21 -22.03 5.31
C ALA A 104 2.16 -20.84 5.04
N LEU A 105 1.78 -19.64 5.41
CA LEU A 105 2.66 -18.47 5.13
C LEU A 105 4.07 -18.75 5.68
N LEU A 106 4.18 -19.30 6.85
CA LEU A 106 5.52 -19.59 7.42
C LEU A 106 6.12 -20.84 6.75
N SER A 107 5.29 -21.69 6.20
CA SER A 107 5.82 -22.92 5.53
C SER A 107 5.89 -22.69 4.02
N THR A 108 5.63 -21.48 3.58
CA THR A 108 5.68 -21.18 2.11
C THR A 108 6.48 -19.90 1.88
N MET A 109 7.10 -19.39 2.92
CA MET A 109 7.90 -18.13 2.77
C MET A 109 9.21 -18.42 2.03
N HIS A 110 9.72 -19.62 2.09
CA HIS A 110 11.01 -19.92 1.41
C HIS A 110 10.89 -19.68 -0.10
N THR A 111 9.72 -19.78 -0.64
CA THR A 111 9.56 -19.55 -2.11
C THR A 111 9.63 -18.04 -2.43
N VAL A 112 9.90 -17.21 -1.45
CA VAL A 112 9.96 -15.73 -1.74
C VAL A 112 10.99 -15.04 -0.86
N LEU A 113 12.04 -15.70 -0.45
CA LEU A 113 13.06 -15.03 0.39
C LEU A 113 14.07 -14.35 -0.51
N TRP A 114 14.95 -13.61 0.08
CA TRP A 114 16.02 -12.91 -0.71
C TRP A 114 17.23 -13.83 -0.87
N ALA A 115 17.83 -13.85 -2.03
CA ALA A 115 19.01 -14.73 -2.24
C ALA A 115 20.10 -14.35 -1.23
N GLY A 116 20.38 -15.24 -0.31
CA GLY A 116 21.42 -14.95 0.71
C GLY A 116 21.11 -15.74 1.98
N GLU A 117 19.88 -15.69 2.43
CA GLU A 117 19.50 -16.45 3.66
C GLU A 117 19.63 -17.94 3.37
N THR A 118 20.57 -18.58 4.02
CA THR A 118 20.79 -20.05 3.82
C THR A 118 20.55 -20.80 5.15
N LYS A 119 19.99 -20.12 6.12
CA LYS A 119 19.74 -20.79 7.43
C LYS A 119 18.31 -21.34 7.46
N TRP A 120 17.44 -20.79 6.68
CA TRP A 120 16.03 -21.28 6.70
C TRP A 120 15.96 -22.74 6.27
N LYS A 121 15.28 -23.53 7.07
CA LYS A 121 15.11 -24.99 6.74
C LYS A 121 13.63 -25.21 6.39
N PRO A 122 13.26 -25.13 5.13
CA PRO A 122 11.84 -25.29 4.72
C PRO A 122 11.10 -26.36 5.53
N VAL A 123 9.94 -26.02 6.02
CA VAL A 123 9.15 -26.99 6.83
C VAL A 123 8.17 -27.73 5.93
N GLY A 124 8.21 -29.02 5.94
CA GLY A 124 7.29 -29.80 5.08
C GLY A 124 5.84 -29.50 5.50
N MET A 125 5.03 -29.03 4.59
CA MET A 125 3.60 -28.71 4.93
C MET A 125 3.01 -29.80 5.83
N ALA A 126 3.58 -30.98 5.81
CA ALA A 126 3.04 -32.08 6.66
C ALA A 126 3.61 -31.97 8.08
N ASP A 127 4.61 -31.16 8.27
CA ASP A 127 5.24 -31.01 9.62
C ASP A 127 4.60 -29.85 10.38
N LEU A 128 3.35 -29.55 10.13
CA LEU A 128 2.67 -28.43 10.87
C LEU A 128 1.23 -28.84 11.23
N VAL A 129 1.01 -30.10 11.45
CA VAL A 129 -0.37 -30.57 11.81
C VAL A 129 -0.67 -30.29 13.28
N THR A 130 0.29 -29.79 14.04
CA THR A 130 0.06 -29.50 15.50
C THR A 130 0.37 -28.02 15.74
N PRO A 131 -0.22 -27.42 16.75
CA PRO A 131 0.03 -25.99 17.07
C PRO A 131 1.48 -25.77 17.52
N GLU A 132 2.03 -26.72 18.24
CA GLU A 132 3.43 -26.57 18.70
C GLU A 132 4.34 -26.51 17.46
N GLN A 133 4.10 -27.34 16.49
CA GLN A 133 4.93 -27.32 15.26
C GLN A 133 4.78 -25.94 14.61
N VAL A 134 3.62 -25.36 14.69
CA VAL A 134 3.40 -24.03 14.07
C VAL A 134 3.98 -22.94 14.99
N LYS A 135 3.51 -22.85 16.19
CA LYS A 135 4.03 -21.80 17.13
C LYS A 135 5.53 -21.95 17.28
N LYS A 136 6.01 -23.15 17.49
CA LYS A 136 7.47 -23.35 17.67
C LYS A 136 8.23 -22.74 16.48
N VAL A 137 7.75 -22.92 15.29
CA VAL A 137 8.46 -22.35 14.12
C VAL A 137 8.14 -20.86 13.98
N TYR A 138 6.94 -20.45 14.33
CA TYR A 138 6.61 -18.99 14.21
C TYR A 138 7.70 -18.18 14.91
N ARG A 139 8.32 -18.75 15.92
CA ARG A 139 9.39 -18.01 16.64
C ARG A 139 10.62 -17.88 15.75
N LYS A 140 11.01 -18.92 15.07
CA LYS A 140 12.21 -18.84 14.19
C LYS A 140 11.85 -18.08 12.90
N ALA A 141 10.73 -18.38 12.31
CA ALA A 141 10.35 -17.65 11.06
C ALA A 141 10.46 -16.15 11.30
N VAL A 142 10.18 -15.72 12.49
CA VAL A 142 10.28 -14.27 12.81
C VAL A 142 11.76 -13.87 12.81
N LEU A 143 12.63 -14.80 13.11
CA LEU A 143 14.08 -14.46 13.13
C LEU A 143 14.57 -14.20 11.71
N VAL A 144 14.01 -14.88 10.75
CA VAL A 144 14.44 -14.69 9.35
C VAL A 144 14.24 -13.25 8.90
N VAL A 145 13.32 -12.54 9.53
CA VAL A 145 13.06 -11.11 9.12
C VAL A 145 13.26 -10.16 10.31
N HIS A 146 14.03 -10.55 11.28
CA HIS A 146 14.25 -9.64 12.44
C HIS A 146 14.90 -8.34 11.91
N PRO A 147 14.34 -7.18 12.18
CA PRO A 147 14.91 -5.89 11.68
C PRO A 147 16.43 -5.88 11.68
N ASP A 148 17.03 -6.34 12.73
CA ASP A 148 18.52 -6.34 12.80
C ASP A 148 19.14 -6.82 11.46
N LYS A 149 18.61 -7.85 10.85
CA LYS A 149 19.20 -8.34 9.57
C LYS A 149 18.58 -7.61 8.37
N ALA A 150 17.65 -6.71 8.63
CA ALA A 150 16.99 -5.95 7.53
C ALA A 150 17.16 -4.46 7.80
N THR A 151 18.26 -4.06 8.38
CA THR A 151 18.46 -2.62 8.67
C THR A 151 19.19 -1.97 7.50
N GLY A 152 18.53 -1.09 6.81
CA GLY A 152 19.17 -0.40 5.66
C GLY A 152 19.71 -1.43 4.66
N GLN A 153 19.32 -2.67 4.79
CA GLN A 153 19.81 -3.71 3.83
C GLN A 153 18.92 -3.69 2.58
N PRO A 154 19.50 -3.76 1.40
CA PRO A 154 18.73 -3.76 0.12
C PRO A 154 17.40 -4.52 0.25
N TYR A 155 17.35 -5.56 1.04
CA TYR A 155 16.08 -6.34 1.22
C TYR A 155 15.37 -5.84 2.48
N GLU A 156 15.48 -4.58 2.77
CA GLU A 156 14.81 -4.03 3.99
C GLU A 156 13.29 -4.15 3.85
N GLN A 157 12.72 -3.52 2.85
CA GLN A 157 11.24 -3.60 2.68
C GLN A 157 10.79 -5.06 2.69
N TYR A 158 11.57 -5.94 2.13
CA TYR A 158 11.18 -7.38 2.11
C TYR A 158 10.78 -7.80 3.52
N ALA A 159 11.48 -7.33 4.52
CA ALA A 159 11.14 -7.71 5.91
C ALA A 159 9.84 -7.02 6.34
N LYS A 160 9.75 -5.74 6.18
CA LYS A 160 8.52 -5.03 6.61
C LYS A 160 7.29 -5.60 5.88
N MET A 161 7.46 -6.02 4.67
CA MET A 161 6.31 -6.59 3.92
C MET A 161 5.98 -8.00 4.43
N ILE A 162 6.98 -8.82 4.56
CA ILE A 162 6.74 -10.22 5.02
C ILE A 162 6.64 -10.28 6.56
N PHE A 163 7.31 -9.39 7.25
CA PHE A 163 7.26 -9.41 8.75
C PHE A 163 5.83 -9.20 9.23
N MET A 164 5.15 -8.23 8.70
CA MET A 164 3.75 -7.97 9.15
C MET A 164 2.83 -9.10 8.67
N GLU A 165 3.27 -9.87 7.71
CA GLU A 165 2.42 -10.99 7.21
C GLU A 165 2.45 -12.16 8.19
N LEU A 166 3.54 -12.31 8.90
CA LEU A 166 3.63 -13.45 9.87
C LEU A 166 2.84 -13.08 11.14
N ASN A 167 2.93 -11.86 11.59
CA ASN A 167 2.21 -11.45 12.82
C ASN A 167 0.76 -11.03 12.52
N ASP A 168 0.42 -10.82 11.28
CA ASP A 168 -0.98 -10.39 10.97
C ASP A 168 -1.91 -11.62 10.98
N ALA A 169 -1.64 -12.58 10.15
CA ALA A 169 -2.50 -13.79 10.12
C ALA A 169 -2.39 -14.53 11.46
N TRP A 170 -1.27 -14.42 12.13
CA TRP A 170 -1.12 -15.10 13.43
C TRP A 170 -2.28 -14.72 14.36
N SER A 171 -2.65 -13.46 14.39
CA SER A 171 -3.78 -13.06 15.27
C SER A 171 -5.04 -13.78 14.81
N GLU A 172 -5.14 -14.03 13.53
CA GLU A 172 -6.33 -14.74 12.99
C GLU A 172 -6.17 -16.25 13.21
N PHE A 173 -4.98 -16.76 13.07
CA PHE A 173 -4.76 -18.21 13.29
C PHE A 173 -5.16 -18.58 14.71
N GLU A 174 -4.85 -17.71 15.65
CA GLU A 174 -5.22 -18.00 17.07
C GLU A 174 -6.71 -17.77 17.27
N ASN A 175 -7.24 -16.71 16.74
CA ASN A 175 -8.70 -16.42 16.92
C ASN A 175 -9.53 -17.30 15.98
N GLN A 176 -9.10 -17.46 14.76
CA GLN A 176 -9.87 -18.29 13.80
C GLN A 176 -9.91 -19.75 14.31
N GLY A 177 -8.92 -20.14 15.07
CA GLY A 177 -8.92 -21.53 15.59
C GLY A 177 -7.99 -21.63 16.81
N GLN A 178 -8.46 -21.25 17.96
CA GLN A 178 -7.61 -21.33 19.18
C GLN A 178 -7.69 -22.76 19.74
N LYS A 179 -7.54 -23.74 18.89
CA LYS A 179 -7.61 -25.16 19.36
C LYS A 179 -7.17 -26.08 18.21
N PRO A 180 -6.99 -27.36 18.46
CA PRO A 180 -6.57 -28.32 17.39
C PRO A 180 -7.51 -28.23 16.16
N LEU A 181 -7.04 -27.71 15.02
CA LEU A 181 -7.93 -27.59 13.81
C LEU A 181 -7.48 -28.62 12.76
N TYR A 182 -7.67 -29.90 13.01
CA TYR A 182 -7.26 -30.92 12.01
C TYR A 182 -7.79 -32.29 12.45
N GLY A 1 29.11 11.33 -78.66
CA GLY A 1 27.67 11.74 -78.62
C GLY A 1 26.96 11.01 -77.47
N PRO A 2 25.75 11.40 -77.19
CA PRO A 2 24.94 10.78 -76.09
C PRO A 2 24.40 9.40 -76.48
N LEU A 3 25.27 8.42 -76.55
CA LEU A 3 24.81 7.06 -76.93
C LEU A 3 24.16 6.39 -75.72
N GLY A 4 23.87 7.15 -74.69
CA GLY A 4 23.24 6.56 -73.48
C GLY A 4 24.29 5.80 -72.68
N SER A 5 24.13 4.50 -72.55
CA SER A 5 25.12 3.70 -71.77
C SER A 5 24.87 2.21 -72.02
N PRO A 6 25.16 1.75 -73.22
CA PRO A 6 24.98 0.32 -73.60
C PRO A 6 25.52 -0.64 -72.53
N GLU A 7 24.65 -1.15 -71.69
CA GLU A 7 25.12 -2.09 -70.63
C GLU A 7 25.59 -3.40 -71.28
N PHE A 8 25.54 -3.48 -72.58
CA PHE A 8 25.99 -4.72 -73.26
C PHE A 8 27.52 -4.81 -73.24
N SER A 9 28.18 -3.77 -73.68
CA SER A 9 29.67 -3.78 -73.68
C SER A 9 30.18 -3.50 -72.28
N MET A 10 29.64 -2.49 -71.63
CA MET A 10 30.10 -2.16 -70.26
C MET A 10 29.52 -3.18 -69.27
N PRO A 11 30.19 -3.43 -68.17
CA PRO A 11 29.71 -4.42 -67.15
C PRO A 11 28.51 -3.87 -66.35
N HIS A 12 27.63 -4.74 -65.93
CA HIS A 12 26.44 -4.28 -65.16
C HIS A 12 26.85 -3.97 -63.72
N SER A 13 28.13 -3.80 -63.48
CA SER A 13 28.59 -3.51 -62.09
C SER A 13 28.33 -2.03 -61.78
N SER A 14 29.37 -1.23 -61.75
CA SER A 14 29.19 0.22 -61.43
C SER A 14 28.01 0.78 -62.25
N PRO A 15 26.89 1.09 -61.63
CA PRO A 15 25.71 1.63 -62.35
C PRO A 15 25.81 3.15 -62.56
N GLN A 16 25.17 3.92 -61.72
CA GLN A 16 25.22 5.40 -61.89
C GLN A 16 24.61 6.06 -60.65
N ASN A 17 23.48 6.71 -60.81
CA ASN A 17 22.83 7.38 -59.65
C ASN A 17 22.12 6.33 -58.79
N ARG A 18 22.84 5.65 -57.95
CA ARG A 18 22.20 4.60 -57.08
C ARG A 18 20.92 5.17 -56.46
N PRO A 19 19.75 4.72 -56.88
CA PRO A 19 18.46 5.23 -56.33
C PRO A 19 18.06 4.50 -55.04
N ASN A 20 16.88 4.74 -54.56
CA ASN A 20 16.44 4.07 -53.30
C ASN A 20 14.94 4.30 -53.10
N TYR A 21 14.26 4.75 -54.11
CA TYR A 21 12.79 5.00 -53.99
C TYR A 21 12.04 3.66 -54.09
N ASN A 22 12.56 2.74 -54.84
CA ASN A 22 11.89 1.42 -54.99
C ASN A 22 12.87 0.40 -55.54
N VAL A 23 13.76 -0.09 -54.71
CA VAL A 23 14.76 -1.10 -55.18
C VAL A 23 15.19 -1.98 -54.01
N SER A 24 15.64 -1.38 -52.94
CA SER A 24 16.08 -2.18 -51.76
C SER A 24 14.85 -2.64 -50.99
N PHE A 25 15.04 -3.18 -49.81
CA PHE A 25 13.88 -3.65 -49.01
C PHE A 25 14.35 -3.99 -47.59
N SER A 26 13.49 -4.55 -46.79
CA SER A 26 13.88 -4.91 -45.40
C SER A 26 12.89 -5.92 -44.83
N SER A 27 13.23 -6.54 -43.73
CA SER A 27 12.30 -7.54 -43.12
C SER A 27 11.18 -6.81 -42.38
N MET A 28 10.61 -5.81 -42.99
CA MET A 28 9.51 -5.06 -42.32
C MET A 28 8.75 -4.22 -43.36
N PRO A 29 8.18 -4.85 -44.34
CA PRO A 29 7.42 -4.17 -45.41
C PRO A 29 6.03 -3.70 -44.93
N GLY A 30 5.69 -2.47 -45.18
CA GLY A 30 4.36 -1.96 -44.73
C GLY A 30 3.26 -2.68 -45.50
N GLY A 31 2.10 -2.09 -45.58
CA GLY A 31 0.98 -2.74 -46.31
C GLY A 31 1.24 -2.65 -47.82
N GLN A 32 0.21 -2.60 -48.61
CA GLN A 32 0.39 -2.51 -50.08
C GLN A 32 1.28 -1.31 -50.41
N ASN A 33 1.03 -0.19 -49.79
CA ASN A 33 1.87 1.01 -50.07
C ASN A 33 1.62 2.06 -48.99
N GLU A 34 1.25 1.64 -47.81
CA GLU A 34 1.00 2.62 -46.72
C GLU A 34 2.28 3.40 -46.42
N ARG A 35 3.42 2.81 -46.70
CA ARG A 35 4.71 3.51 -46.42
C ARG A 35 4.65 4.93 -47.02
N GLY A 36 4.90 5.92 -46.22
CA GLY A 36 4.86 7.32 -46.73
C GLY A 36 5.18 8.29 -45.61
N LYS A 37 5.63 9.48 -45.93
CA LYS A 37 5.95 10.47 -44.87
C LYS A 37 4.65 11.08 -44.33
N ALA A 38 4.75 12.20 -43.67
CA ALA A 38 3.52 12.84 -43.12
C ALA A 38 3.83 14.28 -42.69
N ALA A 39 3.91 15.18 -43.63
CA ALA A 39 4.22 16.59 -43.29
C ALA A 39 3.01 17.22 -42.58
N ALA A 40 2.77 18.48 -42.81
CA ALA A 40 1.61 19.15 -42.16
C ALA A 40 1.27 20.43 -42.90
N ASN A 41 1.71 21.56 -42.39
CA ASN A 41 1.41 22.85 -43.08
C ASN A 41 2.27 23.96 -42.46
N LEU A 42 2.51 25.01 -43.19
CA LEU A 42 3.34 26.13 -42.65
C LEU A 42 2.54 26.87 -41.57
N GLU A 43 1.50 27.54 -41.96
CA GLU A 43 0.68 28.30 -40.96
C GLU A 43 0.29 27.35 -39.81
N GLY A 44 0.45 27.79 -38.59
CA GLY A 44 0.10 26.92 -37.44
C GLY A 44 1.12 25.79 -37.32
N LYS A 45 2.02 25.88 -36.38
CA LYS A 45 3.05 24.81 -36.21
C LYS A 45 3.77 25.00 -34.88
N GLN A 46 3.81 26.20 -34.38
CA GLN A 46 4.50 26.45 -33.09
C GLN A 46 3.88 25.57 -32.00
N LYS A 47 4.62 24.61 -31.52
CA LYS A 47 4.07 23.70 -30.45
C LYS A 47 5.24 23.15 -29.62
N ALA A 48 5.22 23.37 -28.34
CA ALA A 48 6.33 22.87 -27.48
C ALA A 48 6.10 21.37 -27.20
N ALA A 49 5.21 20.75 -27.93
CA ALA A 49 4.96 19.30 -27.71
C ALA A 49 6.29 18.56 -27.67
N ASP A 50 6.83 18.36 -26.50
CA ASP A 50 8.14 17.65 -26.39
C ASP A 50 8.13 16.41 -27.29
N PHE A 51 8.87 16.45 -28.37
CA PHE A 51 8.90 15.29 -29.30
C PHE A 51 9.46 14.06 -28.56
N GLU A 52 8.72 13.54 -27.63
CA GLU A 52 9.21 12.34 -26.88
C GLU A 52 8.07 11.77 -26.03
N ASP A 53 7.14 12.59 -25.62
CA ASP A 53 6.01 12.09 -24.80
C ASP A 53 5.19 11.09 -25.61
N LEU A 54 5.13 11.26 -26.91
CA LEU A 54 4.36 10.32 -27.76
C LEU A 54 5.00 8.93 -27.69
N LEU A 55 6.31 8.88 -27.62
CA LEU A 55 7.02 7.56 -27.56
C LEU A 55 7.27 7.20 -26.09
N SER A 56 6.24 7.06 -25.31
CA SER A 56 6.42 6.71 -23.88
C SER A 56 5.12 6.13 -23.32
N GLY A 57 4.64 5.05 -23.89
CA GLY A 57 3.38 4.45 -23.39
C GLY A 57 2.27 5.51 -23.37
N GLN A 58 1.85 5.97 -24.53
CA GLN A 58 0.78 7.01 -24.57
C GLN A 58 -0.54 6.41 -24.07
N GLY A 59 -0.52 5.74 -22.95
CA GLY A 59 -1.77 5.14 -22.41
C GLY A 59 -1.56 4.73 -20.95
N PHE A 60 -1.07 3.54 -20.72
CA PHE A 60 -0.85 3.08 -19.33
C PHE A 60 0.02 4.10 -18.59
N ASN A 61 -0.58 5.03 -17.91
CA ASN A 61 0.21 6.05 -17.18
C ASN A 61 -0.72 6.87 -16.27
N ALA A 62 -0.73 8.16 -16.42
CA ALA A 62 -1.62 9.01 -15.57
C ALA A 62 -3.03 8.44 -15.59
N HIS A 63 -3.70 8.41 -14.47
CA HIS A 63 -5.08 7.87 -14.43
C HIS A 63 -5.81 8.45 -13.21
N LYS A 64 -7.08 8.75 -13.35
CA LYS A 64 -7.85 9.32 -12.21
C LYS A 64 -8.24 8.19 -11.25
N ASP A 65 -7.53 8.07 -10.15
CA ASP A 65 -7.86 6.99 -9.18
C ASP A 65 -9.01 7.46 -8.28
N LYS A 66 -10.03 6.65 -8.13
CA LYS A 66 -11.17 7.04 -7.28
C LYS A 66 -10.82 6.81 -5.81
N LYS A 67 -11.22 7.70 -4.94
CA LYS A 67 -10.90 7.53 -3.50
C LYS A 67 -11.93 6.59 -2.86
N GLY A 68 -11.47 5.49 -2.31
CA GLY A 68 -12.41 4.52 -1.67
C GLY A 68 -12.66 4.94 -0.22
N PRO A 69 -13.39 4.13 0.51
CA PRO A 69 -13.70 4.41 1.95
C PRO A 69 -12.46 4.76 2.77
N ARG A 70 -12.58 4.82 4.07
CA ARG A 70 -11.40 5.15 4.95
C ARG A 70 -10.90 3.87 5.61
N THR A 71 -10.55 2.88 4.83
CA THR A 71 -10.05 1.60 5.42
C THR A 71 -8.52 1.62 5.44
N ILE A 72 -7.91 0.87 6.31
CA ILE A 72 -6.42 0.86 6.37
C ILE A 72 -5.87 0.27 5.05
N ALA A 73 -6.73 -0.24 4.20
CA ALA A 73 -6.26 -0.83 2.91
C ALA A 73 -6.09 0.26 1.82
N GLU A 74 -6.74 1.38 1.94
CA GLU A 74 -6.61 2.43 0.89
C GLU A 74 -5.32 3.22 1.10
N MET A 75 -4.85 3.34 2.32
CA MET A 75 -3.61 4.11 2.57
C MET A 75 -2.42 3.38 1.92
N ARG A 76 -2.12 2.19 2.37
CA ARG A 76 -0.96 1.45 1.77
C ARG A 76 -1.16 1.33 0.26
N LYS A 77 -2.26 1.79 -0.26
CA LYS A 77 -2.49 1.70 -1.74
C LYS A 77 -1.28 2.29 -2.47
N GLU A 78 -0.67 3.30 -1.92
CA GLU A 78 0.52 3.92 -2.58
C GLU A 78 1.76 3.09 -2.24
N GLU A 79 1.78 2.47 -1.10
CA GLU A 79 2.98 1.65 -0.72
C GLU A 79 3.37 0.75 -1.88
N MET A 80 2.44 0.05 -2.47
CA MET A 80 2.78 -0.85 -3.61
C MET A 80 3.53 -0.04 -4.68
N ALA A 81 3.14 1.19 -4.89
CA ALA A 81 3.82 2.01 -5.93
C ALA A 81 5.12 2.57 -5.35
N LYS A 82 5.46 2.20 -4.14
CA LYS A 82 6.71 2.71 -3.52
C LYS A 82 7.92 1.95 -4.06
N GLU A 83 7.79 0.67 -4.26
CA GLU A 83 8.95 -0.12 -4.79
C GLU A 83 8.52 -1.54 -5.16
N MET A 84 7.84 -1.70 -6.26
CA MET A 84 7.40 -3.06 -6.68
C MET A 84 8.49 -3.69 -7.54
N ASP A 85 9.70 -3.73 -7.04
CA ASP A 85 10.80 -4.33 -7.82
C ASP A 85 10.37 -5.74 -8.27
N PRO A 86 10.66 -6.14 -9.49
CA PRO A 86 10.27 -7.47 -10.00
C PRO A 86 10.39 -8.58 -8.93
N GLU A 87 11.24 -8.38 -7.95
CA GLU A 87 11.40 -9.41 -6.89
C GLU A 87 10.30 -9.22 -5.83
N LYS A 88 9.86 -8.01 -5.66
CA LYS A 88 8.77 -7.74 -4.68
C LYS A 88 7.45 -8.23 -5.27
N LEU A 89 7.37 -8.23 -6.57
CA LEU A 89 6.14 -8.69 -7.24
C LEU A 89 5.78 -10.10 -6.74
N LYS A 90 6.74 -10.97 -6.72
CA LYS A 90 6.49 -12.37 -6.25
C LYS A 90 5.72 -12.35 -4.92
N ILE A 91 6.08 -11.47 -4.01
CA ILE A 91 5.38 -11.44 -2.71
C ILE A 91 3.88 -11.19 -2.92
N LEU A 92 3.55 -10.16 -3.65
CA LEU A 92 2.10 -9.87 -3.89
C LEU A 92 1.36 -11.12 -4.36
N GLU A 93 2.04 -12.00 -5.04
CA GLU A 93 1.37 -13.24 -5.54
C GLU A 93 1.31 -14.27 -4.42
N TRP A 94 2.25 -14.23 -3.53
CA TRP A 94 2.31 -15.21 -2.41
C TRP A 94 1.24 -14.88 -1.36
N ILE A 95 1.06 -13.64 -1.05
CA ILE A 95 0.04 -13.27 -0.01
C ILE A 95 -1.38 -13.45 -0.58
N GLU A 96 -1.60 -13.08 -1.81
CA GLU A 96 -2.97 -13.21 -2.37
C GLU A 96 -3.38 -14.67 -2.49
N GLY A 97 -2.46 -15.55 -2.27
CA GLY A 97 -2.75 -17.00 -2.37
C GLY A 97 -3.56 -17.43 -1.14
N LYS A 98 -3.17 -17.00 0.03
CA LYS A 98 -3.91 -17.38 1.26
C LYS A 98 -3.37 -16.57 2.44
N GLU A 99 -3.78 -15.34 2.56
CA GLU A 99 -3.27 -14.50 3.68
C GLU A 99 -4.03 -14.82 4.97
N ARG A 100 -4.58 -16.00 5.07
CA ARG A 100 -5.34 -16.40 6.30
C ARG A 100 -5.01 -17.85 6.65
N ASN A 101 -3.85 -18.31 6.28
CA ASN A 101 -3.46 -19.71 6.59
C ASN A 101 -2.01 -19.68 7.06
N ILE A 102 -1.79 -19.03 8.17
CA ILE A 102 -0.43 -18.88 8.73
C ILE A 102 0.36 -20.20 8.60
N ARG A 103 -0.27 -21.33 8.78
CA ARG A 103 0.47 -22.61 8.67
C ARG A 103 1.23 -22.66 7.33
N ALA A 104 0.60 -22.27 6.27
CA ALA A 104 1.27 -22.30 4.93
C ALA A 104 2.16 -21.08 4.72
N LEU A 105 1.77 -19.92 5.16
CA LEU A 105 2.61 -18.71 4.94
C LEU A 105 4.04 -18.95 5.45
N LEU A 106 4.19 -19.41 6.66
CA LEU A 106 5.56 -19.65 7.19
C LEU A 106 6.15 -20.92 6.56
N SER A 107 5.34 -21.79 6.05
CA SER A 107 5.85 -23.04 5.41
C SER A 107 6.03 -22.79 3.91
N THR A 108 5.71 -21.61 3.45
CA THR A 108 5.85 -21.29 2.00
C THR A 108 6.53 -19.92 1.87
N MET A 109 7.02 -19.39 2.94
CA MET A 109 7.69 -18.06 2.89
C MET A 109 9.04 -18.19 2.17
N HIS A 110 9.61 -19.36 2.14
CA HIS A 110 10.93 -19.52 1.47
C HIS A 110 10.83 -19.14 -0.01
N THR A 111 9.66 -19.25 -0.58
CA THR A 111 9.50 -18.90 -2.03
C THR A 111 9.47 -17.37 -2.20
N VAL A 112 9.70 -16.61 -1.16
CA VAL A 112 9.66 -15.11 -1.30
C VAL A 112 10.75 -14.45 -0.44
N LEU A 113 11.78 -15.18 -0.07
CA LEU A 113 12.85 -14.56 0.75
C LEU A 113 13.87 -13.92 -0.20
N TRP A 114 14.88 -13.34 0.36
CA TRP A 114 15.94 -12.69 -0.49
C TRP A 114 17.07 -13.69 -0.74
N ALA A 115 17.59 -13.70 -1.94
CA ALA A 115 18.70 -14.64 -2.27
C ALA A 115 19.86 -14.42 -1.31
N GLY A 116 20.19 -15.40 -0.51
CA GLY A 116 21.31 -15.26 0.45
C GLY A 116 20.98 -16.05 1.72
N GLU A 117 19.80 -15.89 2.23
CA GLU A 117 19.41 -16.63 3.46
C GLU A 117 19.48 -18.13 3.21
N THR A 118 20.58 -18.75 3.56
CA THR A 118 20.74 -20.22 3.34
C THR A 118 20.49 -20.95 4.67
N LYS A 119 20.13 -20.23 5.71
CA LYS A 119 19.88 -20.88 7.02
C LYS A 119 18.42 -21.36 7.11
N TRP A 120 17.52 -20.74 6.40
CA TRP A 120 16.11 -21.15 6.48
C TRP A 120 15.96 -22.61 6.04
N LYS A 121 15.33 -23.40 6.86
CA LYS A 121 15.10 -24.84 6.53
C LYS A 121 13.59 -25.01 6.23
N PRO A 122 13.19 -25.00 4.98
CA PRO A 122 11.76 -25.13 4.61
C PRO A 122 11.01 -26.11 5.51
N VAL A 123 9.81 -25.76 5.90
CA VAL A 123 9.02 -26.65 6.79
C VAL A 123 8.21 -27.63 5.95
N GLY A 124 8.36 -28.89 6.24
CA GLY A 124 7.59 -29.90 5.47
C GLY A 124 6.09 -29.73 5.77
N MET A 125 5.29 -29.49 4.76
CA MET A 125 3.82 -29.29 4.99
C MET A 125 3.29 -30.32 5.99
N ALA A 126 3.97 -31.41 6.18
CA ALA A 126 3.50 -32.44 7.15
C ALA A 126 3.92 -32.05 8.57
N ASP A 127 4.82 -31.11 8.69
CA ASP A 127 5.31 -30.68 10.04
C ASP A 127 4.50 -29.49 10.57
N LEU A 128 3.25 -29.40 10.22
CA LEU A 128 2.39 -28.27 10.72
C LEU A 128 0.99 -28.77 11.04
N VAL A 129 0.88 -29.99 11.48
CA VAL A 129 -0.48 -30.56 11.78
C VAL A 129 -0.95 -30.13 13.18
N THR A 130 -0.12 -29.45 13.94
CA THR A 130 -0.53 -28.99 15.30
C THR A 130 0.05 -27.59 15.56
N PRO A 131 -0.61 -26.79 16.38
CA PRO A 131 -0.14 -25.41 16.69
C PRO A 131 1.26 -25.42 17.33
N GLU A 132 1.55 -26.43 18.11
CA GLU A 132 2.90 -26.51 18.75
C GLU A 132 3.96 -26.49 17.66
N GLN A 133 3.65 -27.06 16.52
CA GLN A 133 4.63 -27.08 15.40
C GLN A 133 4.70 -25.68 14.77
N VAL A 134 3.59 -25.02 14.68
CA VAL A 134 3.57 -23.66 14.06
C VAL A 134 4.11 -22.63 15.06
N LYS A 135 3.54 -22.56 16.23
CA LYS A 135 4.02 -21.56 17.23
C LYS A 135 5.53 -21.68 17.43
N LYS A 136 6.05 -22.87 17.45
CA LYS A 136 7.52 -23.04 17.65
C LYS A 136 8.28 -22.44 16.46
N VAL A 137 7.80 -22.64 15.26
CA VAL A 137 8.52 -22.08 14.09
C VAL A 137 8.19 -20.59 13.91
N TYR A 138 6.99 -20.18 14.24
CA TYR A 138 6.64 -18.74 14.07
C TYR A 138 7.73 -17.90 14.73
N ARG A 139 8.35 -18.43 15.75
CA ARG A 139 9.42 -17.67 16.46
C ARG A 139 10.63 -17.53 15.53
N LYS A 140 11.20 -18.63 15.10
CA LYS A 140 12.38 -18.56 14.20
C LYS A 140 12.01 -17.84 12.91
N ALA A 141 10.87 -18.15 12.34
CA ALA A 141 10.46 -17.47 11.08
C ALA A 141 10.57 -15.96 11.27
N VAL A 142 10.29 -15.48 12.44
CA VAL A 142 10.38 -14.02 12.70
C VAL A 142 11.86 -13.63 12.81
N LEU A 143 12.66 -14.46 13.41
CA LEU A 143 14.12 -14.15 13.54
C LEU A 143 14.71 -13.93 12.15
N VAL A 144 14.16 -14.59 11.16
CA VAL A 144 14.69 -14.43 9.77
C VAL A 144 14.50 -12.98 9.31
N VAL A 145 13.46 -12.33 9.77
CA VAL A 145 13.21 -10.91 9.34
C VAL A 145 13.43 -9.95 10.51
N HIS A 146 14.22 -10.32 11.48
CA HIS A 146 14.46 -9.39 12.62
C HIS A 146 15.12 -8.12 12.07
N PRO A 147 14.66 -6.94 12.43
CA PRO A 147 15.25 -5.67 11.93
C PRO A 147 16.77 -5.74 11.72
N ASP A 148 17.50 -5.99 12.77
CA ASP A 148 18.99 -6.07 12.63
C ASP A 148 19.40 -6.83 11.35
N LYS A 149 18.71 -7.88 10.99
CA LYS A 149 19.10 -8.63 9.77
C LYS A 149 18.60 -7.90 8.51
N ALA A 150 17.74 -6.94 8.69
CA ALA A 150 17.19 -6.17 7.53
C ALA A 150 17.46 -4.68 7.76
N THR A 151 18.56 -4.37 8.37
CA THR A 151 18.87 -2.93 8.62
C THR A 151 19.65 -2.36 7.44
N GLY A 152 19.07 -1.44 6.74
CA GLY A 152 19.77 -0.82 5.58
C GLY A 152 20.20 -1.91 4.59
N GLN A 153 19.69 -3.11 4.74
CA GLN A 153 20.07 -4.20 3.81
C GLN A 153 19.24 -4.08 2.51
N PRO A 154 19.85 -4.21 1.35
CA PRO A 154 19.13 -4.11 0.06
C PRO A 154 17.72 -4.73 0.14
N TYR A 155 17.56 -5.76 0.92
CA TYR A 155 16.21 -6.41 1.06
C TYR A 155 15.53 -5.92 2.34
N GLU A 156 15.68 -4.66 2.65
CA GLU A 156 15.06 -4.12 3.88
C GLU A 156 13.53 -4.13 3.74
N GLN A 157 13.02 -3.55 2.70
CA GLN A 157 11.54 -3.51 2.52
C GLN A 157 10.97 -4.94 2.58
N TYR A 158 11.70 -5.91 2.10
CA TYR A 158 11.20 -7.32 2.14
C TYR A 158 10.74 -7.63 3.57
N ALA A 159 11.58 -7.34 4.55
CA ALA A 159 11.20 -7.64 5.96
C ALA A 159 9.86 -6.99 6.31
N LYS A 160 9.71 -5.73 6.02
CA LYS A 160 8.43 -5.04 6.38
C LYS A 160 7.22 -5.77 5.80
N MET A 161 7.33 -6.34 4.64
CA MET A 161 6.15 -7.05 4.06
C MET A 161 5.94 -8.39 4.77
N ILE A 162 6.97 -9.17 4.90
CA ILE A 162 6.81 -10.52 5.55
C ILE A 162 6.78 -10.37 7.09
N PHE A 163 7.36 -9.35 7.65
CA PHE A 163 7.34 -9.23 9.15
C PHE A 163 5.91 -9.00 9.65
N MET A 164 5.22 -8.05 9.10
CA MET A 164 3.83 -7.78 9.57
C MET A 164 2.89 -8.89 9.11
N GLU A 165 3.01 -9.31 7.88
CA GLU A 165 2.11 -10.39 7.37
C GLU A 165 2.20 -11.61 8.28
N LEU A 166 3.39 -12.06 8.58
CA LEU A 166 3.54 -13.24 9.49
C LEU A 166 2.77 -12.97 10.78
N ASN A 167 2.87 -11.78 11.30
CA ASN A 167 2.16 -11.46 12.58
C ASN A 167 0.70 -11.05 12.31
N ASP A 168 0.34 -10.85 11.07
CA ASP A 168 -1.07 -10.46 10.77
C ASP A 168 -1.98 -11.69 10.80
N ALA A 169 -1.68 -12.67 9.99
CA ALA A 169 -2.51 -13.91 9.99
C ALA A 169 -2.40 -14.59 11.35
N TRP A 170 -1.30 -14.43 12.03
CA TRP A 170 -1.12 -15.06 13.36
C TRP A 170 -2.30 -14.67 14.26
N SER A 171 -2.74 -13.44 14.20
CA SER A 171 -3.88 -13.02 15.05
C SER A 171 -5.10 -13.86 14.68
N GLU A 172 -5.27 -14.15 13.42
CA GLU A 172 -6.43 -14.96 12.98
C GLU A 172 -6.16 -16.43 13.26
N PHE A 173 -4.92 -16.84 13.19
CA PHE A 173 -4.58 -18.27 13.46
C PHE A 173 -5.06 -18.65 14.86
N GLU A 174 -5.03 -17.73 15.78
CA GLU A 174 -5.47 -18.04 17.16
C GLU A 174 -6.96 -18.42 17.13
N ASN A 175 -7.73 -17.71 16.36
CA ASN A 175 -9.20 -18.02 16.25
C ASN A 175 -9.43 -19.05 15.14
N GLN A 176 -8.77 -18.88 14.03
CA GLN A 176 -8.96 -19.81 12.88
C GLN A 176 -8.08 -21.07 13.02
N GLY A 177 -7.03 -21.01 13.79
CA GLY A 177 -6.13 -22.20 13.93
C GLY A 177 -6.57 -23.11 15.08
N GLN A 178 -6.89 -22.54 16.21
CA GLN A 178 -7.31 -23.38 17.38
C GLN A 178 -8.62 -24.10 17.06
N LYS A 179 -8.70 -24.73 15.92
CA LYS A 179 -9.94 -25.47 15.55
C LYS A 179 -9.61 -26.53 14.48
N PRO A 180 -10.35 -27.61 14.41
CA PRO A 180 -10.11 -28.68 13.38
C PRO A 180 -9.72 -28.10 12.00
N LEU A 181 -8.47 -28.24 11.57
CA LEU A 181 -8.05 -27.68 10.23
C LEU A 181 -7.77 -28.84 9.25
N TYR A 182 -8.79 -29.53 8.80
CA TYR A 182 -8.56 -30.65 7.84
C TYR A 182 -9.90 -31.15 7.30
N GLY A 1 -34.18 59.96 13.34
CA GLY A 1 -33.82 60.17 14.77
C GLY A 1 -32.44 60.83 14.87
N PRO A 2 -31.97 61.04 16.07
CA PRO A 2 -30.64 61.68 16.30
C PRO A 2 -29.55 61.08 15.42
N LEU A 3 -29.23 61.73 14.33
CA LEU A 3 -28.17 61.20 13.42
C LEU A 3 -26.81 61.33 14.11
N GLY A 4 -26.33 60.28 14.72
CA GLY A 4 -25.01 60.35 15.40
C GLY A 4 -25.09 61.36 16.54
N SER A 5 -24.18 61.27 17.48
CA SER A 5 -24.20 62.23 18.63
C SER A 5 -22.84 62.21 19.33
N PRO A 6 -21.82 62.68 18.67
CA PRO A 6 -20.44 62.73 19.23
C PRO A 6 -20.41 63.28 20.66
N GLU A 7 -20.79 64.52 20.84
CA GLU A 7 -20.77 65.11 22.21
C GLU A 7 -21.50 66.45 22.19
N PHE A 8 -22.52 66.61 23.00
CA PHE A 8 -23.26 67.89 23.02
C PHE A 8 -22.46 68.93 23.83
N SER A 9 -22.57 68.89 25.13
CA SER A 9 -21.82 69.86 25.97
C SER A 9 -21.74 69.34 27.40
N MET A 10 -22.84 68.94 27.97
CA MET A 10 -22.81 68.42 29.36
C MET A 10 -24.08 67.61 29.62
N PRO A 11 -24.28 66.55 28.87
CA PRO A 11 -25.47 65.67 29.02
C PRO A 11 -25.37 64.76 30.24
N HIS A 12 -26.34 63.91 30.45
CA HIS A 12 -26.28 62.99 31.63
C HIS A 12 -25.12 62.01 31.46
N SER A 13 -23.91 62.49 31.61
CA SER A 13 -22.74 61.59 31.46
C SER A 13 -22.57 60.75 32.73
N SER A 14 -23.59 60.01 33.10
CA SER A 14 -23.48 59.17 34.33
C SER A 14 -24.62 58.16 34.35
N PRO A 15 -24.61 57.22 33.43
CA PRO A 15 -25.66 56.17 33.33
C PRO A 15 -25.99 55.55 34.69
N GLN A 16 -27.24 55.28 34.94
CA GLN A 16 -27.63 54.68 36.25
C GLN A 16 -27.33 53.19 36.23
N ASN A 17 -26.32 52.77 36.93
CA ASN A 17 -25.97 51.31 36.94
C ASN A 17 -25.02 51.03 38.11
N ARG A 18 -24.67 52.03 38.85
CA ARG A 18 -23.75 51.82 40.01
C ARG A 18 -24.49 51.12 41.17
N PRO A 19 -25.75 51.43 41.38
CA PRO A 19 -26.53 50.81 42.49
C PRO A 19 -26.55 49.28 42.40
N ASN A 20 -26.00 48.73 41.35
CA ASN A 20 -25.98 47.25 41.21
C ASN A 20 -24.92 46.85 40.18
N TYR A 21 -23.95 46.09 40.58
CA TYR A 21 -22.88 45.67 39.63
C TYR A 21 -23.51 44.92 38.46
N ASN A 22 -22.87 44.93 37.32
CA ASN A 22 -23.45 44.21 36.14
C ASN A 22 -23.47 42.71 36.42
N VAL A 23 -22.51 41.98 35.92
CA VAL A 23 -22.46 40.51 36.16
C VAL A 23 -21.02 40.02 36.06
N SER A 24 -20.63 39.13 36.94
CA SER A 24 -19.22 38.62 36.91
C SER A 24 -19.10 37.57 35.80
N PHE A 25 -17.90 37.34 35.32
CA PHE A 25 -17.71 36.32 34.25
C PHE A 25 -17.78 34.92 34.85
N SER A 26 -17.58 33.91 34.05
CA SER A 26 -17.65 32.52 34.58
C SER A 26 -16.36 32.22 35.36
N SER A 27 -16.46 32.10 36.66
CA SER A 27 -15.25 31.81 37.48
C SER A 27 -14.93 30.32 37.40
N MET A 28 -15.18 29.71 36.26
CA MET A 28 -14.89 28.25 36.12
C MET A 28 -15.02 27.84 34.66
N PRO A 29 -14.23 28.44 33.79
CA PRO A 29 -14.25 28.13 32.34
C PRO A 29 -13.57 26.79 32.01
N GLY A 30 -12.31 26.82 31.68
CA GLY A 30 -11.60 25.55 31.36
C GLY A 30 -12.22 24.92 30.11
N GLY A 31 -13.24 25.53 29.58
CA GLY A 31 -13.89 24.97 28.36
C GLY A 31 -12.86 24.93 27.21
N GLN A 32 -13.20 24.29 26.13
CA GLN A 32 -12.25 24.21 24.98
C GLN A 32 -12.09 25.60 24.36
N ASN A 33 -12.74 26.58 24.92
CA ASN A 33 -12.63 27.96 24.36
C ASN A 33 -11.30 28.58 24.81
N GLU A 34 -11.07 28.67 26.10
CA GLU A 34 -9.81 29.27 26.60
C GLU A 34 -8.62 28.43 26.11
N ARG A 35 -7.45 28.71 26.60
CA ARG A 35 -6.25 27.94 26.16
C ARG A 35 -5.06 28.28 27.06
N GLY A 36 -4.59 27.32 27.82
CA GLY A 36 -3.43 27.60 28.71
C GLY A 36 -3.01 26.30 29.40
N LYS A 37 -3.53 26.05 30.58
CA LYS A 37 -3.16 24.81 31.32
C LYS A 37 -4.31 24.41 32.25
N ALA A 38 -5.36 23.86 31.71
CA ALA A 38 -6.50 23.45 32.57
C ALA A 38 -6.17 22.14 33.29
N ALA A 39 -7.04 21.67 34.13
CA ALA A 39 -6.77 20.40 34.87
C ALA A 39 -8.08 19.82 35.39
N ALA A 40 -9.18 20.47 35.10
CA ALA A 40 -10.50 19.95 35.59
C ALA A 40 -10.94 18.78 34.71
N ASN A 41 -10.30 18.59 33.59
CA ASN A 41 -10.68 17.46 32.69
C ASN A 41 -9.61 17.27 31.61
N LEU A 42 -8.84 16.22 31.71
CA LEU A 42 -7.78 15.99 30.69
C LEU A 42 -8.43 15.63 29.36
N GLU A 43 -8.44 16.56 28.43
CA GLU A 43 -9.07 16.27 27.11
C GLU A 43 -8.13 15.40 26.28
N GLY A 44 -6.85 15.68 26.32
CA GLY A 44 -5.89 14.86 25.52
C GLY A 44 -4.46 15.30 25.87
N LYS A 45 -3.48 14.69 25.26
CA LYS A 45 -2.07 15.06 25.54
C LYS A 45 -1.84 16.52 25.15
N GLN A 46 -0.61 16.96 25.15
CA GLN A 46 -0.32 18.37 24.78
C GLN A 46 -0.35 18.51 23.26
N LYS A 47 -0.23 19.71 22.75
CA LYS A 47 -0.25 19.92 21.28
C LYS A 47 1.13 19.61 20.71
N ALA A 48 1.19 18.83 19.66
CA ALA A 48 2.51 18.50 19.05
C ALA A 48 3.35 19.77 18.90
N ALA A 49 4.16 20.08 19.88
CA ALA A 49 5.00 21.31 19.79
C ALA A 49 6.20 21.16 20.73
N ASP A 50 7.12 20.31 20.40
CA ASP A 50 8.31 20.12 21.27
C ASP A 50 9.35 19.25 20.55
N PHE A 51 9.05 18.00 20.32
CA PHE A 51 10.01 17.08 19.62
C PHE A 51 9.25 16.33 18.53
N GLU A 52 8.77 17.02 17.52
CA GLU A 52 8.03 16.33 16.43
C GLU A 52 8.03 17.22 15.19
N ASP A 53 8.50 18.44 15.31
CA ASP A 53 8.52 19.35 14.14
C ASP A 53 9.56 18.86 13.13
N LEU A 54 10.07 17.67 13.32
CA LEU A 54 11.09 17.13 12.36
C LEU A 54 10.36 16.36 11.24
N LEU A 55 11.06 15.99 10.21
CA LEU A 55 10.40 15.24 9.10
C LEU A 55 10.04 13.83 9.59
N SER A 56 9.32 13.74 10.67
CA SER A 56 8.94 12.40 11.20
C SER A 56 7.72 12.54 12.13
N GLY A 57 6.65 13.08 11.63
CA GLY A 57 5.44 13.24 12.48
C GLY A 57 4.87 11.86 12.83
N GLN A 58 5.54 11.14 13.68
CA GLN A 58 5.03 9.79 14.06
C GLN A 58 3.84 9.95 15.01
N GLY A 59 3.20 11.08 14.98
CA GLY A 59 2.02 11.30 15.88
C GLY A 59 0.93 10.28 15.55
N PHE A 60 0.93 9.76 14.35
CA PHE A 60 -0.11 8.76 13.97
C PHE A 60 0.29 7.38 14.51
N ASN A 61 0.24 7.20 15.80
CA ASN A 61 0.61 5.89 16.39
C ASN A 61 -0.03 5.75 17.77
N ALA A 62 0.76 5.78 18.80
CA ALA A 62 0.19 5.64 20.18
C ALA A 62 -1.01 6.56 20.34
N HIS A 63 -1.08 7.61 19.56
CA HIS A 63 -2.24 8.55 19.67
C HIS A 63 -3.46 7.94 18.97
N LYS A 64 -4.57 7.89 19.65
CA LYS A 64 -5.79 7.30 19.02
C LYS A 64 -6.11 8.07 17.73
N ASP A 65 -5.81 7.49 16.61
CA ASP A 65 -6.10 8.17 15.31
C ASP A 65 -7.58 7.99 14.97
N LYS A 66 -8.23 9.05 14.56
CA LYS A 66 -9.68 8.95 14.20
C LYS A 66 -9.89 7.75 13.27
N LYS A 67 -10.58 6.74 13.72
CA LYS A 67 -10.82 5.56 12.85
C LYS A 67 -11.86 5.89 11.79
N GLY A 68 -11.95 7.14 11.41
CA GLY A 68 -12.95 7.53 10.37
C GLY A 68 -12.78 6.64 9.13
N PRO A 69 -13.53 6.92 8.10
CA PRO A 69 -13.47 6.15 6.83
C PRO A 69 -12.05 5.77 6.42
N ARG A 70 -11.20 6.75 6.25
CA ARG A 70 -9.78 6.45 5.84
C ARG A 70 -9.09 5.65 6.96
N THR A 71 -9.53 4.45 7.20
CA THR A 71 -8.87 3.62 8.26
C THR A 71 -7.40 3.42 7.90
N ILE A 72 -6.59 3.04 8.84
CA ILE A 72 -5.14 2.84 8.55
C ILE A 72 -4.98 1.87 7.36
N ALA A 73 -6.06 1.30 6.88
CA ALA A 73 -5.95 0.34 5.72
C ALA A 73 -6.09 1.08 4.38
N GLU A 74 -6.76 2.20 4.33
CA GLU A 74 -6.91 2.93 3.03
C GLU A 74 -5.65 3.77 2.75
N MET A 75 -4.88 4.09 3.76
CA MET A 75 -3.65 4.89 3.53
C MET A 75 -2.50 3.94 3.17
N ARG A 76 -2.26 2.96 4.00
CA ARG A 76 -1.15 2.00 3.72
C ARG A 76 -1.25 1.55 2.25
N LYS A 77 -2.37 1.77 1.61
CA LYS A 77 -2.50 1.35 0.19
C LYS A 77 -1.34 1.92 -0.63
N GLU A 78 -0.68 2.93 -0.12
CA GLU A 78 0.46 3.53 -0.87
C GLU A 78 1.72 2.68 -0.66
N GLU A 79 1.89 2.13 0.51
CA GLU A 79 3.09 1.30 0.78
C GLU A 79 3.32 0.31 -0.37
N MET A 80 2.31 -0.43 -0.74
CA MET A 80 2.48 -1.41 -1.85
C MET A 80 2.74 -0.66 -3.17
N ALA A 81 2.12 0.48 -3.35
CA ALA A 81 2.33 1.26 -4.61
C ALA A 81 3.52 2.20 -4.42
N LYS A 82 4.18 2.14 -3.29
CA LYS A 82 5.34 3.04 -3.06
C LYS A 82 6.58 2.46 -3.75
N GLU A 83 6.52 1.23 -4.17
CA GLU A 83 7.70 0.62 -4.84
C GLU A 83 7.31 -0.73 -5.46
N MET A 84 6.67 -0.71 -6.59
CA MET A 84 6.27 -2.00 -7.23
C MET A 84 7.48 -2.64 -7.88
N ASP A 85 8.61 -2.59 -7.23
CA ASP A 85 9.84 -3.21 -7.80
C ASP A 85 9.49 -4.63 -8.29
N PRO A 86 10.02 -5.07 -9.41
CA PRO A 86 9.70 -6.43 -9.94
C PRO A 86 10.13 -7.54 -8.98
N GLU A 87 10.74 -7.18 -7.87
CA GLU A 87 11.15 -8.21 -6.89
C GLU A 87 10.05 -8.34 -5.84
N LYS A 88 9.36 -7.27 -5.57
CA LYS A 88 8.24 -7.30 -4.59
C LYS A 88 7.04 -7.95 -5.26
N LEU A 89 6.94 -7.83 -6.55
CA LEU A 89 5.79 -8.43 -7.28
C LEU A 89 5.70 -9.91 -6.91
N LYS A 90 6.82 -10.54 -6.68
CA LYS A 90 6.80 -11.99 -6.32
C LYS A 90 6.08 -12.15 -4.98
N ILE A 91 6.17 -11.18 -4.11
CA ILE A 91 5.51 -11.27 -2.79
C ILE A 91 4.01 -11.03 -2.96
N LEU A 92 3.64 -10.01 -3.69
CA LEU A 92 2.20 -9.72 -3.89
C LEU A 92 1.47 -11.00 -4.35
N GLU A 93 2.18 -11.89 -4.98
CA GLU A 93 1.54 -13.15 -5.47
C GLU A 93 1.50 -14.17 -4.32
N TRP A 94 2.44 -14.09 -3.44
CA TRP A 94 2.50 -15.04 -2.30
C TRP A 94 1.40 -14.73 -1.28
N ILE A 95 1.21 -13.49 -0.98
CA ILE A 95 0.17 -13.12 0.03
C ILE A 95 -1.24 -13.36 -0.55
N GLU A 96 -1.47 -12.98 -1.77
CA GLU A 96 -2.83 -13.16 -2.35
C GLU A 96 -3.16 -14.65 -2.49
N GLY A 97 -2.20 -15.48 -2.26
CA GLY A 97 -2.42 -16.94 -2.37
C GLY A 97 -3.19 -17.45 -1.15
N LYS A 98 -2.85 -16.98 0.01
CA LYS A 98 -3.57 -17.43 1.23
C LYS A 98 -3.15 -16.57 2.43
N GLU A 99 -3.42 -15.30 2.38
CA GLU A 99 -3.04 -14.40 3.52
C GLU A 99 -3.92 -14.69 4.74
N ARG A 100 -4.43 -15.90 4.85
CA ARG A 100 -5.29 -16.25 6.02
C ARG A 100 -4.97 -17.67 6.49
N ASN A 101 -3.77 -18.12 6.25
CA ASN A 101 -3.37 -19.49 6.68
C ASN A 101 -1.93 -19.42 7.19
N ILE A 102 -1.75 -18.73 8.27
CA ILE A 102 -0.38 -18.55 8.85
C ILE A 102 0.42 -19.86 8.78
N ARG A 103 -0.20 -20.99 8.99
CA ARG A 103 0.58 -22.26 8.95
C ARG A 103 1.30 -22.38 7.61
N ALA A 104 0.64 -22.04 6.54
CA ALA A 104 1.27 -22.15 5.21
C ALA A 104 2.18 -20.94 4.92
N LEU A 105 1.80 -19.75 5.33
CA LEU A 105 2.67 -18.57 5.05
C LEU A 105 4.09 -18.84 5.57
N LEU A 106 4.23 -19.32 6.77
CA LEU A 106 5.58 -19.59 7.31
C LEU A 106 6.17 -20.85 6.66
N SER A 107 5.34 -21.71 6.11
CA SER A 107 5.87 -22.94 5.46
C SER A 107 6.00 -22.73 3.95
N THR A 108 5.71 -21.54 3.47
CA THR A 108 5.82 -21.26 2.01
C THR A 108 6.59 -19.96 1.75
N MET A 109 7.05 -19.33 2.79
CA MET A 109 7.80 -18.05 2.61
C MET A 109 9.15 -18.31 1.94
N HIS A 110 9.67 -19.50 2.04
CA HIS A 110 10.99 -19.78 1.42
C HIS A 110 10.94 -19.56 -0.10
N THR A 111 9.79 -19.68 -0.69
CA THR A 111 9.69 -19.47 -2.16
C THR A 111 9.75 -17.98 -2.50
N VAL A 112 9.98 -17.12 -1.52
CA VAL A 112 10.03 -15.65 -1.83
C VAL A 112 11.04 -14.94 -0.91
N LEU A 113 12.04 -15.64 -0.42
CA LEU A 113 13.03 -14.97 0.45
C LEU A 113 14.08 -14.29 -0.42
N TRP A 114 14.95 -13.55 0.20
CA TRP A 114 16.05 -12.86 -0.56
C TRP A 114 17.25 -13.79 -0.69
N ALA A 115 17.83 -13.88 -1.84
CA ALA A 115 19.01 -14.76 -2.02
C ALA A 115 20.10 -14.36 -1.03
N GLY A 116 20.34 -15.18 -0.04
CA GLY A 116 21.38 -14.86 0.97
C GLY A 116 21.10 -15.60 2.27
N GLU A 117 19.87 -15.65 2.69
CA GLU A 117 19.53 -16.36 3.96
C GLU A 117 19.41 -17.86 3.67
N THR A 118 20.41 -18.62 4.06
CA THR A 118 20.38 -20.10 3.81
C THR A 118 20.11 -20.83 5.13
N LYS A 119 19.96 -20.11 6.21
CA LYS A 119 19.70 -20.78 7.51
C LYS A 119 18.25 -21.27 7.56
N TRP A 120 17.38 -20.69 6.79
CA TRP A 120 15.96 -21.13 6.82
C TRP A 120 15.85 -22.60 6.40
N LYS A 121 15.16 -23.37 7.20
CA LYS A 121 14.95 -24.82 6.88
C LYS A 121 13.47 -25.00 6.51
N PRO A 122 13.12 -24.95 5.25
CA PRO A 122 11.70 -25.09 4.81
C PRO A 122 10.93 -26.12 5.65
N VAL A 123 9.72 -25.77 6.02
CA VAL A 123 8.89 -26.70 6.85
C VAL A 123 8.05 -27.59 5.95
N GLY A 124 8.22 -28.86 6.05
CA GLY A 124 7.41 -29.78 5.20
C GLY A 124 5.94 -29.59 5.56
N MET A 125 5.10 -29.28 4.60
CA MET A 125 3.65 -29.06 4.90
C MET A 125 3.13 -30.16 5.84
N ALA A 126 3.79 -31.29 5.90
CA ALA A 126 3.33 -32.38 6.80
C ALA A 126 3.88 -32.17 8.21
N ASP A 127 4.82 -31.28 8.35
CA ASP A 127 5.42 -31.01 9.70
C ASP A 127 4.73 -29.84 10.38
N LEU A 128 3.46 -29.62 10.12
CA LEU A 128 2.73 -28.49 10.79
C LEU A 128 1.32 -28.95 11.17
N VAL A 129 1.16 -30.22 11.51
CA VAL A 129 -0.19 -30.73 11.88
C VAL A 129 -0.47 -30.50 13.37
N THR A 130 0.43 -29.84 14.08
CA THR A 130 0.20 -29.57 15.55
C THR A 130 0.51 -28.09 15.84
N PRO A 131 -0.35 -27.35 16.53
CA PRO A 131 -0.07 -25.92 16.85
C PRO A 131 1.36 -25.73 17.36
N GLU A 132 1.90 -26.72 18.04
CA GLU A 132 3.28 -26.59 18.55
C GLU A 132 4.24 -26.46 17.38
N GLN A 133 4.08 -27.28 16.38
CA GLN A 133 4.98 -27.19 15.19
C GLN A 133 4.85 -25.81 14.58
N VAL A 134 3.67 -25.26 14.58
CA VAL A 134 3.45 -23.91 14.00
C VAL A 134 3.94 -22.83 14.98
N LYS A 135 3.44 -22.85 16.19
CA LYS A 135 3.87 -21.83 17.18
C LYS A 135 5.38 -21.88 17.39
N LYS A 136 5.93 -23.05 17.52
CA LYS A 136 7.40 -23.17 17.74
C LYS A 136 8.16 -22.54 16.57
N VAL A 137 7.69 -22.73 15.36
CA VAL A 137 8.42 -22.15 14.20
C VAL A 137 8.05 -20.68 14.05
N TYR A 138 6.84 -20.28 14.39
CA TYR A 138 6.47 -18.84 14.25
C TYR A 138 7.56 -18.00 14.92
N ARG A 139 8.25 -18.55 15.88
CA ARG A 139 9.32 -17.79 16.56
C ARG A 139 10.51 -17.62 15.61
N LYS A 140 11.06 -18.70 15.14
CA LYS A 140 12.23 -18.60 14.20
C LYS A 140 11.82 -17.86 12.93
N ALA A 141 10.67 -18.17 12.38
CA ALA A 141 10.22 -17.48 11.15
C ALA A 141 10.31 -15.96 11.36
N VAL A 142 10.02 -15.52 12.55
CA VAL A 142 10.08 -14.06 12.85
C VAL A 142 11.55 -13.63 12.90
N LEU A 143 12.43 -14.52 13.29
CA LEU A 143 13.87 -14.16 13.36
C LEU A 143 14.42 -13.99 11.94
N VAL A 144 13.86 -14.67 10.99
CA VAL A 144 14.34 -14.56 9.58
C VAL A 144 14.19 -13.13 9.07
N VAL A 145 13.23 -12.39 9.57
CA VAL A 145 13.02 -10.97 9.10
C VAL A 145 13.25 -9.98 10.24
N HIS A 146 14.02 -10.33 11.24
CA HIS A 146 14.25 -9.37 12.34
C HIS A 146 15.03 -8.16 11.77
N PRO A 147 14.53 -6.94 11.93
CA PRO A 147 15.22 -5.74 11.38
C PRO A 147 16.73 -5.82 11.49
N ASP A 148 17.23 -6.33 12.57
CA ASP A 148 18.71 -6.41 12.74
C ASP A 148 19.40 -6.91 11.46
N LYS A 149 18.88 -7.92 10.80
CA LYS A 149 19.54 -8.43 9.55
C LYS A 149 18.91 -7.80 8.30
N ALA A 150 18.10 -6.78 8.47
CA ALA A 150 17.46 -6.11 7.30
C ALA A 150 17.77 -4.61 7.37
N THR A 151 18.93 -4.26 7.88
CA THR A 151 19.28 -2.82 7.99
C THR A 151 20.15 -2.42 6.80
N GLY A 152 19.66 -1.53 5.98
CA GLY A 152 20.46 -1.08 4.80
C GLY A 152 20.63 -2.23 3.81
N GLN A 153 20.24 -3.42 4.19
CA GLN A 153 20.39 -4.57 3.25
C GLN A 153 19.34 -4.44 2.13
N PRO A 154 19.73 -4.49 0.87
CA PRO A 154 18.79 -4.36 -0.27
C PRO A 154 17.40 -4.93 0.00
N TYR A 155 17.27 -5.90 0.87
CA TYR A 155 15.93 -6.49 1.18
C TYR A 155 15.35 -5.88 2.47
N GLU A 156 15.44 -4.58 2.63
CA GLU A 156 14.91 -3.95 3.87
C GLU A 156 13.38 -4.02 3.88
N GLN A 157 12.74 -3.39 2.93
CA GLN A 157 11.25 -3.39 2.89
C GLN A 157 10.74 -4.84 2.94
N TYR A 158 11.44 -5.73 2.30
CA TYR A 158 11.01 -7.17 2.30
C TYR A 158 10.63 -7.58 3.73
N ALA A 159 11.37 -7.13 4.70
CA ALA A 159 11.08 -7.53 6.09
C ALA A 159 9.74 -6.93 6.52
N LYS A 160 9.59 -5.64 6.43
CA LYS A 160 8.31 -4.99 6.86
C LYS A 160 7.12 -5.60 6.13
N MET A 161 7.30 -6.03 4.91
CA MET A 161 6.15 -6.63 4.17
C MET A 161 5.85 -8.04 4.70
N ILE A 162 6.86 -8.86 4.80
CA ILE A 162 6.64 -10.26 5.28
C ILE A 162 6.52 -10.29 6.81
N PHE A 163 7.11 -9.35 7.50
CA PHE A 163 7.04 -9.33 9.00
C PHE A 163 5.59 -9.19 9.46
N MET A 164 4.90 -8.19 9.01
CA MET A 164 3.49 -7.98 9.45
C MET A 164 2.64 -9.17 9.01
N GLU A 165 2.83 -9.65 7.82
CA GLU A 165 2.02 -10.81 7.33
C GLU A 165 2.15 -11.99 8.30
N LEU A 166 3.33 -12.24 8.78
CA LEU A 166 3.53 -13.38 9.72
C LEU A 166 2.73 -13.13 11.01
N ASN A 167 2.85 -11.96 11.58
CA ASN A 167 2.12 -11.67 12.86
C ASN A 167 0.67 -11.24 12.58
N ASP A 168 0.32 -10.97 11.36
CA ASP A 168 -1.07 -10.55 11.06
C ASP A 168 -1.99 -11.77 11.03
N ALA A 169 -1.74 -12.69 10.14
CA ALA A 169 -2.59 -13.90 10.07
C ALA A 169 -2.51 -14.66 11.41
N TRP A 170 -1.42 -14.54 12.11
CA TRP A 170 -1.28 -15.23 13.41
C TRP A 170 -2.48 -14.88 14.30
N SER A 171 -2.88 -13.64 14.30
CA SER A 171 -4.05 -13.27 15.15
C SER A 171 -5.28 -14.02 14.64
N GLU A 172 -5.32 -14.29 13.36
CA GLU A 172 -6.46 -15.03 12.78
C GLU A 172 -6.28 -16.53 13.04
N PHE A 173 -5.07 -17.01 12.91
CA PHE A 173 -4.82 -18.46 13.14
C PHE A 173 -5.18 -18.79 14.60
N GLU A 174 -4.87 -17.92 15.51
CA GLU A 174 -5.20 -18.17 16.94
C GLU A 174 -6.70 -18.00 17.17
N ASN A 175 -7.27 -16.94 16.65
CA ASN A 175 -8.73 -16.70 16.85
C ASN A 175 -9.54 -17.64 15.96
N GLN A 176 -9.14 -17.81 14.72
CA GLN A 176 -9.90 -18.71 13.81
C GLN A 176 -9.88 -20.13 14.37
N GLY A 177 -8.87 -20.47 15.13
CA GLY A 177 -8.81 -21.84 15.70
C GLY A 177 -7.58 -21.98 16.60
N GLN A 178 -7.74 -21.74 17.88
CA GLN A 178 -6.58 -21.86 18.81
C GLN A 178 -6.38 -23.33 19.16
N LYS A 179 -6.39 -24.19 18.19
CA LYS A 179 -6.20 -25.65 18.47
C LYS A 179 -5.99 -26.38 17.14
N PRO A 180 -5.62 -27.65 17.16
CA PRO A 180 -5.39 -28.42 15.91
C PRO A 180 -6.61 -28.31 14.95
N LEU A 181 -6.42 -27.84 13.72
CA LEU A 181 -7.58 -27.70 12.78
C LEU A 181 -7.47 -28.78 11.68
N TYR A 182 -7.64 -30.03 12.03
CA TYR A 182 -7.54 -31.10 10.99
C TYR A 182 -7.99 -32.44 11.59
N GLY A 1 50.03 -89.87 -32.48
CA GLY A 1 50.83 -88.75 -33.06
C GLY A 1 50.72 -87.52 -32.16
N PRO A 2 49.56 -86.91 -32.12
CA PRO A 2 49.31 -85.70 -31.29
C PRO A 2 49.17 -86.04 -29.80
N LEU A 3 49.18 -85.05 -28.96
CA LEU A 3 49.05 -85.32 -27.49
C LEU A 3 48.77 -84.00 -26.76
N GLY A 4 49.72 -83.11 -26.74
CA GLY A 4 49.52 -81.81 -26.05
C GLY A 4 48.21 -81.18 -26.53
N SER A 5 47.39 -80.71 -25.63
CA SER A 5 46.10 -80.08 -26.04
C SER A 5 46.40 -78.77 -26.77
N PRO A 6 45.53 -78.34 -27.65
CA PRO A 6 45.71 -77.08 -28.41
C PRO A 6 45.49 -75.83 -27.53
N GLU A 7 45.32 -76.03 -26.26
CA GLU A 7 45.11 -74.86 -25.36
C GLU A 7 45.36 -75.29 -23.91
N PHE A 8 46.60 -75.32 -23.49
CA PHE A 8 46.90 -75.74 -22.09
C PHE A 8 46.46 -74.63 -21.13
N SER A 9 47.18 -73.55 -21.08
CA SER A 9 46.80 -72.43 -20.17
C SER A 9 45.36 -72.01 -20.45
N MET A 10 44.73 -71.36 -19.51
CA MET A 10 43.32 -70.91 -19.73
C MET A 10 42.92 -69.92 -18.64
N PRO A 11 43.62 -68.81 -18.55
CA PRO A 11 43.33 -67.76 -17.53
C PRO A 11 42.09 -66.94 -17.89
N HIS A 12 41.27 -66.63 -16.91
CA HIS A 12 40.04 -65.83 -17.19
C HIS A 12 40.41 -64.36 -17.32
N SER A 13 41.69 -64.06 -17.33
CA SER A 13 42.11 -62.63 -17.46
C SER A 13 42.06 -62.22 -18.93
N SER A 14 41.81 -63.15 -19.81
CA SER A 14 41.76 -62.81 -21.26
C SER A 14 41.21 -64.00 -22.04
N PRO A 15 40.00 -64.40 -21.76
CA PRO A 15 39.35 -65.54 -22.45
C PRO A 15 38.85 -65.17 -23.85
N GLN A 16 38.06 -66.00 -24.46
CA GLN A 16 37.54 -65.69 -25.82
C GLN A 16 36.66 -64.44 -25.76
N ASN A 17 35.85 -64.32 -24.75
CA ASN A 17 34.97 -63.13 -24.64
C ASN A 17 35.79 -61.92 -24.18
N ARG A 18 36.42 -61.23 -25.09
CA ARG A 18 37.23 -60.05 -24.71
C ARG A 18 36.33 -58.85 -24.37
N PRO A 19 35.22 -58.67 -25.06
CA PRO A 19 34.29 -57.55 -24.80
C PRO A 19 33.20 -57.91 -23.79
N ASN A 20 32.70 -56.95 -23.06
CA ASN A 20 31.64 -57.24 -22.07
C ASN A 20 30.94 -55.94 -21.67
N TYR A 21 29.68 -56.02 -21.31
CA TYR A 21 28.95 -54.77 -20.91
C TYR A 21 29.39 -54.35 -19.51
N ASN A 22 30.05 -53.23 -19.39
CA ASN A 22 30.49 -52.77 -18.04
C ASN A 22 30.83 -51.28 -18.11
N VAL A 23 31.14 -50.78 -19.27
CA VAL A 23 31.48 -49.33 -19.40
C VAL A 23 30.25 -48.50 -19.05
N SER A 24 30.44 -47.42 -18.33
CA SER A 24 29.28 -46.56 -17.96
C SER A 24 29.78 -45.21 -17.45
N PHE A 25 29.06 -44.16 -17.73
CA PHE A 25 29.49 -42.81 -17.26
C PHE A 25 28.36 -41.81 -17.46
N SER A 26 27.79 -41.33 -16.39
CA SER A 26 26.68 -40.34 -16.52
C SER A 26 26.46 -39.63 -15.18
N SER A 27 25.67 -40.19 -14.32
CA SER A 27 25.43 -39.54 -13.00
C SER A 27 26.76 -39.39 -12.26
N MET A 28 26.96 -38.28 -11.61
CA MET A 28 28.23 -38.07 -10.86
C MET A 28 28.12 -36.81 -9.99
N PRO A 29 27.18 -36.80 -9.08
CA PRO A 29 26.95 -35.65 -8.16
C PRO A 29 28.00 -35.58 -7.05
N GLY A 30 28.90 -34.63 -7.13
CA GLY A 30 29.95 -34.51 -6.08
C GLY A 30 29.31 -34.01 -4.78
N GLY A 31 28.31 -33.19 -4.88
CA GLY A 31 27.66 -32.66 -3.65
C GLY A 31 26.44 -31.82 -4.04
N GLN A 32 26.40 -30.58 -3.62
CA GLN A 32 25.25 -29.71 -3.97
C GLN A 32 25.21 -29.49 -5.49
N ASN A 33 24.05 -29.51 -6.07
CA ASN A 33 23.95 -29.29 -7.55
C ASN A 33 22.49 -29.10 -7.93
N GLU A 34 21.61 -29.92 -7.42
CA GLU A 34 20.17 -29.79 -7.77
C GLU A 34 19.54 -28.67 -6.92
N ARG A 35 18.87 -27.75 -7.54
CA ARG A 35 18.24 -26.64 -6.78
C ARG A 35 17.11 -27.20 -5.91
N GLY A 36 16.01 -26.51 -5.83
CA GLY A 36 14.87 -27.00 -5.00
C GLY A 36 13.59 -26.27 -5.40
N LYS A 37 13.72 -25.18 -6.12
CA LYS A 37 12.50 -24.43 -6.54
C LYS A 37 11.85 -25.14 -7.73
N ALA A 38 11.31 -26.31 -7.50
CA ALA A 38 10.66 -27.05 -8.62
C ALA A 38 9.27 -26.48 -8.87
N ALA A 39 9.18 -25.29 -9.40
CA ALA A 39 7.86 -24.68 -9.67
C ALA A 39 7.14 -25.47 -10.77
N ALA A 40 6.00 -26.02 -10.47
CA ALA A 40 5.26 -26.80 -11.50
C ALA A 40 3.85 -27.11 -10.99
N ASN A 41 2.97 -27.52 -11.86
CA ASN A 41 1.58 -27.84 -11.43
C ASN A 41 0.90 -28.72 -12.48
N LEU A 42 0.82 -28.25 -13.69
CA LEU A 42 0.17 -29.05 -14.76
C LEU A 42 1.03 -30.27 -15.08
N GLU A 43 0.96 -30.77 -16.29
CA GLU A 43 1.78 -31.96 -16.66
C GLU A 43 1.76 -32.14 -18.18
N GLY A 44 1.38 -31.12 -18.90
CA GLY A 44 1.33 -31.23 -20.38
C GLY A 44 0.42 -30.15 -20.96
N LYS A 45 0.92 -28.95 -21.08
CA LYS A 45 0.09 -27.84 -21.63
C LYS A 45 0.16 -27.86 -23.16
N GLN A 46 0.77 -26.87 -23.75
CA GLN A 46 0.89 -26.84 -25.24
C GLN A 46 2.07 -27.69 -25.67
N LYS A 47 2.41 -27.62 -26.94
CA LYS A 47 3.56 -28.43 -27.43
C LYS A 47 4.77 -28.21 -26.52
N ALA A 48 5.32 -29.27 -25.98
CA ALA A 48 6.50 -29.12 -25.09
C ALA A 48 7.31 -30.42 -25.08
N ALA A 49 6.83 -31.44 -25.75
CA ALA A 49 7.59 -32.72 -25.77
C ALA A 49 9.03 -32.43 -26.16
N ASP A 50 9.26 -31.35 -26.84
CA ASP A 50 10.66 -31.00 -27.22
C ASP A 50 11.45 -30.72 -25.95
N PHE A 51 11.79 -31.75 -25.21
CA PHE A 51 12.55 -31.59 -23.93
C PHE A 51 13.53 -30.41 -24.02
N GLU A 52 13.09 -29.22 -23.70
CA GLU A 52 13.99 -28.04 -23.78
C GLU A 52 13.32 -26.83 -23.13
N ASP A 53 12.01 -26.77 -23.18
CA ASP A 53 11.30 -25.62 -22.57
C ASP A 53 11.19 -25.84 -21.06
N LEU A 54 12.20 -26.39 -20.45
CA LEU A 54 12.16 -26.63 -18.98
C LEU A 54 12.44 -25.31 -18.25
N LEU A 55 13.40 -24.56 -18.72
CA LEU A 55 13.73 -23.27 -18.05
C LEU A 55 12.58 -22.29 -18.27
N SER A 56 11.67 -22.62 -19.15
CA SER A 56 10.50 -21.71 -19.42
C SER A 56 9.35 -22.06 -18.48
N GLY A 57 9.32 -21.46 -17.31
CA GLY A 57 8.21 -21.77 -16.35
C GLY A 57 8.07 -20.61 -15.36
N GLN A 58 9.02 -20.46 -14.47
CA GLN A 58 8.93 -19.36 -13.47
C GLN A 58 8.77 -18.02 -14.19
N GLY A 59 7.55 -17.67 -14.53
CA GLY A 59 7.33 -16.38 -15.25
C GLY A 59 5.88 -16.33 -15.74
N PHE A 60 5.49 -17.24 -16.59
CA PHE A 60 4.10 -17.25 -17.10
C PHE A 60 3.18 -17.88 -16.04
N ASN A 61 3.06 -17.28 -14.90
CA ASN A 61 2.18 -17.85 -13.84
C ASN A 61 0.72 -17.59 -14.19
N ALA A 62 -0.07 -17.20 -13.23
CA ALA A 62 -1.51 -16.92 -13.51
C ALA A 62 -2.14 -16.24 -12.29
N HIS A 63 -3.04 -15.32 -12.52
CA HIS A 63 -3.70 -14.62 -11.38
C HIS A 63 -4.99 -13.96 -11.86
N LYS A 64 -6.07 -14.17 -11.16
CA LYS A 64 -7.36 -13.56 -11.58
C LYS A 64 -8.35 -13.60 -10.41
N ASP A 65 -8.29 -12.63 -9.53
CA ASP A 65 -9.23 -12.62 -8.38
C ASP A 65 -9.12 -11.27 -7.66
N LYS A 66 -10.20 -10.55 -7.56
CA LYS A 66 -10.16 -9.23 -6.87
C LYS A 66 -10.22 -9.45 -5.35
N LYS A 67 -10.02 -8.41 -4.59
CA LYS A 67 -10.06 -8.55 -3.11
C LYS A 67 -10.03 -7.17 -2.46
N GLY A 68 -11.14 -6.46 -2.50
CA GLY A 68 -11.18 -5.10 -1.90
C GLY A 68 -11.04 -5.20 -0.35
N PRO A 69 -11.91 -4.55 0.40
CA PRO A 69 -11.86 -4.56 1.91
C PRO A 69 -11.45 -5.90 2.55
N ARG A 70 -12.10 -6.98 2.20
CA ARG A 70 -11.76 -8.31 2.83
C ARG A 70 -10.24 -8.47 2.99
N THR A 71 -9.45 -7.70 2.29
CA THR A 71 -7.96 -7.81 2.40
C THR A 71 -7.37 -6.44 2.76
N ILE A 72 -6.67 -6.36 3.86
CA ILE A 72 -6.08 -5.05 4.27
C ILE A 72 -5.17 -4.52 3.13
N ALA A 73 -5.03 -5.27 2.07
CA ALA A 73 -4.16 -4.81 0.94
C ALA A 73 -4.87 -3.75 0.09
N GLU A 74 -6.17 -3.66 0.16
CA GLU A 74 -6.90 -2.64 -0.65
C GLU A 74 -6.56 -1.24 -0.13
N MET A 75 -6.16 -1.13 1.11
CA MET A 75 -5.82 0.22 1.67
C MET A 75 -4.34 0.51 1.37
N ARG A 76 -3.46 -0.26 1.92
CA ARG A 76 -2.01 -0.04 1.67
C ARG A 76 -1.76 0.03 0.16
N LYS A 77 -2.75 -0.29 -0.63
CA LYS A 77 -2.56 -0.24 -2.11
C LYS A 77 -1.93 1.09 -2.50
N GLU A 78 -2.00 2.08 -1.64
CA GLU A 78 -1.39 3.40 -1.96
C GLU A 78 0.13 3.25 -2.04
N GLU A 79 0.74 2.77 -1.00
CA GLU A 79 2.22 2.62 -1.01
C GLU A 79 2.60 1.44 -1.91
N MET A 80 1.89 0.35 -1.80
CA MET A 80 2.21 -0.83 -2.66
C MET A 80 2.39 -0.39 -4.11
N ALA A 81 1.79 0.72 -4.48
CA ALA A 81 1.91 1.21 -5.90
C ALA A 81 3.08 2.19 -6.00
N LYS A 82 3.79 2.43 -4.94
CA LYS A 82 4.93 3.39 -4.99
C LYS A 82 6.23 2.66 -5.41
N GLU A 83 6.22 1.35 -5.44
CA GLU A 83 7.46 0.63 -5.83
C GLU A 83 7.14 -0.81 -6.24
N MET A 84 6.42 -0.99 -7.33
CA MET A 84 6.09 -2.38 -7.77
C MET A 84 7.31 -3.00 -8.43
N ASP A 85 8.46 -2.84 -7.82
CA ASP A 85 9.70 -3.42 -8.40
C ASP A 85 9.42 -4.91 -8.72
N PRO A 86 10.12 -5.49 -9.67
CA PRO A 86 9.90 -6.91 -10.08
C PRO A 86 10.29 -7.92 -8.99
N GLU A 87 10.83 -7.46 -7.88
CA GLU A 87 11.22 -8.39 -6.79
C GLU A 87 10.09 -8.46 -5.75
N LYS A 88 9.47 -7.35 -5.47
CA LYS A 88 8.36 -7.34 -4.49
C LYS A 88 7.12 -7.96 -5.14
N LEU A 89 7.02 -7.86 -6.43
CA LEU A 89 5.85 -8.42 -7.14
C LEU A 89 5.68 -9.88 -6.74
N LYS A 90 6.76 -10.61 -6.65
CA LYS A 90 6.66 -12.05 -6.26
C LYS A 90 5.92 -12.18 -4.93
N ILE A 91 6.17 -11.29 -4.01
CA ILE A 91 5.49 -11.35 -2.70
C ILE A 91 3.99 -11.11 -2.88
N LEU A 92 3.62 -10.06 -3.58
CA LEU A 92 2.18 -9.77 -3.79
C LEU A 92 1.43 -11.01 -4.29
N GLU A 93 2.10 -11.87 -5.01
CA GLU A 93 1.41 -13.10 -5.51
C GLU A 93 1.37 -14.16 -4.43
N TRP A 94 2.32 -14.13 -3.55
CA TRP A 94 2.38 -15.12 -2.44
C TRP A 94 1.32 -14.82 -1.38
N ILE A 95 1.15 -13.59 -1.04
CA ILE A 95 0.13 -13.24 -0.01
C ILE A 95 -1.28 -13.42 -0.58
N GLU A 96 -1.51 -12.96 -1.78
CA GLU A 96 -2.88 -13.09 -2.37
C GLU A 96 -3.24 -14.56 -2.57
N GLY A 97 -2.29 -15.42 -2.39
CA GLY A 97 -2.54 -16.87 -2.56
C GLY A 97 -3.31 -17.40 -1.35
N LYS A 98 -2.96 -16.97 -0.17
CA LYS A 98 -3.67 -17.46 1.04
C LYS A 98 -3.25 -16.63 2.26
N GLU A 99 -3.66 -15.39 2.31
CA GLU A 99 -3.26 -14.53 3.47
C GLU A 99 -4.10 -14.92 4.69
N ARG A 100 -4.54 -16.14 4.76
CA ARG A 100 -5.37 -16.60 5.91
C ARG A 100 -4.94 -18.02 6.30
N ASN A 101 -3.71 -18.38 6.03
CA ASN A 101 -3.22 -19.73 6.37
C ASN A 101 -1.80 -19.58 6.93
N ILE A 102 -1.70 -18.92 8.04
CA ILE A 102 -0.37 -18.67 8.67
C ILE A 102 0.49 -19.94 8.69
N ARG A 103 -0.09 -21.09 8.96
CA ARG A 103 0.75 -22.32 8.99
C ARG A 103 1.43 -22.50 7.64
N ALA A 104 0.73 -22.18 6.58
CA ALA A 104 1.32 -22.33 5.21
C ALA A 104 2.22 -21.13 4.88
N LEU A 105 1.83 -19.93 5.23
CA LEU A 105 2.69 -18.75 4.90
C LEU A 105 4.11 -18.98 5.42
N LEU A 106 4.26 -19.38 6.67
CA LEU A 106 5.62 -19.61 7.21
C LEU A 106 6.24 -20.86 6.55
N SER A 107 5.42 -21.73 6.02
CA SER A 107 5.96 -22.96 5.36
C SER A 107 6.15 -22.70 3.86
N THR A 108 5.71 -21.56 3.39
CA THR A 108 5.85 -21.23 1.93
C THR A 108 6.63 -19.93 1.78
N MET A 109 6.99 -19.32 2.88
CA MET A 109 7.74 -18.04 2.83
C MET A 109 9.10 -18.22 2.14
N HIS A 110 9.63 -19.43 2.13
CA HIS A 110 10.96 -19.64 1.49
C HIS A 110 10.91 -19.30 0.00
N THR A 111 9.75 -19.39 -0.61
CA THR A 111 9.65 -19.08 -2.06
C THR A 111 9.64 -17.56 -2.30
N VAL A 112 9.82 -16.75 -1.27
CA VAL A 112 9.80 -15.27 -1.48
C VAL A 112 10.85 -14.57 -0.60
N LEU A 113 11.92 -15.24 -0.24
CA LEU A 113 12.95 -14.58 0.59
C LEU A 113 13.96 -13.89 -0.33
N TRP A 114 14.90 -13.20 0.26
CA TRP A 114 15.94 -12.50 -0.55
C TRP A 114 17.10 -13.45 -0.84
N ALA A 115 17.64 -13.38 -2.03
CA ALA A 115 18.78 -14.28 -2.39
C ALA A 115 19.92 -14.06 -1.39
N GLY A 116 20.25 -15.07 -0.62
CA GLY A 116 21.36 -14.94 0.37
C GLY A 116 21.01 -15.78 1.61
N GLU A 117 19.82 -15.65 2.09
CA GLU A 117 19.40 -16.44 3.28
C GLU A 117 19.56 -17.92 2.97
N THR A 118 20.41 -18.59 3.69
CA THR A 118 20.64 -20.05 3.46
C THR A 118 20.52 -20.81 4.78
N LYS A 119 19.98 -20.19 5.79
CA LYS A 119 19.83 -20.86 7.10
C LYS A 119 18.38 -21.35 7.24
N TRP A 120 17.47 -20.76 6.52
CA TRP A 120 16.06 -21.19 6.62
C TRP A 120 15.91 -22.65 6.19
N LYS A 121 15.27 -23.44 7.02
CA LYS A 121 15.04 -24.87 6.69
C LYS A 121 13.55 -25.06 6.37
N PRO A 122 13.16 -25.04 5.11
CA PRO A 122 11.73 -25.17 4.73
C PRO A 122 10.97 -26.15 5.62
N VAL A 123 9.74 -25.83 5.94
CA VAL A 123 8.92 -26.72 6.82
C VAL A 123 8.03 -27.61 5.99
N GLY A 124 8.12 -28.89 6.19
CA GLY A 124 7.25 -29.82 5.42
C GLY A 124 5.79 -29.59 5.83
N MET A 125 4.93 -29.30 4.89
CA MET A 125 3.50 -29.04 5.24
C MET A 125 2.99 -30.08 6.26
N ALA A 126 3.61 -31.23 6.31
CA ALA A 126 3.16 -32.27 7.28
C ALA A 126 3.76 -31.97 8.66
N ASP A 127 4.71 -31.07 8.73
CA ASP A 127 5.35 -30.74 10.03
C ASP A 127 4.62 -29.56 10.70
N LEU A 128 3.35 -29.41 10.48
CA LEU A 128 2.61 -28.28 11.12
C LEU A 128 1.16 -28.70 11.38
N VAL A 129 0.94 -29.93 11.76
CA VAL A 129 -0.45 -30.40 12.04
C VAL A 129 -0.79 -30.16 13.52
N THR A 130 0.03 -29.45 14.24
CA THR A 130 -0.26 -29.17 15.68
C THR A 130 0.23 -27.75 16.04
N PRO A 131 -0.56 -26.94 16.74
CA PRO A 131 -0.13 -25.56 17.12
C PRO A 131 1.30 -25.54 17.69
N GLU A 132 1.69 -26.57 18.39
CA GLU A 132 3.07 -26.59 18.96
C GLU A 132 4.07 -26.61 17.82
N GLN A 133 3.74 -27.25 16.74
CA GLN A 133 4.67 -27.32 15.59
C GLN A 133 4.69 -25.96 14.89
N VAL A 134 3.54 -25.33 14.80
CA VAL A 134 3.47 -24.00 14.12
C VAL A 134 3.97 -22.91 15.07
N LYS A 135 3.41 -22.82 16.25
CA LYS A 135 3.85 -21.76 17.21
C LYS A 135 5.36 -21.86 17.45
N LYS A 136 5.90 -23.05 17.48
CA LYS A 136 7.36 -23.20 17.72
C LYS A 136 8.15 -22.58 16.56
N VAL A 137 7.69 -22.74 15.35
CA VAL A 137 8.45 -22.17 14.20
C VAL A 137 8.10 -20.68 14.03
N TYR A 138 6.88 -20.29 14.29
CA TYR A 138 6.55 -18.84 14.13
C TYR A 138 7.60 -17.99 14.87
N ARG A 139 8.19 -18.55 15.90
CA ARG A 139 9.21 -17.77 16.66
C ARG A 139 10.48 -17.62 15.83
N LYS A 140 10.94 -18.67 15.19
CA LYS A 140 12.18 -18.56 14.37
C LYS A 140 11.86 -17.87 13.04
N ALA A 141 10.75 -18.18 12.44
CA ALA A 141 10.40 -17.52 11.15
C ALA A 141 10.53 -16.01 11.32
N VAL A 142 10.19 -15.51 12.48
CA VAL A 142 10.29 -14.05 12.72
C VAL A 142 11.77 -13.65 12.85
N LEU A 143 12.59 -14.55 13.33
CA LEU A 143 14.04 -14.23 13.47
C LEU A 143 14.66 -14.05 12.09
N VAL A 144 14.12 -14.72 11.11
CA VAL A 144 14.66 -14.59 9.72
C VAL A 144 14.51 -13.14 9.23
N VAL A 145 13.48 -12.46 9.67
CA VAL A 145 13.26 -11.05 9.22
C VAL A 145 13.48 -10.08 10.38
N HIS A 146 14.30 -10.42 11.34
CA HIS A 146 14.54 -9.48 12.45
C HIS A 146 15.24 -8.24 11.90
N PRO A 147 14.80 -7.04 12.22
CA PRO A 147 15.41 -5.79 11.70
C PRO A 147 16.93 -5.87 11.52
N ASP A 148 17.66 -6.13 12.58
CA ASP A 148 19.14 -6.19 12.46
C ASP A 148 19.58 -6.94 11.18
N LYS A 149 18.90 -7.99 10.80
CA LYS A 149 19.32 -8.73 9.58
C LYS A 149 18.82 -8.00 8.33
N ALA A 150 17.92 -7.05 8.50
CA ALA A 150 17.37 -6.30 7.34
C ALA A 150 17.58 -4.80 7.58
N THR A 151 18.67 -4.44 8.20
CA THR A 151 18.92 -3.00 8.46
C THR A 151 19.66 -2.38 7.28
N GLY A 152 19.03 -1.47 6.59
CA GLY A 152 19.70 -0.82 5.43
C GLY A 152 20.17 -1.87 4.43
N GLN A 153 19.64 -3.06 4.50
CA GLN A 153 20.06 -4.12 3.53
C GLN A 153 19.18 -4.05 2.28
N PRO A 154 19.73 -4.22 1.09
CA PRO A 154 18.95 -4.18 -0.17
C PRO A 154 17.55 -4.80 -0.02
N TYR A 155 17.42 -5.81 0.82
CA TYR A 155 16.09 -6.45 1.02
C TYR A 155 15.45 -5.89 2.29
N GLU A 156 15.71 -4.65 2.59
CA GLU A 156 15.14 -4.03 3.82
C GLU A 156 13.60 -4.00 3.71
N GLN A 157 13.08 -3.58 2.60
CA GLN A 157 11.60 -3.52 2.44
C GLN A 157 11.00 -4.92 2.59
N TYR A 158 11.66 -5.92 2.07
CA TYR A 158 11.12 -7.30 2.18
C TYR A 158 10.75 -7.60 3.64
N ALA A 159 11.65 -7.32 4.55
CA ALA A 159 11.37 -7.62 5.98
C ALA A 159 10.03 -7.03 6.40
N LYS A 160 9.85 -5.74 6.24
CA LYS A 160 8.56 -5.11 6.68
C LYS A 160 7.37 -5.80 6.02
N MET A 161 7.51 -6.31 4.83
CA MET A 161 6.36 -6.96 4.15
C MET A 161 6.08 -8.32 4.81
N ILE A 162 7.07 -9.16 4.92
CA ILE A 162 6.85 -10.52 5.51
C ILE A 162 6.74 -10.43 7.05
N PHE A 163 7.36 -9.46 7.66
CA PHE A 163 7.28 -9.36 9.15
C PHE A 163 5.82 -9.19 9.61
N MET A 164 5.15 -8.20 9.10
CA MET A 164 3.73 -7.97 9.53
C MET A 164 2.83 -9.09 9.01
N GLU A 165 2.98 -9.49 7.78
CA GLU A 165 2.12 -10.56 7.24
C GLU A 165 2.20 -11.81 8.14
N LEU A 166 3.39 -12.22 8.48
CA LEU A 166 3.56 -13.41 9.37
C LEU A 166 2.75 -13.20 10.65
N ASN A 167 2.88 -12.04 11.25
CA ASN A 167 2.17 -11.77 12.54
C ASN A 167 0.71 -11.32 12.28
N ASP A 168 0.35 -11.03 11.07
CA ASP A 168 -1.05 -10.58 10.80
C ASP A 168 -2.00 -11.78 10.85
N ALA A 169 -1.81 -12.73 9.98
CA ALA A 169 -2.71 -13.92 9.98
C ALA A 169 -2.59 -14.65 11.31
N TRP A 170 -1.45 -14.57 11.96
CA TRP A 170 -1.28 -15.26 13.27
C TRP A 170 -2.42 -14.84 14.20
N SER A 171 -2.80 -13.61 14.20
CA SER A 171 -3.91 -13.17 15.09
C SER A 171 -5.17 -13.97 14.75
N GLU A 172 -5.39 -14.22 13.47
CA GLU A 172 -6.58 -14.98 13.05
C GLU A 172 -6.31 -16.48 13.22
N PHE A 173 -5.08 -16.88 13.09
CA PHE A 173 -4.76 -18.34 13.23
C PHE A 173 -5.29 -18.85 14.58
N GLU A 174 -5.23 -18.03 15.59
CA GLU A 174 -5.75 -18.46 16.93
C GLU A 174 -7.28 -18.46 16.94
N ASN A 175 -7.88 -17.41 16.44
CA ASN A 175 -9.37 -17.34 16.43
C ASN A 175 -9.92 -18.18 15.28
N GLN A 176 -9.29 -18.15 14.13
CA GLN A 176 -9.80 -18.94 12.98
C GLN A 176 -9.74 -20.42 13.35
N GLY A 177 -8.84 -20.80 14.23
CA GLY A 177 -8.75 -22.24 14.61
C GLY A 177 -7.54 -22.46 15.51
N GLN A 178 -7.73 -22.40 16.80
CA GLN A 178 -6.58 -22.62 17.73
C GLN A 178 -6.33 -24.12 17.87
N LYS A 179 -6.34 -24.85 16.79
CA LYS A 179 -6.10 -26.32 16.86
C LYS A 179 -5.93 -26.86 15.43
N PRO A 180 -5.53 -28.11 15.27
CA PRO A 180 -5.34 -28.71 13.92
C PRO A 180 -6.59 -28.50 13.03
N LEU A 181 -6.48 -27.87 11.88
CA LEU A 181 -7.68 -27.65 11.01
C LEU A 181 -7.89 -28.85 10.10
N TYR A 182 -8.24 -29.99 10.65
CA TYR A 182 -8.44 -31.19 9.78
C TYR A 182 -9.06 -32.32 10.61
#